data_7K3U
#
_entry.id   7K3U
#
_cell.length_a   146.300
_cell.length_b   80.000
_cell.length_c   187.150
_cell.angle_alpha   90.000
_cell.angle_beta   102.030
_cell.angle_gamma   90.000
#
_symmetry.space_group_name_H-M   'P 1 21 1'
#
loop_
_entity.id
_entity.type
_entity.pdbx_description
1 polymer 'Aminopeptidase P family protein'
2 non-polymer 'MANGANESE (II) ION'
3 non-polymer GLYCEROL
4 water water
#
_entity_poly.entity_id   1
_entity_poly.type   'polypeptide(L)'
_entity_poly.pdbx_seq_one_letter_code
;MSKIERISAFLNDKEVDMTFITNPTTLNYLTGLAIDPHERIAGLMIFRDSTPMLFTPALEVEKAKEHTSGLDIFGYEDSQ
NPWEVVKNHVKSDVKSIAVEFSDIPLAKTEGLKAQFGDINFVNLTPLIERMRLIKSADEIEKMKVAGDFADKCFEIGFAT
AAERNGVTESDIVAKIEYEMKRMGVPQMSFDTLVLSGARAANPHGAPENVEIQENKLLLFDLGVMSGGYASDATRTIAIG
QPNDFDAEIHKIVKEAQQAAMDFIKPGVTAHEVDAVARDLITKAGYGEYFNHSLGHGIGMDVHEYPSIVAGNDLVIQEGM
CFSNEPGIYIPGKVGVRIEDCLYVTENGCESFTHTDHDLLIF
;
_entity_poly.pdbx_strand_id   A,B,C,D,E,F,G,H,I,J
#
loop_
_chem_comp.id
_chem_comp.type
_chem_comp.name
_chem_comp.formula
GOL non-polymer GLYCEROL 'C3 H8 O3'
MN non-polymer 'MANGANESE (II) ION' 'Mn 2'
#
# COMPACT_ATOMS: atom_id res chain seq x y z
N MET A 1 -15.72 -48.11 9.49
CA MET A 1 -16.50 -48.47 8.31
C MET A 1 -16.72 -49.99 8.25
N SER A 2 -17.65 -50.43 7.40
CA SER A 2 -17.86 -51.85 7.09
C SER A 2 -17.45 -52.11 5.64
N LYS A 3 -16.78 -53.24 5.42
CA LYS A 3 -16.39 -53.58 4.05
C LYS A 3 -17.62 -53.91 3.22
N ILE A 4 -18.51 -54.74 3.77
CA ILE A 4 -19.69 -55.15 3.02
C ILE A 4 -20.69 -54.00 2.83
N GLU A 5 -20.71 -53.02 3.73
CA GLU A 5 -21.66 -51.95 3.50
C GLU A 5 -21.10 -50.93 2.53
N ARG A 6 -19.77 -50.72 2.57
CA ARG A 6 -19.12 -49.94 1.52
C ARG A 6 -19.54 -50.45 0.15
N ILE A 7 -19.47 -51.78 -0.05
CA ILE A 7 -19.94 -52.35 -1.31
C ILE A 7 -21.42 -52.07 -1.47
N SER A 8 -22.18 -52.31 -0.40
CA SER A 8 -23.62 -52.10 -0.44
C SER A 8 -23.93 -50.65 -0.80
N ALA A 9 -23.22 -49.72 -0.15
CA ALA A 9 -23.31 -48.31 -0.54
C ALA A 9 -23.19 -48.16 -2.04
N PHE A 10 -22.09 -48.70 -2.58
CA PHE A 10 -21.79 -48.60 -4.00
C PHE A 10 -22.96 -49.12 -4.84
N LEU A 11 -23.54 -50.24 -4.42
CA LEU A 11 -24.71 -50.76 -5.12
C LEU A 11 -25.82 -49.72 -5.23
N ASN A 12 -26.15 -49.05 -4.11
CA ASN A 12 -27.15 -47.99 -4.15
C ASN A 12 -26.68 -46.80 -4.97
N ASP A 13 -25.40 -46.47 -4.89
CA ASP A 13 -24.90 -45.38 -5.69
C ASP A 13 -25.16 -45.64 -7.17
N LYS A 14 -24.97 -46.88 -7.62
CA LYS A 14 -24.98 -47.17 -9.04
C LYS A 14 -26.24 -47.88 -9.49
N GLU A 15 -27.28 -47.91 -8.67
CA GLU A 15 -28.56 -48.50 -9.07
C GLU A 15 -28.38 -49.96 -9.46
N VAL A 16 -27.46 -50.66 -8.77
CA VAL A 16 -27.13 -52.06 -9.05
C VAL A 16 -27.82 -52.94 -8.01
N ASP A 17 -28.51 -53.99 -8.48
CA ASP A 17 -29.35 -54.79 -7.60
C ASP A 17 -28.51 -55.63 -6.64
N MET A 18 -27.58 -56.42 -7.16
CA MET A 18 -26.74 -57.24 -6.30
C MET A 18 -25.35 -57.33 -6.91
N THR A 19 -24.48 -58.10 -6.26
CA THR A 19 -23.19 -58.50 -6.81
C THR A 19 -23.20 -60.00 -7.02
N PHE A 20 -22.36 -60.47 -7.93
CA PHE A 20 -21.98 -61.87 -7.95
C PHE A 20 -20.47 -61.88 -7.95
N ILE A 21 -19.90 -61.97 -6.76
CA ILE A 21 -18.46 -61.89 -6.56
C ILE A 21 -17.90 -63.29 -6.70
N THR A 22 -16.98 -63.48 -7.65
CA THR A 22 -16.50 -64.81 -7.97
C THR A 22 -15.03 -65.02 -7.66
N ASN A 23 -14.25 -63.97 -7.58
CA ASN A 23 -12.80 -64.12 -7.43
C ASN A 23 -12.47 -64.72 -6.06
N PRO A 24 -11.67 -65.79 -6.01
CA PRO A 24 -11.35 -66.41 -4.70
C PRO A 24 -10.65 -65.46 -3.73
N THR A 25 -9.59 -64.77 -4.16
CA THR A 25 -8.99 -63.79 -3.27
C THR A 25 -10.04 -62.84 -2.72
N THR A 26 -10.94 -62.37 -3.59
CA THR A 26 -11.92 -61.36 -3.18
C THR A 26 -12.85 -61.89 -2.11
N LEU A 27 -13.30 -63.14 -2.23
CA LEU A 27 -14.16 -63.69 -1.18
C LEU A 27 -13.41 -63.77 0.14
N ASN A 28 -12.15 -64.18 0.11
CA ASN A 28 -11.33 -64.19 1.31
C ASN A 28 -11.21 -62.78 1.88
N TYR A 29 -10.97 -61.80 1.01
CA TYR A 29 -10.92 -60.41 1.44
C TYR A 29 -12.21 -60.00 2.13
N LEU A 30 -13.36 -60.39 1.57
CA LEU A 30 -14.63 -59.87 2.05
C LEU A 30 -15.27 -60.70 3.15
N THR A 31 -14.84 -61.94 3.35
CA THR A 31 -15.56 -62.79 4.31
C THR A 31 -14.67 -63.67 5.15
N GLY A 32 -13.40 -63.83 4.81
CA GLY A 32 -12.54 -64.73 5.55
C GLY A 32 -12.65 -66.17 5.15
N LEU A 33 -13.22 -66.46 3.99
CA LEU A 33 -13.44 -67.81 3.49
C LEU A 33 -12.35 -68.16 2.49
N ALA A 34 -11.50 -69.13 2.85
CA ALA A 34 -10.42 -69.58 1.95
C ALA A 34 -10.95 -70.76 1.15
N ILE A 35 -11.50 -70.46 -0.04
CA ILE A 35 -12.24 -71.44 -0.83
C ILE A 35 -11.70 -71.46 -2.25
N ASP A 36 -11.39 -72.64 -2.76
CA ASP A 36 -11.12 -72.81 -4.20
C ASP A 36 -12.15 -73.75 -4.80
N PRO A 37 -13.10 -73.25 -5.58
CA PRO A 37 -14.14 -74.12 -6.16
C PRO A 37 -13.73 -74.80 -7.45
N HIS A 38 -12.63 -74.37 -8.07
CA HIS A 38 -12.11 -74.94 -9.32
C HIS A 38 -13.11 -74.81 -10.46
N GLU A 39 -13.62 -75.94 -10.94
CA GLU A 39 -14.59 -75.94 -12.03
C GLU A 39 -15.97 -75.49 -11.58
N ARG A 40 -16.27 -75.64 -10.30
CA ARG A 40 -17.64 -75.49 -9.80
C ARG A 40 -17.91 -74.08 -9.31
N ILE A 41 -19.20 -73.72 -9.27
CA ILE A 41 -19.63 -72.33 -9.10
C ILE A 41 -19.61 -71.91 -7.64
N ALA A 42 -19.24 -70.65 -7.41
CA ALA A 42 -19.37 -69.97 -6.12
C ALA A 42 -19.57 -68.48 -6.36
N GLY A 43 -20.20 -67.80 -5.41
CA GLY A 43 -20.38 -66.36 -5.55
C GLY A 43 -20.98 -65.65 -4.36
N LEU A 44 -20.45 -64.47 -4.02
CA LEU A 44 -20.93 -63.69 -2.88
C LEU A 44 -21.94 -62.65 -3.37
N MET A 45 -23.15 -62.68 -2.83
CA MET A 45 -24.20 -61.78 -3.32
C MET A 45 -24.53 -60.73 -2.27
N ILE A 46 -24.03 -59.50 -2.48
CA ILE A 46 -24.30 -58.36 -1.60
C ILE A 46 -25.43 -57.55 -2.22
N PHE A 47 -26.37 -57.10 -1.39
CA PHE A 47 -27.58 -56.44 -1.86
C PHE A 47 -27.61 -54.97 -1.44
N ARG A 48 -28.66 -54.27 -1.89
CA ARG A 48 -28.82 -52.85 -1.57
C ARG A 48 -29.37 -52.68 -0.15
N ASP A 49 -30.49 -53.34 0.15
CA ASP A 49 -30.99 -53.45 1.51
C ASP A 49 -31.56 -54.87 1.62
N SER A 50 -30.70 -55.78 2.05
CA SER A 50 -31.06 -57.19 2.17
C SER A 50 -29.84 -57.98 2.63
N THR A 51 -30.08 -59.04 3.39
CA THR A 51 -28.99 -59.82 3.96
C THR A 51 -28.10 -60.35 2.85
N PRO A 52 -26.77 -60.25 2.99
CA PRO A 52 -25.87 -60.80 1.97
C PRO A 52 -25.99 -62.32 1.91
N MET A 53 -25.62 -62.88 0.76
CA MET A 53 -25.79 -64.30 0.51
C MET A 53 -24.51 -64.90 -0.04
N LEU A 54 -24.26 -66.16 0.35
CA LEU A 54 -23.07 -66.88 -0.09
C LEU A 54 -23.49 -68.20 -0.73
N PHE A 55 -23.36 -68.27 -2.04
CA PHE A 55 -23.55 -69.48 -2.82
C PHE A 55 -22.19 -70.17 -2.99
N THR A 56 -22.05 -71.37 -2.41
CA THR A 56 -20.88 -72.22 -2.55
C THR A 56 -21.32 -73.60 -3.04
N PRO A 57 -20.38 -74.42 -3.53
CA PRO A 57 -20.71 -75.82 -3.83
C PRO A 57 -21.09 -76.59 -2.57
N ALA A 58 -22.05 -77.51 -2.71
CA ALA A 58 -22.68 -78.14 -1.55
C ALA A 58 -21.66 -78.75 -0.60
N LEU A 59 -20.61 -79.38 -1.13
CA LEU A 59 -19.63 -79.97 -0.23
C LEU A 59 -18.87 -78.89 0.54
N GLU A 60 -18.85 -77.67 0.03
CA GLU A 60 -18.17 -76.56 0.70
C GLU A 60 -19.05 -75.80 1.70
N VAL A 61 -20.32 -76.20 1.88
CA VAL A 61 -21.29 -75.26 2.45
C VAL A 61 -20.95 -74.91 3.89
N GLU A 62 -20.61 -75.91 4.71
CA GLU A 62 -20.62 -75.67 6.15
C GLU A 62 -19.27 -75.35 6.74
N LYS A 63 -18.18 -75.57 6.03
CA LYS A 63 -16.98 -74.85 6.42
C LYS A 63 -16.96 -73.48 5.78
N ALA A 64 -18.07 -73.08 5.17
CA ALA A 64 -18.42 -71.67 4.99
C ALA A 64 -19.35 -71.18 6.10
N LYS A 65 -20.13 -72.08 6.70
CA LYS A 65 -20.78 -71.77 7.97
C LYS A 65 -19.73 -71.56 9.06
N GLU A 66 -18.81 -72.50 9.24
CA GLU A 66 -17.54 -72.15 9.85
C GLU A 66 -16.95 -71.00 9.03
N HIS A 67 -16.22 -70.09 9.68
CA HIS A 67 -15.84 -68.84 9.01
C HIS A 67 -17.07 -67.94 8.80
N THR A 68 -18.06 -68.06 9.70
CA THR A 68 -19.42 -67.53 9.55
C THR A 68 -19.46 -66.03 9.81
N SER A 69 -19.87 -65.27 8.81
CA SER A 69 -19.82 -63.81 8.90
C SER A 69 -21.20 -63.18 8.75
N GLY A 70 -22.22 -63.79 9.35
CA GLY A 70 -23.58 -63.31 9.19
C GLY A 70 -23.97 -63.17 7.72
N LEU A 71 -23.84 -64.27 6.97
CA LEU A 71 -23.83 -64.22 5.51
C LEU A 71 -24.94 -65.00 4.82
N ASP A 72 -25.77 -65.75 5.54
CA ASP A 72 -26.86 -66.50 4.94
C ASP A 72 -26.45 -67.90 4.50
N ILE A 73 -25.83 -68.00 3.31
CA ILE A 73 -25.20 -69.24 2.87
C ILE A 73 -26.21 -70.28 2.38
N PHE A 74 -25.85 -70.93 1.26
CA PHE A 74 -26.58 -72.03 0.66
C PHE A 74 -25.73 -72.57 -0.48
N GLY A 75 -25.95 -73.84 -0.82
CA GLY A 75 -25.21 -74.45 -1.90
C GLY A 75 -26.07 -75.13 -2.96
N TYR A 76 -25.40 -75.85 -3.86
CA TYR A 76 -26.07 -76.68 -4.85
C TYR A 76 -25.32 -78.00 -4.96
N GLU A 77 -26.08 -79.08 -5.20
CA GLU A 77 -25.50 -80.39 -5.46
C GLU A 77 -25.13 -80.56 -6.92
N ASP A 78 -23.97 -81.18 -7.15
CA ASP A 78 -23.40 -81.38 -8.48
C ASP A 78 -24.37 -82.13 -9.39
N SER A 79 -25.56 -81.57 -9.63
CA SER A 79 -26.60 -82.24 -10.39
C SER A 79 -27.70 -81.25 -10.79
N GLN A 80 -27.99 -80.30 -9.91
CA GLN A 80 -28.91 -79.23 -10.19
C GLN A 80 -28.23 -78.17 -11.07
N ASN A 81 -29.02 -77.21 -11.55
CA ASN A 81 -28.44 -76.09 -12.27
C ASN A 81 -28.08 -75.01 -11.27
N PRO A 82 -26.78 -74.81 -10.96
CA PRO A 82 -26.37 -73.73 -10.05
C PRO A 82 -27.17 -72.45 -10.25
N TRP A 83 -27.25 -72.00 -11.50
CA TRP A 83 -27.98 -70.78 -11.79
C TRP A 83 -29.47 -70.92 -11.47
N GLU A 84 -30.10 -72.03 -11.87
CA GLU A 84 -31.48 -72.24 -11.46
C GLU A 84 -31.59 -72.19 -9.94
N VAL A 85 -30.68 -72.87 -9.24
CA VAL A 85 -30.69 -72.89 -7.78
C VAL A 85 -30.62 -71.47 -7.23
N VAL A 86 -29.76 -70.64 -7.83
CA VAL A 86 -29.57 -69.28 -7.34
C VAL A 86 -30.74 -68.40 -7.70
N LYS A 87 -31.34 -68.60 -8.88
CA LYS A 87 -32.47 -67.76 -9.24
C LYS A 87 -33.58 -67.88 -8.22
N ASN A 88 -33.69 -69.03 -7.57
CA ASN A 88 -34.81 -69.24 -6.68
C ASN A 88 -34.50 -68.90 -5.23
N HIS A 89 -33.23 -68.90 -4.84
CA HIS A 89 -32.86 -68.33 -3.54
C HIS A 89 -32.94 -66.82 -3.52
N VAL A 90 -32.82 -66.16 -4.66
CA VAL A 90 -33.00 -64.71 -4.74
C VAL A 90 -34.48 -64.44 -4.96
N LYS A 91 -35.13 -63.89 -3.95
CA LYS A 91 -36.57 -63.59 -4.01
C LYS A 91 -36.74 -62.24 -4.69
N SER A 92 -36.64 -62.24 -6.03
CA SER A 92 -36.90 -61.07 -6.85
C SER A 92 -35.97 -59.91 -6.50
N ASP A 93 -35.61 -59.10 -7.49
CA ASP A 93 -35.82 -59.38 -8.91
C ASP A 93 -34.82 -58.48 -9.63
N VAL A 94 -33.93 -59.10 -10.41
CA VAL A 94 -32.60 -58.58 -10.67
C VAL A 94 -32.50 -58.05 -12.09
N LYS A 95 -32.00 -56.83 -12.24
CA LYS A 95 -31.67 -56.28 -13.54
C LYS A 95 -30.23 -55.81 -13.69
N SER A 96 -29.51 -55.55 -12.59
CA SER A 96 -28.12 -55.13 -12.62
C SER A 96 -27.31 -56.00 -11.66
N ILE A 97 -26.15 -56.46 -12.10
CA ILE A 97 -25.27 -57.24 -11.24
C ILE A 97 -23.84 -56.76 -11.43
N ALA A 98 -23.21 -56.38 -10.31
CA ALA A 98 -21.80 -56.03 -10.30
C ALA A 98 -20.98 -57.32 -10.21
N VAL A 99 -20.01 -57.44 -11.10
CA VAL A 99 -19.19 -58.63 -11.24
C VAL A 99 -17.75 -58.21 -11.34
N GLU A 100 -16.86 -59.17 -11.21
CA GLU A 100 -15.45 -58.85 -11.33
C GLU A 100 -15.06 -59.13 -12.78
N PHE A 101 -15.17 -58.08 -13.60
CA PHE A 101 -14.89 -58.13 -15.02
C PHE A 101 -13.57 -58.85 -15.29
N SER A 102 -12.67 -58.74 -14.32
CA SER A 102 -11.36 -59.37 -14.43
C SER A 102 -11.48 -60.89 -14.46
N ASP A 103 -12.45 -61.43 -13.74
CA ASP A 103 -12.39 -62.81 -13.27
C ASP A 103 -13.54 -63.68 -13.72
N ILE A 104 -14.74 -63.10 -13.89
CA ILE A 104 -15.95 -63.89 -14.06
C ILE A 104 -15.99 -64.47 -15.47
N PRO A 105 -15.99 -65.80 -15.60
CA PRO A 105 -16.09 -66.43 -16.92
C PRO A 105 -17.40 -66.07 -17.61
N LEU A 106 -17.36 -66.07 -18.93
CA LEU A 106 -18.59 -65.79 -19.65
C LEU A 106 -19.63 -66.91 -19.52
N ALA A 107 -19.27 -68.08 -18.99
CA ALA A 107 -20.29 -69.09 -18.74
C ALA A 107 -21.13 -68.71 -17.53
N LYS A 108 -20.44 -68.36 -16.43
CA LYS A 108 -21.10 -67.85 -15.24
C LYS A 108 -21.95 -66.61 -15.56
N THR A 109 -21.39 -65.68 -16.32
CA THR A 109 -22.14 -64.52 -16.76
C THR A 109 -23.33 -64.90 -17.64
N GLU A 110 -23.29 -66.07 -18.31
CA GLU A 110 -24.42 -66.49 -19.11
C GLU A 110 -25.39 -67.37 -18.33
N GLY A 111 -24.91 -68.12 -17.35
CA GLY A 111 -25.82 -68.77 -16.42
C GLY A 111 -26.77 -67.77 -15.78
N LEU A 112 -26.23 -66.64 -15.34
CA LEU A 112 -27.08 -65.65 -14.68
C LEU A 112 -28.05 -65.02 -15.68
N LYS A 113 -27.62 -64.78 -16.91
CA LYS A 113 -28.55 -64.24 -17.89
C LYS A 113 -29.69 -65.22 -18.15
N ALA A 114 -29.38 -66.51 -18.26
CA ALA A 114 -30.41 -67.51 -18.55
C ALA A 114 -31.55 -67.43 -17.55
N GLN A 115 -31.23 -67.22 -16.27
CA GLN A 115 -32.25 -67.27 -15.23
C GLN A 115 -32.85 -65.90 -14.90
N PHE A 116 -32.10 -64.81 -15.11
CA PHE A 116 -32.51 -63.47 -14.69
C PHE A 116 -32.86 -62.54 -15.84
N GLY A 117 -32.47 -62.85 -17.08
CA GLY A 117 -32.83 -62.05 -18.24
C GLY A 117 -31.78 -61.05 -18.66
N ASP A 118 -32.22 -60.10 -19.49
CA ASP A 118 -31.33 -59.08 -20.04
C ASP A 118 -30.83 -58.14 -18.94
N ILE A 119 -29.67 -58.42 -18.37
CA ILE A 119 -29.15 -57.69 -17.22
C ILE A 119 -27.94 -56.86 -17.63
N ASN A 120 -27.83 -55.69 -17.01
CA ASN A 120 -26.60 -54.91 -17.05
C ASN A 120 -25.56 -55.52 -16.12
N PHE A 121 -24.28 -55.28 -16.42
CA PHE A 121 -23.18 -55.71 -15.58
C PHE A 121 -22.30 -54.53 -15.29
N VAL A 122 -21.86 -54.42 -14.05
CA VAL A 122 -21.07 -53.30 -13.59
C VAL A 122 -19.81 -53.85 -12.93
N ASN A 123 -18.69 -53.20 -13.19
CA ASN A 123 -17.40 -53.76 -12.84
C ASN A 123 -17.11 -53.40 -11.38
N LEU A 124 -17.22 -54.40 -10.50
CA LEU A 124 -16.91 -54.20 -9.09
C LEU A 124 -15.42 -54.03 -8.82
N THR A 125 -14.56 -54.62 -9.66
CA THR A 125 -13.14 -54.71 -9.37
C THR A 125 -12.51 -53.41 -8.89
N PRO A 126 -12.74 -52.27 -9.54
CA PRO A 126 -12.09 -51.02 -9.08
C PRO A 126 -12.34 -50.70 -7.62
N LEU A 127 -13.56 -50.93 -7.12
CA LEU A 127 -13.84 -50.67 -5.71
C LEU A 127 -13.09 -51.66 -4.82
N ILE A 128 -13.20 -52.95 -5.14
CA ILE A 128 -12.39 -53.96 -4.45
C ILE A 128 -10.97 -53.49 -4.39
N GLU A 129 -10.40 -53.16 -5.55
CA GLU A 129 -9.02 -52.72 -5.58
C GLU A 129 -8.82 -51.51 -4.66
N ARG A 130 -9.73 -50.54 -4.74
CA ARG A 130 -9.59 -49.36 -3.89
C ARG A 130 -9.61 -49.74 -2.43
N MET A 131 -10.47 -50.71 -2.06
CA MET A 131 -10.51 -51.19 -0.69
C MET A 131 -9.20 -51.87 -0.31
N ARG A 132 -8.77 -52.86 -1.11
CA ARG A 132 -7.54 -53.60 -0.83
C ARG A 132 -6.33 -52.68 -0.76
N LEU A 133 -6.42 -51.49 -1.35
CA LEU A 133 -5.24 -50.66 -1.48
C LEU A 133 -4.68 -50.26 -0.13
N ILE A 134 -5.53 -50.16 0.89
CA ILE A 134 -5.13 -49.67 2.20
C ILE A 134 -5.36 -50.79 3.19
N LYS A 135 -4.30 -51.16 3.91
CA LYS A 135 -4.32 -52.35 4.76
C LYS A 135 -4.63 -51.94 6.19
N SER A 136 -5.65 -52.58 6.76
CA SER A 136 -5.99 -52.43 8.16
C SER A 136 -4.92 -53.11 9.03
N ALA A 137 -5.05 -52.96 10.36
CA ALA A 137 -3.97 -53.46 11.23
C ALA A 137 -3.92 -54.98 11.23
N ASP A 138 -5.07 -55.64 11.18
CA ASP A 138 -5.07 -57.10 11.06
C ASP A 138 -4.32 -57.52 9.82
N GLU A 139 -4.63 -56.88 8.69
CA GLU A 139 -3.95 -57.22 7.45
C GLU A 139 -2.44 -57.05 7.61
N ILE A 140 -2.02 -55.96 8.25
CA ILE A 140 -0.59 -55.72 8.38
C ILE A 140 0.05 -56.82 9.22
N GLU A 141 -0.59 -57.19 10.34
CA GLU A 141 -0.01 -58.24 11.17
C GLU A 141 0.13 -59.55 10.40
N LYS A 142 -0.86 -59.91 9.57
CA LYS A 142 -0.73 -61.17 8.84
C LYS A 142 0.38 -61.10 7.80
N MET A 143 0.65 -59.91 7.25
CA MET A 143 1.74 -59.79 6.30
C MET A 143 3.09 -59.92 6.99
N LYS A 144 3.22 -59.36 8.20
CA LYS A 144 4.48 -59.47 8.93
C LYS A 144 4.89 -60.92 9.16
N VAL A 145 3.91 -61.83 9.30
CA VAL A 145 4.21 -63.26 9.45
C VAL A 145 4.81 -63.80 8.16
N ALA A 146 4.13 -63.56 7.04
CA ALA A 146 4.71 -63.90 5.75
C ALA A 146 6.13 -63.36 5.65
N GLY A 147 6.34 -62.11 6.10
CA GLY A 147 7.66 -61.52 6.04
C GLY A 147 8.65 -62.22 6.94
N ASP A 148 8.22 -62.56 8.16
CA ASP A 148 9.05 -63.37 9.04
C ASP A 148 9.50 -64.65 8.32
N PHE A 149 8.55 -65.37 7.72
CA PHE A 149 8.90 -66.60 7.02
C PHE A 149 9.91 -66.34 5.93
N ALA A 150 9.82 -65.21 5.25
CA ALA A 150 10.82 -64.87 4.24
C ALA A 150 12.20 -64.72 4.88
N ASP A 151 12.28 -63.95 5.96
CA ASP A 151 13.56 -63.79 6.64
C ASP A 151 14.11 -65.16 7.04
N LYS A 152 13.26 -66.02 7.62
CA LYS A 152 13.66 -67.40 7.93
C LYS A 152 14.15 -68.09 6.66
N CYS A 153 13.55 -67.77 5.53
CA CYS A 153 13.98 -68.36 4.28
C CYS A 153 15.38 -67.91 3.92
N PHE A 154 15.71 -66.65 4.19
CA PHE A 154 17.04 -66.17 3.82
C PHE A 154 18.12 -66.87 4.63
N GLU A 155 17.91 -66.99 5.94
CA GLU A 155 18.85 -67.76 6.75
C GLU A 155 19.08 -69.11 6.10
N ILE A 156 18.01 -69.86 5.83
CA ILE A 156 18.14 -71.20 5.26
C ILE A 156 18.94 -71.15 3.97
N GLY A 157 18.51 -70.29 3.04
CA GLY A 157 19.17 -70.24 1.74
C GLY A 157 20.64 -69.87 1.84
N PHE A 158 20.96 -68.88 2.67
CA PHE A 158 22.36 -68.50 2.89
C PHE A 158 23.14 -69.69 3.44
N ALA A 159 22.68 -70.24 4.57
CA ALA A 159 23.34 -71.38 5.16
C ALA A 159 23.57 -72.46 4.12
N THR A 160 22.53 -72.79 3.35
CA THR A 160 22.64 -73.93 2.45
C THR A 160 23.66 -73.69 1.33
N ALA A 161 23.83 -72.43 0.90
CA ALA A 161 24.84 -72.16 -0.12
C ALA A 161 26.26 -72.20 0.47
N ALA A 162 26.46 -71.68 1.68
CA ALA A 162 27.79 -71.67 2.28
C ALA A 162 28.42 -73.05 2.28
N GLU A 163 27.61 -74.10 2.35
CA GLU A 163 28.11 -75.48 2.44
C GLU A 163 28.75 -75.94 1.15
N ARG A 164 28.45 -75.29 0.02
CA ARG A 164 29.00 -75.67 -1.28
C ARG A 164 28.96 -77.18 -1.48
N ASN A 165 30.12 -77.79 -1.77
CA ASN A 165 30.18 -79.23 -1.94
C ASN A 165 29.29 -79.65 -3.12
N GLY A 166 29.46 -78.95 -4.24
CA GLY A 166 28.72 -79.23 -5.45
C GLY A 166 27.27 -78.81 -5.43
N VAL A 167 26.88 -77.90 -4.54
CA VAL A 167 25.47 -77.54 -4.35
C VAL A 167 25.01 -76.68 -5.52
N THR A 168 23.79 -76.95 -5.99
CA THR A 168 23.21 -76.27 -7.15
C THR A 168 22.14 -75.29 -6.70
N GLU A 169 21.75 -74.42 -7.63
CA GLU A 169 20.66 -73.49 -7.32
C GLU A 169 19.39 -74.25 -6.96
N SER A 170 19.00 -75.22 -7.79
CA SER A 170 17.82 -76.01 -7.51
C SER A 170 17.88 -76.58 -6.10
N ASP A 171 19.05 -77.04 -5.68
CA ASP A 171 19.23 -77.53 -4.31
C ASP A 171 18.81 -76.46 -3.31
N ILE A 172 19.31 -75.22 -3.48
CA ILE A 172 18.94 -74.13 -2.58
C ILE A 172 17.43 -74.01 -2.52
N VAL A 173 16.81 -73.82 -3.68
CA VAL A 173 15.38 -73.60 -3.76
C VAL A 173 14.63 -74.66 -2.97
N ALA A 174 14.94 -75.94 -3.22
CA ALA A 174 14.16 -77.02 -2.61
C ALA A 174 14.33 -77.04 -1.10
N LYS A 175 15.57 -76.92 -0.62
CA LYS A 175 15.80 -76.89 0.82
C LYS A 175 15.03 -75.76 1.47
N ILE A 176 14.90 -74.63 0.76
CA ILE A 176 14.13 -73.51 1.32
C ILE A 176 12.65 -73.84 1.34
N GLU A 177 12.11 -74.27 0.20
CA GLU A 177 10.70 -74.60 0.17
C GLU A 177 10.41 -75.78 1.07
N TYR A 178 11.41 -76.61 1.36
CA TYR A 178 11.15 -77.74 2.24
C TYR A 178 10.95 -77.30 3.68
N GLU A 179 11.90 -76.51 4.20
CA GLU A 179 11.72 -76.00 5.56
C GLU A 179 10.42 -75.24 5.67
N MET A 180 10.04 -74.50 4.62
CA MET A 180 8.80 -73.75 4.64
C MET A 180 7.58 -74.64 4.74
N LYS A 181 7.43 -75.60 3.80
CA LYS A 181 6.27 -76.51 3.82
C LYS A 181 6.22 -77.31 5.11
N ARG A 182 7.39 -77.63 5.63
CA ARG A 182 7.57 -78.29 6.92
C ARG A 182 6.90 -77.52 8.05
N MET A 183 6.97 -76.19 7.96
CA MET A 183 6.41 -75.30 8.98
C MET A 183 4.97 -74.92 8.65
N GLY A 184 4.30 -75.70 7.81
CA GLY A 184 2.92 -75.45 7.48
C GLY A 184 2.66 -74.42 6.40
N VAL A 185 3.70 -73.95 5.70
CA VAL A 185 3.53 -72.91 4.69
C VAL A 185 2.78 -73.54 3.52
N PRO A 186 1.65 -72.95 3.10
CA PRO A 186 0.81 -73.64 2.10
C PRO A 186 1.41 -73.58 0.71
N GLN A 187 2.26 -72.58 0.44
CA GLN A 187 2.91 -72.42 -0.84
C GLN A 187 3.73 -71.15 -0.78
N MET A 188 4.70 -71.05 -1.69
CA MET A 188 5.36 -69.77 -1.91
C MET A 188 4.39 -68.84 -2.60
N SER A 189 4.74 -67.54 -2.64
CA SER A 189 3.92 -66.58 -3.36
C SER A 189 4.40 -66.35 -4.79
N PHE A 190 5.55 -66.89 -5.15
CA PHE A 190 6.04 -66.85 -6.52
C PHE A 190 7.20 -67.83 -6.57
N ASP A 191 7.67 -68.10 -7.78
CA ASP A 191 8.69 -69.10 -7.97
C ASP A 191 10.01 -68.62 -7.37
N THR A 192 10.46 -69.32 -6.33
CA THR A 192 11.73 -68.98 -5.67
C THR A 192 12.84 -68.93 -6.70
N LEU A 193 13.59 -67.83 -6.65
CA LEU A 193 14.76 -67.64 -7.50
C LEU A 193 16.03 -67.67 -6.67
N VAL A 194 16.92 -68.57 -7.01
CA VAL A 194 18.31 -68.46 -6.62
C VAL A 194 19.08 -68.34 -7.93
N LEU A 195 19.71 -67.19 -8.14
CA LEU A 195 20.51 -66.97 -9.33
C LEU A 195 21.92 -66.62 -8.94
N SER A 196 22.88 -67.36 -9.48
CA SER A 196 24.28 -67.16 -9.16
C SER A 196 25.00 -66.43 -10.28
N GLY A 197 25.80 -65.44 -9.88
CA GLY A 197 26.75 -64.85 -10.79
C GLY A 197 26.08 -64.02 -11.84
N ALA A 198 26.59 -64.16 -13.07
CA ALA A 198 26.07 -63.41 -14.20
C ALA A 198 24.64 -63.79 -14.53
N ARG A 199 24.18 -64.96 -14.09
CA ARG A 199 22.80 -65.36 -14.36
C ARG A 199 21.81 -64.52 -13.56
N ALA A 200 22.21 -63.94 -12.43
CA ALA A 200 21.32 -63.03 -11.72
C ALA A 200 21.04 -61.77 -12.53
N ALA A 201 21.94 -61.43 -13.46
CA ALA A 201 21.79 -60.22 -14.27
C ALA A 201 20.73 -60.37 -15.34
N ASN A 202 20.19 -61.58 -15.52
CA ASN A 202 19.08 -61.78 -16.44
C ASN A 202 17.78 -61.82 -15.65
N PRO A 203 16.97 -60.76 -15.64
CA PRO A 203 15.71 -60.82 -14.90
C PRO A 203 14.78 -61.90 -15.41
N HIS A 204 15.05 -62.38 -16.63
CA HIS A 204 14.31 -63.49 -17.20
C HIS A 204 14.60 -64.80 -16.47
N GLY A 205 15.85 -65.03 -16.11
CA GLY A 205 16.29 -66.31 -15.56
C GLY A 205 15.51 -66.90 -14.40
N ALA A 206 15.69 -68.20 -14.19
CA ALA A 206 15.09 -68.93 -13.10
C ALA A 206 16.07 -70.01 -12.64
N PRO A 207 15.89 -70.54 -11.43
CA PRO A 207 16.90 -71.46 -10.91
C PRO A 207 16.90 -72.73 -11.72
N GLU A 208 18.07 -73.05 -12.29
CA GLU A 208 18.39 -74.34 -12.88
C GLU A 208 19.21 -75.15 -11.88
N ASN A 209 19.47 -76.41 -12.23
CA ASN A 209 20.31 -77.28 -11.42
C ASN A 209 21.80 -77.10 -11.77
N VAL A 210 22.28 -75.87 -11.64
CA VAL A 210 23.69 -75.54 -11.90
C VAL A 210 24.40 -75.33 -10.56
N GLU A 211 25.71 -75.56 -10.57
CA GLU A 211 26.51 -75.35 -9.38
C GLU A 211 26.63 -73.86 -9.10
N ILE A 212 26.94 -73.52 -7.87
CA ILE A 212 27.06 -72.11 -7.48
C ILE A 212 28.48 -71.64 -7.78
N GLN A 213 28.60 -70.51 -8.48
CA GLN A 213 29.90 -70.00 -8.86
C GLN A 213 30.61 -69.43 -7.65
N GLU A 214 31.86 -69.85 -7.44
CA GLU A 214 32.65 -69.32 -6.35
C GLU A 214 33.11 -67.91 -6.69
N ASN A 215 33.30 -67.10 -5.64
CA ASN A 215 33.78 -65.72 -5.77
C ASN A 215 32.85 -64.85 -6.59
N LYS A 216 31.58 -65.25 -6.71
CA LYS A 216 30.55 -64.47 -7.37
C LYS A 216 29.44 -64.18 -6.38
N LEU A 217 28.48 -63.34 -6.78
CA LEU A 217 27.33 -63.10 -5.94
C LEU A 217 26.20 -64.07 -6.25
N LEU A 218 25.23 -64.13 -5.34
CA LEU A 218 24.10 -65.05 -5.46
C LEU A 218 22.84 -64.30 -5.05
N LEU A 219 21.85 -64.29 -5.94
CA LEU A 219 20.62 -63.54 -5.72
C LEU A 219 19.55 -64.41 -5.05
N PHE A 220 18.79 -63.82 -4.14
CA PHE A 220 17.76 -64.56 -3.39
C PHE A 220 16.46 -63.78 -3.41
N ASP A 221 15.52 -64.21 -4.25
CA ASP A 221 14.18 -63.63 -4.35
C ASP A 221 13.18 -64.69 -3.94
N LEU A 222 12.42 -64.41 -2.88
CA LEU A 222 11.54 -65.43 -2.35
C LEU A 222 10.44 -64.76 -1.54
N GLY A 223 9.39 -65.52 -1.30
CA GLY A 223 8.23 -65.05 -0.57
C GLY A 223 7.34 -66.20 -0.19
N VAL A 224 6.59 -66.02 0.88
CA VAL A 224 5.66 -67.04 1.36
C VAL A 224 4.24 -66.50 1.26
N MET A 225 3.27 -67.42 1.18
CA MET A 225 1.90 -67.10 1.54
C MET A 225 1.68 -67.57 2.98
N SER A 226 1.14 -66.69 3.84
CA SER A 226 0.73 -67.04 5.19
C SER A 226 -0.62 -66.41 5.50
N GLY A 227 -1.66 -67.24 5.64
CA GLY A 227 -2.96 -66.70 5.94
C GLY A 227 -3.49 -65.83 4.82
N GLY A 228 -3.33 -66.27 3.58
CA GLY A 228 -3.79 -65.50 2.45
C GLY A 228 -3.11 -64.16 2.24
N TYR A 229 -1.97 -63.90 2.86
CA TYR A 229 -1.24 -62.68 2.59
C TYR A 229 0.19 -62.98 2.17
N ALA A 230 0.79 -62.03 1.49
CA ALA A 230 1.95 -62.27 0.65
C ALA A 230 3.20 -61.56 1.17
N SER A 231 4.35 -62.20 0.98
CA SER A 231 5.64 -61.56 1.18
C SER A 231 6.49 -61.76 -0.07
N ASP A 232 7.40 -60.79 -0.30
CA ASP A 232 8.24 -60.72 -1.49
C ASP A 232 9.51 -60.02 -1.02
N ALA A 233 10.66 -60.67 -1.17
CA ALA A 233 11.89 -60.13 -0.63
C ALA A 233 13.05 -60.67 -1.45
N THR A 234 14.05 -59.83 -1.73
CA THR A 234 15.26 -60.25 -2.42
C THR A 234 16.46 -59.85 -1.59
N ARG A 235 17.49 -60.73 -1.58
CA ARG A 235 18.82 -60.42 -1.08
C ARG A 235 19.85 -61.01 -2.01
N THR A 236 20.91 -60.27 -2.26
CA THR A 236 22.08 -60.73 -2.99
C THR A 236 23.26 -60.78 -2.03
N ILE A 237 23.92 -61.93 -1.97
CA ILE A 237 25.07 -62.12 -1.10
C ILE A 237 26.23 -62.69 -1.90
N ALA A 238 27.40 -62.71 -1.27
CA ALA A 238 28.63 -63.20 -1.90
C ALA A 238 28.93 -64.61 -1.42
N ILE A 239 29.06 -65.54 -2.35
CA ILE A 239 29.67 -66.84 -2.07
C ILE A 239 31.16 -66.68 -2.25
N GLY A 240 31.89 -66.67 -1.13
CA GLY A 240 33.29 -66.30 -1.17
C GLY A 240 33.46 -64.80 -1.28
N GLN A 241 34.72 -64.40 -1.37
CA GLN A 241 35.02 -62.98 -1.45
C GLN A 241 34.56 -62.42 -2.79
N PRO A 242 33.85 -61.29 -2.81
CA PRO A 242 33.44 -60.71 -4.08
C PRO A 242 34.62 -60.06 -4.81
N ASN A 243 34.45 -59.90 -6.12
CA ASN A 243 35.35 -59.01 -6.86
C ASN A 243 34.94 -57.55 -6.67
N ASP A 244 35.91 -56.66 -6.78
CA ASP A 244 35.69 -55.28 -6.35
C ASP A 244 34.61 -54.58 -7.16
N PHE A 245 34.32 -55.09 -8.36
CA PHE A 245 33.23 -54.56 -9.19
C PHE A 245 31.87 -54.89 -8.60
N ASP A 246 31.50 -56.18 -8.67
CA ASP A 246 30.22 -56.62 -8.10
C ASP A 246 30.01 -56.11 -6.68
N ALA A 247 31.09 -55.85 -5.95
CA ALA A 247 30.93 -55.31 -4.61
C ALA A 247 30.39 -53.88 -4.66
N GLU A 248 30.84 -53.08 -5.63
CA GLU A 248 30.31 -51.72 -5.67
C GLU A 248 28.93 -51.72 -6.30
N ILE A 249 28.71 -52.57 -7.30
CA ILE A 249 27.35 -52.71 -7.82
C ILE A 249 26.39 -52.98 -6.68
N HIS A 250 26.78 -53.84 -5.74
CA HIS A 250 25.96 -54.04 -4.57
C HIS A 250 25.82 -52.77 -3.75
N LYS A 251 26.91 -52.02 -3.60
CA LYS A 251 26.83 -50.84 -2.74
C LYS A 251 25.83 -49.83 -3.32
N ILE A 252 25.89 -49.59 -4.64
CA ILE A 252 24.97 -48.66 -5.26
C ILE A 252 23.53 -49.10 -5.03
N VAL A 253 23.21 -50.33 -5.46
CA VAL A 253 21.85 -50.84 -5.24
C VAL A 253 21.45 -50.66 -3.78
N LYS A 254 22.34 -51.04 -2.86
CA LYS A 254 21.98 -51.12 -1.45
C LYS A 254 21.65 -49.73 -0.87
N GLU A 255 22.53 -48.75 -1.10
CA GLU A 255 22.21 -47.39 -0.68
C GLU A 255 20.94 -46.91 -1.36
N ALA A 256 20.83 -47.17 -2.66
CA ALA A 256 19.62 -46.79 -3.38
C ALA A 256 18.39 -47.31 -2.63
N GLN A 257 18.34 -48.62 -2.39
CA GLN A 257 17.17 -49.16 -1.71
C GLN A 257 17.04 -48.57 -0.31
N GLN A 258 18.15 -48.28 0.35
CA GLN A 258 18.03 -47.71 1.67
C GLN A 258 17.54 -46.25 1.63
N ALA A 259 17.93 -45.48 0.60
CA ALA A 259 17.55 -44.07 0.51
C ALA A 259 16.06 -43.90 0.21
N ALA A 260 15.54 -44.71 -0.71
CA ALA A 260 14.11 -44.79 -0.91
C ALA A 260 13.39 -45.09 0.40
N MET A 261 13.93 -46.04 1.18
CA MET A 261 13.32 -46.42 2.46
C MET A 261 13.23 -45.23 3.41
N ASP A 262 14.33 -44.49 3.56
CA ASP A 262 14.34 -43.31 4.40
C ASP A 262 13.39 -42.23 3.87
N PHE A 263 13.10 -42.27 2.58
CA PHE A 263 12.26 -41.27 1.97
C PHE A 263 10.78 -41.50 2.26
N ILE A 264 10.34 -42.75 2.38
CA ILE A 264 8.92 -43.04 2.22
C ILE A 264 8.15 -42.62 3.47
N LYS A 265 7.17 -41.75 3.27
CA LYS A 265 6.27 -41.28 4.31
C LYS A 265 5.03 -40.74 3.62
N PRO A 266 3.90 -40.63 4.34
CA PRO A 266 2.70 -40.12 3.68
C PRO A 266 2.95 -38.73 3.16
N GLY A 267 2.43 -38.46 1.96
CA GLY A 267 2.75 -37.19 1.33
C GLY A 267 3.61 -37.31 0.09
N VAL A 268 4.63 -38.17 0.11
CA VAL A 268 5.42 -38.39 -1.09
C VAL A 268 4.56 -39.03 -2.17
N THR A 269 5.06 -38.98 -3.41
CA THR A 269 4.41 -39.59 -4.56
C THR A 269 5.25 -40.76 -5.06
N ALA A 270 4.58 -41.84 -5.46
CA ALA A 270 5.28 -42.99 -6.01
C ALA A 270 6.36 -42.56 -6.99
N HIS A 271 6.02 -41.69 -7.94
CA HIS A 271 7.04 -41.19 -8.85
C HIS A 271 8.27 -40.73 -8.08
N GLU A 272 8.06 -39.91 -7.04
CA GLU A 272 9.20 -39.43 -6.25
C GLU A 272 9.92 -40.59 -5.55
N VAL A 273 9.17 -41.55 -5.02
CA VAL A 273 9.81 -42.73 -4.43
C VAL A 273 10.65 -43.45 -5.47
N ASP A 274 10.05 -43.72 -6.64
CA ASP A 274 10.84 -44.29 -7.73
C ASP A 274 12.06 -43.42 -8.02
N ALA A 275 11.86 -42.09 -8.02
CA ALA A 275 12.95 -41.20 -8.41
C ALA A 275 14.12 -41.29 -7.46
N VAL A 276 13.86 -41.43 -6.16
CA VAL A 276 14.98 -41.45 -5.22
C VAL A 276 15.90 -42.63 -5.53
N ALA A 277 15.35 -43.84 -5.59
CA ALA A 277 16.21 -44.99 -5.90
C ALA A 277 16.78 -44.85 -7.30
N ARG A 278 15.97 -44.39 -8.23
CA ARG A 278 16.37 -44.34 -9.65
C ARG A 278 17.47 -43.31 -9.87
N ASP A 279 17.26 -42.09 -9.33
CA ASP A 279 18.21 -41.01 -9.56
C ASP A 279 19.59 -41.35 -9.05
N LEU A 280 19.68 -42.00 -7.89
CA LEU A 280 21.00 -42.23 -7.34
C LEU A 280 21.72 -43.36 -8.09
N ILE A 281 20.96 -44.28 -8.68
CA ILE A 281 21.59 -45.31 -9.51
C ILE A 281 22.05 -44.72 -10.84
N THR A 282 21.16 -44.02 -11.54
CA THR A 282 21.58 -43.46 -12.81
C THR A 282 22.79 -42.54 -12.62
N LYS A 283 22.76 -41.72 -11.57
CA LYS A 283 23.92 -40.90 -11.22
C LYS A 283 25.20 -41.72 -11.21
N ALA A 284 25.16 -42.93 -10.64
CA ALA A 284 26.36 -43.77 -10.57
C ALA A 284 26.72 -44.41 -11.92
N GLY A 285 25.87 -44.27 -12.94
CA GLY A 285 26.20 -44.74 -14.27
C GLY A 285 25.46 -45.97 -14.70
N TYR A 286 24.55 -46.47 -13.88
CA TYR A 286 23.95 -47.76 -14.14
C TYR A 286 22.47 -47.68 -14.49
N GLY A 287 21.89 -46.48 -14.48
CA GLY A 287 20.51 -46.27 -14.89
C GLY A 287 20.01 -47.13 -16.05
N GLU A 288 20.87 -47.42 -17.02
CA GLU A 288 20.48 -48.23 -18.17
C GLU A 288 20.28 -49.69 -17.82
N TYR A 289 20.72 -50.14 -16.65
CA TYR A 289 20.59 -51.53 -16.25
C TYR A 289 19.54 -51.71 -15.15
N PHE A 290 18.70 -50.69 -14.95
CA PHE A 290 17.63 -50.67 -13.97
C PHE A 290 16.37 -50.33 -14.76
N ASN A 291 15.73 -51.37 -15.31
CA ASN A 291 14.66 -51.15 -16.28
C ASN A 291 13.43 -51.94 -15.91
N HIS A 292 13.19 -52.05 -14.60
CA HIS A 292 11.86 -52.30 -14.06
C HIS A 292 11.54 -51.17 -13.11
N SER A 293 10.27 -51.09 -12.75
CA SER A 293 9.85 -50.11 -11.76
C SER A 293 10.53 -50.40 -10.42
N LEU A 294 10.57 -49.39 -9.55
CA LEU A 294 11.13 -49.59 -8.22
C LEU A 294 10.32 -50.57 -7.38
N GLY A 295 8.98 -50.53 -7.49
CA GLY A 295 8.18 -51.41 -6.65
C GLY A 295 6.77 -51.61 -7.16
N HIS A 296 6.12 -52.58 -6.53
CA HIS A 296 4.75 -52.99 -6.76
C HIS A 296 4.07 -53.11 -5.41
N GLY A 297 2.76 -52.90 -5.41
CA GLY A 297 2.00 -53.17 -4.21
C GLY A 297 1.94 -54.65 -3.89
N ILE A 298 1.62 -54.94 -2.64
CA ILE A 298 1.60 -56.30 -2.14
C ILE A 298 0.48 -56.35 -1.13
N GLY A 299 -0.18 -57.50 -1.05
CA GLY A 299 -1.23 -57.72 -0.07
C GLY A 299 -1.67 -59.17 -0.06
N MET A 300 -2.87 -59.42 -0.54
CA MET A 300 -3.24 -60.82 -0.73
C MET A 300 -2.62 -61.40 -1.99
N ASP A 301 -2.04 -60.56 -2.84
CA ASP A 301 -1.30 -60.99 -4.01
C ASP A 301 0.10 -60.41 -3.96
N VAL A 302 1.04 -61.11 -4.58
CA VAL A 302 2.38 -60.55 -4.65
C VAL A 302 2.38 -59.29 -5.49
N HIS A 303 1.37 -59.08 -6.32
CA HIS A 303 1.31 -57.92 -7.20
C HIS A 303 -0.05 -57.28 -7.07
N GLU A 304 -0.08 -56.10 -6.45
CA GLU A 304 -1.23 -55.21 -6.51
C GLU A 304 -0.77 -53.77 -6.42
N TYR A 305 -1.50 -52.92 -5.76
CA TYR A 305 -1.12 -51.53 -5.87
C TYR A 305 -0.80 -50.96 -4.48
N PRO A 306 -0.19 -49.77 -4.41
CA PRO A 306 0.15 -48.91 -5.56
C PRO A 306 1.39 -49.35 -6.36
N SER A 307 1.44 -48.96 -7.62
CA SER A 307 2.63 -49.18 -8.44
C SER A 307 3.61 -48.03 -8.23
N ILE A 308 4.86 -48.37 -7.98
CA ILE A 308 5.91 -47.38 -7.75
C ILE A 308 6.69 -47.26 -9.06
N VAL A 309 6.22 -46.36 -9.91
CA VAL A 309 6.72 -46.22 -11.27
C VAL A 309 6.82 -44.75 -11.61
N ALA A 310 7.64 -44.46 -12.62
CA ALA A 310 7.89 -43.07 -12.99
C ALA A 310 6.59 -42.32 -13.30
N GLY A 311 5.67 -42.95 -14.03
CA GLY A 311 4.51 -42.20 -14.49
C GLY A 311 3.53 -41.80 -13.39
N ASN A 312 3.60 -42.44 -12.22
CA ASN A 312 2.50 -42.47 -11.26
C ASN A 312 2.67 -41.39 -10.21
N ASP A 313 1.69 -40.48 -10.13
CA ASP A 313 1.77 -39.35 -9.22
C ASP A 313 0.95 -39.56 -7.95
N LEU A 314 0.50 -40.79 -7.69
CA LEU A 314 -0.28 -41.07 -6.51
C LEU A 314 0.42 -40.57 -5.26
N VAL A 315 -0.35 -39.96 -4.37
CA VAL A 315 0.18 -39.50 -3.12
C VAL A 315 0.12 -40.66 -2.15
N ILE A 316 1.29 -41.06 -1.64
CA ILE A 316 1.42 -42.19 -0.75
C ILE A 316 0.71 -41.90 0.56
N GLN A 317 -0.11 -42.86 1.01
CA GLN A 317 -0.89 -42.70 2.22
C GLN A 317 -0.63 -43.84 3.20
N GLU A 318 -1.04 -43.59 4.44
CA GLU A 318 -0.84 -44.54 5.51
C GLU A 318 -1.63 -45.81 5.22
N GLY A 319 -0.94 -46.95 5.25
CA GLY A 319 -1.55 -48.25 5.07
C GLY A 319 -1.27 -48.92 3.74
N MET A 320 -0.68 -48.20 2.79
CA MET A 320 -0.29 -48.81 1.53
C MET A 320 0.91 -49.71 1.79
N CYS A 321 0.91 -50.88 1.16
CA CYS A 321 1.99 -51.85 1.24
C CYS A 321 2.52 -52.08 -0.17
N PHE A 322 3.79 -51.83 -0.36
CA PHE A 322 4.41 -51.98 -1.68
C PHE A 322 5.87 -52.37 -1.50
N SER A 323 6.46 -52.91 -2.57
CA SER A 323 7.87 -53.25 -2.47
C SER A 323 8.74 -52.04 -2.79
N ASN A 324 10.03 -52.24 -2.55
CA ASN A 324 11.04 -51.23 -2.81
C ASN A 324 12.26 -52.06 -3.17
N GLU A 325 12.53 -52.21 -4.46
CA GLU A 325 13.47 -53.21 -4.97
C GLU A 325 14.26 -52.70 -6.18
N PRO A 326 15.17 -51.75 -5.96
CA PRO A 326 16.04 -51.32 -7.07
C PRO A 326 16.93 -52.45 -7.53
N GLY A 327 17.49 -52.29 -8.74
CA GLY A 327 18.33 -53.31 -9.32
C GLY A 327 19.35 -52.76 -10.30
N ILE A 328 20.39 -53.57 -10.51
CA ILE A 328 21.39 -53.31 -11.53
C ILE A 328 21.77 -54.68 -12.09
N TYR A 329 21.42 -54.92 -13.34
CA TYR A 329 21.65 -56.19 -13.97
C TYR A 329 22.50 -55.94 -15.20
N ILE A 330 23.76 -56.32 -15.13
CA ILE A 330 24.72 -56.08 -16.20
C ILE A 330 24.93 -57.40 -16.94
N PRO A 331 24.25 -57.61 -18.07
CA PRO A 331 24.30 -58.92 -18.73
C PRO A 331 25.72 -59.46 -18.79
N GLY A 332 25.87 -60.72 -18.38
CA GLY A 332 27.15 -61.39 -18.40
C GLY A 332 28.08 -61.11 -17.24
N LYS A 333 27.70 -60.25 -16.30
CA LYS A 333 28.62 -59.93 -15.21
C LYS A 333 27.96 -60.15 -13.85
N VAL A 334 27.06 -59.26 -13.46
CA VAL A 334 26.46 -59.35 -12.13
C VAL A 334 25.03 -58.85 -12.22
N GLY A 335 24.19 -59.39 -11.35
CA GLY A 335 22.88 -58.84 -11.12
C GLY A 335 22.63 -58.76 -9.64
N VAL A 336 22.22 -57.60 -9.18
CA VAL A 336 21.95 -57.36 -7.77
C VAL A 336 20.58 -56.73 -7.65
N ARG A 337 19.72 -57.32 -6.81
CA ARG A 337 18.47 -56.71 -6.40
C ARG A 337 18.26 -56.94 -4.91
N ILE A 338 17.90 -55.88 -4.21
CA ILE A 338 17.65 -55.90 -2.78
C ILE A 338 16.21 -55.45 -2.62
N GLU A 339 15.33 -56.41 -2.36
CA GLU A 339 13.90 -56.17 -2.28
C GLU A 339 13.46 -56.30 -0.83
N ASP A 340 12.86 -55.24 -0.29
CA ASP A 340 11.97 -55.30 0.87
C ASP A 340 10.57 -54.88 0.46
N CYS A 341 9.57 -55.45 1.12
CA CYS A 341 8.21 -54.92 1.03
C CYS A 341 7.94 -54.14 2.31
N LEU A 342 7.28 -53.00 2.20
CA LEU A 342 7.06 -52.18 3.38
C LEU A 342 5.58 -51.81 3.51
N TYR A 343 5.24 -51.25 4.68
CA TYR A 343 3.95 -50.64 4.92
C TYR A 343 4.13 -49.23 5.43
N VAL A 344 3.34 -48.33 4.89
CA VAL A 344 3.44 -46.93 5.24
C VAL A 344 2.72 -46.73 6.56
N THR A 345 3.37 -46.01 7.46
CA THR A 345 2.85 -45.77 8.78
C THR A 345 2.46 -44.29 8.88
N GLU A 346 1.80 -43.93 9.98
CA GLU A 346 1.36 -42.54 10.11
C GLU A 346 2.49 -41.58 9.82
N ASN A 347 3.73 -41.96 10.17
CA ASN A 347 4.86 -41.05 10.16
C ASN A 347 5.94 -41.42 9.17
N GLY A 348 5.95 -42.65 8.68
CA GLY A 348 6.95 -43.08 7.72
C GLY A 348 6.55 -44.41 7.13
N CYS A 349 7.37 -45.41 7.38
CA CYS A 349 7.11 -46.75 6.88
C CYS A 349 7.98 -47.72 7.66
N GLU A 350 7.53 -48.98 7.67
CA GLU A 350 8.17 -50.10 8.35
C GLU A 350 8.22 -51.26 7.38
N SER A 351 9.14 -52.17 7.61
CA SER A 351 9.40 -53.24 6.67
C SER A 351 8.85 -54.56 7.16
N PHE A 352 8.55 -55.43 6.21
CA PHE A 352 8.04 -56.75 6.50
C PHE A 352 9.16 -57.77 6.63
N THR A 353 10.35 -57.44 6.13
CA THR A 353 11.52 -58.27 6.29
C THR A 353 12.66 -57.45 6.89
N HIS A 354 13.61 -58.15 7.53
CA HIS A 354 14.60 -57.50 8.36
C HIS A 354 16.00 -58.04 8.17
N THR A 355 16.20 -59.00 7.27
CA THR A 355 17.51 -59.55 7.03
C THR A 355 18.48 -58.45 6.65
N ASP A 356 19.75 -58.64 7.02
CA ASP A 356 20.81 -57.71 6.67
C ASP A 356 20.80 -57.46 5.17
N HIS A 357 21.05 -56.19 4.80
CA HIS A 357 21.15 -55.77 3.41
C HIS A 357 22.58 -55.80 2.90
N ASP A 358 23.54 -56.09 3.77
CA ASP A 358 24.94 -55.97 3.44
C ASP A 358 25.40 -57.14 2.58
N LEU A 359 26.47 -56.90 1.82
CA LEU A 359 27.09 -57.94 1.01
C LEU A 359 27.81 -58.96 1.90
N LEU A 360 27.02 -59.84 2.52
CA LEU A 360 27.56 -60.89 3.37
C LEU A 360 28.37 -61.89 2.54
N ILE A 361 29.33 -62.55 3.21
CA ILE A 361 30.28 -63.44 2.56
C ILE A 361 30.15 -64.84 3.16
N PHE A 362 30.00 -65.85 2.28
CA PHE A 362 29.71 -67.21 2.74
C PHE A 362 30.61 -68.28 2.16
N MET B 1 47.32 11.33 -42.02
CA MET B 1 48.34 11.78 -41.10
C MET B 1 48.52 13.32 -41.18
N SER B 2 49.04 13.90 -40.09
CA SER B 2 49.47 15.30 -39.92
C SER B 2 48.42 16.10 -39.14
N LYS B 3 48.76 16.48 -37.92
CA LYS B 3 47.80 17.22 -37.10
C LYS B 3 47.26 18.42 -37.85
N ILE B 4 48.07 19.03 -38.69
CA ILE B 4 47.60 20.22 -39.37
C ILE B 4 46.78 19.85 -40.59
N GLU B 5 47.26 18.91 -41.41
CA GLU B 5 46.40 18.38 -42.46
C GLU B 5 45.03 18.01 -41.89
N ARG B 6 45.01 17.38 -40.71
CA ARG B 6 43.72 17.04 -40.09
C ARG B 6 42.89 18.28 -39.82
N ILE B 7 43.50 19.34 -39.32
CA ILE B 7 42.71 20.52 -39.04
C ILE B 7 42.17 21.15 -40.32
N SER B 8 42.98 21.21 -41.36
CA SER B 8 42.47 21.82 -42.59
C SER B 8 41.45 20.91 -43.30
N ALA B 9 41.51 19.59 -43.11
CA ALA B 9 40.38 18.77 -43.56
C ALA B 9 39.10 19.18 -42.84
N PHE B 10 39.18 19.41 -41.54
CA PHE B 10 38.02 19.94 -40.82
C PHE B 10 37.53 21.23 -41.48
N LEU B 11 38.44 22.15 -41.80
CA LEU B 11 37.93 23.41 -42.30
C LEU B 11 37.24 23.21 -43.65
N ASN B 12 37.79 22.31 -44.45
CA ASN B 12 37.19 22.03 -45.74
C ASN B 12 35.87 21.33 -45.57
N ASP B 13 35.77 20.48 -44.55
CA ASP B 13 34.50 19.81 -44.33
C ASP B 13 33.44 20.79 -43.88
N LYS B 14 33.78 21.70 -42.98
CA LYS B 14 32.79 22.56 -42.32
C LYS B 14 32.68 23.93 -42.98
N GLU B 15 33.30 24.12 -44.14
CA GLU B 15 33.27 25.40 -44.84
C GLU B 15 33.67 26.55 -43.90
N VAL B 16 34.91 26.49 -43.42
CA VAL B 16 35.48 27.56 -42.59
C VAL B 16 36.80 27.96 -43.23
N ASP B 17 37.07 29.27 -43.25
CA ASP B 17 38.22 29.80 -44.01
C ASP B 17 39.56 29.52 -43.35
N MET B 18 39.62 29.55 -42.02
CA MET B 18 40.88 29.53 -41.31
C MET B 18 40.60 29.33 -39.82
N THR B 19 41.64 28.98 -39.09
CA THR B 19 41.60 29.01 -37.64
C THR B 19 42.22 30.30 -37.13
N PHE B 20 41.90 30.65 -35.89
CA PHE B 20 42.75 31.52 -35.07
C PHE B 20 42.82 30.77 -33.75
N ILE B 21 43.82 29.90 -33.64
CA ILE B 21 44.07 29.06 -32.48
C ILE B 21 44.88 29.84 -31.46
N THR B 22 44.38 29.91 -30.22
CA THR B 22 44.98 30.79 -29.20
C THR B 22 45.34 30.11 -27.89
N ASN B 23 44.96 28.88 -27.67
CA ASN B 23 45.29 28.24 -26.42
C ASN B 23 46.78 27.87 -26.39
N PRO B 24 47.53 28.36 -25.41
CA PRO B 24 48.97 28.04 -25.37
C PRO B 24 49.25 26.55 -25.37
N THR B 25 48.44 25.75 -24.67
CA THR B 25 48.69 24.32 -24.74
C THR B 25 48.44 23.80 -26.15
N THR B 26 47.42 24.34 -26.86
CA THR B 26 47.12 23.90 -28.21
C THR B 26 48.23 24.34 -29.17
N LEU B 27 48.70 25.57 -29.00
CA LEU B 27 49.82 26.04 -29.79
C LEU B 27 51.00 25.08 -29.72
N ASN B 28 51.33 24.60 -28.51
CA ASN B 28 52.43 23.66 -28.30
C ASN B 28 52.10 22.30 -28.88
N TYR B 29 50.94 21.76 -28.49
CA TYR B 29 50.42 20.57 -29.15
C TYR B 29 50.63 20.60 -30.66
N LEU B 30 50.08 21.61 -31.33
CA LEU B 30 50.13 21.61 -32.79
C LEU B 30 51.50 21.98 -33.38
N THR B 31 52.23 22.91 -32.77
CA THR B 31 53.48 23.40 -33.35
C THR B 31 54.71 22.81 -32.70
N GLY B 32 54.73 22.72 -31.37
CA GLY B 32 55.89 22.23 -30.65
C GLY B 32 56.63 23.31 -29.93
N LEU B 33 56.16 24.55 -30.04
CA LEU B 33 56.71 25.68 -29.29
C LEU B 33 55.89 25.85 -28.01
N ALA B 34 56.58 25.87 -26.87
CA ALA B 34 55.98 26.22 -25.60
C ALA B 34 55.84 27.75 -25.47
N ILE B 35 55.14 28.32 -26.45
CA ILE B 35 54.83 29.75 -26.47
C ILE B 35 53.73 30.05 -25.47
N ASP B 36 54.00 30.97 -24.55
CA ASP B 36 52.94 31.59 -23.77
C ASP B 36 53.03 33.10 -23.93
N PRO B 37 52.01 33.77 -24.47
CA PRO B 37 52.04 35.22 -24.62
C PRO B 37 51.44 35.98 -23.44
N HIS B 38 51.05 35.24 -22.39
CA HIS B 38 50.44 35.88 -21.23
C HIS B 38 49.46 36.92 -21.73
N GLU B 39 49.58 38.18 -21.39
CA GLU B 39 48.47 39.02 -21.80
C GLU B 39 48.56 39.44 -23.27
N ARG B 40 49.63 39.08 -23.97
CA ARG B 40 49.84 39.37 -25.39
C ARG B 40 49.17 38.32 -26.29
N ILE B 41 49.18 38.60 -27.59
CA ILE B 41 48.36 37.90 -28.56
C ILE B 41 49.23 36.95 -29.37
N ALA B 42 48.76 35.71 -29.49
CA ALA B 42 49.35 34.74 -30.40
C ALA B 42 48.20 33.93 -31.00
N GLY B 43 48.46 33.35 -32.17
CA GLY B 43 47.42 32.62 -32.85
C GLY B 43 47.97 31.78 -33.97
N LEU B 44 47.56 30.53 -34.04
CA LEU B 44 47.97 29.68 -35.14
C LEU B 44 46.82 29.67 -36.13
N MET B 45 47.12 30.05 -37.39
CA MET B 45 46.13 30.23 -38.45
C MET B 45 46.36 29.19 -39.55
N ILE B 46 45.49 28.17 -39.59
CA ILE B 46 45.51 27.09 -40.57
C ILE B 46 44.43 27.38 -41.60
N PHE B 47 44.70 27.01 -42.85
CA PHE B 47 43.81 27.37 -43.95
C PHE B 47 43.37 26.11 -44.67
N ARG B 48 42.34 26.28 -45.50
CA ARG B 48 41.80 25.15 -46.26
C ARG B 48 42.83 24.61 -47.24
N ASP B 49 43.63 25.50 -47.82
CA ASP B 49 44.50 25.15 -48.93
C ASP B 49 45.59 26.19 -49.13
N SER B 50 46.09 26.78 -48.06
CA SER B 50 47.21 27.70 -48.13
C SER B 50 48.14 27.44 -46.95
N THR B 51 49.32 28.02 -47.05
CA THR B 51 50.36 27.76 -46.08
C THR B 51 49.91 28.25 -44.73
N PRO B 52 50.08 27.47 -43.66
CA PRO B 52 49.65 27.93 -42.34
C PRO B 52 50.49 29.12 -41.93
N MET B 53 49.94 29.96 -41.05
CA MET B 53 50.68 31.11 -40.52
C MET B 53 50.66 31.08 -39.01
N LEU B 54 51.79 31.46 -38.40
CA LEU B 54 51.89 31.58 -36.95
C LEU B 54 52.13 33.03 -36.60
N PHE B 55 51.28 33.56 -35.73
CA PHE B 55 51.31 34.95 -35.33
C PHE B 55 51.72 35.01 -33.88
N THR B 56 52.82 35.65 -33.60
CA THR B 56 53.34 35.65 -32.26
C THR B 56 53.81 37.06 -31.93
N PRO B 57 54.07 37.38 -30.67
CA PRO B 57 54.70 38.66 -30.35
C PRO B 57 56.10 38.75 -30.94
N ALA B 58 56.54 39.97 -31.19
CA ALA B 58 57.79 40.17 -31.92
C ALA B 58 58.94 39.37 -31.31
N LEU B 59 59.02 39.30 -29.98
CA LEU B 59 60.16 38.64 -29.34
C LEU B 59 60.15 37.13 -29.51
N GLU B 60 59.06 36.54 -30.01
CA GLU B 60 58.99 35.10 -30.15
C GLU B 60 59.23 34.62 -31.58
N VAL B 61 59.59 35.51 -32.49
CA VAL B 61 59.61 35.15 -33.91
C VAL B 61 60.81 34.28 -34.27
N GLU B 62 62.00 34.59 -33.72
CA GLU B 62 63.22 33.89 -34.14
C GLU B 62 63.28 32.48 -33.57
N LYS B 63 62.87 32.29 -32.32
CA LYS B 63 62.77 30.94 -31.75
C LYS B 63 61.78 30.08 -32.54
N ALA B 64 60.65 30.68 -32.95
CA ALA B 64 59.58 29.98 -33.66
C ALA B 64 60.06 29.43 -35.00
N LYS B 65 60.87 30.20 -35.72
CA LYS B 65 61.37 29.72 -37.02
C LYS B 65 62.48 28.70 -36.82
N GLU B 66 63.32 28.91 -35.80
CA GLU B 66 64.50 28.12 -35.47
C GLU B 66 64.09 26.70 -35.07
N HIS B 67 64.06 26.43 -33.77
CA HIS B 67 63.56 25.14 -33.30
C HIS B 67 62.05 25.19 -33.55
N THR B 68 61.65 24.91 -34.82
CA THR B 68 60.33 24.39 -35.23
C THR B 68 59.65 25.14 -36.39
N SER B 69 60.06 24.80 -37.60
CA SER B 69 59.67 25.51 -38.82
C SER B 69 58.31 25.06 -39.35
N GLY B 70 58.27 24.70 -40.65
CA GLY B 70 57.05 24.31 -41.34
C GLY B 70 56.14 25.42 -41.89
N LEU B 71 55.96 26.52 -41.15
CA LEU B 71 54.89 27.47 -41.44
C LEU B 71 55.43 28.91 -41.44
N ASP B 72 54.54 29.85 -41.82
CA ASP B 72 54.87 31.27 -41.96
C ASP B 72 55.59 31.86 -40.75
N ILE B 73 54.86 32.57 -39.90
CA ILE B 73 55.41 33.19 -38.69
C ILE B 73 55.75 34.64 -38.95
N PHE B 74 54.98 35.52 -38.33
CA PHE B 74 55.23 36.93 -38.28
C PHE B 74 54.78 37.38 -36.91
N GLY B 75 55.06 38.65 -36.60
CA GLY B 75 54.89 39.17 -35.27
C GLY B 75 54.55 40.64 -35.34
N TYR B 76 54.25 41.19 -34.16
CA TYR B 76 53.97 42.59 -33.96
C TYR B 76 54.78 43.08 -32.76
N GLU B 77 55.11 44.37 -32.75
CA GLU B 77 55.66 45.04 -31.59
C GLU B 77 54.53 45.61 -30.74
N ASP B 78 54.82 45.86 -29.46
CA ASP B 78 53.78 46.35 -28.56
C ASP B 78 53.20 47.67 -29.02
N SER B 79 53.91 48.37 -29.91
CA SER B 79 53.41 49.62 -30.48
C SER B 79 52.17 49.37 -31.30
N GLN B 80 52.18 48.29 -32.09
CA GLN B 80 51.17 48.03 -33.09
C GLN B 80 49.95 47.35 -32.46
N ASN B 81 48.80 47.56 -33.07
CA ASN B 81 47.67 46.75 -32.70
C ASN B 81 47.83 45.39 -33.37
N PRO B 82 47.89 44.29 -32.61
CA PRO B 82 48.04 42.96 -33.23
C PRO B 82 46.94 42.60 -34.19
N TRP B 83 45.69 42.99 -33.92
CA TRP B 83 44.59 42.64 -34.83
C TRP B 83 44.79 43.29 -36.18
N GLU B 84 45.33 44.51 -36.19
CA GLU B 84 45.73 45.12 -37.45
C GLU B 84 46.82 44.32 -38.14
N VAL B 85 47.93 44.07 -37.46
CA VAL B 85 49.03 43.32 -38.07
C VAL B 85 48.54 42.02 -38.65
N VAL B 86 47.65 41.34 -37.91
CA VAL B 86 47.07 40.08 -38.37
C VAL B 86 46.28 40.30 -39.65
N LYS B 87 45.37 41.28 -39.64
CA LYS B 87 44.63 41.64 -40.84
C LYS B 87 45.56 41.99 -41.99
N ASN B 88 46.64 42.71 -41.70
CA ASN B 88 47.56 43.11 -42.74
C ASN B 88 48.23 41.91 -43.41
N HIS B 89 48.32 40.77 -42.71
CA HIS B 89 48.95 39.59 -43.27
C HIS B 89 47.95 38.60 -43.87
N VAL B 90 46.74 38.57 -43.33
CA VAL B 90 45.64 37.78 -43.84
C VAL B 90 44.94 38.64 -44.88
N LYS B 91 45.24 38.42 -46.16
CA LYS B 91 44.98 39.46 -47.15
C LYS B 91 43.60 39.35 -47.78
N SER B 92 43.28 38.18 -48.28
CA SER B 92 42.01 37.88 -48.93
C SER B 92 41.54 36.61 -48.24
N ASP B 93 40.54 36.69 -47.36
CA ASP B 93 39.49 37.73 -47.16
C ASP B 93 38.31 36.95 -46.50
N VAL B 94 38.06 37.16 -45.20
CA VAL B 94 37.59 36.11 -44.28
C VAL B 94 36.11 36.23 -43.98
N LYS B 95 35.42 35.10 -43.99
CA LYS B 95 34.01 35.02 -43.64
C LYS B 95 33.75 34.20 -42.39
N SER B 96 34.57 33.19 -42.11
CA SER B 96 34.43 32.36 -40.91
C SER B 96 35.80 31.99 -40.39
N ILE B 97 35.88 31.85 -39.07
CA ILE B 97 37.11 31.50 -38.37
C ILE B 97 36.78 30.40 -37.37
N ALA B 98 37.61 29.34 -37.35
CA ALA B 98 37.56 28.32 -36.30
C ALA B 98 38.37 28.75 -35.07
N VAL B 99 37.71 28.85 -33.92
CA VAL B 99 38.34 29.25 -32.66
C VAL B 99 38.09 28.19 -31.58
N GLU B 100 38.84 28.31 -30.49
CA GLU B 100 38.69 27.42 -29.35
C GLU B 100 37.68 28.03 -28.37
N PHE B 101 36.42 27.60 -28.44
CA PHE B 101 35.35 28.26 -27.67
C PHE B 101 35.63 28.30 -26.17
N SER B 102 36.39 27.37 -25.64
CA SER B 102 36.60 27.34 -24.21
C SER B 102 37.78 28.21 -23.77
N ASP B 103 38.54 28.79 -24.70
CA ASP B 103 39.73 29.59 -24.39
C ASP B 103 39.66 31.03 -24.86
N ILE B 104 39.17 31.28 -26.07
CA ILE B 104 39.26 32.62 -26.64
C ILE B 104 38.28 33.57 -25.94
N PRO B 105 38.78 34.56 -25.20
CA PRO B 105 37.90 35.57 -24.63
C PRO B 105 37.24 36.41 -25.71
N LEU B 106 36.19 37.10 -25.30
CA LEU B 106 35.49 38.03 -26.16
C LEU B 106 36.39 39.19 -26.63
N ALA B 107 37.39 39.55 -25.83
CA ALA B 107 38.32 40.59 -26.26
C ALA B 107 38.94 40.22 -27.59
N LYS B 108 39.48 39.00 -27.70
CA LYS B 108 40.10 38.55 -28.94
C LYS B 108 39.10 38.43 -30.08
N THR B 109 37.90 37.86 -29.83
CA THR B 109 36.99 37.66 -30.96
C THR B 109 36.45 38.98 -31.48
N GLU B 110 36.51 40.02 -30.66
CA GLU B 110 36.13 41.36 -31.12
C GLU B 110 37.28 42.01 -31.85
N GLY B 111 38.49 41.93 -31.31
CA GLY B 111 39.67 42.26 -32.10
C GLY B 111 39.49 41.70 -33.49
N LEU B 112 39.23 40.40 -33.60
CA LEU B 112 39.11 39.77 -34.90
C LEU B 112 37.96 40.37 -35.71
N LYS B 113 36.80 40.53 -35.08
CA LYS B 113 35.68 41.07 -35.84
C LYS B 113 36.00 42.47 -36.36
N ALA B 114 36.68 43.27 -35.53
CA ALA B 114 36.85 44.65 -35.95
C ALA B 114 37.82 44.79 -37.12
N GLN B 115 38.52 43.73 -37.49
CA GLN B 115 39.30 43.77 -38.72
C GLN B 115 38.65 43.04 -39.88
N PHE B 116 37.86 41.99 -39.65
CA PHE B 116 37.41 41.11 -40.72
C PHE B 116 35.90 41.14 -40.95
N GLY B 117 35.12 41.79 -40.10
CA GLY B 117 33.70 41.89 -40.33
C GLY B 117 32.86 40.98 -39.46
N ASP B 118 31.69 40.64 -39.99
CA ASP B 118 30.67 39.80 -39.33
C ASP B 118 31.09 38.34 -39.51
N ILE B 119 32.03 37.93 -38.67
CA ILE B 119 32.55 36.56 -38.72
C ILE B 119 31.52 35.58 -38.18
N ASN B 120 31.41 34.43 -38.84
CA ASN B 120 30.79 33.26 -38.23
C ASN B 120 31.88 32.43 -37.55
N PHE B 121 31.81 32.30 -36.23
CA PHE B 121 32.82 31.54 -35.50
C PHE B 121 32.39 30.11 -35.32
N VAL B 122 33.34 29.20 -35.48
CA VAL B 122 33.12 27.78 -35.42
C VAL B 122 34.06 27.16 -34.40
N ASN B 123 33.57 26.17 -33.67
CA ASN B 123 34.27 25.66 -32.52
C ASN B 123 35.22 24.55 -32.95
N LEU B 124 36.49 24.79 -32.75
CA LEU B 124 37.57 23.85 -32.98
C LEU B 124 37.84 22.92 -31.80
N THR B 125 37.28 23.21 -30.61
CA THR B 125 37.76 22.52 -29.41
C THR B 125 37.39 21.04 -29.46
N PRO B 126 36.19 20.68 -29.91
CA PRO B 126 35.91 19.25 -30.05
C PRO B 126 36.94 18.50 -30.89
N LEU B 127 37.51 19.10 -31.93
CA LEU B 127 38.51 18.39 -32.72
C LEU B 127 39.87 18.35 -32.04
N ILE B 128 40.27 19.40 -31.31
CA ILE B 128 41.51 19.33 -30.54
C ILE B 128 41.43 18.22 -29.51
N GLU B 129 40.35 18.20 -28.74
CA GLU B 129 40.17 17.17 -27.72
C GLU B 129 40.23 15.77 -28.32
N ARG B 130 39.53 15.55 -29.43
CA ARG B 130 39.51 14.22 -30.04
C ARG B 130 40.89 13.81 -30.52
N MET B 131 41.69 14.79 -30.97
CA MET B 131 43.08 14.50 -31.31
C MET B 131 43.91 14.30 -30.04
N ARG B 132 43.77 15.21 -29.09
CA ARG B 132 44.47 15.08 -27.82
C ARG B 132 44.23 13.72 -27.19
N LEU B 133 43.13 13.07 -27.60
CA LEU B 133 42.67 11.84 -26.96
C LEU B 133 43.60 10.64 -27.24
N ILE B 134 44.30 10.61 -28.36
CA ILE B 134 45.19 9.49 -28.64
C ILE B 134 46.62 10.03 -28.68
N LYS B 135 47.44 9.59 -27.74
CA LYS B 135 48.81 10.07 -27.63
C LYS B 135 49.77 9.33 -28.56
N SER B 136 50.72 10.07 -29.09
CA SER B 136 51.76 9.48 -29.90
C SER B 136 52.88 8.96 -28.99
N ALA B 137 53.78 8.15 -29.56
CA ALA B 137 54.89 7.65 -28.78
C ALA B 137 55.70 8.78 -28.12
N ASP B 138 55.74 9.96 -28.74
CA ASP B 138 56.51 11.09 -28.23
C ASP B 138 55.85 11.72 -27.03
N GLU B 139 54.52 11.83 -27.04
CA GLU B 139 53.82 12.32 -25.85
C GLU B 139 54.01 11.36 -24.69
N ILE B 140 53.98 10.07 -24.98
CA ILE B 140 54.12 9.05 -23.95
C ILE B 140 55.49 9.12 -23.28
N GLU B 141 56.56 9.24 -24.09
CA GLU B 141 57.87 9.51 -23.53
C GLU B 141 57.83 10.71 -22.61
N LYS B 142 57.27 11.82 -23.12
CA LYS B 142 57.23 13.04 -22.34
C LYS B 142 56.44 12.87 -21.05
N MET B 143 55.35 12.06 -21.08
CA MET B 143 54.56 11.78 -19.88
C MET B 143 55.25 10.75 -18.97
N LYS B 144 56.12 9.90 -19.52
CA LYS B 144 56.96 9.07 -18.64
C LYS B 144 57.94 9.91 -17.83
N VAL B 145 58.42 11.02 -18.38
CA VAL B 145 59.30 11.89 -17.61
C VAL B 145 58.55 12.53 -16.46
N ALA B 146 57.42 13.16 -16.76
CA ALA B 146 56.57 13.63 -15.69
C ALA B 146 56.30 12.49 -14.72
N GLY B 147 56.13 11.29 -15.27
CA GLY B 147 55.88 10.15 -14.44
C GLY B 147 57.04 9.83 -13.56
N ASP B 148 58.27 9.96 -14.10
CA ASP B 148 59.43 9.70 -13.25
C ASP B 148 59.57 10.79 -12.20
N PHE B 149 59.24 12.03 -12.50
CA PHE B 149 59.35 13.01 -11.43
C PHE B 149 58.39 12.68 -10.30
N ALA B 150 57.22 12.14 -10.64
CA ALA B 150 56.28 11.79 -9.59
C ALA B 150 56.89 10.75 -8.66
N ASP B 151 57.57 9.74 -9.23
CA ASP B 151 58.15 8.68 -8.42
C ASP B 151 59.21 9.25 -7.47
N LYS B 152 60.04 10.18 -7.96
CA LYS B 152 60.97 10.87 -7.07
C LYS B 152 60.23 11.58 -5.93
N CYS B 153 59.17 12.31 -6.26
CA CYS B 153 58.36 12.96 -5.24
C CYS B 153 57.93 11.98 -4.14
N PHE B 154 57.54 10.77 -4.53
CA PHE B 154 57.14 9.81 -3.53
C PHE B 154 58.29 9.45 -2.60
N GLU B 155 59.47 9.16 -3.17
CA GLU B 155 60.64 8.90 -2.34
C GLU B 155 60.82 10.03 -1.36
N ILE B 156 60.87 11.26 -1.87
CA ILE B 156 61.14 12.40 -1.01
C ILE B 156 60.08 12.51 0.08
N GLY B 157 58.79 12.42 -0.30
CA GLY B 157 57.73 12.60 0.67
C GLY B 157 57.74 11.55 1.77
N PHE B 158 57.95 10.29 1.39
CA PHE B 158 58.05 9.20 2.37
C PHE B 158 59.16 9.47 3.38
N ALA B 159 60.39 9.68 2.88
CA ALA B 159 61.52 9.95 3.75
C ALA B 159 61.28 11.17 4.62
N THR B 160 60.52 12.14 4.12
CA THR B 160 60.31 13.34 4.92
C THR B 160 59.32 13.06 6.05
N ALA B 161 58.31 12.24 5.80
CA ALA B 161 57.40 11.86 6.88
C ALA B 161 58.11 11.01 7.92
N ALA B 162 58.93 10.07 7.47
CA ALA B 162 59.62 9.15 8.37
C ALA B 162 60.42 9.89 9.43
N GLU B 163 61.10 10.95 9.05
CA GLU B 163 61.90 11.70 10.01
C GLU B 163 61.13 12.03 11.28
N ARG B 164 59.80 12.02 11.21
CA ARG B 164 58.95 12.29 12.39
C ARG B 164 59.40 13.63 12.97
N ASN B 165 59.46 13.77 14.30
CA ASN B 165 59.97 15.00 14.88
C ASN B 165 59.04 16.19 14.57
N GLY B 166 57.73 15.96 14.66
CA GLY B 166 56.76 17.02 14.50
C GLY B 166 56.47 17.46 13.08
N VAL B 167 56.96 16.76 12.06
CA VAL B 167 56.72 17.18 10.69
C VAL B 167 55.22 17.15 10.42
N THR B 168 54.74 18.17 9.71
CA THR B 168 53.32 18.31 9.40
C THR B 168 53.08 18.04 7.92
N GLU B 169 51.80 17.87 7.60
CA GLU B 169 51.42 17.61 6.21
C GLU B 169 51.97 18.68 5.30
N SER B 170 51.86 19.95 5.71
CA SER B 170 52.34 21.05 4.88
C SER B 170 53.86 21.01 4.76
N ASP B 171 54.56 20.68 5.85
CA ASP B 171 56.01 20.49 5.77
C ASP B 171 56.37 19.53 4.65
N ILE B 172 55.81 18.32 4.75
CA ILE B 172 56.04 17.29 3.74
C ILE B 172 55.75 17.85 2.35
N VAL B 173 54.62 18.52 2.20
CA VAL B 173 54.29 19.06 0.86
C VAL B 173 55.37 20.02 0.39
N ALA B 174 55.89 20.85 1.30
CA ALA B 174 56.80 21.90 0.86
C ALA B 174 58.15 21.31 0.56
N LYS B 175 58.56 20.32 1.35
CA LYS B 175 59.78 19.60 1.03
C LYS B 175 59.70 19.09 -0.40
N ILE B 176 58.57 18.45 -0.73
CA ILE B 176 58.43 17.80 -2.01
C ILE B 176 58.58 18.81 -3.12
N GLU B 177 57.98 19.99 -2.94
CA GLU B 177 58.01 20.97 -4.00
C GLU B 177 59.33 21.72 -4.04
N TYR B 178 60.04 21.76 -2.92
CA TYR B 178 61.41 22.25 -2.93
C TYR B 178 62.29 21.39 -3.83
N GLU B 179 62.24 20.07 -3.65
CA GLU B 179 63.11 19.20 -4.43
C GLU B 179 62.74 19.25 -5.90
N MET B 180 61.45 19.37 -6.21
CA MET B 180 61.04 19.46 -7.59
C MET B 180 61.62 20.72 -8.25
N LYS B 181 61.57 21.86 -7.55
CA LYS B 181 62.11 23.09 -8.13
C LYS B 181 63.60 22.98 -8.36
N ARG B 182 64.32 22.38 -7.42
CA ARG B 182 65.76 22.23 -7.60
C ARG B 182 66.09 21.39 -8.83
N MET B 183 65.25 20.42 -9.18
CA MET B 183 65.48 19.56 -10.33
C MET B 183 64.95 20.16 -11.64
N GLY B 184 64.64 21.45 -11.65
CA GLY B 184 64.27 22.14 -12.89
C GLY B 184 62.84 21.97 -13.32
N VAL B 185 61.93 21.76 -12.38
CA VAL B 185 60.54 21.34 -12.59
C VAL B 185 59.65 22.51 -12.24
N PRO B 186 58.93 23.09 -13.21
CA PRO B 186 58.26 24.37 -12.98
C PRO B 186 57.24 24.31 -11.85
N GLN B 187 56.19 23.54 -12.10
CA GLN B 187 55.06 23.51 -11.20
C GLN B 187 54.60 22.07 -11.06
N MET B 188 53.91 21.85 -9.96
CA MET B 188 53.07 20.68 -9.82
C MET B 188 51.88 20.80 -10.76
N SER B 189 51.42 19.66 -11.26
CA SER B 189 50.21 19.65 -12.06
C SER B 189 48.98 20.00 -11.25
N PHE B 190 49.06 20.02 -9.92
CA PHE B 190 47.90 20.30 -9.11
C PHE B 190 48.35 20.31 -7.65
N ASP B 191 47.47 20.78 -6.79
CA ASP B 191 47.83 20.97 -5.40
C ASP B 191 48.14 19.65 -4.72
N THR B 192 49.41 19.48 -4.35
CA THR B 192 49.85 18.27 -3.64
C THR B 192 49.02 18.00 -2.38
N LEU B 193 48.63 16.74 -2.24
CA LEU B 193 47.88 16.27 -1.10
C LEU B 193 48.77 15.38 -0.26
N VAL B 194 48.97 15.76 1.00
CA VAL B 194 49.45 14.85 2.04
C VAL B 194 48.42 14.90 3.17
N LEU B 195 47.85 13.73 3.52
CA LEU B 195 46.77 13.67 4.52
C LEU B 195 46.98 12.52 5.49
N SER B 196 46.93 12.83 6.78
CA SER B 196 47.17 11.83 7.81
C SER B 196 45.86 11.24 8.33
N GLY B 197 45.84 9.91 8.43
CA GLY B 197 44.78 9.22 9.15
C GLY B 197 43.41 9.53 8.58
N ALA B 198 42.44 9.69 9.48
CA ALA B 198 41.07 9.91 9.04
C ALA B 198 40.96 11.14 8.15
N ARG B 199 41.93 12.05 8.21
CA ARG B 199 41.91 13.18 7.29
C ARG B 199 42.06 12.71 5.83
N ALA B 200 42.68 11.57 5.58
CA ALA B 200 42.62 11.07 4.21
C ALA B 200 41.20 10.71 3.79
N ALA B 201 40.30 10.52 4.76
CA ALA B 201 38.93 10.09 4.43
C ALA B 201 38.08 11.24 3.97
N ASN B 202 38.46 12.46 4.31
CA ASN B 202 37.82 13.63 3.76
C ASN B 202 38.07 13.71 2.24
N PRO B 203 37.03 13.87 1.43
CA PRO B 203 37.27 14.04 -0.01
C PRO B 203 37.72 15.46 -0.33
N HIS B 204 37.26 16.42 0.48
CA HIS B 204 37.71 17.80 0.37
C HIS B 204 38.87 18.11 1.31
N GLY B 205 39.65 17.12 1.70
CA GLY B 205 40.80 17.37 2.54
C GLY B 205 41.88 18.15 1.82
N ALA B 206 42.57 19.00 2.57
CA ALA B 206 43.73 19.72 2.09
C ALA B 206 44.81 19.69 3.16
N PRO B 207 46.08 19.57 2.75
CA PRO B 207 47.18 19.50 3.73
C PRO B 207 47.25 20.75 4.59
N GLU B 208 47.16 20.56 5.89
CA GLU B 208 47.23 21.63 6.88
C GLU B 208 48.50 21.47 7.71
N ASN B 209 48.76 22.45 8.58
CA ASN B 209 49.93 22.40 9.46
C ASN B 209 49.68 21.56 10.70
N VAL B 210 49.30 20.31 10.51
CA VAL B 210 49.02 19.38 11.60
C VAL B 210 50.02 18.24 11.48
N GLU B 211 50.54 17.77 12.60
CA GLU B 211 51.58 16.77 12.43
C GLU B 211 50.96 15.41 12.14
N ILE B 212 51.76 14.54 11.48
CA ILE B 212 51.25 13.28 10.95
C ILE B 212 51.12 12.27 12.09
N GLN B 213 50.03 11.51 12.09
CA GLN B 213 49.72 10.69 13.26
C GLN B 213 50.43 9.35 13.19
N GLU B 214 50.90 8.90 14.34
CA GLU B 214 51.54 7.59 14.41
C GLU B 214 50.52 6.48 14.32
N ASN B 215 50.92 5.39 13.68
CA ASN B 215 50.09 4.21 13.50
C ASN B 215 48.83 4.51 12.71
N LYS B 216 48.90 5.52 11.85
CA LYS B 216 47.87 5.77 10.86
C LYS B 216 48.51 5.90 9.48
N LEU B 217 47.68 5.80 8.44
CA LEU B 217 48.18 5.88 7.07
C LEU B 217 48.38 7.32 6.66
N LEU B 218 49.07 7.49 5.54
CA LEU B 218 49.45 8.80 5.03
C LEU B 218 49.29 8.78 3.52
N LEU B 219 48.35 9.57 3.03
CA LEU B 219 48.01 9.58 1.62
C LEU B 219 48.86 10.65 0.93
N PHE B 220 49.55 10.24 -0.11
CA PHE B 220 50.28 11.17 -0.95
C PHE B 220 49.64 11.18 -2.32
N ASP B 221 49.09 12.33 -2.70
CA ASP B 221 48.56 12.52 -4.05
C ASP B 221 49.30 13.69 -4.67
N LEU B 222 50.02 13.43 -5.75
CA LEU B 222 50.85 14.45 -6.34
C LEU B 222 51.07 14.21 -7.83
N GLY B 223 51.58 15.23 -8.49
CA GLY B 223 51.87 15.15 -9.91
C GLY B 223 52.57 16.41 -10.31
N VAL B 224 53.16 16.36 -11.51
CA VAL B 224 54.12 17.36 -11.98
C VAL B 224 53.78 17.74 -13.41
N MET B 225 54.17 18.95 -13.78
CA MET B 225 54.24 19.35 -15.17
C MET B 225 55.69 19.27 -15.62
N SER B 226 55.94 18.63 -16.75
CA SER B 226 57.28 18.69 -17.32
C SER B 226 57.16 18.51 -18.83
N GLY B 227 57.80 19.40 -19.58
CA GLY B 227 57.79 19.27 -21.03
C GLY B 227 56.42 19.45 -21.65
N GLY B 228 55.54 20.22 -20.98
CA GLY B 228 54.17 20.41 -21.38
C GLY B 228 53.23 19.28 -21.04
N TYR B 229 53.67 18.28 -20.29
CA TYR B 229 52.85 17.12 -19.97
C TYR B 229 52.81 16.93 -18.46
N ALA B 230 51.77 16.23 -18.01
CA ALA B 230 51.36 16.14 -16.61
C ALA B 230 51.52 14.72 -16.04
N SER B 231 51.69 14.64 -14.74
CA SER B 231 51.60 13.35 -14.09
C SER B 231 50.64 13.45 -12.92
N ASP B 232 50.14 12.28 -12.51
CA ASP B 232 49.15 12.20 -11.44
C ASP B 232 49.29 10.81 -10.83
N ALA B 233 49.71 10.75 -9.58
CA ALA B 233 49.82 9.49 -8.89
C ALA B 233 49.44 9.65 -7.41
N THR B 234 48.89 8.59 -6.85
CA THR B 234 48.55 8.55 -5.44
C THR B 234 49.15 7.31 -4.80
N ARG B 235 49.70 7.49 -3.60
CA ARG B 235 50.18 6.37 -2.80
C ARG B 235 49.80 6.63 -1.36
N THR B 236 49.37 5.56 -0.67
CA THR B 236 49.01 5.62 0.75
C THR B 236 49.96 4.71 1.51
N ILE B 237 50.85 5.31 2.33
CA ILE B 237 51.79 4.51 3.10
C ILE B 237 51.35 4.44 4.56
N ALA B 238 52.10 3.70 5.36
CA ALA B 238 51.92 3.59 6.80
C ALA B 238 53.07 4.28 7.53
N ILE B 239 52.73 5.03 8.57
CA ILE B 239 53.65 5.70 9.45
C ILE B 239 53.59 4.95 10.76
N GLY B 240 54.64 4.25 11.11
CA GLY B 240 54.52 3.29 12.18
C GLY B 240 53.71 2.11 11.71
N GLN B 241 53.58 1.15 12.57
CA GLN B 241 52.81 -0.03 12.24
C GLN B 241 51.32 0.29 12.12
N PRO B 242 50.64 -0.13 11.08
CA PRO B 242 49.22 0.16 10.96
C PRO B 242 48.40 -0.80 11.82
N ASN B 243 47.14 -0.42 12.05
CA ASN B 243 46.19 -1.37 12.64
C ASN B 243 45.65 -2.34 11.58
N ASP B 244 45.17 -3.47 12.05
CA ASP B 244 44.68 -4.48 11.14
C ASP B 244 43.66 -3.89 10.19
N PHE B 245 42.70 -3.15 10.73
CA PHE B 245 41.65 -2.56 9.90
C PHE B 245 42.25 -1.74 8.76
N ASP B 246 42.98 -0.68 9.10
CA ASP B 246 43.44 0.22 8.05
C ASP B 246 44.23 -0.55 7.00
N ALA B 247 45.02 -1.51 7.45
CA ALA B 247 45.83 -2.32 6.54
C ALA B 247 44.96 -3.17 5.63
N GLU B 248 43.80 -3.62 6.12
CA GLU B 248 42.91 -4.38 5.24
C GLU B 248 42.27 -3.46 4.18
N ILE B 249 41.96 -2.21 4.54
CA ILE B 249 41.44 -1.29 3.52
C ILE B 249 42.45 -1.17 2.40
N HIS B 250 43.68 -0.81 2.74
CA HIS B 250 44.76 -0.76 1.75
C HIS B 250 44.78 -2.00 0.86
N LYS B 251 44.77 -3.20 1.44
CA LYS B 251 44.82 -4.37 0.58
C LYS B 251 43.70 -4.34 -0.45
N ILE B 252 42.49 -3.98 -0.02
CA ILE B 252 41.35 -3.95 -0.94
C ILE B 252 41.60 -2.95 -2.08
N VAL B 253 41.91 -1.70 -1.74
CA VAL B 253 42.21 -0.71 -2.77
C VAL B 253 43.34 -1.21 -3.66
N LYS B 254 44.40 -1.77 -3.07
CA LYS B 254 45.53 -2.22 -3.87
C LYS B 254 45.10 -3.30 -4.85
N GLU B 255 44.30 -4.26 -4.40
CA GLU B 255 43.88 -5.32 -5.30
C GLU B 255 42.92 -4.79 -6.36
N ALA B 256 42.00 -3.91 -5.96
CA ALA B 256 41.14 -3.27 -6.93
C ALA B 256 41.97 -2.58 -7.99
N GLN B 257 42.88 -1.68 -7.58
CA GLN B 257 43.62 -0.93 -8.60
C GLN B 257 44.36 -1.88 -9.54
N GLN B 258 45.05 -2.86 -8.95
CA GLN B 258 45.80 -3.79 -9.76
C GLN B 258 44.90 -4.56 -10.71
N ALA B 259 43.72 -5.00 -10.21
CA ALA B 259 42.82 -5.81 -11.04
C ALA B 259 42.39 -5.03 -12.27
N ALA B 260 42.22 -3.72 -12.09
CA ALA B 260 41.82 -2.86 -13.19
C ALA B 260 42.96 -2.69 -14.20
N MET B 261 44.21 -2.62 -13.76
CA MET B 261 45.31 -2.49 -14.73
C MET B 261 45.62 -3.78 -15.44
N ASP B 262 45.35 -4.91 -14.81
CA ASP B 262 45.48 -6.18 -15.48
C ASP B 262 44.44 -6.33 -16.58
N PHE B 263 43.34 -5.59 -16.49
CA PHE B 263 42.20 -5.77 -17.35
C PHE B 263 42.20 -4.83 -18.55
N ILE B 264 42.84 -3.67 -18.42
CA ILE B 264 42.78 -2.67 -19.46
C ILE B 264 43.59 -3.11 -20.66
N LYS B 265 42.99 -3.05 -21.83
CA LYS B 265 43.63 -3.29 -23.11
C LYS B 265 42.66 -2.79 -24.17
N PRO B 266 43.07 -2.67 -25.42
CA PRO B 266 42.15 -2.09 -26.40
C PRO B 266 40.91 -2.95 -26.53
N GLY B 267 39.76 -2.28 -26.67
CA GLY B 267 38.51 -2.94 -26.96
C GLY B 267 37.61 -3.12 -25.76
N VAL B 268 38.18 -2.99 -24.57
CA VAL B 268 37.43 -2.83 -23.36
C VAL B 268 36.69 -1.49 -23.38
N THR B 269 35.63 -1.38 -22.56
CA THR B 269 34.93 -0.11 -22.44
C THR B 269 35.30 0.59 -21.14
N ALA B 270 35.19 1.92 -21.17
CA ALA B 270 35.44 2.70 -19.97
C ALA B 270 34.61 2.19 -18.80
N HIS B 271 33.31 2.11 -19.00
CA HIS B 271 32.43 1.54 -18.00
C HIS B 271 32.99 0.24 -17.40
N GLU B 272 33.34 -0.72 -18.26
CA GLU B 272 33.89 -2.00 -17.79
C GLU B 272 35.16 -1.82 -16.96
N VAL B 273 36.03 -0.88 -17.35
CA VAL B 273 37.22 -0.61 -16.57
C VAL B 273 36.84 -0.10 -15.19
N ASP B 274 35.92 0.86 -15.12
CA ASP B 274 35.47 1.34 -13.82
C ASP B 274 34.93 0.18 -13.01
N ALA B 275 34.15 -0.69 -13.65
CA ALA B 275 33.48 -1.75 -12.91
C ALA B 275 34.46 -2.79 -12.32
N VAL B 276 35.55 -3.12 -13.01
CA VAL B 276 36.47 -4.12 -12.47
C VAL B 276 36.92 -3.73 -11.06
N ALA B 277 37.34 -2.46 -10.90
CA ALA B 277 37.71 -1.93 -9.60
C ALA B 277 36.49 -1.81 -8.68
N ARG B 278 35.39 -1.27 -9.19
CA ARG B 278 34.29 -0.98 -8.28
C ARG B 278 33.60 -2.26 -7.84
N ASP B 279 33.48 -3.24 -8.73
CA ASP B 279 32.86 -4.49 -8.33
C ASP B 279 33.66 -5.15 -7.23
N LEU B 280 34.98 -4.97 -7.24
CA LEU B 280 35.80 -5.64 -6.27
C LEU B 280 35.65 -5.00 -4.90
N ILE B 281 35.60 -3.68 -4.85
CA ILE B 281 35.42 -2.98 -3.58
C ILE B 281 34.03 -3.22 -2.99
N THR B 282 32.98 -3.28 -3.81
CA THR B 282 31.68 -3.49 -3.19
C THR B 282 31.52 -4.94 -2.80
N LYS B 283 32.14 -5.86 -3.54
CA LYS B 283 32.13 -7.27 -3.15
C LYS B 283 32.77 -7.45 -1.78
N ALA B 284 33.78 -6.65 -1.48
CA ALA B 284 34.45 -6.61 -0.18
C ALA B 284 33.70 -5.82 0.89
N GLY B 285 32.57 -5.20 0.56
CA GLY B 285 31.74 -4.56 1.55
C GLY B 285 31.91 -3.07 1.74
N TYR B 286 32.66 -2.39 0.88
CA TYR B 286 32.95 -0.97 1.09
C TYR B 286 32.45 -0.06 -0.03
N GLY B 287 31.47 -0.53 -0.82
CA GLY B 287 31.02 0.20 -2.01
C GLY B 287 30.51 1.61 -1.75
N GLU B 288 29.89 1.84 -0.60
CA GLU B 288 29.42 3.16 -0.23
C GLU B 288 30.54 4.13 0.07
N TYR B 289 31.78 3.64 0.14
CA TYR B 289 32.91 4.46 0.52
C TYR B 289 33.81 4.77 -0.66
N PHE B 290 33.48 4.25 -1.82
CA PHE B 290 34.16 4.50 -3.08
C PHE B 290 33.21 5.39 -3.87
N ASN B 291 33.35 6.70 -3.70
CA ASN B 291 32.31 7.60 -4.17
C ASN B 291 32.80 8.58 -5.22
N HIS B 292 33.79 8.15 -6.00
CA HIS B 292 34.23 8.91 -7.14
C HIS B 292 34.46 7.91 -8.27
N SER B 293 34.57 8.43 -9.49
CA SER B 293 34.81 7.51 -10.60
C SER B 293 36.23 6.98 -10.55
N LEU B 294 36.48 5.95 -11.36
CA LEU B 294 37.78 5.29 -11.29
C LEU B 294 38.89 6.13 -11.91
N GLY B 295 38.56 6.89 -12.96
CA GLY B 295 39.64 7.54 -13.67
C GLY B 295 39.20 8.69 -14.55
N HIS B 296 40.16 9.58 -14.77
CA HIS B 296 40.10 10.67 -15.72
C HIS B 296 41.20 10.48 -16.78
N GLY B 297 41.00 11.07 -17.96
CA GLY B 297 42.06 11.14 -18.94
C GLY B 297 43.15 12.08 -18.46
N ILE B 298 44.33 11.93 -19.04
CA ILE B 298 45.44 12.81 -18.71
C ILE B 298 46.34 12.94 -19.93
N GLY B 299 47.07 14.04 -19.99
CA GLY B 299 47.95 14.32 -21.11
C GLY B 299 48.60 15.66 -20.89
N MET B 300 48.33 16.64 -21.74
CA MET B 300 48.87 17.98 -21.46
C MET B 300 48.17 18.61 -20.27
N ASP B 301 46.96 18.15 -19.95
CA ASP B 301 46.25 18.56 -18.75
C ASP B 301 46.12 17.36 -17.83
N VAL B 302 46.19 17.61 -16.53
CA VAL B 302 46.01 16.51 -15.59
C VAL B 302 44.57 16.00 -15.56
N HIS B 303 43.59 16.74 -16.08
CA HIS B 303 42.22 16.24 -16.26
C HIS B 303 41.75 16.39 -17.72
N GLU B 304 41.78 15.30 -18.47
CA GLU B 304 41.21 15.26 -19.81
C GLU B 304 40.38 14.01 -19.93
N TYR B 305 40.44 13.39 -21.12
CA TYR B 305 39.65 12.24 -21.49
C TYR B 305 40.55 11.07 -21.85
N PRO B 306 40.05 9.85 -21.82
CA PRO B 306 38.65 9.48 -21.54
C PRO B 306 38.19 9.62 -20.09
N SER B 307 36.88 9.54 -19.89
CA SER B 307 36.26 9.52 -18.58
C SER B 307 35.96 8.07 -18.22
N ILE B 308 36.54 7.58 -17.13
CA ILE B 308 36.37 6.18 -16.74
C ILE B 308 35.27 6.17 -15.67
N VAL B 309 34.03 6.04 -16.14
CA VAL B 309 32.83 6.21 -15.33
C VAL B 309 31.87 5.14 -15.79
N ALA B 310 30.95 4.77 -14.90
CA ALA B 310 29.90 3.86 -15.35
C ALA B 310 29.12 4.45 -16.54
N GLY B 311 28.96 5.75 -16.61
CA GLY B 311 28.25 6.28 -17.76
C GLY B 311 28.69 5.66 -19.09
N ASN B 312 29.99 5.53 -19.28
CA ASN B 312 30.66 5.72 -20.56
C ASN B 312 30.89 4.40 -21.29
N ASP B 313 30.16 4.18 -22.36
CA ASP B 313 30.38 2.96 -23.10
C ASP B 313 31.51 3.07 -24.14
N LEU B 314 32.33 4.13 -24.08
CA LEU B 314 33.44 4.28 -25.00
C LEU B 314 34.39 3.07 -25.00
N VAL B 315 34.69 2.57 -26.21
CA VAL B 315 35.67 1.50 -26.44
C VAL B 315 37.08 2.04 -26.21
N ILE B 316 37.81 1.42 -25.28
CA ILE B 316 39.15 1.90 -24.98
C ILE B 316 40.04 1.59 -26.17
N GLN B 317 40.92 2.53 -26.52
CA GLN B 317 41.80 2.39 -27.70
C GLN B 317 43.27 2.66 -27.36
N GLU B 318 44.14 2.05 -28.17
CA GLU B 318 45.59 2.21 -28.01
C GLU B 318 45.98 3.68 -28.10
N GLY B 319 46.77 4.14 -27.15
CA GLY B 319 47.14 5.54 -27.07
C GLY B 319 46.35 6.37 -26.06
N MET B 320 45.22 5.86 -25.58
CA MET B 320 44.48 6.56 -24.51
C MET B 320 45.25 6.58 -23.20
N CYS B 321 45.17 7.71 -22.51
CA CYS B 321 45.87 7.89 -21.25
C CYS B 321 44.87 8.27 -20.17
N PHE B 322 44.92 7.56 -19.05
CA PHE B 322 44.00 7.87 -17.98
C PHE B 322 44.47 7.32 -16.64
N SER B 323 43.85 7.83 -15.59
CA SER B 323 44.08 7.42 -14.22
C SER B 323 43.33 6.15 -13.91
N ASN B 324 43.85 5.41 -12.95
CA ASN B 324 43.24 4.18 -12.45
C ASN B 324 43.41 4.28 -10.93
N GLU B 325 42.44 4.91 -10.27
CA GLU B 325 42.61 5.40 -8.90
C GLU B 325 41.37 5.13 -8.07
N PRO B 326 41.11 3.87 -7.73
CA PRO B 326 40.08 3.57 -6.74
C PRO B 326 40.52 3.99 -5.36
N GLY B 327 39.56 4.07 -4.46
CA GLY B 327 39.91 4.40 -3.10
C GLY B 327 38.74 4.08 -2.23
N ILE B 328 39.02 4.04 -0.93
CA ILE B 328 38.04 3.78 0.11
C ILE B 328 38.22 4.85 1.17
N TYR B 329 37.18 5.64 1.41
CA TYR B 329 37.24 6.76 2.35
C TYR B 329 36.18 6.53 3.41
N ILE B 330 36.58 6.05 4.58
CA ILE B 330 35.66 5.92 5.70
C ILE B 330 35.80 7.10 6.66
N PRO B 331 34.90 8.08 6.64
CA PRO B 331 35.07 9.26 7.50
C PRO B 331 35.22 8.89 8.96
N GLY B 332 36.08 9.65 9.65
CA GLY B 332 36.44 9.39 11.02
C GLY B 332 37.52 8.35 11.23
N LYS B 333 37.75 7.46 10.25
CA LYS B 333 38.61 6.29 10.45
C LYS B 333 39.83 6.28 9.54
N VAL B 334 39.65 6.17 8.22
CA VAL B 334 40.77 5.86 7.35
C VAL B 334 40.43 6.25 5.91
N GLY B 335 41.44 6.74 5.20
CA GLY B 335 41.31 6.91 3.78
C GLY B 335 42.46 6.35 2.98
N VAL B 336 42.15 5.65 1.89
CA VAL B 336 43.17 5.03 1.06
C VAL B 336 42.82 5.28 -0.41
N ARG B 337 43.74 5.87 -1.14
CA ARG B 337 43.66 5.87 -2.59
C ARG B 337 45.02 5.44 -3.11
N ILE B 338 45.00 4.64 -4.16
CA ILE B 338 46.20 4.24 -4.89
C ILE B 338 45.92 4.56 -6.35
N GLU B 339 46.72 5.49 -6.91
CA GLU B 339 46.45 6.05 -8.24
C GLU B 339 47.65 5.88 -9.17
N ASP B 340 47.43 5.32 -10.35
CA ASP B 340 48.41 5.42 -11.43
C ASP B 340 47.71 5.99 -12.65
N CYS B 341 48.43 6.75 -13.46
CA CYS B 341 47.93 7.05 -14.79
C CYS B 341 48.67 6.09 -15.72
N LEU B 342 47.99 5.66 -16.77
CA LEU B 342 48.49 4.63 -17.67
C LEU B 342 48.30 5.07 -19.11
N TYR B 343 49.02 4.40 -20.01
CA TYR B 343 48.74 4.45 -21.42
C TYR B 343 48.42 3.05 -21.91
N VAL B 344 47.53 3.02 -22.89
CA VAL B 344 47.04 1.78 -23.43
C VAL B 344 47.91 1.39 -24.61
N THR B 345 48.44 0.18 -24.56
CA THR B 345 49.30 -0.35 -25.60
C THR B 345 48.52 -1.32 -26.46
N GLU B 346 49.16 -1.79 -27.53
CA GLU B 346 48.47 -2.71 -28.41
C GLU B 346 47.92 -3.91 -27.65
N ASN B 347 48.61 -4.35 -26.60
CA ASN B 347 48.23 -5.57 -25.93
C ASN B 347 47.79 -5.39 -24.49
N GLY B 348 47.81 -4.16 -23.98
CA GLY B 348 47.29 -3.92 -22.65
C GLY B 348 47.49 -2.48 -22.25
N CYS B 349 48.34 -2.26 -21.28
CA CYS B 349 48.66 -0.90 -20.91
C CYS B 349 49.93 -0.92 -20.08
N GLU B 350 50.53 0.25 -19.91
CA GLU B 350 51.62 0.45 -18.98
C GLU B 350 51.33 1.64 -18.10
N SER B 351 52.00 1.65 -16.95
CA SER B 351 51.88 2.72 -15.98
C SER B 351 52.99 3.75 -16.15
N PHE B 352 52.65 5.01 -15.84
CA PHE B 352 53.59 6.12 -15.81
C PHE B 352 54.34 6.22 -14.50
N THR B 353 53.83 5.60 -13.44
CA THR B 353 54.44 5.67 -12.11
C THR B 353 54.67 4.26 -11.60
N HIS B 354 55.84 4.02 -10.99
CA HIS B 354 56.26 2.67 -10.62
C HIS B 354 56.52 2.48 -9.16
N THR B 355 56.45 3.54 -8.36
CA THR B 355 56.62 3.41 -6.94
C THR B 355 55.80 2.26 -6.41
N ASP B 356 56.39 1.50 -5.48
CA ASP B 356 55.70 0.38 -4.85
C ASP B 356 54.28 0.77 -4.45
N HIS B 357 53.32 -0.12 -4.80
CA HIS B 357 51.94 -0.02 -4.33
C HIS B 357 51.74 -0.65 -2.96
N ASP B 358 52.65 -1.50 -2.53
CA ASP B 358 52.48 -2.19 -1.26
C ASP B 358 52.34 -1.16 -0.15
N LEU B 359 51.67 -1.59 0.92
CA LEU B 359 51.53 -0.81 2.14
C LEU B 359 52.89 -0.77 2.89
N LEU B 360 53.73 0.21 2.57
CA LEU B 360 55.04 0.32 3.17
C LEU B 360 54.98 1.03 4.52
N ILE B 361 55.87 0.60 5.42
CA ILE B 361 55.99 1.16 6.74
C ILE B 361 57.20 2.09 6.77
N PHE B 362 57.03 3.29 7.31
CA PHE B 362 58.14 4.21 7.48
C PHE B 362 58.33 4.72 8.92
N MET C 1 31.74 -10.63 -41.12
CA MET C 1 31.09 -11.22 -39.96
C MET C 1 30.99 -12.76 -40.09
N SER C 2 31.98 -13.45 -39.52
CA SER C 2 32.03 -14.92 -39.42
C SER C 2 31.70 -15.32 -37.99
N LYS C 3 30.42 -15.19 -37.62
CA LYS C 3 30.05 -15.05 -36.21
C LYS C 3 30.60 -16.21 -35.36
N ILE C 4 30.46 -17.45 -35.84
CA ILE C 4 30.94 -18.58 -35.04
C ILE C 4 32.45 -18.54 -34.93
N GLU C 5 33.14 -18.37 -36.06
CA GLU C 5 34.60 -18.36 -36.04
C GLU C 5 35.13 -17.25 -35.15
N ARG C 6 34.33 -16.23 -34.85
CA ARG C 6 34.75 -15.21 -33.89
C ARG C 6 34.58 -15.68 -32.45
N ILE C 7 33.58 -16.52 -32.19
CA ILE C 7 33.39 -17.02 -30.84
C ILE C 7 34.46 -18.03 -30.47
N SER C 8 34.87 -18.88 -31.42
CA SER C 8 35.96 -19.81 -31.15
C SER C 8 37.27 -19.07 -30.96
N ALA C 9 37.49 -18.00 -31.72
CA ALA C 9 38.69 -17.20 -31.50
C ALA C 9 38.74 -16.71 -30.07
N PHE C 10 37.59 -16.25 -29.54
CA PHE C 10 37.49 -15.90 -28.13
C PHE C 10 37.72 -17.10 -27.22
N LEU C 11 37.24 -18.28 -27.60
CA LEU C 11 37.54 -19.46 -26.80
C LEU C 11 39.04 -19.78 -26.81
N ASN C 12 39.70 -19.55 -27.94
CA ASN C 12 41.13 -19.84 -28.03
C ASN C 12 41.92 -18.80 -27.24
N ASP C 13 41.64 -17.53 -27.46
CA ASP C 13 41.95 -16.56 -26.44
C ASP C 13 41.28 -17.06 -25.16
N LYS C 14 41.64 -16.47 -24.02
CA LYS C 14 40.80 -16.71 -22.86
C LYS C 14 40.86 -18.15 -22.36
N GLU C 15 41.24 -19.08 -23.23
CA GLU C 15 41.38 -20.50 -22.87
C GLU C 15 40.13 -21.00 -22.17
N VAL C 16 39.11 -21.24 -22.99
CA VAL C 16 37.82 -21.74 -22.57
C VAL C 16 37.45 -22.85 -23.54
N ASP C 17 36.86 -23.92 -23.02
CA ASP C 17 36.80 -25.16 -23.78
C ASP C 17 35.65 -25.17 -24.78
N MET C 18 34.46 -24.80 -24.35
CA MET C 18 33.28 -24.82 -25.19
C MET C 18 32.34 -23.69 -24.74
N THR C 19 31.24 -23.53 -25.47
CA THR C 19 30.12 -22.69 -25.03
C THR C 19 28.94 -23.60 -24.72
N PHE C 20 27.95 -23.06 -24.01
CA PHE C 20 26.63 -23.71 -23.97
C PHE C 20 25.57 -22.63 -24.03
N ILE C 21 25.31 -22.18 -25.26
CA ILE C 21 24.52 -20.98 -25.49
C ILE C 21 23.03 -21.33 -25.39
N THR C 22 22.31 -20.58 -24.58
CA THR C 22 20.98 -20.99 -24.16
C THR C 22 19.88 -20.00 -24.49
N ASN C 23 20.20 -18.76 -24.80
CA ASN C 23 19.17 -17.80 -25.08
C ASN C 23 18.61 -18.03 -26.47
N PRO C 24 17.30 -18.26 -26.59
CA PRO C 24 16.69 -18.40 -27.92
C PRO C 24 17.05 -17.27 -28.87
N THR C 25 17.21 -16.05 -28.37
CA THR C 25 17.63 -14.96 -29.24
C THR C 25 19.06 -15.19 -29.73
N THR C 26 19.94 -15.66 -28.86
CA THR C 26 21.32 -15.89 -29.27
C THR C 26 21.44 -17.05 -30.27
N LEU C 27 20.64 -18.10 -30.07
CA LEU C 27 20.74 -19.24 -30.99
C LEU C 27 20.20 -18.88 -32.36
N ASN C 28 19.04 -18.24 -32.39
CA ASN C 28 18.54 -17.63 -33.63
C ASN C 28 19.60 -16.75 -34.25
N TYR C 29 20.19 -15.84 -33.46
CA TYR C 29 21.19 -14.93 -34.00
C TYR C 29 22.36 -15.66 -34.65
N LEU C 30 22.76 -16.81 -34.09
CA LEU C 30 23.99 -17.47 -34.49
C LEU C 30 23.79 -18.66 -35.43
N THR C 31 22.56 -19.15 -35.57
CA THR C 31 22.29 -20.33 -36.37
C THR C 31 21.31 -20.09 -37.50
N GLY C 32 20.61 -18.97 -37.51
CA GLY C 32 19.56 -18.73 -38.46
C GLY C 32 18.22 -19.29 -38.03
N LEU C 33 18.24 -20.30 -37.15
CA LEU C 33 17.03 -20.96 -36.69
C LEU C 33 16.54 -20.33 -35.40
N ALA C 34 15.25 -19.98 -35.38
CA ALA C 34 14.60 -19.40 -34.21
C ALA C 34 14.00 -20.52 -33.37
N ILE C 35 14.81 -21.11 -32.51
CA ILE C 35 14.40 -22.28 -31.72
C ILE C 35 14.15 -21.86 -30.28
N ASP C 36 12.92 -22.06 -29.81
CA ASP C 36 12.68 -21.96 -28.36
C ASP C 36 12.22 -23.29 -27.81
N PRO C 37 13.04 -23.98 -27.03
CA PRO C 37 12.59 -25.21 -26.39
C PRO C 37 11.77 -24.96 -25.15
N HIS C 38 11.42 -23.71 -24.86
CA HIS C 38 10.64 -23.40 -23.67
C HIS C 38 11.23 -24.08 -22.44
N GLU C 39 10.49 -24.94 -21.77
CA GLU C 39 11.10 -25.54 -20.60
C GLU C 39 11.86 -26.83 -20.91
N ARG C 40 12.01 -27.18 -22.19
CA ARG C 40 12.96 -28.19 -22.57
C ARG C 40 14.34 -27.56 -22.77
N ILE C 41 15.33 -28.38 -23.10
CA ILE C 41 16.73 -27.95 -23.15
C ILE C 41 17.21 -27.86 -24.59
N ALA C 42 17.99 -26.82 -24.87
CA ALA C 42 18.67 -26.69 -26.16
C ALA C 42 19.93 -25.87 -25.91
N GLY C 43 20.88 -25.98 -26.83
CA GLY C 43 22.21 -25.41 -26.59
C GLY C 43 23.18 -25.45 -27.76
N LEU C 44 23.79 -24.32 -28.05
CA LEU C 44 24.82 -24.23 -29.08
C LEU C 44 26.19 -24.27 -28.42
N MET C 45 27.04 -25.21 -28.87
CA MET C 45 28.37 -25.43 -28.29
C MET C 45 29.47 -25.19 -29.32
N ILE C 46 30.13 -24.06 -29.24
CA ILE C 46 31.27 -23.76 -30.11
C ILE C 46 32.56 -24.14 -29.37
N PHE C 47 33.55 -24.62 -30.12
CA PHE C 47 34.78 -25.16 -29.52
C PHE C 47 36.00 -24.39 -29.99
N ARG C 48 37.16 -24.77 -29.45
CA ARG C 48 38.40 -24.13 -29.86
C ARG C 48 38.87 -24.64 -31.22
N ASP C 49 38.96 -25.96 -31.38
CA ASP C 49 39.37 -26.59 -32.65
C ASP C 49 38.61 -27.89 -32.87
N SER C 50 37.30 -27.85 -32.65
CA SER C 50 36.41 -28.94 -33.02
C SER C 50 35.18 -28.32 -33.67
N THR C 51 34.52 -29.06 -34.56
CA THR C 51 33.41 -28.46 -35.30
C THR C 51 32.20 -28.30 -34.38
N PRO C 52 31.34 -27.31 -34.64
CA PRO C 52 30.32 -26.90 -33.66
C PRO C 52 29.10 -27.79 -33.62
N MET C 53 28.51 -27.87 -32.42
CA MET C 53 27.38 -28.76 -32.16
C MET C 53 26.16 -27.98 -31.62
N LEU C 54 24.99 -28.30 -32.17
CA LEU C 54 23.72 -27.69 -31.75
C LEU C 54 22.79 -28.77 -31.16
N PHE C 55 22.79 -28.88 -29.85
CA PHE C 55 21.97 -29.86 -29.12
C PHE C 55 20.56 -29.34 -28.92
N THR C 56 19.57 -30.09 -29.37
CA THR C 56 18.17 -29.68 -29.31
C THR C 56 17.26 -30.78 -28.77
N PRO C 57 16.04 -30.43 -28.36
CA PRO C 57 15.05 -31.46 -28.03
C PRO C 57 14.78 -32.33 -29.23
N ALA C 58 14.48 -33.60 -28.96
CA ALA C 58 14.37 -34.60 -30.02
C ALA C 58 13.49 -34.12 -31.17
N LEU C 59 12.35 -33.49 -30.86
CA LEU C 59 11.40 -33.10 -31.89
C LEU C 59 12.03 -32.17 -32.93
N GLU C 60 12.93 -31.28 -32.50
CA GLU C 60 13.46 -30.19 -33.34
C GLU C 60 14.70 -30.58 -34.14
N VAL C 61 15.23 -31.79 -33.97
CA VAL C 61 16.56 -32.11 -34.49
C VAL C 61 16.58 -32.07 -36.02
N GLU C 62 15.52 -32.52 -36.68
CA GLU C 62 15.61 -32.63 -38.13
C GLU C 62 15.33 -31.32 -38.83
N LYS C 63 14.62 -30.38 -38.19
CA LYS C 63 14.53 -29.03 -38.73
C LYS C 63 15.86 -28.30 -38.64
N ALA C 64 16.64 -28.57 -37.61
CA ALA C 64 17.99 -28.03 -37.49
C ALA C 64 18.83 -28.35 -38.72
N LYS C 65 18.68 -29.56 -39.30
CA LYS C 65 19.52 -29.95 -40.42
C LYS C 65 19.10 -29.27 -41.71
N GLU C 66 17.80 -29.20 -41.96
CA GLU C 66 17.24 -28.29 -42.96
C GLU C 66 17.29 -26.87 -42.38
N HIS C 67 16.33 -26.03 -42.73
CA HIS C 67 16.31 -24.67 -42.18
C HIS C 67 17.70 -24.06 -42.16
N THR C 68 18.59 -24.57 -43.01
CA THR C 68 20.01 -24.27 -43.01
C THR C 68 20.63 -24.45 -41.63
N SER C 69 21.91 -24.83 -41.63
CA SER C 69 22.69 -25.08 -40.44
C SER C 69 23.94 -25.83 -40.90
N GLY C 70 23.77 -27.14 -41.08
CA GLY C 70 24.81 -27.98 -41.63
C GLY C 70 25.93 -28.31 -40.69
N LEU C 71 25.73 -28.11 -39.37
CA LEU C 71 26.85 -28.25 -38.44
C LEU C 71 26.39 -29.00 -37.18
N ASP C 72 26.61 -30.31 -37.20
CA ASP C 72 26.41 -31.28 -36.13
C ASP C 72 24.93 -31.57 -35.87
N ILE C 73 24.46 -31.29 -34.65
CA ILE C 73 23.05 -31.45 -34.28
C ILE C 73 22.78 -32.86 -33.77
N PHE C 74 22.61 -32.99 -32.47
CA PHE C 74 22.05 -34.17 -31.87
C PHE C 74 21.02 -33.73 -30.85
N GLY C 75 20.03 -34.60 -30.58
CA GLY C 75 18.99 -34.33 -29.63
C GLY C 75 19.07 -35.19 -28.38
N TYR C 76 18.07 -35.02 -27.51
CA TYR C 76 17.82 -35.91 -26.40
C TYR C 76 16.34 -36.25 -26.36
N GLU C 77 16.03 -37.39 -25.75
CA GLU C 77 14.67 -37.91 -25.71
C GLU C 77 14.07 -37.64 -24.35
N ASP C 78 12.76 -37.38 -24.31
CA ASP C 78 12.12 -36.99 -23.05
C ASP C 78 12.49 -37.94 -21.91
N SER C 79 12.75 -39.20 -22.25
CA SER C 79 13.22 -40.16 -21.26
C SER C 79 14.66 -39.90 -20.84
N GLN C 80 15.52 -39.50 -21.79
CA GLN C 80 16.94 -39.37 -21.53
C GLN C 80 17.25 -38.19 -20.60
N ASN C 81 18.38 -38.29 -19.89
CA ASN C 81 18.95 -37.14 -19.23
C ASN C 81 19.76 -36.35 -20.24
N PRO C 82 19.35 -35.11 -20.55
CA PRO C 82 20.02 -34.39 -21.65
C PRO C 82 21.46 -34.00 -21.32
N TRP C 83 21.70 -33.53 -20.10
CA TRP C 83 23.06 -33.28 -19.68
C TRP C 83 23.92 -34.54 -19.83
N GLU C 84 23.33 -35.71 -19.68
CA GLU C 84 24.07 -36.93 -19.97
C GLU C 84 24.35 -37.04 -21.47
N VAL C 85 23.33 -36.81 -22.31
CA VAL C 85 23.55 -36.87 -23.74
C VAL C 85 24.71 -35.98 -24.13
N VAL C 86 24.72 -34.75 -23.60
CA VAL C 86 25.75 -33.79 -23.96
C VAL C 86 27.12 -34.34 -23.58
N LYS C 87 27.25 -34.86 -22.36
CA LYS C 87 28.50 -35.46 -21.91
C LYS C 87 28.94 -36.56 -22.85
N ASN C 88 28.00 -37.44 -23.23
CA ASN C 88 28.34 -38.56 -24.09
C ASN C 88 28.86 -38.08 -25.44
N HIS C 89 28.32 -36.95 -25.94
CA HIS C 89 28.65 -36.50 -27.28
C HIS C 89 29.90 -35.65 -27.34
N VAL C 90 30.48 -35.29 -26.19
CA VAL C 90 31.87 -34.87 -26.16
C VAL C 90 32.41 -35.17 -24.76
N LYS C 91 32.88 -36.40 -24.55
CA LYS C 91 33.59 -36.76 -23.33
C LYS C 91 35.05 -36.31 -23.37
N SER C 92 35.38 -35.40 -24.29
CA SER C 92 36.73 -34.88 -24.42
C SER C 92 36.62 -33.43 -24.88
N ASP C 93 36.81 -32.46 -23.97
CA ASP C 93 36.88 -32.63 -22.51
C ASP C 93 37.07 -31.25 -21.87
N VAL C 94 36.36 -31.00 -20.76
CA VAL C 94 36.00 -29.65 -20.35
C VAL C 94 36.27 -29.43 -18.88
N LYS C 95 36.84 -28.26 -18.56
CA LYS C 95 36.74 -27.65 -17.24
C LYS C 95 36.05 -26.31 -17.25
N SER C 96 36.05 -25.58 -18.37
CA SER C 96 35.45 -24.26 -18.49
C SER C 96 34.43 -24.24 -19.64
N ILE C 97 33.27 -23.61 -19.39
CA ILE C 97 32.21 -23.40 -20.38
C ILE C 97 31.82 -21.92 -20.42
N ALA C 98 31.61 -21.40 -21.64
CA ALA C 98 31.14 -20.04 -21.86
C ALA C 98 29.61 -20.07 -21.93
N VAL C 99 28.97 -19.32 -21.03
CA VAL C 99 27.51 -19.35 -20.90
C VAL C 99 26.98 -17.92 -20.77
N GLU C 100 25.66 -17.80 -20.94
CA GLU C 100 25.01 -16.48 -20.98
C GLU C 100 24.49 -16.19 -19.59
N PHE C 101 25.23 -15.37 -18.85
CA PHE C 101 25.04 -15.31 -17.40
C PHE C 101 23.64 -14.84 -17.02
N SER C 102 23.12 -13.84 -17.73
CA SER C 102 21.78 -13.32 -17.43
C SER C 102 20.68 -14.28 -17.85
N ASP C 103 21.02 -15.43 -18.41
CA ASP C 103 20.01 -16.29 -19.03
C ASP C 103 19.95 -17.69 -18.44
N ILE C 104 21.08 -18.28 -18.08
CA ILE C 104 21.09 -19.72 -17.86
C ILE C 104 20.65 -20.06 -16.44
N PRO C 105 19.50 -20.70 -16.26
CA PRO C 105 19.00 -21.02 -14.93
C PRO C 105 19.93 -21.94 -14.17
N LEU C 106 19.62 -22.13 -12.89
CA LEU C 106 20.48 -22.92 -12.02
C LEU C 106 20.38 -24.40 -12.34
N ALA C 107 19.18 -24.88 -12.70
CA ALA C 107 19.10 -26.30 -13.07
C ALA C 107 20.02 -26.62 -14.23
N LYS C 108 20.31 -25.65 -15.09
CA LYS C 108 21.12 -25.95 -16.25
C LYS C 108 22.62 -25.78 -15.97
N THR C 109 22.98 -24.80 -15.13
CA THR C 109 24.29 -24.75 -14.48
C THR C 109 24.63 -26.08 -13.81
N GLU C 110 23.75 -26.56 -12.91
CA GLU C 110 23.98 -27.80 -12.16
C GLU C 110 24.00 -29.02 -13.08
N GLY C 111 23.08 -29.07 -14.04
CA GLY C 111 23.08 -30.18 -14.97
C GLY C 111 24.40 -30.31 -15.70
N LEU C 112 25.00 -29.19 -16.09
CA LEU C 112 26.29 -29.25 -16.76
C LEU C 112 27.40 -29.64 -15.78
N LYS C 113 27.35 -29.11 -14.56
CA LYS C 113 28.30 -29.50 -13.52
C LYS C 113 28.15 -30.99 -13.20
N ALA C 114 26.93 -31.45 -12.98
CA ALA C 114 26.65 -32.85 -12.66
C ALA C 114 27.11 -33.82 -13.75
N GLN C 115 27.73 -33.33 -14.82
CA GLN C 115 28.24 -34.21 -15.86
C GLN C 115 29.64 -33.85 -16.34
N PHE C 116 30.18 -32.70 -15.97
CA PHE C 116 31.50 -32.25 -16.41
C PHE C 116 32.43 -31.90 -15.26
N GLY C 117 31.92 -31.77 -14.03
CA GLY C 117 32.77 -31.48 -12.88
C GLY C 117 32.70 -30.03 -12.47
N ASP C 118 33.52 -29.68 -11.48
CA ASP C 118 33.51 -28.31 -10.96
C ASP C 118 34.06 -27.37 -12.01
N ILE C 119 33.16 -26.72 -12.73
CA ILE C 119 33.50 -26.03 -13.98
C ILE C 119 33.57 -24.53 -13.77
N ASN C 120 34.62 -23.93 -14.35
CA ASN C 120 34.71 -22.47 -14.46
C ASN C 120 33.71 -22.03 -15.53
N PHE C 121 32.77 -21.17 -15.14
CA PHE C 121 31.82 -20.59 -16.07
C PHE C 121 32.31 -19.21 -16.46
N VAL C 122 32.15 -18.89 -17.74
CA VAL C 122 32.55 -17.62 -18.27
C VAL C 122 31.38 -16.97 -18.99
N ASN C 123 31.32 -15.65 -18.89
CA ASN C 123 30.22 -14.89 -19.46
C ASN C 123 30.45 -14.67 -20.96
N LEU C 124 29.62 -15.29 -21.79
CA LEU C 124 29.68 -15.03 -23.22
C LEU C 124 29.00 -13.70 -23.59
N THR C 125 28.16 -13.16 -22.70
CA THR C 125 27.19 -12.13 -23.06
C THR C 125 27.87 -10.82 -23.45
N PRO C 126 28.99 -10.44 -22.84
CA PRO C 126 29.67 -9.24 -23.38
C PRO C 126 30.18 -9.43 -24.80
N LEU C 127 30.73 -10.60 -25.15
CA LEU C 127 31.07 -10.81 -26.55
C LEU C 127 29.83 -10.81 -27.42
N ILE C 128 28.74 -11.46 -26.98
CA ILE C 128 27.56 -11.52 -27.83
C ILE C 128 27.06 -10.11 -28.13
N GLU C 129 26.93 -9.29 -27.08
CA GLU C 129 26.41 -7.94 -27.27
C GLU C 129 27.33 -7.12 -28.16
N ARG C 130 28.64 -7.26 -27.96
CA ARG C 130 29.56 -6.54 -28.83
C ARG C 130 29.29 -6.89 -30.29
N MET C 131 28.90 -8.14 -30.55
CA MET C 131 28.68 -8.59 -31.92
C MET C 131 27.39 -8.02 -32.47
N ARG C 132 26.33 -8.03 -31.65
CA ARG C 132 25.04 -7.49 -32.05
C ARG C 132 25.08 -5.98 -32.21
N LEU C 133 26.08 -5.33 -31.62
CA LEU C 133 26.14 -3.87 -31.68
C LEU C 133 26.20 -3.37 -33.11
N ILE C 134 26.86 -4.11 -34.01
CA ILE C 134 27.04 -3.73 -35.41
C ILE C 134 26.23 -4.70 -36.25
N LYS C 135 25.33 -4.18 -37.05
CA LYS C 135 24.41 -5.02 -37.79
C LYS C 135 24.93 -5.26 -39.20
N SER C 136 24.69 -6.47 -39.69
CA SER C 136 25.05 -6.83 -41.05
C SER C 136 24.11 -6.16 -42.05
N ALA C 137 24.50 -6.24 -43.32
CA ALA C 137 23.62 -5.81 -44.40
C ALA C 137 22.28 -6.54 -44.33
N ASP C 138 22.28 -7.77 -43.86
CA ASP C 138 21.06 -8.54 -43.90
C ASP C 138 20.26 -8.38 -42.62
N GLU C 139 20.89 -8.03 -41.52
CA GLU C 139 20.09 -7.59 -40.39
C GLU C 139 19.41 -6.26 -40.70
N ILE C 140 20.10 -5.39 -41.46
CA ILE C 140 19.47 -4.13 -41.80
C ILE C 140 18.24 -4.37 -42.66
N GLU C 141 18.35 -5.28 -43.63
CA GLU C 141 17.20 -5.56 -44.48
C GLU C 141 16.00 -6.05 -43.67
N LYS C 142 16.21 -7.08 -42.84
CA LYS C 142 15.11 -7.55 -42.00
C LYS C 142 14.57 -6.45 -41.11
N MET C 143 15.40 -5.48 -40.76
CA MET C 143 14.88 -4.40 -39.92
C MET C 143 14.07 -3.38 -40.73
N LYS C 144 14.45 -3.15 -41.99
CA LYS C 144 13.63 -2.38 -42.91
C LYS C 144 12.23 -2.96 -43.03
N VAL C 145 12.11 -4.28 -43.04
CA VAL C 145 10.80 -4.90 -43.24
C VAL C 145 9.90 -4.64 -42.04
N ALA C 146 10.44 -4.77 -40.83
CA ALA C 146 9.65 -4.40 -39.66
C ALA C 146 9.32 -2.92 -39.68
N GLY C 147 10.27 -2.09 -40.13
CA GLY C 147 9.98 -0.68 -40.29
C GLY C 147 8.86 -0.48 -41.28
N ASP C 148 8.96 -1.12 -42.45
CA ASP C 148 7.85 -1.07 -43.39
C ASP C 148 6.54 -1.50 -42.72
N PHE C 149 6.58 -2.49 -41.80
CA PHE C 149 5.35 -2.86 -41.11
C PHE C 149 4.89 -1.77 -40.16
N ALA C 150 5.82 -1.16 -39.43
CA ALA C 150 5.40 -0.12 -38.50
C ALA C 150 4.71 1.01 -39.25
N ASP C 151 5.19 1.33 -40.46
CA ASP C 151 4.63 2.43 -41.24
C ASP C 151 3.18 2.13 -41.60
N LYS C 152 2.92 0.94 -42.15
CA LYS C 152 1.55 0.51 -42.45
C LYS C 152 0.67 0.58 -41.21
N CYS C 153 1.23 0.35 -40.03
CA CYS C 153 0.47 0.50 -38.79
C CYS C 153 0.06 1.96 -38.57
N PHE C 154 0.92 2.92 -38.96
CA PHE C 154 0.56 4.33 -38.78
C PHE C 154 -0.63 4.72 -39.64
N GLU C 155 -0.66 4.30 -40.91
CA GLU C 155 -1.87 4.51 -41.69
C GLU C 155 -3.09 3.95 -40.98
N ILE C 156 -3.04 2.66 -40.63
CA ILE C 156 -4.18 1.98 -40.02
C ILE C 156 -4.65 2.70 -38.77
N GLY C 157 -3.73 3.26 -38.00
CA GLY C 157 -4.12 3.93 -36.77
C GLY C 157 -4.54 5.37 -36.98
N PHE C 158 -3.87 6.09 -37.89
CA PHE C 158 -4.32 7.43 -38.25
C PHE C 158 -5.74 7.37 -38.75
N ALA C 159 -6.00 6.46 -39.70
CA ALA C 159 -7.33 6.32 -40.29
C ALA C 159 -8.37 5.80 -39.31
N THR C 160 -7.97 4.93 -38.37
CA THR C 160 -8.93 4.38 -37.42
C THR C 160 -9.36 5.45 -36.42
N ALA C 161 -8.42 6.28 -35.95
CA ALA C 161 -8.79 7.39 -35.07
C ALA C 161 -9.62 8.44 -35.79
N ALA C 162 -9.48 8.54 -37.11
CA ALA C 162 -10.16 9.57 -37.91
C ALA C 162 -11.64 9.26 -38.08
N GLU C 163 -12.01 7.96 -38.04
CA GLU C 163 -13.43 7.64 -38.06
C GLU C 163 -14.13 8.13 -36.81
N ARG C 164 -13.39 8.63 -35.83
CA ARG C 164 -14.02 9.09 -34.61
C ARG C 164 -15.17 8.15 -34.27
N ASN C 165 -16.34 8.69 -33.92
CA ASN C 165 -17.50 7.86 -33.63
C ASN C 165 -17.33 7.17 -32.27
N GLY C 166 -16.98 7.96 -31.27
CA GLY C 166 -16.64 7.45 -29.96
C GLY C 166 -15.51 6.42 -29.89
N VAL C 167 -14.59 6.41 -30.86
CA VAL C 167 -13.52 5.43 -30.83
C VAL C 167 -12.61 5.72 -29.64
N THR C 168 -11.97 4.68 -29.12
CA THR C 168 -11.06 4.77 -27.98
C THR C 168 -9.63 4.45 -28.38
N GLU C 169 -8.70 4.89 -27.53
CA GLU C 169 -7.30 4.51 -27.69
C GLU C 169 -7.16 3.00 -27.89
N SER C 170 -7.84 2.21 -27.05
CA SER C 170 -7.74 0.74 -27.09
C SER C 170 -8.23 0.18 -28.42
N ASP C 171 -9.35 0.73 -28.93
CA ASP C 171 -9.83 0.31 -30.25
C ASP C 171 -8.76 0.53 -31.29
N ILE C 172 -7.98 1.62 -31.16
CA ILE C 172 -6.93 1.93 -32.11
C ILE C 172 -5.83 0.88 -32.02
N VAL C 173 -5.32 0.65 -30.81
CA VAL C 173 -4.40 -0.46 -30.61
C VAL C 173 -4.99 -1.73 -31.18
N ALA C 174 -6.19 -2.09 -30.72
CA ALA C 174 -6.69 -3.40 -31.07
C ALA C 174 -6.82 -3.52 -32.58
N LYS C 175 -7.19 -2.44 -33.24
CA LYS C 175 -7.27 -2.45 -34.70
C LYS C 175 -5.89 -2.57 -35.32
N ILE C 176 -4.90 -1.87 -34.75
CA ILE C 176 -3.56 -1.94 -35.31
C ILE C 176 -3.07 -3.38 -35.29
N GLU C 177 -3.05 -3.99 -34.11
CA GLU C 177 -2.56 -5.37 -34.03
C GLU C 177 -3.45 -6.34 -34.80
N TYR C 178 -4.78 -6.12 -34.79
CA TYR C 178 -5.65 -6.88 -35.67
C TYR C 178 -5.07 -6.97 -37.09
N GLU C 179 -4.89 -5.81 -37.73
CA GLU C 179 -4.38 -5.80 -39.10
C GLU C 179 -3.00 -6.41 -39.17
N MET C 180 -2.21 -6.24 -38.12
CA MET C 180 -0.87 -6.80 -38.15
C MET C 180 -0.95 -8.31 -38.09
N LYS C 181 -1.78 -8.82 -37.18
CA LYS C 181 -1.99 -10.26 -37.12
C LYS C 181 -2.40 -10.79 -38.48
N ARG C 182 -3.34 -10.11 -39.13
CA ARG C 182 -3.86 -10.53 -40.45
C ARG C 182 -2.83 -10.41 -41.58
N MET C 183 -1.72 -9.71 -41.39
CA MET C 183 -0.70 -9.63 -42.43
C MET C 183 0.40 -10.65 -42.24
N GLY C 184 0.20 -11.60 -41.32
CA GLY C 184 1.22 -12.57 -41.01
C GLY C 184 2.24 -12.07 -40.02
N VAL C 185 1.98 -10.96 -39.35
CA VAL C 185 2.90 -10.39 -38.39
C VAL C 185 2.58 -10.97 -37.02
N PRO C 186 3.47 -11.71 -36.42
CA PRO C 186 3.11 -12.46 -35.22
C PRO C 186 2.69 -11.53 -34.10
N GLN C 187 3.66 -10.71 -33.71
CA GLN C 187 3.58 -9.99 -32.46
C GLN C 187 4.24 -8.62 -32.61
N MET C 188 3.82 -7.71 -31.75
CA MET C 188 4.41 -6.40 -31.67
C MET C 188 5.75 -6.48 -30.95
N SER C 189 6.55 -5.44 -31.15
CA SER C 189 7.80 -5.26 -30.42
C SER C 189 7.59 -4.91 -28.96
N PHE C 190 6.44 -4.36 -28.60
CA PHE C 190 6.18 -3.89 -27.24
C PHE C 190 4.74 -3.38 -27.23
N ASP C 191 4.26 -3.05 -26.05
CA ASP C 191 2.86 -2.64 -25.93
C ASP C 191 2.54 -1.37 -26.69
N THR C 192 1.88 -1.51 -27.85
CA THR C 192 1.41 -0.37 -28.61
C THR C 192 0.81 0.71 -27.72
N LEU C 193 1.24 1.96 -27.92
CA LEU C 193 0.76 3.12 -27.18
C LEU C 193 -0.01 4.07 -28.09
N VAL C 194 -1.29 4.28 -27.79
CA VAL C 194 -2.09 5.38 -28.33
C VAL C 194 -2.50 6.23 -27.14
N LEU C 195 -2.21 7.52 -27.20
CA LEU C 195 -2.53 8.38 -26.07
C LEU C 195 -3.00 9.73 -26.59
N SER C 196 -4.06 10.24 -25.99
CA SER C 196 -4.77 11.40 -26.48
C SER C 196 -4.49 12.61 -25.60
N GLY C 197 -4.41 13.78 -26.23
CA GLY C 197 -4.16 15.02 -25.52
C GLY C 197 -3.16 14.92 -24.38
N ALA C 198 -3.59 15.30 -23.17
CA ALA C 198 -2.63 15.35 -22.06
C ALA C 198 -2.26 13.96 -21.54
N ARG C 199 -3.09 12.97 -21.77
CA ARG C 199 -2.75 11.59 -21.46
C ARG C 199 -1.42 11.17 -22.10
N ALA C 200 -0.94 11.95 -23.06
CA ALA C 200 0.35 11.67 -23.68
C ALA C 200 1.50 12.37 -22.99
N ALA C 201 1.22 13.23 -22.01
CA ALA C 201 2.30 13.86 -21.27
C ALA C 201 2.74 13.02 -20.08
N ASN C 202 1.99 11.96 -19.77
CA ASN C 202 2.32 11.03 -18.70
C ASN C 202 3.16 9.93 -19.31
N PRO C 203 4.47 9.93 -19.07
CA PRO C 203 5.35 8.97 -19.76
C PRO C 203 5.14 7.53 -19.30
N HIS C 204 4.22 7.26 -18.37
CA HIS C 204 3.84 5.90 -18.01
C HIS C 204 2.38 5.60 -18.34
N GLY C 205 1.75 6.40 -19.21
CA GLY C 205 0.35 6.19 -19.54
C GLY C 205 0.15 5.01 -20.47
N ALA C 206 -1.07 4.48 -20.49
CA ALA C 206 -1.35 3.34 -21.36
C ALA C 206 -2.67 3.54 -22.09
N PRO C 207 -2.80 2.98 -23.30
CA PRO C 207 -4.08 3.04 -24.00
C PRO C 207 -5.20 2.48 -23.13
N GLU C 208 -5.98 3.39 -22.54
CA GLU C 208 -7.20 3.03 -21.83
C GLU C 208 -8.36 2.97 -22.82
N ASN C 209 -9.53 2.56 -22.33
CA ASN C 209 -10.74 2.47 -23.16
C ASN C 209 -11.57 3.75 -23.02
N VAL C 210 -10.93 4.87 -23.35
CA VAL C 210 -11.55 6.19 -23.29
C VAL C 210 -11.50 6.82 -24.66
N GLU C 211 -12.42 7.77 -24.87
CA GLU C 211 -12.57 8.42 -26.16
C GLU C 211 -11.38 9.33 -26.45
N ILE C 212 -10.82 9.21 -27.66
CA ILE C 212 -9.77 10.13 -28.10
C ILE C 212 -10.37 11.52 -28.27
N GLN C 213 -9.69 12.53 -27.71
CA GLN C 213 -10.27 13.86 -27.60
C GLN C 213 -10.10 14.72 -28.86
N GLU C 214 -11.13 15.49 -29.16
CA GLU C 214 -11.11 16.40 -30.31
C GLU C 214 -10.23 17.62 -30.01
N ASN C 215 -9.46 18.01 -31.02
CA ASN C 215 -8.67 19.25 -31.00
C ASN C 215 -7.52 19.17 -30.05
N LYS C 216 -7.02 17.95 -29.90
CA LYS C 216 -5.87 17.65 -29.08
C LYS C 216 -5.04 16.66 -29.88
N LEU C 217 -3.75 16.55 -29.52
CA LEU C 217 -2.85 15.69 -30.29
C LEU C 217 -3.02 14.21 -29.88
N LEU C 218 -2.45 13.31 -30.67
CA LEU C 218 -2.61 11.87 -30.46
C LEU C 218 -1.28 11.19 -30.76
N LEU C 219 -0.65 10.65 -29.72
CA LEU C 219 0.66 10.03 -29.82
C LEU C 219 0.51 8.54 -30.12
N PHE C 220 1.24 8.08 -31.14
CA PHE C 220 1.26 6.70 -31.62
C PHE C 220 2.65 6.13 -31.44
N ASP C 221 2.77 5.09 -30.63
CA ASP C 221 4.07 4.46 -30.42
C ASP C 221 3.91 2.97 -30.58
N LEU C 222 4.56 2.40 -31.60
CA LEU C 222 4.24 1.06 -32.02
C LEU C 222 5.43 0.42 -32.73
N GLY C 223 5.39 -0.91 -32.79
CA GLY C 223 6.51 -1.65 -33.32
C GLY C 223 6.15 -3.09 -33.56
N VAL C 224 6.92 -3.70 -34.42
CA VAL C 224 6.63 -5.02 -34.95
C VAL C 224 7.85 -5.92 -34.83
N MET C 225 7.62 -7.20 -34.60
CA MET C 225 8.66 -8.19 -34.74
C MET C 225 8.50 -8.85 -36.10
N SER C 226 9.61 -9.10 -36.76
CA SER C 226 9.57 -9.67 -38.10
C SER C 226 10.94 -10.18 -38.48
N GLY C 227 11.04 -11.43 -38.93
CA GLY C 227 12.35 -12.00 -39.21
C GLY C 227 13.21 -12.17 -37.97
N GLY C 228 12.62 -12.09 -36.79
CA GLY C 228 13.42 -12.07 -35.59
C GLY C 228 14.04 -10.72 -35.31
N TYR C 229 13.52 -9.66 -35.93
CA TYR C 229 14.05 -8.33 -35.69
C TYR C 229 12.89 -7.37 -35.45
N ALA C 230 13.20 -6.26 -34.77
CA ALA C 230 12.20 -5.34 -34.27
C ALA C 230 12.26 -3.99 -34.98
N SER C 231 11.25 -3.17 -34.69
CA SER C 231 11.15 -1.79 -35.15
C SER C 231 10.44 -0.97 -34.08
N ASP C 232 10.52 0.33 -34.23
CA ASP C 232 10.02 1.18 -33.16
C ASP C 232 9.89 2.60 -33.71
N ALA C 233 8.70 3.18 -33.55
CA ALA C 233 8.49 4.51 -34.09
C ALA C 233 7.35 5.19 -33.34
N THR C 234 7.42 6.52 -33.31
CA THR C 234 6.36 7.34 -32.78
C THR C 234 6.03 8.43 -33.79
N ARG C 235 4.75 8.74 -33.87
CA ARG C 235 4.26 9.90 -34.57
C ARG C 235 3.23 10.53 -33.66
N THR C 236 3.13 11.84 -33.68
CA THR C 236 2.03 12.51 -33.00
C THR C 236 1.26 13.32 -34.04
N ILE C 237 -0.01 13.01 -34.20
CA ILE C 237 -0.85 13.74 -35.11
C ILE C 237 -1.79 14.65 -34.32
N ALA C 238 -2.50 15.52 -35.04
CA ALA C 238 -3.62 16.27 -34.47
C ALA C 238 -4.93 15.60 -34.88
N ILE C 239 -5.90 15.60 -33.97
CA ILE C 239 -7.25 15.12 -34.28
C ILE C 239 -8.12 16.37 -34.29
N GLY C 240 -8.45 16.84 -35.48
CA GLY C 240 -8.99 18.16 -35.63
C GLY C 240 -7.86 19.18 -35.64
N GLN C 241 -8.27 20.42 -35.79
CA GLN C 241 -7.36 21.53 -35.73
C GLN C 241 -6.74 21.61 -34.33
N PRO C 242 -5.41 21.51 -34.22
CA PRO C 242 -4.76 21.69 -32.93
C PRO C 242 -4.85 23.14 -32.49
N ASN C 243 -4.57 23.37 -31.20
CA ASN C 243 -4.34 24.71 -30.70
C ASN C 243 -2.90 25.14 -31.03
N ASP C 244 -2.63 26.45 -30.93
CA ASP C 244 -1.32 26.98 -31.30
C ASP C 244 -0.20 26.42 -30.42
N PHE C 245 -0.45 26.34 -29.12
CA PHE C 245 0.52 25.81 -28.18
C PHE C 245 0.94 24.38 -28.58
N ASP C 246 -0.02 23.46 -28.67
CA ASP C 246 0.36 22.09 -29.00
C ASP C 246 1.03 22.04 -30.38
N ALA C 247 0.56 22.86 -31.33
CA ALA C 247 1.21 22.95 -32.63
C ALA C 247 2.68 23.37 -32.51
N GLU C 248 2.96 24.37 -31.68
CA GLU C 248 4.33 24.79 -31.48
C GLU C 248 5.16 23.68 -30.85
N ILE C 249 4.62 22.99 -29.82
CA ILE C 249 5.39 21.96 -29.15
C ILE C 249 5.80 20.88 -30.15
N HIS C 250 4.89 20.51 -31.04
CA HIS C 250 5.21 19.59 -32.14
C HIS C 250 6.34 20.13 -33.03
N LYS C 251 6.29 21.40 -33.37
CA LYS C 251 7.30 21.98 -34.26
C LYS C 251 8.69 21.92 -33.63
N ILE C 252 8.78 21.99 -32.31
CA ILE C 252 10.04 21.87 -31.61
C ILE C 252 10.53 20.43 -31.58
N VAL C 253 9.65 19.50 -31.15
CA VAL C 253 10.05 18.10 -31.15
C VAL C 253 10.49 17.68 -32.55
N LYS C 254 9.70 18.05 -33.57
CA LYS C 254 10.00 17.64 -34.94
C LYS C 254 11.32 18.22 -35.41
N GLU C 255 11.59 19.49 -35.08
CA GLU C 255 12.86 20.08 -35.54
C GLU C 255 14.04 19.52 -34.77
N ALA C 256 13.86 19.31 -33.47
CA ALA C 256 14.85 18.55 -32.72
C ALA C 256 15.08 17.18 -33.35
N GLN C 257 14.01 16.42 -33.59
CA GLN C 257 14.22 15.07 -34.13
C GLN C 257 15.01 15.12 -35.42
N GLN C 258 14.61 16.03 -36.33
CA GLN C 258 15.25 16.14 -37.64
C GLN C 258 16.72 16.51 -37.49
N ALA C 259 17.03 17.47 -36.64
CA ALA C 259 18.41 17.93 -36.48
C ALA C 259 19.33 16.81 -36.03
N ALA C 260 18.92 16.03 -35.03
CA ALA C 260 19.71 14.86 -34.65
C ALA C 260 19.93 13.95 -35.85
N MET C 261 18.86 13.66 -36.60
CA MET C 261 18.99 12.80 -37.78
C MET C 261 19.96 13.38 -38.79
N ASP C 262 19.95 14.69 -38.95
CA ASP C 262 20.91 15.31 -39.85
C ASP C 262 22.36 15.25 -39.28
N PHE C 263 22.51 15.11 -37.97
CA PHE C 263 23.84 15.09 -37.36
C PHE C 263 24.50 13.71 -37.37
N ILE C 264 23.74 12.62 -37.39
CA ILE C 264 24.31 11.30 -37.11
C ILE C 264 25.18 10.84 -38.28
N LYS C 265 26.45 10.57 -38.00
CA LYS C 265 27.34 9.96 -38.98
C LYS C 265 28.50 9.34 -38.22
N PRO C 266 29.14 8.30 -38.75
CA PRO C 266 30.26 7.68 -38.04
C PRO C 266 31.26 8.68 -37.49
N GLY C 267 31.66 8.54 -36.22
CA GLY C 267 32.68 9.37 -35.62
C GLY C 267 32.16 10.28 -34.53
N VAL C 268 30.90 10.70 -34.62
CA VAL C 268 30.31 11.46 -33.53
C VAL C 268 30.02 10.55 -32.34
N THR C 269 29.86 11.16 -31.19
CA THR C 269 29.57 10.36 -30.01
C THR C 269 28.07 10.33 -29.68
N ALA C 270 27.66 9.21 -29.08
CA ALA C 270 26.36 9.09 -28.46
C ALA C 270 25.95 10.33 -27.70
N HIS C 271 26.78 10.78 -26.76
CA HIS C 271 26.51 12.01 -26.04
C HIS C 271 26.19 13.15 -27.00
N GLU C 272 27.06 13.37 -27.98
CA GLU C 272 26.86 14.45 -28.93
C GLU C 272 25.51 14.32 -29.62
N VAL C 273 25.11 13.09 -29.97
CA VAL C 273 23.85 12.86 -30.66
C VAL C 273 22.69 13.32 -29.79
N ASP C 274 22.63 12.80 -28.55
CA ASP C 274 21.62 13.22 -27.58
C ASP C 274 21.57 14.74 -27.53
N ALA C 275 22.73 15.36 -27.50
CA ALA C 275 22.82 16.78 -27.21
C ALA C 275 22.25 17.60 -28.34
N VAL C 276 22.36 17.15 -29.57
CA VAL C 276 21.82 17.96 -30.66
C VAL C 276 20.33 18.18 -30.44
N ALA C 277 19.60 17.09 -30.18
CA ALA C 277 18.17 17.22 -29.90
C ALA C 277 17.93 17.94 -28.59
N ARG C 278 18.69 17.60 -27.55
CA ARG C 278 18.38 18.16 -26.24
C ARG C 278 18.74 19.62 -26.18
N ASP C 279 19.70 20.04 -26.98
CA ASP C 279 20.09 21.44 -26.96
C ASP C 279 18.99 22.29 -27.57
N LEU C 280 18.46 21.82 -28.69
CA LEU C 280 17.37 22.51 -29.35
C LEU C 280 16.17 22.62 -28.43
N ILE C 281 15.76 21.51 -27.80
CA ILE C 281 14.58 21.59 -26.95
C ILE C 281 14.87 22.49 -25.75
N THR C 282 16.07 22.43 -25.24
CA THR C 282 16.42 23.28 -24.12
C THR C 282 16.44 24.73 -24.55
N LYS C 283 17.03 25.01 -25.71
CA LYS C 283 17.10 26.36 -26.22
C LYS C 283 15.71 26.96 -26.39
N ALA C 284 14.72 26.12 -26.65
CA ALA C 284 13.34 26.55 -26.84
C ALA C 284 12.64 26.88 -25.54
N GLY C 285 13.10 26.30 -24.41
CA GLY C 285 12.51 26.57 -23.11
C GLY C 285 11.87 25.36 -22.48
N TYR C 286 11.94 24.19 -23.12
CA TYR C 286 11.22 23.01 -22.66
C TYR C 286 12.16 21.88 -22.23
N GLY C 287 13.44 22.19 -21.98
CA GLY C 287 14.35 21.19 -21.42
C GLY C 287 13.77 20.46 -20.21
N GLU C 288 13.15 21.20 -19.30
CA GLU C 288 12.51 20.66 -18.09
C GLU C 288 11.58 19.49 -18.40
N TYR C 289 10.98 19.45 -19.59
CA TYR C 289 9.99 18.44 -19.92
C TYR C 289 10.50 17.41 -20.94
N PHE C 290 11.79 17.45 -21.27
CA PHE C 290 12.45 16.42 -22.09
C PHE C 290 13.31 15.63 -21.11
N ASN C 291 12.73 14.59 -20.52
CA ASN C 291 13.41 13.95 -19.39
C ASN C 291 13.54 12.45 -19.58
N HIS C 292 13.89 12.04 -20.79
CA HIS C 292 14.41 10.71 -21.03
C HIS C 292 15.59 10.86 -21.98
N SER C 293 16.42 9.84 -22.04
CA SER C 293 17.54 9.91 -22.99
C SER C 293 16.98 9.91 -24.42
N LEU C 294 17.79 10.35 -25.39
CA LEU C 294 17.19 10.52 -26.71
C LEU C 294 16.89 9.19 -27.38
N GLY C 295 17.69 8.16 -27.14
CA GLY C 295 17.40 6.91 -27.84
C GLY C 295 18.12 5.72 -27.23
N HIS C 296 17.86 4.57 -27.84
CA HIS C 296 18.33 3.25 -27.40
C HIS C 296 18.66 2.45 -28.65
N GLY C 297 19.49 1.45 -28.50
CA GLY C 297 19.75 0.57 -29.61
C GLY C 297 18.50 -0.21 -29.95
N ILE C 298 18.47 -0.75 -31.15
CA ILE C 298 17.39 -1.63 -31.60
C ILE C 298 17.98 -2.67 -32.53
N GLY C 299 17.48 -3.88 -32.44
CA GLY C 299 17.87 -4.95 -33.34
C GLY C 299 16.97 -6.15 -33.18
N MET C 300 17.45 -7.19 -32.51
CA MET C 300 16.64 -8.37 -32.26
C MET C 300 15.70 -8.14 -31.08
N ASP C 301 16.16 -7.39 -30.10
CA ASP C 301 15.34 -6.81 -29.06
C ASP C 301 15.10 -5.35 -29.42
N VAL C 302 14.05 -4.78 -28.83
CA VAL C 302 13.73 -3.38 -29.04
C VAL C 302 14.50 -2.47 -28.10
N HIS C 303 15.32 -3.04 -27.22
CA HIS C 303 16.12 -2.26 -26.28
C HIS C 303 17.51 -2.89 -26.20
N GLU C 304 18.42 -2.38 -27.03
CA GLU C 304 19.81 -2.80 -27.04
C GLU C 304 20.71 -1.58 -27.00
N TYR C 305 21.86 -1.69 -27.63
CA TYR C 305 22.83 -0.61 -27.71
C TYR C 305 23.06 -0.19 -29.15
N PRO C 306 23.61 1.03 -29.36
CA PRO C 306 24.10 1.86 -28.26
C PRO C 306 23.03 2.60 -27.44
N SER C 307 23.49 3.19 -26.35
CA SER C 307 22.73 4.12 -25.54
C SER C 307 23.03 5.55 -25.99
N ILE C 308 21.99 6.25 -26.46
CA ILE C 308 22.16 7.63 -26.86
C ILE C 308 21.82 8.50 -25.65
N VAL C 309 22.81 8.68 -24.77
CA VAL C 309 22.62 9.33 -23.47
C VAL C 309 23.72 10.34 -23.26
N ALA C 310 23.38 11.47 -22.65
CA ALA C 310 24.43 12.30 -22.10
C ALA C 310 25.42 11.43 -21.32
N GLY C 311 26.70 11.68 -21.50
CA GLY C 311 27.71 10.96 -20.77
C GLY C 311 28.22 9.70 -21.41
N ASN C 312 27.64 9.26 -22.53
CA ASN C 312 28.14 8.11 -23.28
C ASN C 312 29.05 8.65 -24.37
N ASP C 313 30.36 8.53 -24.19
CA ASP C 313 31.26 9.04 -25.20
C ASP C 313 31.59 7.99 -26.27
N LEU C 314 30.85 6.86 -26.29
CA LEU C 314 30.97 5.89 -27.38
C LEU C 314 30.98 6.58 -28.75
N VAL C 315 31.87 6.12 -29.61
CA VAL C 315 31.97 6.63 -30.97
C VAL C 315 31.00 5.85 -31.85
N ILE C 316 30.07 6.57 -32.47
CA ILE C 316 29.06 5.99 -33.34
C ILE C 316 29.73 5.40 -34.59
N GLN C 317 29.42 4.14 -34.89
CA GLN C 317 30.03 3.46 -36.03
C GLN C 317 28.98 3.00 -37.02
N GLU C 318 29.38 2.98 -38.28
CA GLU C 318 28.61 2.34 -39.33
C GLU C 318 28.04 1.00 -38.87
N GLY C 319 26.75 0.79 -39.12
CA GLY C 319 26.10 -0.44 -38.73
C GLY C 319 25.34 -0.36 -37.42
N MET C 320 25.54 0.70 -36.64
CA MET C 320 24.80 0.80 -35.40
C MET C 320 23.36 1.16 -35.70
N CYS C 321 22.48 0.64 -34.86
CA CYS C 321 21.05 0.87 -35.06
C CYS C 321 20.48 1.38 -33.74
N PHE C 322 19.86 2.56 -33.77
CA PHE C 322 19.23 3.04 -32.55
C PHE C 322 18.03 3.90 -32.90
N SER C 323 17.31 4.28 -31.84
CA SER C 323 16.22 5.22 -31.97
C SER C 323 16.70 6.66 -31.83
N ASN C 324 15.86 7.57 -32.29
CA ASN C 324 16.10 8.99 -32.23
C ASN C 324 14.73 9.56 -31.93
N GLU C 325 14.45 9.78 -30.63
CA GLU C 325 13.08 10.03 -30.16
C GLU C 325 13.06 11.10 -29.09
N PRO C 326 13.32 12.34 -29.47
CA PRO C 326 13.09 13.45 -28.53
C PRO C 326 11.60 13.57 -28.22
N GLY C 327 11.31 14.26 -27.11
CA GLY C 327 9.95 14.41 -26.66
C GLY C 327 9.82 15.67 -25.84
N ILE C 328 8.57 16.08 -25.65
CA ILE C 328 8.23 17.13 -24.70
C ILE C 328 6.93 16.72 -24.04
N TYR C 329 6.95 16.65 -22.71
CA TYR C 329 5.84 16.13 -21.92
C TYR C 329 5.59 17.18 -20.87
N ILE C 330 4.52 17.96 -21.09
CA ILE C 330 4.11 19.04 -20.21
C ILE C 330 2.82 18.58 -19.55
N PRO C 331 2.86 18.11 -18.31
CA PRO C 331 1.75 17.29 -17.79
C PRO C 331 0.45 18.07 -17.76
N GLY C 332 -0.66 17.36 -17.95
CA GLY C 332 -1.95 18.02 -17.99
C GLY C 332 -2.23 18.89 -19.20
N LYS C 333 -1.25 19.10 -20.08
CA LYS C 333 -1.43 19.86 -21.32
C LYS C 333 -1.23 18.97 -22.55
N VAL C 334 -0.03 18.47 -22.78
CA VAL C 334 0.32 18.01 -24.10
C VAL C 334 1.61 17.19 -24.07
N GLY C 335 1.60 15.99 -24.62
CA GLY C 335 2.84 15.30 -24.87
C GLY C 335 3.07 15.06 -26.35
N VAL C 336 4.30 15.33 -26.85
CA VAL C 336 4.66 15.14 -28.25
C VAL C 336 5.96 14.33 -28.30
N ARG C 337 5.97 13.26 -29.06
CA ARG C 337 7.24 12.58 -29.28
C ARG C 337 7.28 12.08 -30.72
N ILE C 338 8.45 12.14 -31.36
CA ILE C 338 8.60 11.70 -32.73
C ILE C 338 9.82 10.78 -32.75
N GLU C 339 9.61 9.49 -32.98
CA GLU C 339 10.68 8.51 -32.92
C GLU C 339 10.86 7.81 -34.25
N ASP C 340 12.10 7.73 -34.71
CA ASP C 340 12.53 6.85 -35.79
C ASP C 340 13.72 6.07 -35.29
N CYS C 341 13.85 4.82 -35.71
CA CYS C 341 15.11 4.13 -35.48
C CYS C 341 15.88 4.15 -36.79
N LEU C 342 17.19 4.23 -36.69
CA LEU C 342 18.02 4.43 -37.86
C LEU C 342 19.14 3.43 -37.84
N TYR C 343 19.80 3.32 -38.97
CA TYR C 343 21.06 2.62 -39.10
C TYR C 343 22.08 3.57 -39.68
N VAL C 344 23.26 3.45 -39.22
CA VAL C 344 24.34 4.35 -39.56
C VAL C 344 24.99 3.88 -40.83
N THR C 345 25.31 4.82 -41.73
CA THR C 345 25.91 4.51 -43.00
C THR C 345 27.30 5.12 -43.07
N GLU C 346 27.98 4.86 -44.21
CA GLU C 346 29.34 5.34 -44.39
C GLU C 346 29.47 6.81 -44.01
N ASN C 347 28.51 7.63 -44.43
CA ASN C 347 28.62 9.06 -44.18
C ASN C 347 27.33 9.64 -43.61
N GLY C 348 26.52 8.82 -42.95
CA GLY C 348 25.29 9.35 -42.39
C GLY C 348 24.42 8.26 -41.84
N CYS C 349 23.12 8.48 -41.94
CA CYS C 349 22.19 7.45 -41.50
C CYS C 349 21.01 7.39 -42.44
N GLU C 350 20.32 6.26 -42.42
CA GLU C 350 19.00 6.14 -43.00
C GLU C 350 18.05 5.67 -41.93
N SER C 351 16.77 5.98 -42.13
CA SER C 351 15.79 5.72 -41.11
C SER C 351 15.02 4.47 -41.50
N PHE C 352 14.50 3.76 -40.50
CA PHE C 352 13.76 2.54 -40.76
C PHE C 352 12.26 2.78 -41.04
N THR C 353 11.70 3.92 -40.65
CA THR C 353 10.33 4.22 -41.00
C THR C 353 10.25 5.55 -41.73
N HIS C 354 9.21 5.72 -42.55
CA HIS C 354 9.14 6.89 -43.43
C HIS C 354 7.88 7.72 -43.30
N THR C 355 6.90 7.29 -42.53
CA THR C 355 5.71 8.10 -42.33
C THR C 355 6.06 9.57 -42.09
N ASP C 356 5.30 10.45 -42.72
CA ASP C 356 5.41 11.88 -42.48
C ASP C 356 5.64 12.18 -40.99
N HIS C 357 6.50 13.17 -40.72
CA HIS C 357 6.74 13.64 -39.36
C HIS C 357 5.95 14.89 -39.00
N ASP C 358 5.38 15.55 -40.02
CA ASP C 358 4.60 16.77 -39.86
C ASP C 358 3.34 16.55 -39.01
N LEU C 359 2.86 17.64 -38.43
CA LEU C 359 1.61 17.62 -37.69
C LEU C 359 0.41 17.50 -38.66
N LEU C 360 0.04 16.28 -38.99
CA LEU C 360 -1.10 16.01 -39.87
C LEU C 360 -2.41 16.08 -39.10
N ILE C 361 -3.40 16.71 -39.73
CA ILE C 361 -4.73 16.82 -39.17
C ILE C 361 -5.60 15.70 -39.70
N PHE C 362 -6.26 14.98 -38.80
CA PHE C 362 -7.11 13.90 -39.23
C PHE C 362 -8.56 14.13 -38.75
N MET D 1 -3.92 -22.49 5.10
CA MET D 1 -3.75 -21.26 5.90
C MET D 1 -2.44 -20.56 5.54
N SER D 2 -2.55 -19.49 4.75
CA SER D 2 -1.41 -18.66 4.34
C SER D 2 -0.43 -19.45 3.48
N LYS D 3 -0.15 -18.91 2.29
CA LYS D 3 0.90 -19.51 1.45
C LYS D 3 2.27 -19.28 2.05
N ILE D 4 2.59 -18.02 2.38
CA ILE D 4 3.94 -17.72 2.84
C ILE D 4 4.25 -18.46 4.14
N GLU D 5 3.23 -18.78 4.93
CA GLU D 5 3.46 -19.57 6.15
C GLU D 5 3.91 -20.99 5.80
N ARG D 6 3.36 -21.54 4.72
CA ARG D 6 3.80 -22.85 4.24
C ARG D 6 5.27 -22.83 3.84
N ILE D 7 5.71 -21.73 3.21
CA ILE D 7 7.11 -21.56 2.83
C ILE D 7 8.00 -21.43 4.05
N SER D 8 7.68 -20.49 4.96
CA SER D 8 8.50 -20.37 6.16
C SER D 8 8.49 -21.67 6.96
N ALA D 9 7.42 -22.47 6.85
CA ALA D 9 7.45 -23.81 7.44
C ALA D 9 8.50 -24.69 6.76
N PHE D 10 8.53 -24.64 5.42
CA PHE D 10 9.56 -25.33 4.67
C PHE D 10 10.95 -24.84 5.06
N LEU D 11 11.11 -23.52 5.25
CA LEU D 11 12.41 -23.01 5.64
C LEU D 11 12.78 -23.49 7.04
N ASN D 12 11.83 -23.46 7.98
CA ASN D 12 12.11 -23.97 9.32
C ASN D 12 12.33 -25.48 9.29
N ASP D 13 11.43 -26.22 8.67
CA ASP D 13 11.81 -27.57 8.31
C ASP D 13 13.03 -27.50 7.41
N LYS D 14 13.72 -28.63 7.25
CA LYS D 14 14.79 -28.66 6.24
C LYS D 14 15.96 -27.74 6.58
N GLU D 15 15.74 -26.74 7.42
CA GLU D 15 16.82 -25.90 7.94
C GLU D 15 17.41 -25.01 6.86
N VAL D 16 16.70 -23.96 6.46
CA VAL D 16 17.16 -23.05 5.43
C VAL D 16 16.80 -21.62 5.83
N ASP D 17 17.79 -20.73 5.77
CA ASP D 17 17.63 -19.39 6.32
C ASP D 17 16.68 -18.52 5.50
N MET D 18 16.51 -18.78 4.21
CA MET D 18 15.74 -17.80 3.45
C MET D 18 15.49 -18.26 2.01
N THR D 19 14.48 -17.67 1.39
CA THR D 19 14.17 -17.85 -0.02
C THR D 19 14.54 -16.60 -0.80
N PHE D 20 14.82 -16.77 -2.08
CA PHE D 20 14.96 -15.62 -2.99
C PHE D 20 14.15 -15.91 -4.24
N ILE D 21 12.84 -15.73 -4.14
CA ILE D 21 11.90 -16.11 -5.19
C ILE D 21 11.91 -15.05 -6.28
N THR D 22 12.11 -15.47 -7.53
CA THR D 22 12.20 -14.54 -8.64
C THR D 22 11.33 -14.89 -9.83
N ASN D 23 10.68 -16.03 -9.86
CA ASN D 23 9.76 -16.27 -10.96
C ASN D 23 8.62 -15.27 -10.90
N PRO D 24 8.50 -14.33 -11.84
CA PRO D 24 7.40 -13.36 -11.77
C PRO D 24 6.05 -14.02 -11.51
N THR D 25 5.80 -15.17 -12.12
CA THR D 25 4.53 -15.83 -11.84
C THR D 25 4.47 -16.30 -10.39
N THR D 26 5.60 -16.77 -9.83
CA THR D 26 5.61 -17.13 -8.41
C THR D 26 5.37 -15.90 -7.53
N LEU D 27 5.91 -14.75 -7.92
CA LEU D 27 5.70 -13.55 -7.11
C LEU D 27 4.22 -13.17 -7.10
N ASN D 28 3.62 -13.07 -8.28
CA ASN D 28 2.17 -12.83 -8.36
C ASN D 28 1.40 -13.87 -7.57
N TYR D 29 1.78 -15.14 -7.70
CA TYR D 29 1.09 -16.19 -6.97
C TYR D 29 1.13 -15.95 -5.48
N LEU D 30 2.26 -15.48 -4.97
CA LEU D 30 2.41 -15.33 -3.53
C LEU D 30 1.92 -13.98 -3.03
N THR D 31 1.49 -13.07 -3.92
CA THR D 31 1.18 -11.72 -3.46
C THR D 31 0.11 -11.00 -4.28
N GLY D 32 -0.57 -11.67 -5.21
CA GLY D 32 -1.64 -11.05 -5.99
C GLY D 32 -1.22 -9.92 -6.94
N LEU D 33 0.07 -9.63 -7.00
CA LEU D 33 0.59 -8.52 -7.78
C LEU D 33 1.43 -9.06 -8.93
N ALA D 34 0.99 -8.76 -10.17
CA ALA D 34 1.68 -9.22 -11.38
C ALA D 34 2.94 -8.39 -11.58
N ILE D 35 4.03 -8.79 -10.92
CA ILE D 35 5.28 -8.05 -10.95
C ILE D 35 6.24 -8.70 -11.93
N ASP D 36 6.72 -7.94 -12.92
CA ASP D 36 7.77 -8.41 -13.82
C ASP D 36 8.87 -7.36 -13.88
N PRO D 37 9.89 -7.50 -13.04
CA PRO D 37 11.05 -6.60 -13.12
C PRO D 37 11.79 -6.71 -14.43
N HIS D 38 11.26 -7.50 -15.36
CA HIS D 38 11.93 -7.77 -16.64
C HIS D 38 13.42 -8.03 -16.42
N GLU D 39 14.28 -7.14 -16.94
CA GLU D 39 15.71 -7.45 -17.07
C GLU D 39 16.51 -7.17 -15.81
N ARG D 40 16.03 -6.33 -14.90
CA ARG D 40 16.72 -6.12 -13.64
C ARG D 40 16.11 -7.01 -12.55
N ILE D 41 16.60 -6.84 -11.32
CA ILE D 41 16.37 -7.80 -10.26
C ILE D 41 15.15 -7.42 -9.44
N ALA D 42 14.29 -8.40 -9.19
CA ALA D 42 13.27 -8.36 -8.15
C ALA D 42 13.34 -9.67 -7.39
N GLY D 43 12.93 -9.65 -6.12
CA GLY D 43 13.01 -10.84 -5.30
C GLY D 43 11.97 -10.83 -4.21
N LEU D 44 11.79 -12.00 -3.58
CA LEU D 44 10.91 -12.12 -2.43
C LEU D 44 11.53 -13.13 -1.47
N MET D 45 11.78 -12.68 -0.24
CA MET D 45 12.44 -13.50 0.77
C MET D 45 11.44 -13.81 1.88
N ILE D 46 11.13 -15.09 2.04
CA ILE D 46 10.44 -15.59 3.22
C ILE D 46 11.51 -16.08 4.17
N PHE D 47 11.25 -15.91 5.47
CA PHE D 47 12.23 -16.21 6.51
C PHE D 47 11.71 -17.31 7.42
N ARG D 48 12.65 -17.86 8.21
CA ARG D 48 12.28 -18.83 9.25
C ARG D 48 11.38 -18.20 10.31
N ASP D 49 11.64 -16.95 10.69
CA ASP D 49 11.00 -16.35 11.86
C ASP D 49 11.00 -14.83 11.77
N SER D 50 10.58 -14.28 10.62
CA SER D 50 10.64 -12.84 10.43
C SER D 50 9.60 -12.43 9.41
N THR D 51 9.34 -11.13 9.34
CA THR D 51 8.47 -10.61 8.30
C THR D 51 9.07 -10.97 6.95
N PRO D 52 8.24 -11.13 5.92
CA PRO D 52 8.77 -11.43 4.58
C PRO D 52 9.12 -10.14 3.84
N MET D 53 10.27 -10.15 3.17
CA MET D 53 10.78 -8.99 2.47
C MET D 53 10.61 -9.17 0.95
N LEU D 54 10.31 -8.06 0.26
CA LEU D 54 10.08 -8.09 -1.19
C LEU D 54 11.02 -7.08 -1.85
N PHE D 55 12.20 -7.53 -2.26
CA PHE D 55 13.19 -6.66 -2.89
C PHE D 55 12.75 -6.29 -4.30
N THR D 56 12.57 -5.00 -4.56
CA THR D 56 11.82 -4.60 -5.74
C THR D 56 12.54 -3.50 -6.51
N PRO D 57 12.31 -3.44 -7.81
CA PRO D 57 12.72 -2.25 -8.57
C PRO D 57 12.02 -1.03 -8.01
N ALA D 58 12.74 0.09 -7.99
CA ALA D 58 12.27 1.26 -7.25
C ALA D 58 10.84 1.63 -7.63
N LEU D 59 10.54 1.66 -8.92
CA LEU D 59 9.25 2.22 -9.34
C LEU D 59 8.07 1.34 -8.93
N GLU D 60 8.26 0.02 -8.86
CA GLU D 60 7.18 -0.88 -8.50
C GLU D 60 6.92 -0.95 -7.00
N VAL D 61 7.62 -0.14 -6.21
CA VAL D 61 7.58 -0.22 -4.75
C VAL D 61 6.20 0.16 -4.23
N GLU D 62 5.85 1.45 -4.36
CA GLU D 62 4.53 1.91 -3.93
C GLU D 62 3.43 1.32 -4.79
N LYS D 63 3.76 0.92 -6.02
CA LYS D 63 2.85 0.04 -6.75
C LYS D 63 2.42 -1.14 -5.86
N ALA D 64 3.37 -1.65 -5.07
CA ALA D 64 3.12 -2.81 -4.21
C ALA D 64 2.35 -2.44 -2.96
N LYS D 65 2.73 -1.35 -2.31
CA LYS D 65 2.19 -1.02 -0.99
C LYS D 65 0.68 -0.83 -1.04
N GLU D 66 0.16 -0.29 -2.14
CA GLU D 66 -1.26 -0.43 -2.43
C GLU D 66 -1.46 -1.79 -3.11
N HIS D 67 -2.52 -2.50 -2.70
CA HIS D 67 -2.79 -3.86 -3.16
C HIS D 67 -1.76 -4.84 -2.60
N THR D 68 -1.56 -4.82 -1.28
CA THR D 68 -0.49 -5.63 -0.69
C THR D 68 -0.88 -6.19 0.66
N SER D 69 -0.17 -7.24 1.06
CA SER D 69 -0.33 -7.90 2.35
C SER D 69 0.56 -7.30 3.44
N GLY D 70 1.34 -6.27 3.11
CA GLY D 70 2.36 -5.78 4.01
C GLY D 70 3.51 -6.75 4.12
N LEU D 71 4.58 -6.50 3.37
CA LEU D 71 5.75 -7.39 3.35
C LEU D 71 7.03 -6.58 3.30
N ASP D 72 7.19 -5.64 4.23
CA ASP D 72 8.35 -4.77 4.24
C ASP D 72 8.41 -3.97 2.94
N ILE D 73 9.14 -4.46 1.93
CA ILE D 73 9.25 -3.78 0.64
C ILE D 73 10.38 -2.75 0.67
N PHE D 74 11.51 -3.08 0.07
CA PHE D 74 12.45 -2.02 -0.25
C PHE D 74 12.89 -2.14 -1.70
N GLY D 75 14.19 -2.30 -1.95
CA GLY D 75 14.69 -2.48 -3.29
C GLY D 75 15.84 -1.53 -3.57
N TYR D 76 16.06 -1.27 -4.86
CA TYR D 76 17.20 -0.50 -5.31
C TYR D 76 16.77 0.39 -6.47
N GLU D 77 17.65 1.33 -6.82
CA GLU D 77 17.53 2.13 -8.03
C GLU D 77 18.77 1.90 -8.89
N ASP D 78 18.59 2.02 -10.20
CA ASP D 78 19.62 1.65 -11.19
C ASP D 78 21.03 2.07 -10.78
N SER D 79 21.15 3.05 -9.88
CA SER D 79 22.44 3.55 -9.46
C SER D 79 23.11 2.66 -8.42
N GLN D 80 22.40 1.67 -7.88
CA GLN D 80 22.89 0.81 -6.83
C GLN D 80 23.25 -0.56 -7.37
N ASN D 81 24.16 -1.25 -6.66
CA ASN D 81 24.43 -2.66 -6.90
C ASN D 81 23.51 -3.49 -6.01
N PRO D 82 22.46 -4.13 -6.55
CA PRO D 82 21.43 -4.69 -5.68
C PRO D 82 21.90 -5.82 -4.79
N TRP D 83 23.06 -6.45 -5.08
CA TRP D 83 23.47 -7.60 -4.29
C TRP D 83 24.10 -7.23 -2.94
N GLU D 84 24.58 -6.00 -2.75
CA GLU D 84 24.74 -5.66 -1.34
C GLU D 84 23.47 -5.02 -0.79
N VAL D 85 22.79 -4.16 -1.57
CA VAL D 85 21.54 -3.55 -1.14
C VAL D 85 20.48 -4.56 -0.71
N VAL D 86 20.73 -5.85 -0.94
CA VAL D 86 19.91 -6.90 -0.35
C VAL D 86 20.57 -7.45 0.90
N LYS D 87 21.85 -7.83 0.79
CA LYS D 87 22.64 -8.05 1.99
C LYS D 87 22.59 -6.83 2.91
N ASN D 88 22.24 -5.66 2.35
CA ASN D 88 22.08 -4.46 3.16
C ASN D 88 21.00 -4.65 4.20
N HIS D 89 19.84 -5.18 3.80
CA HIS D 89 18.63 -5.23 4.62
C HIS D 89 18.36 -6.59 5.21
N VAL D 90 19.21 -7.59 4.97
CA VAL D 90 18.99 -8.94 5.49
C VAL D 90 19.89 -9.09 6.70
N LYS D 91 19.28 -8.99 7.88
CA LYS D 91 20.00 -8.80 9.13
C LYS D 91 20.62 -10.10 9.63
N SER D 92 21.01 -10.98 8.71
CA SER D 92 21.90 -12.07 9.09
C SER D 92 21.17 -13.24 9.74
N ASP D 93 21.64 -14.45 9.46
CA ASP D 93 22.58 -14.62 8.36
C ASP D 93 22.31 -15.90 7.57
N VAL D 94 22.89 -15.94 6.38
CA VAL D 94 22.43 -16.74 5.27
C VAL D 94 23.51 -17.75 4.90
N LYS D 95 23.21 -19.03 5.09
CA LYS D 95 24.06 -20.13 4.64
C LYS D 95 23.40 -20.97 3.56
N SER D 96 22.15 -21.37 3.77
CA SER D 96 21.32 -21.99 2.74
C SER D 96 20.41 -20.95 2.12
N ILE D 97 20.00 -21.19 0.89
CA ILE D 97 19.04 -20.30 0.25
C ILE D 97 18.11 -21.10 -0.67
N ALA D 98 16.82 -20.87 -0.50
CA ALA D 98 15.83 -21.49 -1.38
C ALA D 98 15.54 -20.54 -2.54
N VAL D 99 15.83 -21.01 -3.76
CA VAL D 99 15.51 -20.31 -4.99
C VAL D 99 14.88 -21.30 -5.95
N GLU D 100 14.36 -20.79 -7.05
CA GLU D 100 13.68 -21.60 -8.05
C GLU D 100 14.69 -21.98 -9.13
N PHE D 101 15.07 -23.27 -9.18
CA PHE D 101 16.21 -23.67 -10.02
C PHE D 101 15.91 -23.52 -11.49
N SER D 102 14.64 -23.68 -11.88
CA SER D 102 14.26 -23.47 -13.28
C SER D 102 14.46 -22.02 -13.72
N ASP D 103 14.51 -21.08 -12.78
CA ASP D 103 14.30 -19.69 -13.13
C ASP D 103 15.46 -18.75 -12.82
N ILE D 104 16.24 -18.98 -11.78
CA ILE D 104 17.25 -17.98 -11.41
C ILE D 104 18.47 -18.10 -12.32
N PRO D 105 18.79 -17.07 -13.11
CA PRO D 105 19.95 -17.14 -13.98
C PRO D 105 21.24 -17.15 -13.19
N LEU D 106 22.29 -17.66 -13.82
CA LEU D 106 23.58 -17.78 -13.17
C LEU D 106 24.05 -16.43 -12.64
N ALA D 107 23.74 -15.35 -13.38
CA ALA D 107 24.09 -14.00 -12.93
C ALA D 107 23.53 -13.71 -11.55
N LYS D 108 22.24 -14.02 -11.36
CA LYS D 108 21.58 -13.75 -10.08
C LYS D 108 22.09 -14.68 -8.99
N THR D 109 22.37 -15.93 -9.33
CA THR D 109 22.64 -16.90 -8.28
C THR D 109 24.05 -16.76 -7.76
N GLU D 110 25.04 -16.69 -8.65
CA GLU D 110 26.40 -16.41 -8.25
C GLU D 110 26.64 -14.92 -8.04
N GLY D 111 25.61 -14.08 -8.20
CA GLY D 111 25.64 -12.74 -7.64
C GLY D 111 25.29 -12.71 -6.17
N LEU D 112 24.46 -13.64 -5.70
CA LEU D 112 24.22 -13.77 -4.27
C LEU D 112 25.42 -14.43 -3.57
N LYS D 113 26.04 -15.42 -4.21
CA LYS D 113 27.28 -16.00 -3.66
C LYS D 113 28.33 -14.92 -3.39
N ALA D 114 28.29 -13.82 -4.15
CA ALA D 114 29.21 -12.72 -3.91
C ALA D 114 28.95 -12.03 -2.58
N GLN D 115 27.73 -12.13 -2.04
CA GLN D 115 27.37 -11.39 -0.85
C GLN D 115 27.10 -12.26 0.37
N PHE D 116 27.11 -13.59 0.22
CA PHE D 116 26.81 -14.45 1.36
C PHE D 116 27.70 -15.69 1.41
N GLY D 117 28.76 -15.76 0.59
CA GLY D 117 29.73 -16.83 0.69
C GLY D 117 29.25 -18.11 0.07
N ASP D 118 30.16 -19.08 -0.03
CA ASP D 118 29.77 -20.37 -0.62
C ASP D 118 28.57 -20.90 0.13
N ILE D 119 27.38 -20.46 -0.25
CA ILE D 119 26.14 -20.87 0.38
C ILE D 119 25.54 -22.01 -0.43
N ASN D 120 24.65 -22.76 0.21
CA ASN D 120 23.87 -23.79 -0.48
C ASN D 120 22.54 -23.20 -0.92
N PHE D 121 22.19 -23.43 -2.18
CA PHE D 121 20.86 -23.17 -2.70
C PHE D 121 20.02 -24.45 -2.66
N VAL D 122 18.83 -24.36 -2.05
CA VAL D 122 17.86 -25.44 -2.12
C VAL D 122 16.75 -25.05 -3.08
N ASN D 123 16.37 -25.99 -3.94
CA ASN D 123 15.33 -25.75 -4.92
C ASN D 123 13.97 -25.68 -4.23
N LEU D 124 13.32 -24.52 -4.31
CA LEU D 124 11.99 -24.29 -3.76
C LEU D 124 10.87 -24.72 -4.70
N THR D 125 11.14 -24.73 -6.00
CA THR D 125 10.09 -24.97 -6.98
C THR D 125 9.28 -26.23 -6.69
N PRO D 126 9.87 -27.36 -6.34
CA PRO D 126 9.05 -28.53 -6.00
C PRO D 126 7.97 -28.22 -4.99
N LEU D 127 8.25 -27.35 -4.01
CA LEU D 127 7.19 -26.94 -3.09
C LEU D 127 6.17 -26.08 -3.81
N ILE D 128 6.65 -25.04 -4.49
CA ILE D 128 5.75 -24.11 -5.17
C ILE D 128 4.81 -24.88 -6.08
N GLU D 129 5.38 -25.76 -6.91
CA GLU D 129 4.55 -26.64 -7.74
C GLU D 129 3.57 -27.43 -6.88
N ARG D 130 4.05 -28.09 -5.83
CA ARG D 130 3.14 -28.85 -4.98
C ARG D 130 2.00 -27.99 -4.47
N MET D 131 2.30 -26.77 -4.02
CA MET D 131 1.24 -25.87 -3.56
C MET D 131 0.32 -25.51 -4.71
N ARG D 132 0.88 -25.29 -5.90
CA ARG D 132 0.11 -24.86 -7.05
C ARG D 132 -0.88 -25.91 -7.53
N LEU D 133 -0.82 -27.13 -7.02
CA LEU D 133 -1.74 -28.17 -7.46
C LEU D 133 -3.16 -28.00 -6.88
N ILE D 134 -3.30 -27.33 -5.75
CA ILE D 134 -4.60 -27.12 -5.09
C ILE D 134 -4.89 -25.62 -5.05
N LYS D 135 -5.88 -25.16 -5.82
CA LYS D 135 -6.27 -23.76 -5.84
C LYS D 135 -7.27 -23.46 -4.71
N SER D 136 -7.17 -22.26 -4.15
CA SER D 136 -8.11 -21.85 -3.14
C SER D 136 -9.23 -21.02 -3.79
N ALA D 137 -10.25 -20.67 -3.01
CA ALA D 137 -11.44 -20.04 -3.60
C ALA D 137 -11.08 -18.82 -4.44
N ASP D 138 -10.24 -17.93 -3.90
CA ASP D 138 -9.83 -16.74 -4.63
C ASP D 138 -9.13 -17.05 -5.95
N GLU D 139 -8.55 -18.25 -6.11
CA GLU D 139 -7.87 -18.61 -7.34
C GLU D 139 -8.87 -19.17 -8.35
N ILE D 140 -9.69 -20.12 -7.90
CA ILE D 140 -10.88 -20.53 -8.63
C ILE D 140 -11.66 -19.32 -9.11
N GLU D 141 -11.81 -18.33 -8.22
CA GLU D 141 -12.52 -17.11 -8.59
C GLU D 141 -11.83 -16.40 -9.75
N LYS D 142 -10.51 -16.29 -9.71
CA LYS D 142 -9.82 -15.61 -10.79
C LYS D 142 -9.90 -16.41 -12.09
N MET D 143 -9.96 -17.74 -11.98
CA MET D 143 -10.05 -18.60 -13.15
C MET D 143 -11.43 -18.57 -13.78
N LYS D 144 -12.47 -18.38 -12.97
CA LYS D 144 -13.79 -18.21 -13.54
C LYS D 144 -13.80 -17.04 -14.52
N VAL D 145 -13.15 -15.93 -14.15
CA VAL D 145 -13.09 -14.77 -15.05
C VAL D 145 -12.37 -15.13 -16.35
N ALA D 146 -11.35 -15.99 -16.27
CA ALA D 146 -10.73 -16.46 -17.50
C ALA D 146 -11.73 -17.27 -18.32
N GLY D 147 -12.69 -17.87 -17.64
CA GLY D 147 -13.68 -18.69 -18.31
C GLY D 147 -14.69 -17.84 -19.03
N ASP D 148 -15.24 -16.84 -18.31
CA ASP D 148 -16.17 -15.92 -18.94
C ASP D 148 -15.59 -15.30 -20.21
N PHE D 149 -14.26 -15.08 -20.26
CA PHE D 149 -13.69 -14.55 -21.49
C PHE D 149 -13.64 -15.61 -22.58
N ALA D 150 -13.17 -16.80 -22.22
CA ALA D 150 -13.25 -17.93 -23.14
C ALA D 150 -14.66 -18.05 -23.75
N ASP D 151 -15.70 -17.98 -22.92
CA ASP D 151 -17.04 -18.15 -23.46
C ASP D 151 -17.36 -17.08 -24.51
N LYS D 152 -17.04 -15.82 -24.18
CA LYS D 152 -17.22 -14.72 -25.12
C LYS D 152 -16.45 -14.97 -26.41
N CYS D 153 -15.26 -15.55 -26.32
CA CYS D 153 -14.50 -15.87 -27.52
C CYS D 153 -15.23 -16.85 -28.40
N PHE D 154 -15.90 -17.85 -27.79
CA PHE D 154 -16.64 -18.83 -28.60
C PHE D 154 -17.72 -18.14 -29.41
N GLU D 155 -18.47 -17.22 -28.79
CA GLU D 155 -19.55 -16.57 -29.51
C GLU D 155 -18.99 -15.72 -30.63
N ILE D 156 -18.01 -14.88 -30.31
CA ILE D 156 -17.39 -14.05 -31.34
C ILE D 156 -16.94 -14.93 -32.50
N GLY D 157 -16.23 -16.02 -32.19
CA GLY D 157 -15.76 -16.90 -33.24
C GLY D 157 -16.88 -17.54 -34.03
N PHE D 158 -17.91 -18.03 -33.34
CA PHE D 158 -19.08 -18.58 -34.04
C PHE D 158 -19.68 -17.54 -34.97
N ALA D 159 -20.13 -16.41 -34.41
CA ALA D 159 -20.63 -15.29 -35.22
C ALA D 159 -19.74 -15.04 -36.42
N THR D 160 -18.42 -14.94 -36.18
CA THR D 160 -17.47 -14.61 -37.24
C THR D 160 -17.43 -15.70 -38.31
N ALA D 161 -17.51 -16.98 -37.93
CA ALA D 161 -17.48 -18.02 -38.95
C ALA D 161 -18.79 -18.11 -39.72
N ALA D 162 -19.89 -17.57 -39.16
CA ALA D 162 -21.19 -17.70 -39.80
C ALA D 162 -21.31 -16.81 -41.03
N GLU D 163 -20.85 -15.56 -40.92
CA GLU D 163 -20.87 -14.55 -41.98
C GLU D 163 -20.20 -15.05 -43.26
N ARG D 164 -19.45 -16.14 -43.19
CA ARG D 164 -18.87 -16.78 -44.39
C ARG D 164 -18.15 -15.70 -45.21
N ASN D 165 -18.35 -15.64 -46.53
CA ASN D 165 -17.89 -14.52 -47.32
C ASN D 165 -16.37 -14.51 -47.42
N GLY D 166 -15.80 -15.63 -47.85
CA GLY D 166 -14.36 -15.72 -47.99
C GLY D 166 -13.59 -15.73 -46.70
N VAL D 167 -14.25 -16.01 -45.56
CA VAL D 167 -13.62 -15.89 -44.25
C VAL D 167 -12.78 -17.12 -43.96
N THR D 168 -11.59 -16.89 -43.42
CA THR D 168 -10.63 -17.96 -43.19
C THR D 168 -10.37 -18.17 -41.70
N GLU D 169 -9.73 -19.30 -41.41
CA GLU D 169 -9.27 -19.63 -40.06
C GLU D 169 -8.54 -18.44 -39.41
N SER D 170 -7.59 -17.86 -40.14
CA SER D 170 -6.80 -16.73 -39.64
C SER D 170 -7.68 -15.53 -39.30
N ASP D 171 -8.61 -15.16 -40.18
CA ASP D 171 -9.50 -14.04 -39.90
C ASP D 171 -10.20 -14.23 -38.58
N ILE D 172 -10.70 -15.45 -38.33
CA ILE D 172 -11.50 -15.72 -37.15
C ILE D 172 -10.64 -15.63 -35.90
N VAL D 173 -9.46 -16.26 -35.92
CA VAL D 173 -8.50 -16.05 -34.84
C VAL D 173 -8.29 -14.55 -34.62
N ALA D 174 -7.97 -13.84 -35.70
CA ALA D 174 -7.72 -12.41 -35.59
C ALA D 174 -8.91 -11.70 -34.97
N LYS D 175 -10.12 -11.94 -35.53
CA LYS D 175 -11.31 -11.31 -34.97
C LYS D 175 -11.50 -11.64 -33.49
N ILE D 176 -11.15 -12.86 -33.06
CA ILE D 176 -11.29 -13.21 -31.65
C ILE D 176 -10.27 -12.45 -30.83
N GLU D 177 -9.00 -12.53 -31.24
CA GLU D 177 -7.98 -11.86 -30.45
C GLU D 177 -8.16 -10.35 -30.48
N TYR D 178 -8.72 -9.83 -31.58
CA TYR D 178 -9.09 -8.42 -31.68
C TYR D 178 -10.19 -8.08 -30.68
N GLU D 179 -11.34 -8.73 -30.79
CA GLU D 179 -12.40 -8.48 -29.85
C GLU D 179 -11.91 -8.66 -28.41
N MET D 180 -11.08 -9.68 -28.20
CA MET D 180 -10.53 -9.90 -26.88
C MET D 180 -9.69 -8.69 -26.44
N LYS D 181 -8.80 -8.21 -27.31
CA LYS D 181 -7.98 -7.05 -26.93
C LYS D 181 -8.83 -5.87 -26.50
N ARG D 182 -9.82 -5.48 -27.32
CA ARG D 182 -10.67 -4.33 -26.96
C ARG D 182 -11.21 -4.46 -25.54
N MET D 183 -11.32 -5.69 -25.02
CA MET D 183 -11.94 -5.90 -23.72
C MET D 183 -11.00 -5.71 -22.53
N GLY D 184 -9.71 -5.49 -22.75
CA GLY D 184 -8.75 -5.39 -21.69
C GLY D 184 -7.86 -6.61 -21.51
N VAL D 185 -8.10 -7.67 -22.27
CA VAL D 185 -7.40 -8.94 -22.15
C VAL D 185 -5.99 -8.80 -22.71
N PRO D 186 -4.97 -8.76 -21.88
CA PRO D 186 -3.60 -8.61 -22.38
C PRO D 186 -3.26 -9.55 -23.52
N GLN D 187 -3.17 -10.85 -23.24
CA GLN D 187 -2.81 -11.83 -24.25
C GLN D 187 -3.69 -13.08 -24.13
N MET D 188 -3.78 -13.82 -25.23
CA MET D 188 -4.33 -15.16 -25.20
C MET D 188 -3.40 -16.06 -24.40
N SER D 189 -3.93 -17.18 -23.93
CA SER D 189 -3.10 -18.10 -23.17
C SER D 189 -2.34 -19.06 -24.08
N PHE D 190 -2.56 -18.98 -25.38
CA PHE D 190 -1.84 -19.84 -26.31
C PHE D 190 -2.42 -19.52 -27.68
N ASP D 191 -1.64 -19.83 -28.71
CA ASP D 191 -2.11 -19.59 -30.06
C ASP D 191 -3.49 -20.22 -30.27
N THR D 192 -4.50 -19.36 -30.48
CA THR D 192 -5.87 -19.84 -30.73
C THR D 192 -5.95 -20.77 -31.92
N LEU D 193 -6.70 -21.87 -31.76
CA LEU D 193 -6.87 -22.89 -32.78
C LEU D 193 -8.22 -22.73 -33.48
N VAL D 194 -8.20 -22.58 -34.80
CA VAL D 194 -9.42 -22.67 -35.61
C VAL D 194 -9.07 -23.53 -36.81
N LEU D 195 -9.57 -24.77 -36.84
CA LEU D 195 -9.37 -25.71 -37.94
C LEU D 195 -10.70 -26.20 -38.45
N SER D 196 -10.83 -26.32 -39.77
CA SER D 196 -12.09 -26.76 -40.35
C SER D 196 -11.90 -28.02 -41.20
N GLY D 197 -12.94 -28.87 -41.21
CA GLY D 197 -12.95 -30.01 -42.10
C GLY D 197 -11.95 -31.09 -41.69
N ALA D 198 -11.37 -31.73 -42.71
CA ALA D 198 -10.38 -32.75 -42.39
C ALA D 198 -9.10 -32.14 -41.80
N ARG D 199 -8.99 -30.81 -41.81
CA ARG D 199 -7.82 -30.18 -41.24
C ARG D 199 -7.81 -30.23 -39.71
N ALA D 200 -8.99 -30.29 -39.08
CA ALA D 200 -9.07 -30.36 -37.62
C ALA D 200 -8.60 -31.70 -37.07
N ALA D 201 -8.79 -32.79 -37.81
CA ALA D 201 -8.28 -34.10 -37.44
C ALA D 201 -6.72 -34.20 -37.51
N ASN D 202 -6.03 -33.08 -37.80
CA ASN D 202 -4.59 -32.98 -37.64
C ASN D 202 -4.28 -32.46 -36.25
N PRO D 203 -3.89 -33.34 -35.32
CA PRO D 203 -3.66 -32.89 -33.93
C PRO D 203 -2.62 -31.79 -33.81
N HIS D 204 -1.72 -31.63 -34.79
CA HIS D 204 -0.70 -30.58 -34.74
C HIS D 204 -0.87 -29.58 -35.87
N GLY D 205 -2.10 -29.45 -36.40
CA GLY D 205 -2.43 -28.40 -37.35
C GLY D 205 -2.59 -27.05 -36.68
N ALA D 206 -2.65 -26.02 -37.51
CA ALA D 206 -2.69 -24.64 -37.08
C ALA D 206 -3.55 -23.84 -38.03
N PRO D 207 -4.15 -22.74 -37.58
CA PRO D 207 -5.01 -21.95 -38.47
C PRO D 207 -4.18 -21.32 -39.59
N GLU D 208 -4.48 -21.71 -40.82
CA GLU D 208 -3.93 -21.12 -42.03
C GLU D 208 -4.95 -20.16 -42.64
N ASN D 209 -4.52 -19.40 -43.64
CA ASN D 209 -5.42 -18.48 -44.32
C ASN D 209 -6.12 -19.15 -45.50
N VAL D 210 -6.62 -20.37 -45.24
CA VAL D 210 -7.48 -21.09 -46.15
C VAL D 210 -8.92 -20.91 -45.69
N GLU D 211 -9.88 -21.10 -46.58
CA GLU D 211 -11.26 -20.77 -46.24
C GLU D 211 -11.99 -22.00 -45.69
N ILE D 212 -13.06 -21.73 -44.93
CA ILE D 212 -13.63 -22.74 -44.06
C ILE D 212 -14.62 -23.61 -44.83
N GLN D 213 -14.38 -24.92 -44.84
CA GLN D 213 -15.16 -25.86 -45.61
C GLN D 213 -16.61 -25.87 -45.17
N GLU D 214 -17.51 -25.70 -46.15
CA GLU D 214 -18.94 -25.75 -45.91
C GLU D 214 -19.40 -27.19 -45.75
N ASN D 215 -20.23 -27.45 -44.75
CA ASN D 215 -20.77 -28.79 -44.41
C ASN D 215 -19.77 -29.63 -43.65
N LYS D 216 -18.66 -29.05 -43.20
CA LYS D 216 -17.70 -29.72 -42.34
C LYS D 216 -17.62 -28.97 -41.01
N LEU D 217 -17.05 -29.63 -40.01
CA LEU D 217 -17.05 -29.06 -38.66
C LEU D 217 -16.05 -27.92 -38.57
N LEU D 218 -15.99 -27.29 -37.38
CA LEU D 218 -15.11 -26.15 -37.17
C LEU D 218 -14.64 -26.18 -35.72
N LEU D 219 -13.43 -26.71 -35.50
CA LEU D 219 -12.89 -26.81 -34.15
C LEU D 219 -12.39 -25.45 -33.71
N PHE D 220 -12.89 -24.99 -32.56
CA PHE D 220 -12.40 -23.82 -31.85
C PHE D 220 -11.69 -24.30 -30.59
N ASP D 221 -10.42 -23.96 -30.44
CA ASP D 221 -9.67 -24.21 -29.22
C ASP D 221 -9.00 -22.89 -28.85
N LEU D 222 -9.42 -22.30 -27.73
CA LEU D 222 -8.96 -20.95 -27.45
C LEU D 222 -8.80 -20.76 -25.96
N GLY D 223 -8.15 -19.67 -25.61
CA GLY D 223 -7.81 -19.45 -24.22
C GLY D 223 -7.30 -18.05 -23.93
N VAL D 224 -7.51 -17.63 -22.71
CA VAL D 224 -7.32 -16.26 -22.30
C VAL D 224 -6.48 -16.24 -21.02
N MET D 225 -5.51 -15.34 -20.96
CA MET D 225 -4.87 -15.02 -19.70
C MET D 225 -5.59 -13.81 -19.12
N SER D 226 -5.97 -13.88 -17.85
CA SER D 226 -6.57 -12.71 -17.22
C SER D 226 -6.49 -12.86 -15.72
N GLY D 227 -5.75 -11.95 -15.09
CA GLY D 227 -5.51 -12.00 -13.66
C GLY D 227 -4.31 -12.83 -13.27
N GLY D 228 -3.41 -13.09 -14.22
CA GLY D 228 -2.37 -14.07 -14.03
C GLY D 228 -2.81 -15.51 -14.15
N TYR D 229 -4.11 -15.76 -14.33
CA TYR D 229 -4.62 -17.12 -14.44
C TYR D 229 -5.15 -17.40 -15.84
N ALA D 230 -5.11 -18.68 -16.19
CA ALA D 230 -5.34 -19.15 -17.54
C ALA D 230 -6.75 -19.69 -17.71
N SER D 231 -7.14 -19.87 -18.97
CA SER D 231 -8.34 -20.57 -19.33
C SER D 231 -8.06 -21.38 -20.60
N ASP D 232 -8.77 -22.49 -20.76
CA ASP D 232 -8.52 -23.35 -21.90
C ASP D 232 -9.80 -24.14 -22.20
N ALA D 233 -10.24 -24.08 -23.46
CA ALA D 233 -11.51 -24.71 -23.84
C ALA D 233 -11.56 -24.95 -25.35
N THR D 234 -12.29 -26.03 -25.73
CA THR D 234 -12.58 -26.39 -27.12
C THR D 234 -14.07 -26.57 -27.36
N ARG D 235 -14.51 -26.17 -28.55
CA ARG D 235 -15.82 -26.51 -29.09
C ARG D 235 -15.68 -26.79 -30.59
N THR D 236 -16.36 -27.85 -31.07
CA THR D 236 -16.39 -28.24 -32.48
C THR D 236 -17.82 -28.07 -32.99
N ILE D 237 -18.05 -27.04 -33.81
CA ILE D 237 -19.40 -26.78 -34.32
C ILE D 237 -19.47 -27.10 -35.81
N ALA D 238 -20.63 -26.85 -36.42
CA ALA D 238 -20.86 -27.20 -37.81
C ALA D 238 -21.04 -25.94 -38.64
N ILE D 239 -20.36 -25.90 -39.79
CA ILE D 239 -20.56 -24.86 -40.80
C ILE D 239 -21.54 -25.43 -41.83
N GLY D 240 -22.81 -25.28 -41.55
CA GLY D 240 -23.82 -25.95 -42.35
C GLY D 240 -24.18 -27.31 -41.79
N GLN D 241 -25.19 -27.91 -42.40
CA GLN D 241 -25.67 -29.19 -41.94
C GLN D 241 -24.54 -30.23 -41.98
N PRO D 242 -24.27 -30.94 -40.88
CA PRO D 242 -23.20 -31.94 -40.89
C PRO D 242 -23.67 -33.29 -41.41
N ASN D 243 -22.83 -33.93 -42.20
CA ASN D 243 -23.16 -35.28 -42.65
C ASN D 243 -23.25 -36.21 -41.45
N ASP D 244 -24.02 -37.28 -41.60
CA ASP D 244 -24.28 -38.15 -40.46
C ASP D 244 -23.01 -38.79 -39.90
N PHE D 245 -21.95 -38.92 -40.71
CA PHE D 245 -20.72 -39.47 -40.13
C PHE D 245 -20.09 -38.47 -39.16
N ASP D 246 -19.68 -37.32 -39.69
CA ASP D 246 -19.03 -36.31 -38.86
C ASP D 246 -19.85 -36.02 -37.59
N ALA D 247 -21.15 -35.76 -37.73
CA ALA D 247 -21.96 -35.50 -36.53
C ALA D 247 -22.02 -36.70 -35.59
N GLU D 248 -21.91 -37.93 -36.10
CA GLU D 248 -21.89 -39.06 -35.19
C GLU D 248 -20.64 -39.00 -34.32
N ILE D 249 -19.49 -38.73 -34.93
CA ILE D 249 -18.23 -38.57 -34.21
C ILE D 249 -18.37 -37.46 -33.16
N HIS D 250 -18.97 -36.34 -33.53
CA HIS D 250 -19.24 -35.28 -32.56
C HIS D 250 -20.07 -35.82 -31.40
N LYS D 251 -21.20 -36.46 -31.72
CA LYS D 251 -22.07 -37.05 -30.69
C LYS D 251 -21.27 -37.88 -29.71
N ILE D 252 -20.37 -38.73 -30.22
CA ILE D 252 -19.58 -39.57 -29.33
C ILE D 252 -18.71 -38.71 -28.41
N VAL D 253 -18.05 -37.69 -28.96
CA VAL D 253 -17.11 -36.91 -28.16
C VAL D 253 -17.86 -36.09 -27.13
N LYS D 254 -19.01 -35.52 -27.49
CA LYS D 254 -19.78 -34.75 -26.52
C LYS D 254 -20.10 -35.60 -25.31
N GLU D 255 -20.41 -36.88 -25.53
CA GLU D 255 -20.87 -37.74 -24.44
C GLU D 255 -19.70 -38.28 -23.64
N ALA D 256 -18.63 -38.73 -24.30
CA ALA D 256 -17.37 -38.98 -23.60
C ALA D 256 -17.03 -37.83 -22.65
N GLN D 257 -16.93 -36.62 -23.20
CA GLN D 257 -16.61 -35.45 -22.36
C GLN D 257 -17.58 -35.34 -21.20
N GLN D 258 -18.87 -35.55 -21.44
CA GLN D 258 -19.88 -35.34 -20.40
C GLN D 258 -19.81 -36.39 -19.29
N ALA D 259 -19.64 -37.68 -19.66
CA ALA D 259 -19.44 -38.72 -18.66
C ALA D 259 -18.23 -38.43 -17.79
N ALA D 260 -17.11 -38.05 -18.40
CA ALA D 260 -15.97 -37.66 -17.60
C ALA D 260 -16.36 -36.53 -16.64
N MET D 261 -17.07 -35.54 -17.16
CA MET D 261 -17.50 -34.44 -16.31
C MET D 261 -18.36 -34.95 -15.16
N ASP D 262 -19.40 -35.73 -15.47
CA ASP D 262 -20.34 -36.27 -14.51
C ASP D 262 -19.72 -37.24 -13.52
N PHE D 263 -18.51 -37.74 -13.80
CA PHE D 263 -17.89 -38.76 -12.97
C PHE D 263 -16.90 -38.19 -11.94
N ILE D 264 -16.58 -36.91 -12.00
CA ILE D 264 -15.42 -36.38 -11.29
C ILE D 264 -15.85 -35.97 -9.88
N LYS D 265 -15.24 -36.62 -8.88
CA LYS D 265 -15.43 -36.33 -7.48
C LYS D 265 -14.08 -36.50 -6.80
N PRO D 266 -13.89 -35.92 -5.63
CA PRO D 266 -12.77 -36.36 -4.79
C PRO D 266 -12.88 -37.85 -4.54
N GLY D 267 -11.76 -38.56 -4.69
CA GLY D 267 -11.70 -39.99 -4.48
C GLY D 267 -11.51 -40.79 -5.76
N VAL D 268 -11.95 -40.28 -6.90
CA VAL D 268 -11.60 -40.89 -8.18
C VAL D 268 -10.13 -40.60 -8.48
N THR D 269 -9.56 -41.35 -9.41
CA THR D 269 -8.17 -41.14 -9.80
C THR D 269 -8.11 -40.66 -11.23
N ALA D 270 -6.99 -39.99 -11.51
CA ALA D 270 -6.74 -39.38 -12.80
C ALA D 270 -6.79 -40.42 -13.92
N HIS D 271 -6.12 -41.55 -13.71
CA HIS D 271 -6.29 -42.69 -14.61
C HIS D 271 -7.77 -42.94 -14.90
N GLU D 272 -8.57 -43.09 -13.84
CA GLU D 272 -9.98 -43.41 -14.03
C GLU D 272 -10.69 -42.34 -14.85
N VAL D 273 -10.60 -41.06 -14.43
CA VAL D 273 -11.26 -39.97 -15.17
C VAL D 273 -10.95 -40.08 -16.65
N ASP D 274 -9.66 -40.13 -16.98
CA ASP D 274 -9.24 -40.47 -18.33
C ASP D 274 -10.02 -41.65 -18.87
N ALA D 275 -10.09 -42.75 -18.10
CA ALA D 275 -10.71 -43.96 -18.63
C ALA D 275 -12.19 -43.76 -18.91
N VAL D 276 -12.91 -42.97 -18.09
CA VAL D 276 -14.35 -42.80 -18.33
C VAL D 276 -14.57 -42.34 -19.77
N ALA D 277 -13.80 -41.36 -20.23
CA ALA D 277 -13.93 -40.91 -21.61
C ALA D 277 -13.32 -41.92 -22.57
N ARG D 278 -12.10 -42.36 -22.28
CA ARG D 278 -11.40 -43.22 -23.23
C ARG D 278 -12.13 -44.54 -23.44
N ASP D 279 -12.75 -45.08 -22.39
CA ASP D 279 -13.57 -46.28 -22.56
C ASP D 279 -14.71 -46.02 -23.52
N LEU D 280 -15.48 -44.96 -23.24
CA LEU D 280 -16.66 -44.65 -24.04
C LEU D 280 -16.29 -44.45 -25.50
N ILE D 281 -15.18 -43.76 -25.75
CA ILE D 281 -14.75 -43.54 -27.13
C ILE D 281 -14.26 -44.85 -27.74
N THR D 282 -13.56 -45.67 -26.96
CA THR D 282 -13.05 -46.93 -27.50
C THR D 282 -14.19 -47.88 -27.83
N LYS D 283 -15.11 -48.06 -26.87
CA LYS D 283 -16.31 -48.87 -27.07
C LYS D 283 -17.14 -48.42 -28.28
N ALA D 284 -16.94 -47.21 -28.78
CA ALA D 284 -17.57 -46.78 -30.03
C ALA D 284 -16.74 -47.15 -31.25
N GLY D 285 -15.61 -47.81 -31.08
CA GLY D 285 -14.81 -48.26 -32.20
C GLY D 285 -13.80 -47.27 -32.71
N TYR D 286 -13.31 -46.35 -31.85
CA TYR D 286 -12.47 -45.25 -32.29
C TYR D 286 -11.26 -45.00 -31.40
N GLY D 287 -11.00 -45.84 -30.40
CA GLY D 287 -9.88 -45.61 -29.50
C GLY D 287 -8.54 -45.40 -30.19
N GLU D 288 -8.45 -45.78 -31.46
CA GLU D 288 -7.21 -45.61 -32.23
C GLU D 288 -7.09 -44.22 -32.83
N TYR D 289 -8.19 -43.46 -32.86
CA TYR D 289 -8.20 -42.09 -33.36
C TYR D 289 -8.24 -41.05 -32.25
N PHE D 290 -8.17 -41.48 -30.99
CA PHE D 290 -8.13 -40.63 -29.81
C PHE D 290 -6.87 -40.98 -29.05
N ASN D 291 -5.71 -40.54 -29.55
CA ASN D 291 -4.46 -40.94 -28.91
C ASN D 291 -3.69 -39.73 -28.38
N HIS D 292 -4.39 -38.84 -27.69
CA HIS D 292 -3.81 -37.95 -26.70
C HIS D 292 -4.50 -38.21 -25.36
N SER D 293 -3.95 -37.61 -24.30
CA SER D 293 -4.52 -37.83 -22.98
C SER D 293 -5.75 -36.96 -22.75
N LEU D 294 -6.60 -37.39 -21.79
CA LEU D 294 -7.87 -36.70 -21.57
C LEU D 294 -7.71 -35.32 -20.95
N GLY D 295 -6.60 -35.05 -20.27
CA GLY D 295 -6.55 -33.81 -19.53
C GLY D 295 -5.14 -33.40 -19.13
N HIS D 296 -5.05 -32.14 -18.71
CA HIS D 296 -3.86 -31.51 -18.20
C HIS D 296 -4.30 -30.49 -17.17
N GLY D 297 -3.42 -30.20 -16.22
CA GLY D 297 -3.75 -29.22 -15.21
C GLY D 297 -3.80 -27.85 -15.81
N ILE D 298 -4.33 -26.91 -15.02
CA ILE D 298 -4.42 -25.52 -15.50
C ILE D 298 -4.50 -24.62 -14.29
N GLY D 299 -3.86 -23.46 -14.40
CA GLY D 299 -3.91 -22.45 -13.35
C GLY D 299 -3.20 -21.22 -13.86
N MET D 300 -2.12 -20.83 -13.20
CA MET D 300 -1.35 -19.74 -13.77
C MET D 300 -0.75 -20.14 -15.12
N ASP D 301 -0.51 -21.42 -15.35
CA ASP D 301 -0.10 -21.88 -16.67
C ASP D 301 -1.25 -22.59 -17.36
N VAL D 302 -1.29 -22.48 -18.69
CA VAL D 302 -2.25 -23.28 -19.43
C VAL D 302 -1.97 -24.76 -19.22
N HIS D 303 -0.73 -25.14 -18.94
CA HIS D 303 -0.33 -26.54 -18.80
C HIS D 303 0.39 -26.74 -17.47
N GLU D 304 -0.38 -27.23 -16.48
CA GLU D 304 0.14 -27.61 -15.16
C GLU D 304 -0.25 -29.04 -14.85
N TYR D 305 -0.40 -29.32 -13.57
CA TYR D 305 -0.81 -30.62 -13.08
C TYR D 305 -2.07 -30.45 -12.25
N PRO D 306 -2.87 -31.52 -12.06
CA PRO D 306 -2.65 -32.93 -12.42
C PRO D 306 -2.70 -33.29 -13.92
N SER D 307 -2.09 -34.43 -14.24
CA SER D 307 -2.16 -35.03 -15.57
C SER D 307 -3.32 -36.02 -15.60
N ILE D 308 -4.25 -35.81 -16.52
CA ILE D 308 -5.36 -36.76 -16.69
C ILE D 308 -4.90 -37.73 -17.78
N VAL D 309 -4.18 -38.78 -17.36
CA VAL D 309 -3.44 -39.66 -18.25
C VAL D 309 -3.53 -41.10 -17.74
N ALA D 310 -3.64 -42.04 -18.68
CA ALA D 310 -3.80 -43.45 -18.38
C ALA D 310 -2.92 -43.91 -17.24
N GLY D 311 -1.65 -43.54 -17.25
CA GLY D 311 -0.74 -44.08 -16.26
C GLY D 311 -1.09 -43.70 -14.83
N ASN D 312 -1.52 -42.45 -14.63
CA ASN D 312 -1.40 -41.78 -13.33
C ASN D 312 -2.53 -42.16 -12.38
N ASP D 313 -2.16 -42.78 -11.25
CA ASP D 313 -3.13 -43.15 -10.22
C ASP D 313 -3.25 -42.09 -9.13
N LEU D 314 -2.81 -40.85 -9.41
CA LEU D 314 -3.11 -39.75 -8.53
C LEU D 314 -4.61 -39.70 -8.25
N VAL D 315 -4.96 -39.36 -7.02
CA VAL D 315 -6.34 -39.32 -6.57
C VAL D 315 -6.81 -37.87 -6.61
N ILE D 316 -7.90 -37.63 -7.31
CA ILE D 316 -8.38 -36.27 -7.49
C ILE D 316 -8.79 -35.71 -6.14
N GLN D 317 -8.31 -34.54 -5.80
CA GLN D 317 -8.72 -33.94 -4.55
C GLN D 317 -9.31 -32.55 -4.80
N GLU D 318 -10.17 -32.13 -3.87
CA GLU D 318 -10.84 -30.83 -3.98
C GLU D 318 -9.84 -29.70 -4.16
N GLY D 319 -10.06 -28.87 -5.17
CA GLY D 319 -9.17 -27.78 -5.49
C GLY D 319 -8.36 -28.02 -6.75
N MET D 320 -8.34 -29.24 -7.25
CA MET D 320 -7.56 -29.54 -8.45
C MET D 320 -8.29 -28.99 -9.66
N CYS D 321 -7.55 -28.29 -10.51
CA CYS D 321 -8.11 -27.71 -11.73
C CYS D 321 -7.42 -28.40 -12.90
N PHE D 322 -8.21 -28.97 -13.81
CA PHE D 322 -7.61 -29.59 -14.97
C PHE D 322 -8.61 -29.49 -16.12
N SER D 323 -8.14 -29.91 -17.29
CA SER D 323 -8.94 -29.93 -18.49
C SER D 323 -9.56 -31.30 -18.68
N ASN D 324 -10.60 -31.33 -19.52
CA ASN D 324 -11.36 -32.54 -19.85
C ASN D 324 -11.70 -32.41 -21.33
N GLU D 325 -10.82 -32.92 -22.19
CA GLU D 325 -10.87 -32.66 -23.62
C GLU D 325 -10.58 -33.93 -24.40
N PRO D 326 -11.55 -34.85 -24.44
CA PRO D 326 -11.45 -35.97 -25.38
C PRO D 326 -11.60 -35.50 -26.81
N GLY D 327 -11.25 -36.36 -27.74
CA GLY D 327 -11.51 -36.06 -29.13
C GLY D 327 -11.36 -37.30 -29.98
N ILE D 328 -11.94 -37.23 -31.17
CA ILE D 328 -11.70 -38.20 -32.22
C ILE D 328 -11.12 -37.47 -33.41
N TYR D 329 -10.02 -38.00 -33.95
CA TYR D 329 -9.30 -37.38 -35.04
C TYR D 329 -9.07 -38.49 -36.07
N ILE D 330 -9.96 -38.57 -37.05
CA ILE D 330 -9.82 -39.57 -38.11
C ILE D 330 -9.14 -38.90 -39.30
N PRO D 331 -7.83 -39.10 -39.49
CA PRO D 331 -7.09 -38.29 -40.46
C PRO D 331 -7.77 -38.29 -41.83
N GLY D 332 -7.68 -37.15 -42.51
CA GLY D 332 -8.31 -37.01 -43.80
C GLY D 332 -9.79 -36.69 -43.76
N LYS D 333 -10.52 -37.17 -42.75
CA LYS D 333 -11.98 -37.07 -42.79
C LYS D 333 -12.57 -36.04 -41.83
N VAL D 334 -12.22 -36.07 -40.54
CA VAL D 334 -12.98 -35.32 -39.55
C VAL D 334 -12.22 -35.19 -38.23
N GLY D 335 -12.32 -34.05 -37.59
CA GLY D 335 -11.68 -33.87 -36.29
C GLY D 335 -12.58 -33.20 -35.29
N VAL D 336 -12.82 -33.84 -34.14
CA VAL D 336 -13.67 -33.27 -33.10
C VAL D 336 -12.93 -33.32 -31.76
N ARG D 337 -13.02 -32.21 -31.02
CA ARG D 337 -12.59 -32.16 -29.64
C ARG D 337 -13.53 -31.23 -28.89
N ILE D 338 -13.90 -31.62 -27.67
CA ILE D 338 -14.72 -30.80 -26.80
C ILE D 338 -13.98 -30.71 -25.46
N GLU D 339 -13.52 -29.50 -25.11
CA GLU D 339 -12.62 -29.29 -23.98
C GLU D 339 -13.25 -28.37 -22.95
N ASP D 340 -13.00 -28.68 -21.69
CA ASP D 340 -13.47 -27.89 -20.56
C ASP D 340 -12.43 -28.00 -19.46
N CYS D 341 -12.23 -26.92 -18.75
CA CYS D 341 -11.45 -27.03 -17.54
C CYS D 341 -12.44 -26.92 -16.39
N LEU D 342 -12.14 -27.59 -15.28
CA LEU D 342 -13.07 -27.70 -14.19
C LEU D 342 -12.28 -27.60 -12.90
N TYR D 343 -12.95 -27.15 -11.84
CA TYR D 343 -12.40 -27.22 -10.50
C TYR D 343 -13.18 -28.26 -9.71
N VAL D 344 -12.48 -29.02 -8.86
CA VAL D 344 -13.06 -30.14 -8.13
C VAL D 344 -13.55 -29.63 -6.79
N THR D 345 -14.78 -30.00 -6.42
CA THR D 345 -15.45 -29.48 -5.24
C THR D 345 -15.64 -30.60 -4.21
N GLU D 346 -16.30 -30.29 -3.10
CA GLU D 346 -16.49 -31.30 -2.06
C GLU D 346 -17.12 -32.56 -2.62
N ASN D 347 -18.28 -32.41 -3.28
CA ASN D 347 -19.06 -33.57 -3.72
C ASN D 347 -19.11 -33.71 -5.24
N GLY D 348 -18.35 -32.91 -5.99
CA GLY D 348 -18.35 -33.07 -7.45
C GLY D 348 -17.37 -32.21 -8.21
N CYS D 349 -17.83 -31.56 -9.28
CA CYS D 349 -16.99 -30.60 -10.00
C CYS D 349 -17.84 -29.62 -10.79
N GLU D 350 -17.30 -28.42 -10.95
CA GLU D 350 -17.91 -27.38 -11.76
C GLU D 350 -16.92 -26.95 -12.83
N SER D 351 -17.47 -26.56 -13.95
CA SER D 351 -16.72 -26.16 -15.13
C SER D 351 -16.41 -24.66 -15.09
N PHE D 352 -15.36 -24.27 -15.81
CA PHE D 352 -14.94 -22.90 -15.93
C PHE D 352 -15.54 -22.23 -17.15
N THR D 353 -16.11 -23.00 -18.06
CA THR D 353 -16.67 -22.52 -19.30
C THR D 353 -18.00 -23.20 -19.52
N HIS D 354 -19.02 -22.42 -19.93
CA HIS D 354 -20.38 -22.94 -20.03
C HIS D 354 -20.95 -22.89 -21.43
N THR D 355 -20.16 -22.55 -22.44
CA THR D 355 -20.65 -22.60 -23.80
C THR D 355 -21.30 -23.95 -24.07
N ASP D 356 -22.42 -23.92 -24.79
CA ASP D 356 -23.13 -25.15 -25.14
C ASP D 356 -22.16 -26.18 -25.72
N HIS D 357 -22.45 -27.47 -25.49
CA HIS D 357 -21.64 -28.53 -26.07
C HIS D 357 -22.26 -29.14 -27.32
N ASP D 358 -23.57 -28.97 -27.56
CA ASP D 358 -24.22 -29.65 -28.67
C ASP D 358 -23.61 -29.18 -30.01
N LEU D 359 -23.78 -30.00 -31.03
CA LEU D 359 -23.27 -29.68 -32.36
C LEU D 359 -24.19 -28.63 -32.98
N LEU D 360 -23.81 -27.36 -32.80
CA LEU D 360 -24.52 -26.21 -33.36
C LEU D 360 -24.23 -26.04 -34.85
N ILE D 361 -25.30 -25.83 -35.64
CA ILE D 361 -25.16 -25.50 -37.05
C ILE D 361 -25.20 -23.99 -37.19
N PHE D 362 -24.34 -23.46 -38.06
CA PHE D 362 -24.30 -22.04 -38.33
C PHE D 362 -24.28 -21.84 -39.83
N MET E 1 -58.55 5.34 11.42
CA MET E 1 -57.41 4.61 10.85
C MET E 1 -57.70 3.10 10.80
N SER E 2 -58.97 2.72 10.68
CA SER E 2 -59.35 1.30 10.61
C SER E 2 -59.13 0.81 9.19
N LYS E 3 -58.34 -0.25 9.05
CA LYS E 3 -57.84 -0.62 7.72
C LYS E 3 -58.95 -1.16 6.84
N ILE E 4 -59.72 -2.12 7.36
CA ILE E 4 -60.94 -2.56 6.68
C ILE E 4 -61.73 -1.37 6.19
N GLU E 5 -61.95 -0.38 7.06
CA GLU E 5 -62.73 0.79 6.68
C GLU E 5 -62.06 1.58 5.55
N ARG E 6 -60.73 1.71 5.59
CA ARG E 6 -60.03 2.33 4.48
C ARG E 6 -60.42 1.66 3.17
N ILE E 7 -60.45 0.32 3.18
CA ILE E 7 -60.77 -0.42 1.96
C ILE E 7 -62.25 -0.30 1.60
N SER E 8 -63.14 -0.23 2.60
CA SER E 8 -64.54 -0.06 2.28
C SER E 8 -64.79 1.35 1.77
N ALA E 9 -64.03 2.32 2.28
CA ALA E 9 -63.99 3.64 1.66
C ALA E 9 -63.63 3.54 0.18
N PHE E 10 -62.57 2.77 -0.11
CA PHE E 10 -62.19 2.51 -1.48
C PHE E 10 -63.36 1.96 -2.30
N LEU E 11 -63.93 0.84 -1.84
CA LEU E 11 -65.00 0.21 -2.59
C LEU E 11 -66.13 1.18 -2.93
N ASN E 12 -66.47 2.06 -1.99
CA ASN E 12 -67.60 2.96 -2.22
C ASN E 12 -67.23 4.06 -3.19
N ASP E 13 -66.03 4.61 -3.06
CA ASP E 13 -65.58 5.65 -3.98
C ASP E 13 -65.55 5.14 -5.41
N LYS E 14 -65.05 3.92 -5.59
CA LYS E 14 -64.86 3.34 -6.91
C LYS E 14 -66.05 2.49 -7.35
N GLU E 15 -67.12 2.46 -6.56
CA GLU E 15 -68.32 1.71 -6.89
C GLU E 15 -67.97 0.28 -7.31
N VAL E 16 -67.28 -0.43 -6.42
CA VAL E 16 -66.95 -1.83 -6.60
C VAL E 16 -67.48 -2.59 -5.40
N ASP E 17 -68.22 -3.66 -5.68
CA ASP E 17 -69.10 -4.23 -4.66
C ASP E 17 -68.34 -4.99 -3.58
N MET E 18 -67.29 -5.72 -3.96
CA MET E 18 -66.67 -6.63 -3.03
C MET E 18 -65.19 -6.68 -3.34
N THR E 19 -64.39 -7.15 -2.37
CA THR E 19 -63.00 -7.47 -2.60
C THR E 19 -62.79 -8.96 -2.46
N PHE E 20 -61.63 -9.42 -2.94
CA PHE E 20 -61.17 -10.78 -2.65
C PHE E 20 -59.65 -10.68 -2.53
N ILE E 21 -59.19 -10.40 -1.34
CA ILE E 21 -57.79 -10.12 -1.08
C ILE E 21 -57.08 -11.42 -0.79
N THR E 22 -55.94 -11.65 -1.46
CA THR E 22 -55.33 -12.97 -1.46
C THR E 22 -53.87 -13.00 -1.00
N ASN E 23 -53.17 -11.89 -0.97
CA ASN E 23 -51.78 -11.92 -0.53
C ASN E 23 -51.70 -12.34 0.93
N PRO E 24 -50.97 -13.39 1.25
CA PRO E 24 -50.83 -13.75 2.66
C PRO E 24 -50.29 -12.60 3.48
N THR E 25 -49.32 -11.84 2.96
CA THR E 25 -48.81 -10.70 3.71
C THR E 25 -49.88 -9.60 3.84
N THR E 26 -50.66 -9.35 2.79
CA THR E 26 -51.73 -8.36 2.88
C THR E 26 -52.76 -8.72 3.95
N LEU E 27 -52.97 -10.02 4.20
CA LEU E 27 -53.98 -10.47 5.14
C LEU E 27 -53.53 -10.34 6.58
N ASN E 28 -52.23 -10.51 6.83
CA ASN E 28 -51.67 -10.16 8.12
C ASN E 28 -51.88 -8.67 8.38
N TYR E 29 -51.28 -7.84 7.53
CA TYR E 29 -51.40 -6.38 7.63
C TYR E 29 -52.82 -5.92 7.93
N LEU E 30 -53.80 -6.38 7.14
CA LEU E 30 -55.18 -5.93 7.36
C LEU E 30 -55.85 -6.57 8.58
N THR E 31 -55.55 -7.82 8.91
CA THR E 31 -56.23 -8.49 10.00
C THR E 31 -55.34 -8.90 11.16
N GLY E 32 -54.02 -8.82 11.03
CA GLY E 32 -53.13 -9.30 12.07
C GLY E 32 -53.07 -10.80 12.21
N LEU E 33 -53.81 -11.53 11.36
CA LEU E 33 -53.77 -12.98 11.31
C LEU E 33 -52.77 -13.44 10.24
N ALA E 34 -51.78 -14.23 10.65
CA ALA E 34 -50.72 -14.67 9.75
C ALA E 34 -51.07 -16.02 9.15
N ILE E 35 -51.92 -16.01 8.13
CA ILE E 35 -52.36 -17.24 7.48
C ILE E 35 -51.69 -17.35 6.12
N ASP E 36 -51.36 -18.57 5.74
CA ASP E 36 -50.87 -18.88 4.40
C ASP E 36 -51.45 -20.20 3.99
N PRO E 37 -52.36 -20.22 3.02
CA PRO E 37 -53.03 -21.47 2.64
C PRO E 37 -52.27 -22.31 1.62
N HIS E 38 -51.13 -21.86 1.13
CA HIS E 38 -50.38 -22.55 0.08
C HIS E 38 -51.32 -22.65 -1.12
N GLU E 39 -51.64 -23.84 -1.61
CA GLU E 39 -52.52 -23.93 -2.76
C GLU E 39 -53.98 -24.02 -2.35
N ARG E 40 -54.27 -23.98 -1.05
CA ARG E 40 -55.66 -23.82 -0.61
C ARG E 40 -56.12 -22.42 -0.99
N ILE E 41 -57.38 -22.10 -0.74
CA ILE E 41 -57.96 -20.82 -1.16
C ILE E 41 -58.35 -20.02 0.07
N ALA E 42 -57.76 -18.84 0.24
CA ALA E 42 -58.15 -17.89 1.28
C ALA E 42 -58.47 -16.54 0.65
N GLY E 43 -59.37 -15.79 1.28
CA GLY E 43 -59.71 -14.50 0.73
C GLY E 43 -60.44 -13.55 1.68
N LEU E 44 -59.90 -12.33 1.82
CA LEU E 44 -60.55 -11.33 2.66
C LEU E 44 -61.62 -10.61 1.83
N MET E 45 -62.85 -10.60 2.33
CA MET E 45 -64.00 -10.14 1.57
C MET E 45 -64.63 -8.92 2.23
N ILE E 46 -64.44 -7.75 1.64
CA ILE E 46 -65.01 -6.52 2.16
C ILE E 46 -66.12 -6.01 1.23
N PHE E 47 -67.12 -5.35 1.82
CA PHE E 47 -68.23 -4.86 1.02
C PHE E 47 -68.48 -3.38 1.26
N ARG E 48 -69.21 -2.78 0.32
CA ARG E 48 -69.50 -1.35 0.42
C ARG E 48 -70.21 -1.03 1.72
N ASP E 49 -71.12 -1.89 2.13
CA ASP E 49 -72.05 -1.60 3.20
C ASP E 49 -72.49 -2.93 3.81
N SER E 50 -71.55 -3.64 4.42
CA SER E 50 -71.89 -4.92 5.04
C SER E 50 -70.66 -5.46 5.77
N THR E 51 -70.90 -6.40 6.67
CA THR E 51 -69.82 -6.92 7.48
C THR E 51 -68.78 -7.61 6.60
N PRO E 52 -67.51 -7.53 6.98
CA PRO E 52 -66.47 -8.27 6.25
C PRO E 52 -66.53 -9.76 6.54
N MET E 53 -66.16 -10.53 5.54
CA MET E 53 -65.96 -11.96 5.69
C MET E 53 -64.50 -12.28 5.38
N LEU E 54 -64.01 -13.38 5.96
CA LEU E 54 -62.70 -13.92 5.64
C LEU E 54 -62.89 -15.40 5.35
N PHE E 55 -62.62 -15.82 4.11
CA PHE E 55 -62.76 -17.21 3.69
C PHE E 55 -61.41 -17.91 3.79
N THR E 56 -61.36 -18.96 4.60
CA THR E 56 -60.14 -19.72 4.82
C THR E 56 -60.43 -21.20 4.71
N PRO E 57 -59.40 -22.02 4.60
CA PRO E 57 -59.61 -23.47 4.58
C PRO E 57 -60.05 -23.96 5.95
N ALA E 58 -60.96 -24.95 5.94
CA ALA E 58 -61.46 -25.55 7.18
C ALA E 58 -60.36 -25.72 8.21
N LEU E 59 -59.23 -26.31 7.81
CA LEU E 59 -58.11 -26.54 8.71
C LEU E 59 -57.70 -25.25 9.41
N GLU E 60 -58.22 -24.12 8.95
CA GLU E 60 -57.77 -22.81 9.40
C GLU E 60 -58.81 -22.00 10.14
N VAL E 61 -60.09 -22.38 10.09
CA VAL E 61 -61.15 -21.49 10.55
C VAL E 61 -60.98 -21.13 12.02
N GLU E 62 -60.52 -22.08 12.84
CA GLU E 62 -60.64 -21.94 14.28
C GLU E 62 -59.52 -21.13 14.91
N LYS E 63 -58.59 -20.57 14.15
CA LYS E 63 -57.77 -19.52 14.72
C LYS E 63 -57.71 -18.31 13.79
N ALA E 64 -58.59 -18.26 12.81
CA ALA E 64 -59.09 -17.00 12.30
C ALA E 64 -60.26 -16.47 13.11
N LYS E 65 -60.42 -16.92 14.35
CA LYS E 65 -61.55 -16.47 15.17
C LYS E 65 -61.06 -15.94 16.50
N GLU E 66 -60.35 -16.78 17.25
CA GLU E 66 -59.29 -16.22 18.08
C GLU E 66 -58.26 -15.63 17.12
N HIS E 67 -57.30 -14.90 17.67
CA HIS E 67 -56.19 -14.39 16.87
C HIS E 67 -56.61 -13.35 15.83
N THR E 68 -57.90 -13.01 15.72
CA THR E 68 -58.20 -11.96 14.75
C THR E 68 -59.38 -11.11 15.15
N SER E 69 -59.34 -9.88 14.61
CA SER E 69 -60.26 -8.77 14.77
C SER E 69 -61.61 -9.12 15.36
N GLY E 70 -62.22 -10.17 14.84
CA GLY E 70 -63.63 -10.38 15.04
C GLY E 70 -64.37 -9.85 13.83
N LEU E 71 -64.27 -10.58 12.71
CA LEU E 71 -65.20 -10.45 11.60
C LEU E 71 -65.54 -11.85 11.09
N ASP E 72 -66.41 -11.94 10.09
CA ASP E 72 -67.23 -13.15 9.85
C ASP E 72 -66.44 -14.22 9.11
N ILE E 73 -65.93 -15.21 9.85
CA ILE E 73 -65.08 -16.23 9.28
C ILE E 73 -65.92 -17.38 8.76
N PHE E 74 -65.52 -17.92 7.62
CA PHE E 74 -66.05 -19.21 7.19
C PHE E 74 -64.98 -19.91 6.37
N GLY E 75 -65.17 -21.22 6.19
CA GLY E 75 -64.17 -22.07 5.59
C GLY E 75 -64.79 -22.99 4.54
N TYR E 76 -63.94 -23.84 3.99
CA TYR E 76 -64.40 -24.90 3.09
C TYR E 76 -63.64 -26.17 3.41
N GLU E 77 -64.27 -27.28 3.05
CA GLU E 77 -63.63 -28.58 3.08
C GLU E 77 -63.13 -28.91 1.69
N ASP E 78 -62.01 -29.65 1.62
CA ASP E 78 -61.49 -30.09 0.33
C ASP E 78 -62.56 -30.85 -0.45
N SER E 79 -63.64 -31.23 0.24
CA SER E 79 -64.80 -31.85 -0.42
C SER E 79 -65.52 -30.87 -1.35
N GLN E 80 -65.62 -29.59 -0.98
CA GLN E 80 -66.36 -28.60 -1.73
C GLN E 80 -65.45 -27.80 -2.67
N ASN E 81 -66.08 -27.18 -3.66
CA ASN E 81 -65.40 -26.28 -4.58
C ASN E 81 -65.29 -24.91 -3.91
N PRO E 82 -64.07 -24.43 -3.62
CA PRO E 82 -63.92 -23.29 -2.71
C PRO E 82 -64.68 -22.07 -3.19
N TRP E 83 -64.69 -21.85 -4.49
CA TRP E 83 -65.40 -20.72 -5.06
C TRP E 83 -66.90 -20.87 -4.86
N GLU E 84 -67.41 -22.10 -5.02
CA GLU E 84 -68.81 -22.36 -4.74
C GLU E 84 -69.15 -22.01 -3.30
N VAL E 85 -68.30 -22.40 -2.35
CA VAL E 85 -68.56 -22.03 -0.96
C VAL E 85 -68.59 -20.52 -0.83
N VAL E 86 -67.77 -19.83 -1.63
CA VAL E 86 -67.72 -18.37 -1.55
C VAL E 86 -69.03 -17.76 -2.06
N LYS E 87 -69.51 -18.19 -3.22
CA LYS E 87 -70.70 -17.53 -3.73
C LYS E 87 -71.90 -17.79 -2.84
N ASN E 88 -71.99 -18.98 -2.25
CA ASN E 88 -73.13 -19.32 -1.41
C ASN E 88 -73.25 -18.39 -0.21
N HIS E 89 -72.13 -17.79 0.20
CA HIS E 89 -72.13 -16.94 1.37
C HIS E 89 -72.40 -15.47 1.06
N VAL E 90 -72.24 -15.06 -0.19
CA VAL E 90 -72.34 -13.64 -0.55
C VAL E 90 -73.71 -13.44 -1.18
N LYS E 91 -74.70 -13.09 -0.35
CA LYS E 91 -76.10 -13.01 -0.76
C LYS E 91 -76.30 -12.26 -2.08
N SER E 92 -76.34 -10.93 -1.97
CA SER E 92 -76.29 -10.01 -3.11
C SER E 92 -75.07 -9.12 -2.93
N ASP E 93 -74.54 -8.59 -4.02
CA ASP E 93 -74.93 -8.79 -5.41
C ASP E 93 -73.77 -8.17 -6.20
N VAL E 94 -72.96 -9.02 -6.82
CA VAL E 94 -71.63 -8.67 -7.31
C VAL E 94 -71.64 -8.47 -8.81
N LYS E 95 -71.19 -7.30 -9.25
CA LYS E 95 -70.80 -7.09 -10.64
C LYS E 95 -69.33 -6.71 -10.78
N SER E 96 -68.56 -6.67 -9.69
CA SER E 96 -67.19 -6.18 -9.70
C SER E 96 -66.45 -6.75 -8.51
N ILE E 97 -65.14 -6.82 -8.62
CA ILE E 97 -64.32 -7.31 -7.52
C ILE E 97 -62.98 -6.61 -7.54
N ALA E 98 -62.62 -5.94 -6.45
CA ALA E 98 -61.25 -5.46 -6.29
C ALA E 98 -60.38 -6.61 -5.81
N VAL E 99 -59.25 -6.82 -6.50
CA VAL E 99 -58.35 -7.92 -6.23
C VAL E 99 -56.92 -7.39 -6.38
N GLU E 100 -55.98 -8.10 -5.77
CA GLU E 100 -54.59 -7.71 -5.88
C GLU E 100 -54.01 -8.24 -7.19
N PHE E 101 -53.77 -7.35 -8.14
CA PHE E 101 -53.23 -7.75 -9.43
C PHE E 101 -51.82 -8.31 -9.34
N SER E 102 -51.05 -7.95 -8.32
CA SER E 102 -49.69 -8.49 -8.19
C SER E 102 -49.66 -9.87 -7.56
N ASP E 103 -50.81 -10.48 -7.30
CA ASP E 103 -50.83 -11.72 -6.55
C ASP E 103 -51.88 -12.72 -7.01
N ILE E 104 -53.04 -12.30 -7.47
CA ILE E 104 -54.10 -13.28 -7.63
C ILE E 104 -53.88 -14.07 -8.92
N PRO E 105 -53.54 -15.35 -8.84
CA PRO E 105 -53.27 -16.12 -10.06
C PRO E 105 -54.49 -16.18 -10.95
N LEU E 106 -54.22 -16.42 -12.24
CA LEU E 106 -55.34 -16.54 -13.18
C LEU E 106 -56.31 -17.62 -12.76
N ALA E 107 -55.87 -18.61 -12.00
CA ALA E 107 -56.75 -19.68 -11.57
C ALA E 107 -57.83 -19.14 -10.65
N LYS E 108 -57.43 -18.35 -9.65
CA LYS E 108 -58.38 -17.86 -8.66
C LYS E 108 -59.36 -16.88 -9.29
N THR E 109 -58.88 -15.99 -10.15
CA THR E 109 -59.83 -15.10 -10.80
C THR E 109 -60.85 -15.89 -11.61
N GLU E 110 -60.40 -16.94 -12.30
CA GLU E 110 -61.34 -17.75 -13.07
C GLU E 110 -62.27 -18.53 -12.16
N GLY E 111 -61.76 -19.07 -11.05
CA GLY E 111 -62.64 -19.62 -10.03
C GLY E 111 -63.73 -18.65 -9.61
N LEU E 112 -63.37 -17.38 -9.41
CA LEU E 112 -64.36 -16.38 -9.06
C LEU E 112 -65.34 -16.15 -10.21
N LYS E 113 -64.80 -16.00 -11.44
CA LYS E 113 -65.65 -15.75 -12.60
C LYS E 113 -66.74 -16.80 -12.73
N ALA E 114 -66.40 -18.07 -12.47
CA ALA E 114 -67.34 -19.18 -12.65
C ALA E 114 -68.60 -19.03 -11.80
N GLN E 115 -68.43 -18.68 -10.53
CA GLN E 115 -69.56 -18.58 -9.62
C GLN E 115 -70.27 -17.25 -9.71
N PHE E 116 -69.69 -16.27 -10.43
CA PHE E 116 -70.14 -14.90 -10.32
C PHE E 116 -70.60 -14.26 -11.63
N GLY E 117 -70.34 -14.88 -12.76
CA GLY E 117 -70.60 -14.26 -14.05
C GLY E 117 -69.36 -13.59 -14.61
N ASP E 118 -69.57 -12.77 -15.64
CA ASP E 118 -68.47 -11.98 -16.16
C ASP E 118 -68.40 -10.70 -15.35
N ILE E 119 -67.44 -10.66 -14.42
CA ILE E 119 -67.31 -9.57 -13.46
C ILE E 119 -66.12 -8.72 -13.84
N ASN E 120 -66.21 -7.44 -13.47
CA ASN E 120 -65.12 -6.49 -13.67
C ASN E 120 -64.16 -6.59 -12.48
N PHE E 121 -62.90 -6.93 -12.74
CA PHE E 121 -61.86 -6.89 -11.72
C PHE E 121 -61.24 -5.50 -11.63
N VAL E 122 -60.91 -5.09 -10.40
CA VAL E 122 -60.39 -3.77 -10.12
C VAL E 122 -59.19 -3.92 -9.22
N ASN E 123 -58.14 -3.18 -9.52
CA ASN E 123 -56.85 -3.43 -8.91
C ASN E 123 -56.80 -2.74 -7.55
N LEU E 124 -56.84 -3.55 -6.49
CA LEU E 124 -56.64 -3.04 -5.14
C LEU E 124 -55.17 -2.95 -4.75
N THR E 125 -54.26 -3.56 -5.51
CA THR E 125 -52.85 -3.57 -5.10
C THR E 125 -52.29 -2.17 -4.89
N PRO E 126 -52.62 -1.16 -5.70
CA PRO E 126 -52.04 0.17 -5.47
C PRO E 126 -52.35 0.75 -4.09
N LEU E 127 -53.62 0.75 -3.71
CA LEU E 127 -54.03 1.30 -2.41
C LEU E 127 -53.28 0.61 -1.27
N ILE E 128 -53.38 -0.72 -1.17
CA ILE E 128 -52.57 -1.53 -0.28
C ILE E 128 -51.14 -1.00 -0.24
N GLU E 129 -50.56 -0.79 -1.42
CA GLU E 129 -49.16 -0.41 -1.49
C GLU E 129 -48.90 0.92 -0.79
N ARG E 130 -49.81 1.90 -0.93
CA ARG E 130 -49.57 3.17 -0.25
C ARG E 130 -50.01 3.14 1.21
N MET E 131 -51.04 2.35 1.55
CA MET E 131 -51.34 2.12 2.95
C MET E 131 -50.09 1.64 3.68
N ARG E 132 -49.40 0.66 3.09
CA ARG E 132 -48.18 0.16 3.68
C ARG E 132 -47.00 1.11 3.50
N LEU E 133 -47.13 2.16 2.68
CA LEU E 133 -46.02 3.10 2.49
C LEU E 133 -45.72 3.87 3.78
N ILE E 134 -46.73 4.08 4.63
CA ILE E 134 -46.60 4.92 5.82
C ILE E 134 -46.82 4.07 7.06
N LYS E 135 -45.73 3.76 7.76
CA LYS E 135 -45.79 2.92 8.95
C LYS E 135 -46.29 3.68 10.17
N SER E 136 -47.19 3.05 10.90
CA SER E 136 -47.67 3.54 12.19
C SER E 136 -46.59 3.43 13.27
N ALA E 137 -46.88 3.98 14.45
CA ALA E 137 -45.89 4.02 15.52
C ALA E 137 -45.48 2.62 15.97
N ASP E 138 -46.46 1.75 16.25
CA ASP E 138 -46.15 0.40 16.71
C ASP E 138 -45.67 -0.51 15.58
N GLU E 139 -46.06 -0.22 14.33
CA GLU E 139 -45.37 -0.86 13.22
C GLU E 139 -43.88 -0.62 13.31
N ILE E 140 -43.49 0.64 13.53
CA ILE E 140 -42.06 0.94 13.68
C ILE E 140 -41.51 0.16 14.85
N GLU E 141 -42.30 -0.04 15.89
CA GLU E 141 -41.74 -0.71 17.06
C GLU E 141 -41.46 -2.18 16.79
N LYS E 142 -42.37 -2.84 16.07
CA LYS E 142 -42.06 -4.21 15.66
C LYS E 142 -40.76 -4.28 14.87
N MET E 143 -40.56 -3.35 13.93
CA MET E 143 -39.35 -3.34 13.11
C MET E 143 -38.09 -3.05 13.94
N LYS E 144 -38.18 -2.25 15.00
CA LYS E 144 -37.04 -2.13 15.92
C LYS E 144 -36.64 -3.50 16.43
N VAL E 145 -37.62 -4.30 16.85
CA VAL E 145 -37.35 -5.66 17.28
C VAL E 145 -36.55 -6.38 16.22
N ALA E 146 -37.05 -6.36 14.97
CA ALA E 146 -36.33 -6.97 13.87
C ALA E 146 -34.94 -6.40 13.72
N GLY E 147 -34.82 -5.07 13.80
CA GLY E 147 -33.51 -4.45 13.74
C GLY E 147 -32.61 -4.90 14.87
N ASP E 148 -33.12 -4.88 16.11
CA ASP E 148 -32.29 -5.32 17.23
C ASP E 148 -31.79 -6.74 17.03
N PHE E 149 -32.58 -7.60 16.36
CA PHE E 149 -32.14 -8.97 16.12
C PHE E 149 -31.02 -9.00 15.09
N ALA E 150 -31.07 -8.12 14.08
CA ALA E 150 -29.99 -8.07 13.11
C ALA E 150 -28.68 -7.65 13.76
N ASP E 151 -28.70 -6.59 14.58
CA ASP E 151 -27.51 -6.21 15.34
C ASP E 151 -26.91 -7.41 16.06
N LYS E 152 -27.76 -8.23 16.68
CA LYS E 152 -27.27 -9.45 17.33
C LYS E 152 -26.62 -10.39 16.33
N CYS E 153 -27.28 -10.63 15.20
CA CYS E 153 -26.69 -11.48 14.18
C CYS E 153 -25.30 -10.99 13.82
N PHE E 154 -25.14 -9.67 13.73
CA PHE E 154 -23.84 -9.12 13.35
C PHE E 154 -22.77 -9.47 14.38
N GLU E 155 -23.09 -9.31 15.67
CA GLU E 155 -22.15 -9.65 16.72
C GLU E 155 -21.80 -11.13 16.68
N ILE E 156 -22.82 -11.98 16.86
CA ILE E 156 -22.61 -13.42 16.82
C ILE E 156 -21.85 -13.82 15.57
N GLY E 157 -22.16 -13.20 14.43
CA GLY E 157 -21.48 -13.57 13.21
C GLY E 157 -20.05 -13.08 13.15
N PHE E 158 -19.76 -11.94 13.75
CA PHE E 158 -18.39 -11.46 13.76
C PHE E 158 -17.48 -12.45 14.49
N ALA E 159 -17.89 -12.86 15.69
CA ALA E 159 -17.03 -13.74 16.48
C ALA E 159 -16.71 -15.01 15.72
N THR E 160 -17.68 -15.56 15.00
CA THR E 160 -17.49 -16.88 14.41
C THR E 160 -16.43 -16.88 13.31
N ALA E 161 -16.29 -15.77 12.57
CA ALA E 161 -15.23 -15.71 11.57
C ALA E 161 -13.87 -15.45 12.20
N ALA E 162 -13.86 -14.78 13.35
CA ALA E 162 -12.61 -14.48 14.05
C ALA E 162 -11.93 -15.76 14.50
N GLU E 163 -12.72 -16.75 14.94
CA GLU E 163 -12.21 -18.01 15.47
C GLU E 163 -11.45 -18.83 14.42
N ARG E 164 -11.12 -18.21 13.28
CA ARG E 164 -10.42 -18.84 12.16
C ARG E 164 -10.56 -20.35 12.22
N ASN E 165 -9.46 -21.06 12.07
CA ASN E 165 -9.49 -22.50 12.25
C ASN E 165 -10.29 -23.16 11.12
N GLY E 166 -10.07 -22.69 9.89
CA GLY E 166 -10.76 -23.18 8.73
C GLY E 166 -12.28 -23.11 8.81
N VAL E 167 -12.81 -21.94 9.19
CA VAL E 167 -14.26 -21.73 9.21
C VAL E 167 -14.67 -21.07 7.90
N THR E 168 -15.72 -21.60 7.29
CA THR E 168 -16.14 -21.22 5.95
C THR E 168 -17.21 -20.16 6.01
N GLU E 169 -17.52 -19.59 4.83
CA GLU E 169 -18.69 -18.74 4.73
C GLU E 169 -19.92 -19.41 5.36
N SER E 170 -20.23 -20.64 4.93
CA SER E 170 -21.38 -21.33 5.48
C SER E 170 -21.18 -21.69 6.95
N ASP E 171 -19.98 -21.57 7.47
CA ASP E 171 -19.81 -21.73 8.91
C ASP E 171 -20.58 -20.63 9.62
N ILE E 172 -20.32 -19.40 9.20
CA ILE E 172 -20.93 -18.26 9.85
C ILE E 172 -22.43 -18.33 9.75
N VAL E 173 -22.94 -18.59 8.54
CA VAL E 173 -24.36 -18.39 8.30
C VAL E 173 -25.17 -19.25 9.26
N ALA E 174 -24.97 -20.56 9.22
CA ALA E 174 -25.81 -21.46 10.00
C ALA E 174 -25.64 -21.21 11.49
N LYS E 175 -24.42 -20.85 11.88
CA LYS E 175 -24.18 -20.38 13.23
C LYS E 175 -25.05 -19.17 13.57
N ILE E 176 -25.14 -18.20 12.65
CA ILE E 176 -26.03 -17.05 12.86
C ILE E 176 -27.47 -17.53 13.01
N GLU E 177 -28.00 -18.17 11.95
CA GLU E 177 -29.40 -18.58 11.95
C GLU E 177 -29.72 -19.54 13.08
N TYR E 178 -28.71 -20.26 13.61
CA TYR E 178 -28.97 -21.13 14.75
C TYR E 178 -29.31 -20.31 15.99
N GLU E 179 -28.55 -19.25 16.25
CA GLU E 179 -28.80 -18.42 17.42
C GLU E 179 -30.12 -17.64 17.30
N MET E 180 -30.50 -17.29 16.07
CA MET E 180 -31.83 -16.71 15.87
C MET E 180 -32.92 -17.74 16.14
N LYS E 181 -32.76 -18.95 15.61
CA LYS E 181 -33.80 -19.98 15.83
C LYS E 181 -34.00 -20.26 17.30
N ARG E 182 -32.96 -20.11 18.12
CA ARG E 182 -33.07 -20.36 19.55
C ARG E 182 -33.63 -19.16 20.30
N MET E 183 -33.44 -17.95 19.78
CA MET E 183 -34.03 -16.76 20.36
C MET E 183 -35.46 -16.53 19.90
N GLY E 184 -36.06 -17.49 19.20
CA GLY E 184 -37.43 -17.37 18.76
C GLY E 184 -37.60 -16.84 17.34
N VAL E 185 -36.52 -16.65 16.62
CA VAL E 185 -36.55 -16.17 15.23
C VAL E 185 -36.39 -17.38 14.32
N PRO E 186 -37.48 -18.07 13.96
CA PRO E 186 -37.34 -19.21 13.05
C PRO E 186 -36.97 -18.80 11.64
N GLN E 187 -37.32 -17.60 11.22
CA GLN E 187 -37.26 -17.22 9.82
C GLN E 187 -36.38 -15.98 9.67
N MET E 188 -35.34 -16.09 8.84
CA MET E 188 -34.62 -14.91 8.40
C MET E 188 -35.43 -14.17 7.33
N SER E 189 -35.20 -12.86 7.19
CA SER E 189 -36.02 -12.09 6.29
C SER E 189 -35.63 -12.25 4.81
N PHE E 190 -34.50 -12.90 4.55
CA PHE E 190 -33.98 -13.25 3.23
C PHE E 190 -32.69 -14.03 3.44
N ASP E 191 -32.13 -14.54 2.35
CA ASP E 191 -31.00 -15.47 2.41
C ASP E 191 -29.77 -14.77 2.94
N THR E 192 -29.39 -15.10 4.18
CA THR E 192 -28.20 -14.56 4.84
C THR E 192 -26.96 -14.63 3.95
N LEU E 193 -26.23 -13.52 3.86
CA LEU E 193 -25.08 -13.39 2.99
C LEU E 193 -23.81 -13.16 3.80
N VAL E 194 -22.93 -14.15 3.80
CA VAL E 194 -21.57 -14.06 4.35
C VAL E 194 -20.61 -14.37 3.23
N LEU E 195 -19.95 -13.35 2.67
CA LEU E 195 -19.10 -13.52 1.50
C LEU E 195 -17.73 -12.91 1.73
N SER E 196 -16.68 -13.70 1.48
CA SER E 196 -15.32 -13.35 1.84
C SER E 196 -14.53 -12.87 0.62
N GLY E 197 -13.74 -11.82 0.81
CA GLY E 197 -12.79 -11.41 -0.20
C GLY E 197 -13.46 -10.86 -1.47
N ALA E 198 -12.99 -11.35 -2.62
CA ALA E 198 -13.47 -10.89 -3.92
C ALA E 198 -14.85 -11.43 -4.25
N ARG E 199 -15.23 -12.59 -3.70
CA ARG E 199 -16.60 -13.06 -3.82
C ARG E 199 -17.61 -11.99 -3.38
N ALA E 200 -17.17 -10.97 -2.62
CA ALA E 200 -18.10 -9.92 -2.18
C ALA E 200 -18.52 -9.02 -3.32
N ALA E 201 -17.66 -8.86 -4.33
CA ALA E 201 -18.03 -8.07 -5.49
C ALA E 201 -19.22 -8.68 -6.21
N ASN E 202 -19.30 -10.00 -6.24
CA ASN E 202 -20.38 -10.72 -6.92
C ASN E 202 -21.74 -10.39 -6.28
N PRO E 203 -22.69 -9.86 -7.04
CA PRO E 203 -24.05 -9.66 -6.48
C PRO E 203 -24.74 -10.98 -6.17
N HIS E 204 -24.68 -11.93 -7.09
CA HIS E 204 -25.30 -13.24 -6.96
C HIS E 204 -24.50 -14.19 -6.07
N GLY E 205 -23.55 -13.66 -5.29
CA GLY E 205 -22.71 -14.50 -4.46
C GLY E 205 -23.47 -14.98 -3.24
N ALA E 206 -23.36 -16.27 -2.97
CA ALA E 206 -24.03 -16.93 -1.86
C ALA E 206 -23.00 -17.72 -1.06
N PRO E 207 -23.07 -17.66 0.27
CA PRO E 207 -22.04 -18.33 1.10
C PRO E 207 -21.94 -19.81 0.75
N GLU E 208 -20.78 -20.20 0.24
CA GLU E 208 -20.45 -21.57 -0.14
C GLU E 208 -19.70 -22.24 1.02
N ASN E 209 -19.05 -23.37 0.74
CA ASN E 209 -18.23 -24.06 1.75
C ASN E 209 -16.75 -23.72 1.58
N VAL E 210 -16.40 -22.44 1.60
CA VAL E 210 -15.04 -21.98 1.32
C VAL E 210 -14.47 -21.28 2.56
N GLU E 211 -13.19 -21.58 2.85
CA GLU E 211 -12.52 -21.01 4.00
C GLU E 211 -12.65 -19.49 4.02
N ILE E 212 -12.70 -18.93 5.23
CA ILE E 212 -12.61 -17.49 5.43
C ILE E 212 -11.22 -17.04 4.98
N GLN E 213 -11.15 -16.23 3.94
CA GLN E 213 -9.85 -15.81 3.40
C GLN E 213 -9.18 -14.80 4.33
N GLU E 214 -7.95 -15.09 4.72
CA GLU E 214 -7.23 -14.22 5.63
C GLU E 214 -6.75 -12.98 4.91
N ASN E 215 -6.96 -11.81 5.53
CA ASN E 215 -6.43 -10.53 5.07
C ASN E 215 -7.26 -9.93 3.95
N LYS E 216 -8.52 -10.32 3.84
CA LYS E 216 -9.46 -9.70 2.92
C LYS E 216 -10.71 -9.34 3.70
N LEU E 217 -11.62 -8.63 3.04
CA LEU E 217 -12.83 -8.20 3.73
C LEU E 217 -13.84 -9.36 3.83
N LEU E 218 -14.85 -9.16 4.70
CA LEU E 218 -15.88 -10.18 4.94
C LEU E 218 -17.22 -9.46 5.08
N LEU E 219 -18.11 -9.70 4.11
CA LEU E 219 -19.38 -8.99 4.05
C LEU E 219 -20.49 -9.82 4.69
N PHE E 220 -21.28 -9.18 5.55
CA PHE E 220 -22.41 -9.77 6.25
C PHE E 220 -23.65 -9.01 5.81
N ASP E 221 -24.54 -9.70 5.09
CA ASP E 221 -25.86 -9.13 4.79
C ASP E 221 -26.92 -10.04 5.37
N LEU E 222 -27.55 -9.60 6.45
CA LEU E 222 -28.49 -10.43 7.17
C LEU E 222 -29.68 -9.60 7.61
N GLY E 223 -30.80 -10.29 7.84
CA GLY E 223 -32.04 -9.68 8.25
C GLY E 223 -32.95 -10.76 8.83
N VAL E 224 -34.08 -10.33 9.36
CA VAL E 224 -34.88 -11.23 10.16
C VAL E 224 -36.34 -10.83 10.11
N MET E 225 -37.20 -11.84 10.22
CA MET E 225 -38.62 -11.64 10.46
C MET E 225 -38.91 -11.87 11.93
N SER E 226 -39.57 -10.91 12.56
CA SER E 226 -40.13 -11.12 13.90
C SER E 226 -41.45 -10.37 13.97
N GLY E 227 -42.48 -11.04 14.47
CA GLY E 227 -43.79 -10.43 14.59
C GLY E 227 -44.35 -9.84 13.31
N GLY E 228 -43.96 -10.35 12.16
CA GLY E 228 -44.59 -9.96 10.91
C GLY E 228 -43.83 -8.96 10.09
N TYR E 229 -42.80 -8.31 10.65
CA TYR E 229 -42.01 -7.32 9.93
C TYR E 229 -40.56 -7.76 9.85
N ALA E 230 -39.79 -7.08 9.01
CA ALA E 230 -38.45 -7.54 8.67
C ALA E 230 -37.42 -6.44 8.90
N SER E 231 -36.16 -6.87 9.00
CA SER E 231 -35.00 -6.01 9.07
C SER E 231 -34.04 -6.40 7.95
N ASP E 232 -33.18 -5.47 7.58
CA ASP E 232 -32.16 -5.76 6.59
C ASP E 232 -31.01 -4.81 6.85
N ALA E 233 -29.84 -5.39 7.09
CA ALA E 233 -28.65 -4.61 7.34
C ALA E 233 -27.49 -5.32 6.67
N THR E 234 -26.51 -4.54 6.21
CA THR E 234 -25.22 -5.09 5.80
C THR E 234 -24.11 -4.43 6.59
N ARG E 235 -23.14 -5.24 6.96
CA ARG E 235 -21.87 -4.76 7.47
C ARG E 235 -20.78 -5.57 6.80
N THR E 236 -19.66 -4.93 6.53
CA THR E 236 -18.47 -5.62 6.04
C THR E 236 -17.29 -5.21 6.91
N ILE E 237 -16.47 -6.19 7.25
CA ILE E 237 -15.38 -6.01 8.19
C ILE E 237 -14.10 -6.57 7.57
N ALA E 238 -13.00 -6.46 8.32
CA ALA E 238 -11.70 -6.97 7.89
C ALA E 238 -11.36 -8.23 8.68
N ILE E 239 -10.77 -9.20 7.99
CA ILE E 239 -10.33 -10.45 8.60
C ILE E 239 -8.82 -10.37 8.71
N GLY E 240 -8.33 -10.00 9.90
CA GLY E 240 -6.96 -9.60 9.99
C GLY E 240 -6.81 -8.22 9.35
N GLN E 241 -5.58 -7.89 9.04
CA GLN E 241 -5.31 -6.56 8.47
C GLN E 241 -5.66 -6.57 6.98
N PRO E 242 -6.41 -5.60 6.49
CA PRO E 242 -6.72 -5.54 5.06
C PRO E 242 -5.65 -4.75 4.31
N ASN E 243 -5.67 -4.89 2.98
CA ASN E 243 -4.88 -4.01 2.11
C ASN E 243 -5.68 -2.73 1.90
N ASP E 244 -5.22 -1.64 2.51
CA ASP E 244 -6.06 -0.46 2.70
C ASP E 244 -6.35 0.27 1.39
N PHE E 245 -6.08 -0.39 0.27
CA PHE E 245 -6.81 -0.10 -0.96
C PHE E 245 -8.24 -0.60 -0.83
N ASP E 246 -8.40 -1.88 -0.48
CA ASP E 246 -9.68 -2.39 -0.03
C ASP E 246 -10.27 -1.50 1.07
N ALA E 247 -9.41 -0.96 1.94
CA ALA E 247 -9.89 -0.23 3.10
C ALA E 247 -10.29 1.20 2.76
N GLU E 248 -9.66 1.77 1.72
CA GLU E 248 -10.17 3.04 1.18
C GLU E 248 -11.60 2.89 0.68
N ILE E 249 -11.94 1.71 0.14
CA ILE E 249 -13.31 1.43 -0.30
C ILE E 249 -14.27 1.52 0.89
N HIS E 250 -14.00 0.74 1.94
CA HIS E 250 -14.85 0.79 3.13
C HIS E 250 -14.99 2.21 3.67
N LYS E 251 -13.89 2.97 3.65
CA LYS E 251 -13.95 4.36 4.07
C LYS E 251 -14.85 5.18 3.16
N ILE E 252 -14.89 4.88 1.86
CA ILE E 252 -15.81 5.57 0.98
C ILE E 252 -17.25 5.13 1.27
N VAL E 253 -17.54 3.85 1.01
CA VAL E 253 -18.87 3.30 1.24
C VAL E 253 -19.37 3.80 2.60
N LYS E 254 -18.54 3.65 3.65
CA LYS E 254 -18.99 4.01 4.99
C LYS E 254 -19.39 5.48 5.08
N GLU E 255 -18.67 6.35 4.38
CA GLU E 255 -18.96 7.78 4.45
C GLU E 255 -20.14 8.16 3.56
N ALA E 256 -20.32 7.44 2.46
CA ALA E 256 -21.51 7.62 1.64
C ALA E 256 -22.76 7.26 2.42
N GLN E 257 -22.86 5.99 2.83
CA GLN E 257 -23.91 5.51 3.71
C GLN E 257 -24.21 6.52 4.82
N GLN E 258 -23.15 7.06 5.42
CA GLN E 258 -23.33 8.05 6.49
C GLN E 258 -23.85 9.36 5.93
N ALA E 259 -23.36 9.77 4.75
CA ALA E 259 -23.81 11.00 4.12
C ALA E 259 -25.31 11.00 3.96
N ALA E 260 -25.86 9.90 3.45
CA ALA E 260 -27.28 9.82 3.19
C ALA E 260 -28.10 9.78 4.47
N MET E 261 -27.57 9.22 5.55
CA MET E 261 -28.33 9.16 6.80
C MET E 261 -28.50 10.55 7.39
N ASP E 262 -27.44 11.37 7.30
CA ASP E 262 -27.53 12.74 7.78
C ASP E 262 -28.43 13.59 6.89
N PHE E 263 -28.56 13.22 5.62
CA PHE E 263 -29.29 14.05 4.66
C PHE E 263 -30.80 13.85 4.72
N ILE E 264 -31.28 12.68 5.14
CA ILE E 264 -32.66 12.27 4.89
C ILE E 264 -33.62 12.95 5.86
N LYS E 265 -34.67 13.56 5.31
CA LYS E 265 -35.77 14.11 6.11
C LYS E 265 -36.97 14.41 5.20
N PRO E 266 -38.14 14.65 5.79
CA PRO E 266 -39.33 14.87 4.96
C PRO E 266 -39.17 16.06 4.04
N GLY E 267 -39.45 15.84 2.75
CA GLY E 267 -39.43 16.91 1.77
C GLY E 267 -38.52 16.63 0.60
N VAL E 268 -37.37 16.04 0.87
CA VAL E 268 -36.45 15.68 -0.20
C VAL E 268 -37.01 14.48 -0.95
N THR E 269 -36.51 14.27 -2.17
CA THR E 269 -37.03 13.22 -3.03
C THR E 269 -36.19 11.95 -2.91
N ALA E 270 -36.82 10.83 -3.28
CA ALA E 270 -36.11 9.56 -3.36
C ALA E 270 -34.97 9.63 -4.35
N HIS E 271 -35.11 10.43 -5.39
CA HIS E 271 -33.97 10.71 -6.25
C HIS E 271 -32.93 11.56 -5.52
N GLU E 272 -33.36 12.66 -4.88
CA GLU E 272 -32.44 13.48 -4.11
C GLU E 272 -31.69 12.67 -3.07
N VAL E 273 -32.27 11.55 -2.61
CA VAL E 273 -31.61 10.72 -1.60
C VAL E 273 -30.64 9.74 -2.25
N ASP E 274 -30.98 9.21 -3.42
CA ASP E 274 -30.03 8.38 -4.16
C ASP E 274 -28.87 9.24 -4.67
N ALA E 275 -29.18 10.47 -5.10
CA ALA E 275 -28.12 11.34 -5.59
C ALA E 275 -27.06 11.56 -4.51
N VAL E 276 -27.48 12.02 -3.33
CA VAL E 276 -26.53 12.31 -2.27
C VAL E 276 -25.49 11.21 -2.19
N ALA E 277 -25.93 9.95 -2.15
CA ALA E 277 -25.01 8.85 -1.93
C ALA E 277 -24.30 8.42 -3.21
N ARG E 278 -24.99 8.45 -4.35
CA ARG E 278 -24.36 7.95 -5.57
C ARG E 278 -23.31 8.91 -6.10
N ASP E 279 -23.23 10.14 -5.60
CA ASP E 279 -22.29 11.12 -6.11
C ASP E 279 -21.26 11.57 -5.09
N LEU E 280 -21.36 11.11 -3.84
CA LEU E 280 -20.20 10.98 -2.98
C LEU E 280 -19.30 9.83 -3.40
N ILE E 281 -19.72 9.02 -4.40
CA ILE E 281 -19.03 7.81 -4.81
C ILE E 281 -18.48 7.93 -6.23
N THR E 282 -19.22 8.57 -7.15
CA THR E 282 -18.63 8.98 -8.42
C THR E 282 -17.42 9.87 -8.16
N LYS E 283 -17.55 10.83 -7.21
CA LYS E 283 -16.53 11.75 -6.69
C LYS E 283 -15.39 11.03 -5.89
N ALA E 284 -15.33 9.69 -5.94
CA ALA E 284 -14.19 8.95 -5.45
C ALA E 284 -13.71 7.96 -6.50
N GLY E 285 -14.21 8.06 -7.73
CA GLY E 285 -13.71 7.32 -8.88
C GLY E 285 -14.41 6.01 -9.18
N TYR E 286 -14.98 5.37 -8.16
CA TYR E 286 -15.62 4.07 -8.36
C TYR E 286 -17.09 4.25 -8.70
N GLY E 287 -17.33 5.05 -9.75
CA GLY E 287 -18.69 5.42 -10.09
C GLY E 287 -19.47 4.28 -10.71
N GLU E 288 -18.83 3.48 -11.58
CA GLU E 288 -19.53 2.43 -12.29
C GLU E 288 -19.38 1.06 -11.64
N TYR E 289 -19.01 1.02 -10.36
CA TYR E 289 -19.06 -0.20 -9.56
C TYR E 289 -20.16 -0.13 -8.50
N PHE E 290 -21.07 0.83 -8.60
CA PHE E 290 -22.27 0.94 -7.77
C PHE E 290 -23.42 0.40 -8.60
N ASN E 291 -23.65 -0.90 -8.47
CA ASN E 291 -24.42 -1.72 -9.42
C ASN E 291 -25.92 -1.71 -9.18
N HIS E 292 -26.44 -0.86 -8.30
CA HIS E 292 -27.83 -1.01 -7.87
C HIS E 292 -28.30 0.28 -7.22
N SER E 293 -29.60 0.31 -6.88
CA SER E 293 -30.18 1.44 -6.19
C SER E 293 -29.58 1.57 -4.79
N LEU E 294 -29.80 2.75 -4.19
CA LEU E 294 -29.29 3.01 -2.86
C LEU E 294 -30.08 2.32 -1.77
N GLY E 295 -31.31 1.90 -2.07
CA GLY E 295 -32.06 1.17 -1.07
C GLY E 295 -33.48 0.93 -1.53
N HIS E 296 -34.18 0.12 -0.73
CA HIS E 296 -35.51 -0.36 -1.03
C HIS E 296 -36.42 -0.07 0.15
N GLY E 297 -37.72 0.06 -0.14
CA GLY E 297 -38.72 0.05 0.90
C GLY E 297 -38.57 -1.19 1.76
N ILE E 298 -39.17 -1.13 2.95
CA ILE E 298 -39.18 -2.26 3.86
C ILE E 298 -40.33 -2.09 4.84
N GLY E 299 -40.74 -3.19 5.45
CA GLY E 299 -41.90 -3.24 6.32
C GLY E 299 -42.27 -4.69 6.58
N MET E 300 -43.48 -5.09 6.21
CA MET E 300 -43.78 -6.51 6.34
C MET E 300 -42.95 -7.33 5.37
N ASP E 301 -42.64 -6.76 4.20
CA ASP E 301 -41.74 -7.34 3.20
C ASP E 301 -40.39 -6.63 3.24
N VAL E 302 -39.33 -7.35 2.94
CA VAL E 302 -38.03 -6.69 2.96
C VAL E 302 -37.81 -5.92 1.67
N HIS E 303 -38.53 -6.26 0.60
CA HIS E 303 -38.55 -5.46 -0.62
C HIS E 303 -39.99 -5.01 -0.88
N GLU E 304 -40.29 -3.78 -0.45
CA GLU E 304 -41.52 -3.08 -0.81
C GLU E 304 -41.13 -1.70 -1.33
N TYR E 305 -42.08 -0.74 -1.30
CA TYR E 305 -41.76 0.61 -1.76
C TYR E 305 -41.58 1.55 -0.57
N PRO E 306 -40.88 2.66 -0.77
CA PRO E 306 -40.49 3.23 -2.07
C PRO E 306 -39.12 2.77 -2.59
N SER E 307 -38.93 2.78 -3.91
CA SER E 307 -37.62 2.49 -4.49
C SER E 307 -36.72 3.71 -4.34
N ILE E 308 -35.52 3.49 -3.83
CA ILE E 308 -34.50 4.55 -3.71
C ILE E 308 -33.58 4.39 -4.92
N VAL E 309 -34.07 4.86 -6.07
CA VAL E 309 -33.36 4.84 -7.34
C VAL E 309 -33.37 6.25 -7.90
N ALA E 310 -32.47 6.50 -8.85
CA ALA E 310 -32.36 7.82 -9.45
C ALA E 310 -33.64 8.23 -10.20
N GLY E 311 -34.39 7.28 -10.74
CA GLY E 311 -35.50 7.63 -11.62
C GLY E 311 -36.74 8.17 -10.91
N ASN E 312 -36.78 8.16 -9.59
CA ASN E 312 -38.00 8.41 -8.83
C ASN E 312 -37.94 9.77 -8.18
N ASP E 313 -38.88 10.65 -8.54
CA ASP E 313 -38.98 11.99 -7.99
C ASP E 313 -39.98 12.05 -6.83
N LEU E 314 -40.17 10.93 -6.13
CA LEU E 314 -41.14 10.87 -5.04
C LEU E 314 -40.68 11.72 -3.85
N VAL E 315 -41.62 12.40 -3.22
CA VAL E 315 -41.30 13.23 -2.07
C VAL E 315 -41.41 12.36 -0.83
N ILE E 316 -40.29 12.17 -0.13
CA ILE E 316 -40.30 11.42 1.12
C ILE E 316 -41.22 12.12 2.11
N GLN E 317 -41.91 11.33 2.93
CA GLN E 317 -42.76 11.89 3.96
C GLN E 317 -42.52 11.11 5.24
N GLU E 318 -43.07 11.62 6.35
CA GLU E 318 -42.89 11.00 7.65
C GLU E 318 -43.66 9.68 7.71
N GLY E 319 -43.00 8.63 8.18
CA GLY E 319 -43.59 7.31 8.30
C GLY E 319 -43.10 6.30 7.28
N MET E 320 -42.19 6.69 6.38
CA MET E 320 -41.68 5.80 5.36
C MET E 320 -40.44 5.06 5.87
N CYS E 321 -40.31 3.78 5.51
CA CYS E 321 -39.20 2.95 5.97
C CYS E 321 -38.54 2.32 4.75
N PHE E 322 -37.22 2.43 4.64
CA PHE E 322 -36.54 1.95 3.45
C PHE E 322 -35.05 1.77 3.74
N SER E 323 -34.39 1.12 2.80
CA SER E 323 -33.02 0.70 2.91
C SER E 323 -32.08 1.82 2.47
N ASN E 324 -30.80 1.66 2.81
CA ASN E 324 -29.73 2.62 2.53
C ASN E 324 -28.42 1.87 2.41
N GLU E 325 -28.21 1.19 1.28
CA GLU E 325 -27.11 0.25 1.12
C GLU E 325 -26.19 0.64 -0.03
N PRO E 326 -25.46 1.75 0.12
CA PRO E 326 -24.39 2.05 -0.84
C PRO E 326 -23.28 1.03 -0.74
N GLY E 327 -22.72 0.65 -1.88
CA GLY E 327 -21.68 -0.36 -1.91
C GLY E 327 -20.85 -0.28 -3.18
N ILE E 328 -19.59 -0.69 -3.06
CA ILE E 328 -18.67 -0.76 -4.19
C ILE E 328 -18.30 -2.22 -4.42
N TYR E 329 -18.25 -2.63 -5.69
CA TYR E 329 -17.98 -4.00 -6.07
C TYR E 329 -17.03 -3.96 -7.25
N ILE E 330 -15.78 -4.33 -7.01
CA ILE E 330 -14.73 -4.38 -8.03
C ILE E 330 -14.46 -5.86 -8.34
N PRO E 331 -14.85 -6.36 -9.52
CA PRO E 331 -14.81 -7.81 -9.75
C PRO E 331 -13.42 -8.39 -9.53
N GLY E 332 -13.38 -9.54 -8.86
CA GLY E 332 -12.11 -10.18 -8.62
C GLY E 332 -11.14 -9.46 -7.70
N LYS E 333 -11.54 -8.33 -7.09
CA LYS E 333 -10.64 -7.69 -6.14
C LYS E 333 -11.33 -7.42 -4.79
N VAL E 334 -12.53 -6.89 -4.78
CA VAL E 334 -13.23 -6.61 -3.51
C VAL E 334 -14.69 -6.31 -3.78
N GLY E 335 -15.52 -6.48 -2.76
CA GLY E 335 -16.84 -5.86 -2.70
C GLY E 335 -17.13 -5.39 -1.29
N VAL E 336 -17.67 -4.17 -1.14
CA VAL E 336 -18.03 -3.60 0.15
C VAL E 336 -19.41 -2.98 0.06
N ARG E 337 -20.38 -3.55 0.75
CA ARG E 337 -21.68 -2.94 0.95
C ARG E 337 -21.88 -2.69 2.44
N ILE E 338 -22.49 -1.55 2.75
CA ILE E 338 -22.79 -1.16 4.13
C ILE E 338 -24.20 -0.59 4.11
N GLU E 339 -25.13 -1.26 4.79
CA GLU E 339 -26.56 -1.01 4.63
C GLU E 339 -27.23 -0.80 5.98
N ASP E 340 -28.19 0.12 5.99
CA ASP E 340 -29.11 0.32 7.10
C ASP E 340 -30.52 0.57 6.54
N CYS E 341 -31.52 0.10 7.28
CA CYS E 341 -32.90 0.52 7.07
C CYS E 341 -33.30 1.49 8.18
N LEU E 342 -34.17 2.43 7.83
CA LEU E 342 -34.51 3.54 8.72
C LEU E 342 -35.98 3.91 8.55
N TYR E 343 -36.55 4.48 9.60
CA TYR E 343 -37.85 5.13 9.49
C TYR E 343 -37.66 6.64 9.45
N VAL E 344 -38.57 7.32 8.77
CA VAL E 344 -38.50 8.75 8.54
C VAL E 344 -39.26 9.46 9.67
N THR E 345 -38.53 10.13 10.55
CA THR E 345 -39.16 10.81 11.67
C THR E 345 -39.72 12.17 11.24
N GLU E 346 -40.27 12.91 12.22
CA GLU E 346 -40.82 14.23 11.96
C GLU E 346 -39.84 15.08 11.16
N ASN E 347 -38.67 15.34 11.73
CA ASN E 347 -37.60 16.06 11.04
C ASN E 347 -36.30 15.31 11.24
N GLY E 348 -35.93 14.51 10.24
CA GLY E 348 -34.77 13.64 10.30
C GLY E 348 -35.14 12.19 10.09
N CYS E 349 -34.31 11.30 10.61
CA CYS E 349 -34.58 9.87 10.48
C CYS E 349 -33.68 9.10 11.44
N GLU E 350 -34.20 7.98 11.94
CA GLU E 350 -33.47 7.07 12.81
C GLU E 350 -33.31 5.72 12.12
N SER E 351 -32.23 5.03 12.46
CA SER E 351 -31.96 3.70 11.93
C SER E 351 -32.54 2.62 12.85
N PHE E 352 -32.80 1.45 12.26
CA PHE E 352 -33.19 0.25 13.01
C PHE E 352 -31.99 -0.59 13.44
N THR E 353 -30.80 -0.29 12.93
CA THR E 353 -29.63 -1.07 13.24
C THR E 353 -28.49 -0.12 13.56
N HIS E 354 -27.85 -0.35 14.69
CA HIS E 354 -26.87 0.59 15.22
C HIS E 354 -25.47 0.02 15.25
N THR E 355 -25.31 -1.27 14.99
CA THR E 355 -23.99 -1.87 14.88
C THR E 355 -23.02 -0.93 14.17
N ASP E 356 -21.80 -0.89 14.69
CA ASP E 356 -20.75 -0.02 14.19
C ASP E 356 -20.54 -0.21 12.69
N HIS E 357 -20.53 0.89 11.95
CA HIS E 357 -20.25 0.86 10.51
C HIS E 357 -18.77 1.00 10.19
N ASP E 358 -17.96 1.43 11.15
CA ASP E 358 -16.54 1.58 10.92
C ASP E 358 -15.95 0.21 10.59
N LEU E 359 -14.78 0.23 9.94
CA LEU E 359 -14.18 -1.02 9.48
C LEU E 359 -13.49 -1.71 10.65
N LEU E 360 -14.07 -2.81 11.13
CA LEU E 360 -13.49 -3.52 12.25
C LEU E 360 -12.50 -4.57 11.78
N ILE E 361 -11.54 -4.89 12.66
CA ILE E 361 -10.52 -5.89 12.39
C ILE E 361 -10.67 -7.00 13.42
N PHE E 362 -10.46 -8.24 12.97
CA PHE E 362 -10.64 -9.40 13.82
C PHE E 362 -9.55 -10.43 13.55
N MET F 1 25.70 -10.09 -97.88
CA MET F 1 26.52 -9.72 -96.73
C MET F 1 26.63 -8.22 -96.45
N SER F 2 26.91 -7.45 -97.50
CA SER F 2 27.11 -6.02 -97.31
C SER F 2 25.92 -5.50 -96.54
N LYS F 3 26.08 -5.37 -95.23
CA LYS F 3 25.02 -4.81 -94.41
C LYS F 3 24.60 -3.46 -94.93
N ILE F 4 25.58 -2.69 -95.43
CA ILE F 4 25.28 -1.37 -95.94
C ILE F 4 24.40 -1.41 -97.15
N GLU F 5 24.35 -2.50 -97.89
CA GLU F 5 23.39 -2.55 -98.98
C GLU F 5 22.16 -3.37 -98.66
N ARG F 6 22.17 -4.17 -97.60
CA ARG F 6 20.90 -4.68 -97.09
C ARG F 6 20.01 -3.52 -96.66
N ILE F 7 20.62 -2.47 -96.13
CA ILE F 7 19.91 -1.26 -95.74
C ILE F 7 19.53 -0.41 -96.95
N SER F 8 20.43 -0.31 -97.93
CA SER F 8 20.03 0.37 -99.15
C SER F 8 18.83 -0.33 -99.76
N ALA F 9 18.85 -1.67 -99.75
CA ALA F 9 17.71 -2.43 -100.25
C ALA F 9 16.43 -2.01 -99.54
N PHE F 10 16.47 -2.01 -98.21
CA PHE F 10 15.36 -1.49 -97.43
C PHE F 10 14.97 -0.08 -97.88
N LEU F 11 15.89 0.88 -97.80
CA LEU F 11 15.59 2.22 -98.30
C LEU F 11 14.85 2.22 -99.63
N ASN F 12 15.25 1.34 -100.55
CA ASN F 12 14.65 1.35 -101.89
C ASN F 12 13.26 0.74 -101.87
N ASP F 13 13.10 -0.40 -101.19
CA ASP F 13 11.76 -0.89 -100.88
C ASP F 13 11.09 0.14 -99.95
N LYS F 14 9.78 0.27 -100.04
CA LYS F 14 9.10 1.31 -99.25
C LYS F 14 9.79 2.70 -99.33
N GLU F 15 10.35 3.01 -100.50
CA GLU F 15 10.77 4.34 -100.94
C GLU F 15 11.14 5.36 -99.86
N VAL F 16 12.23 5.14 -99.13
CA VAL F 16 12.77 6.16 -98.23
C VAL F 16 14.11 6.63 -98.77
N ASP F 17 14.39 7.92 -98.58
CA ASP F 17 15.49 8.57 -99.29
C ASP F 17 16.84 8.20 -98.69
N MET F 18 17.09 8.60 -97.46
CA MET F 18 18.38 8.33 -96.86
C MET F 18 18.16 7.91 -95.41
N THR F 19 19.23 7.41 -94.79
CA THR F 19 19.24 7.13 -93.36
C THR F 19 20.08 8.20 -92.67
N PHE F 20 19.88 8.30 -91.36
CA PHE F 20 20.79 9.03 -90.46
C PHE F 20 20.87 8.17 -89.21
N ILE F 21 21.81 7.25 -89.24
CA ILE F 21 21.92 6.19 -88.24
C ILE F 21 22.83 6.68 -87.14
N THR F 22 22.39 6.56 -85.89
CA THR F 22 23.07 7.22 -84.78
C THR F 22 23.53 6.30 -83.66
N ASN F 23 22.94 5.15 -83.48
CA ASN F 23 23.29 4.34 -82.31
C ASN F 23 24.73 3.87 -82.42
N PRO F 24 25.59 4.15 -81.43
CA PRO F 24 26.98 3.69 -81.54
C PRO F 24 27.11 2.21 -81.83
N THR F 25 26.40 1.35 -81.12
CA THR F 25 26.58 -0.06 -81.44
C THR F 25 26.15 -0.35 -82.87
N THR F 26 25.14 0.38 -83.38
CA THR F 26 24.72 0.17 -84.75
C THR F 26 25.79 0.63 -85.75
N LEU F 27 26.56 1.66 -85.39
CA LEU F 27 27.61 2.13 -86.28
C LEU F 27 28.75 1.12 -86.36
N ASN F 28 29.04 0.45 -85.26
CA ASN F 28 30.01 -0.63 -85.29
C ASN F 28 29.52 -1.79 -86.13
N TYR F 29 28.29 -2.22 -85.89
CA TYR F 29 27.80 -3.42 -86.55
C TYR F 29 27.75 -3.26 -88.05
N LEU F 30 27.61 -2.01 -88.52
CA LEU F 30 27.50 -1.75 -89.95
C LEU F 30 28.81 -1.37 -90.60
N THR F 31 29.78 -0.91 -89.82
CA THR F 31 31.00 -0.34 -90.38
C THR F 31 32.24 -0.82 -89.66
N GLY F 32 32.11 -1.56 -88.56
CA GLY F 32 33.26 -2.02 -87.81
C GLY F 32 34.03 -0.93 -87.13
N LEU F 33 33.55 0.30 -87.20
CA LEU F 33 34.16 1.45 -86.54
C LEU F 33 33.53 1.68 -85.17
N ALA F 34 34.36 1.73 -84.12
CA ALA F 34 33.84 1.91 -82.76
C ALA F 34 33.97 3.37 -82.35
N ILE F 35 32.98 4.18 -82.72
CA ILE F 35 32.98 5.62 -82.52
C ILE F 35 31.88 6.00 -81.54
N ASP F 36 32.20 6.79 -80.52
CA ASP F 36 31.19 7.30 -79.59
C ASP F 36 31.30 8.81 -79.45
N PRO F 37 30.48 9.58 -80.17
CA PRO F 37 30.63 11.04 -80.15
C PRO F 37 30.24 11.69 -78.83
N HIS F 38 29.68 10.93 -77.88
CA HIS F 38 29.23 11.50 -76.61
C HIS F 38 28.15 12.53 -76.89
N GLU F 39 28.33 13.77 -76.44
CA GLU F 39 27.28 14.74 -76.74
C GLU F 39 27.41 15.33 -78.15
N ARG F 40 28.43 14.93 -78.91
CA ARG F 40 28.56 15.40 -80.27
C ARG F 40 27.74 14.51 -81.19
N ILE F 41 27.82 14.79 -82.49
CA ILE F 41 26.91 14.25 -83.48
C ILE F 41 27.68 13.30 -84.40
N ALA F 42 27.22 12.06 -84.52
CA ALA F 42 27.67 11.16 -85.57
C ALA F 42 26.46 10.63 -86.34
N GLY F 43 26.68 10.24 -87.59
CA GLY F 43 25.58 9.73 -88.39
C GLY F 43 25.98 9.00 -89.65
N LEU F 44 25.45 7.80 -89.86
CA LEU F 44 25.68 7.05 -91.10
C LEU F 44 24.51 7.26 -92.05
N MET F 45 24.81 7.81 -93.22
CA MET F 45 23.80 8.13 -94.23
C MET F 45 23.92 7.19 -95.42
N ILE F 46 22.90 6.39 -95.66
CA ILE F 46 22.85 5.45 -96.76
C ILE F 46 21.75 5.91 -97.71
N PHE F 47 21.99 5.82 -99.00
CA PHE F 47 21.03 6.35 -99.97
C PHE F 47 20.56 5.22 -100.86
N ARG F 48 19.45 5.45 -101.59
CA ARG F 48 18.89 4.37 -102.40
C ARG F 48 19.82 3.98 -103.53
N ASP F 49 20.57 4.95 -104.06
CA ASP F 49 21.37 4.73 -105.26
C ASP F 49 22.53 5.69 -105.34
N SER F 50 23.23 5.93 -104.25
CA SER F 50 24.48 6.67 -104.32
C SER F 50 25.37 6.21 -103.16
N THR F 51 26.57 6.78 -103.09
CA THR F 51 27.57 6.30 -102.12
C THR F 51 27.15 6.60 -100.68
N PRO F 52 27.31 5.66 -99.76
CA PRO F 52 27.10 5.97 -98.35
C PRO F 52 28.07 7.04 -97.88
N MET F 53 27.69 7.68 -96.79
CA MET F 53 28.48 8.75 -96.19
C MET F 53 28.40 8.58 -94.69
N LEU F 54 29.47 8.98 -94.00
CA LEU F 54 29.57 8.77 -92.56
C LEU F 54 30.05 10.08 -91.97
N PHE F 55 29.08 10.84 -91.45
CA PHE F 55 29.32 12.12 -90.80
C PHE F 55 29.86 11.90 -89.41
N THR F 56 30.90 12.65 -89.08
CA THR F 56 31.61 12.45 -87.82
C THR F 56 32.00 13.81 -87.29
N PRO F 57 32.33 13.89 -86.00
CA PRO F 57 33.05 15.07 -85.50
C PRO F 57 34.38 15.19 -86.22
N ALA F 58 34.77 16.44 -86.51
CA ALA F 58 36.05 16.70 -87.15
C ALA F 58 37.18 15.92 -86.46
N LEU F 59 37.21 15.93 -85.13
CA LEU F 59 38.26 15.21 -84.41
C LEU F 59 38.22 13.71 -84.67
N GLU F 60 37.10 13.17 -85.12
CA GLU F 60 36.95 11.74 -85.32
C GLU F 60 36.98 11.33 -86.80
N VAL F 61 37.20 12.27 -87.71
CA VAL F 61 37.15 11.96 -89.14
C VAL F 61 38.24 10.97 -89.53
N GLU F 62 39.47 11.19 -89.05
CA GLU F 62 40.62 10.50 -89.63
C GLU F 62 40.54 9.00 -89.42
N LYS F 63 40.56 8.54 -88.17
CA LYS F 63 40.62 7.08 -88.16
C LYS F 63 39.26 6.43 -88.36
N ALA F 64 38.23 7.23 -88.65
CA ALA F 64 37.11 6.71 -89.42
C ALA F 64 37.54 6.36 -90.84
N LYS F 65 38.48 7.11 -91.40
CA LYS F 65 38.94 6.82 -92.76
C LYS F 65 39.86 5.61 -92.78
N GLU F 66 40.71 5.47 -91.76
CA GLU F 66 41.23 4.15 -91.46
C GLU F 66 40.12 3.34 -90.81
N HIS F 67 40.42 2.11 -90.37
CA HIS F 67 39.48 1.29 -89.62
C HIS F 67 38.07 1.15 -90.19
N THR F 68 37.74 1.87 -91.26
CA THR F 68 36.51 1.64 -92.00
C THR F 68 36.92 1.43 -93.46
N SER F 69 36.91 0.17 -93.90
CA SER F 69 37.20 -0.16 -95.29
C SER F 69 36.05 0.18 -96.23
N GLY F 70 34.94 0.73 -95.73
CA GLY F 70 33.99 1.35 -96.62
C GLY F 70 34.72 2.58 -97.10
N LEU F 71 34.08 3.47 -97.83
CA LEU F 71 34.94 4.60 -98.10
C LEU F 71 34.09 5.83 -98.32
N ASP F 72 33.77 6.50 -97.22
CA ASP F 72 33.42 7.90 -97.37
C ASP F 72 33.96 8.70 -96.17
N ILE F 73 33.26 9.76 -95.72
CA ILE F 73 33.47 10.41 -94.44
C ILE F 73 33.62 11.92 -94.56
N PHE F 74 32.89 12.65 -93.74
CA PHE F 74 33.11 14.09 -93.63
C PHE F 74 32.69 14.56 -92.24
N GLY F 75 33.41 15.55 -91.73
CA GLY F 75 33.28 15.97 -90.35
C GLY F 75 32.65 17.35 -90.18
N TYR F 76 32.50 17.71 -88.90
CA TYR F 76 32.04 19.04 -88.52
C TYR F 76 32.85 19.49 -87.33
N GLU F 77 33.06 20.80 -87.25
CA GLU F 77 33.91 21.44 -86.24
C GLU F 77 33.03 22.05 -85.15
N ASP F 78 33.45 21.85 -83.89
CA ASP F 78 32.84 22.58 -82.78
C ASP F 78 32.86 24.06 -83.15
N SER F 79 31.81 24.52 -83.82
CA SER F 79 31.87 25.79 -84.54
C SER F 79 30.81 25.84 -85.62
N GLN F 80 30.56 24.71 -86.27
CA GLN F 80 29.55 24.64 -87.32
C GLN F 80 28.28 23.98 -86.80
N ASN F 81 27.16 24.33 -87.43
CA ASN F 81 25.88 23.66 -87.23
C ASN F 81 25.88 22.33 -87.99
N PRO F 82 25.96 21.20 -87.28
CA PRO F 82 26.06 19.90 -87.98
C PRO F 82 24.95 19.69 -88.99
N TRP F 83 23.73 20.11 -88.66
CA TRP F 83 22.60 19.86 -89.57
C TRP F 83 22.74 20.69 -90.85
N GLU F 84 23.30 21.89 -90.77
CA GLU F 84 23.66 22.61 -91.98
C GLU F 84 24.79 21.90 -92.74
N VAL F 85 25.89 21.56 -92.06
CA VAL F 85 26.97 20.83 -92.71
C VAL F 85 26.40 19.61 -93.43
N VAL F 86 25.59 18.83 -92.70
CA VAL F 86 25.08 17.58 -93.23
C VAL F 86 24.14 17.81 -94.40
N LYS F 87 23.28 18.82 -94.32
CA LYS F 87 22.45 19.14 -95.48
C LYS F 87 23.30 19.62 -96.65
N ASN F 88 24.46 20.22 -96.38
CA ASN F 88 25.26 20.79 -97.45
C ASN F 88 25.89 19.70 -98.29
N HIS F 89 26.18 18.55 -97.68
CA HIS F 89 26.85 17.45 -98.35
C HIS F 89 25.89 16.53 -99.07
N VAL F 90 24.60 16.72 -98.91
CA VAL F 90 23.59 15.83 -99.47
C VAL F 90 22.96 16.48 -100.70
N LYS F 91 23.81 17.10 -101.52
CA LYS F 91 23.52 17.65 -102.84
C LYS F 91 22.18 17.23 -103.47
N SER F 92 21.51 16.19 -102.95
CA SER F 92 20.23 15.75 -103.48
C SER F 92 19.83 14.44 -102.81
N ASP F 93 18.59 14.32 -102.30
CA ASP F 93 17.52 15.31 -102.33
C ASP F 93 16.35 14.70 -101.51
N VAL F 94 16.14 15.16 -100.27
CA VAL F 94 15.53 14.37 -99.20
C VAL F 94 14.09 14.79 -98.92
N LYS F 95 13.19 13.80 -98.84
CA LYS F 95 11.84 13.92 -98.29
C LYS F 95 11.56 12.87 -97.21
N SER F 96 12.41 11.84 -97.09
CA SER F 96 12.29 10.73 -96.15
C SER F 96 13.64 10.50 -95.46
N ILE F 97 13.63 10.19 -94.17
CA ILE F 97 14.83 9.72 -93.49
C ILE F 97 14.49 8.55 -92.58
N ALA F 98 15.32 7.50 -92.63
CA ALA F 98 15.18 6.35 -91.76
C ALA F 98 16.16 6.49 -90.61
N VAL F 99 15.66 6.43 -89.39
CA VAL F 99 16.45 6.65 -88.19
C VAL F 99 16.04 5.59 -87.18
N GLU F 100 16.74 5.55 -86.06
CA GLU F 100 16.53 4.54 -85.04
C GLU F 100 15.70 5.16 -83.91
N PHE F 101 14.38 4.92 -83.96
CA PHE F 101 13.47 5.55 -83.00
C PHE F 101 13.88 5.29 -81.56
N SER F 102 14.44 4.13 -81.28
CA SER F 102 14.75 3.85 -79.88
C SER F 102 16.00 4.58 -79.41
N ASP F 103 16.78 5.17 -80.31
CA ASP F 103 18.03 5.79 -79.92
C ASP F 103 18.10 7.29 -80.13
N ILE F 104 17.52 7.81 -81.22
CA ILE F 104 17.79 9.19 -81.65
C ILE F 104 16.97 10.22 -80.87
N PRO F 105 17.61 11.20 -80.24
CA PRO F 105 16.89 12.20 -79.45
C PRO F 105 16.14 13.18 -80.32
N LEU F 106 15.15 13.84 -79.69
CA LEU F 106 14.40 14.88 -80.38
C LEU F 106 15.30 15.94 -80.96
N ALA F 107 16.32 16.36 -80.18
CA ALA F 107 17.27 17.32 -80.68
C ALA F 107 17.71 16.96 -82.09
N LYS F 108 18.12 15.70 -82.29
CA LYS F 108 18.71 15.28 -83.56
C LYS F 108 17.68 15.24 -84.68
N THR F 109 16.48 14.71 -84.43
CA THR F 109 15.46 14.74 -85.48
C THR F 109 14.86 16.12 -85.69
N GLU F 110 15.05 17.06 -84.76
CA GLU F 110 14.57 18.40 -85.05
C GLU F 110 15.64 19.21 -85.78
N GLY F 111 16.90 19.07 -85.35
CA GLY F 111 18.01 19.53 -86.16
C GLY F 111 17.83 19.17 -87.61
N LEU F 112 17.55 17.90 -87.90
CA LEU F 112 17.43 17.47 -89.28
C LEU F 112 16.34 18.26 -89.99
N LYS F 113 15.08 18.12 -89.55
CA LYS F 113 13.92 18.82 -90.10
C LYS F 113 14.24 20.26 -90.42
N ALA F 114 15.02 20.88 -89.53
CA ALA F 114 15.30 22.30 -89.61
C ALA F 114 16.06 22.65 -90.88
N GLN F 115 16.83 21.71 -91.43
CA GLN F 115 17.55 21.90 -92.68
C GLN F 115 16.84 21.28 -93.88
N PHE F 116 16.15 20.17 -93.67
CA PHE F 116 15.51 19.42 -94.76
C PHE F 116 14.03 19.74 -94.89
N GLY F 117 13.45 20.40 -93.90
CA GLY F 117 12.03 20.65 -93.92
C GLY F 117 11.26 19.57 -93.19
N ASP F 118 9.97 19.49 -93.53
CA ASP F 118 9.09 18.54 -92.85
C ASP F 118 9.40 17.14 -93.37
N ILE F 119 10.32 16.46 -92.70
CA ILE F 119 10.72 15.12 -93.09
C ILE F 119 9.75 14.08 -92.55
N ASN F 120 9.61 13.00 -93.29
CA ASN F 120 8.88 11.81 -92.87
C ASN F 120 9.92 10.83 -92.32
N PHE F 121 9.90 10.61 -91.00
CA PHE F 121 10.87 9.73 -90.35
C PHE F 121 10.35 8.29 -90.36
N VAL F 122 11.13 7.39 -90.96
CA VAL F 122 10.85 5.97 -90.94
C VAL F 122 11.81 5.31 -89.97
N ASN F 123 11.34 4.25 -89.32
CA ASN F 123 12.05 3.65 -88.21
C ASN F 123 12.86 2.46 -88.71
N LEU F 124 14.17 2.51 -88.51
CA LEU F 124 15.10 1.50 -88.97
C LEU F 124 15.40 0.40 -87.94
N THR F 125 15.03 0.59 -86.68
CA THR F 125 15.43 -0.35 -85.64
C THR F 125 14.90 -1.75 -85.93
N PRO F 126 13.64 -1.95 -86.30
CA PRO F 126 13.20 -3.33 -86.60
C PRO F 126 14.11 -4.03 -87.62
N LEU F 127 14.45 -3.36 -88.73
CA LEU F 127 15.36 -3.98 -89.70
C LEU F 127 16.70 -4.34 -89.05
N ILE F 128 17.32 -3.37 -88.39
CA ILE F 128 18.60 -3.61 -87.70
C ILE F 128 18.47 -4.75 -86.70
N GLU F 129 17.37 -4.77 -85.93
CA GLU F 129 17.20 -5.85 -84.95
C GLU F 129 17.21 -7.21 -85.63
N ARG F 130 16.46 -7.36 -86.72
CA ARG F 130 16.40 -8.69 -87.30
C ARG F 130 17.60 -8.99 -88.17
N MET F 131 18.38 -7.97 -88.55
CA MET F 131 19.69 -8.24 -89.13
C MET F 131 20.60 -8.86 -88.08
N ARG F 132 20.72 -8.20 -86.92
CA ARG F 132 21.54 -8.68 -85.82
C ARG F 132 21.02 -9.94 -85.19
N LEU F 133 19.77 -10.34 -85.48
CA LEU F 133 19.22 -11.53 -84.86
C LEU F 133 19.96 -12.79 -85.30
N ILE F 134 20.53 -12.76 -86.49
CA ILE F 134 21.25 -13.88 -87.07
C ILE F 134 22.69 -13.44 -87.23
N LYS F 135 23.55 -13.95 -86.34
CA LYS F 135 24.97 -13.65 -86.36
C LYS F 135 25.65 -14.47 -87.44
N SER F 136 26.68 -13.87 -88.02
CA SER F 136 27.53 -14.53 -89.00
C SER F 136 28.53 -15.43 -88.30
N ALA F 137 29.21 -16.27 -89.08
CA ALA F 137 30.23 -17.13 -88.50
C ALA F 137 31.33 -16.32 -87.83
N ASP F 138 31.66 -15.13 -88.36
CA ASP F 138 32.74 -14.38 -87.75
C ASP F 138 32.26 -13.59 -86.55
N GLU F 139 30.96 -13.30 -86.45
CA GLU F 139 30.44 -12.74 -85.21
C GLU F 139 30.51 -13.76 -84.09
N ILE F 140 30.20 -15.02 -84.40
CA ILE F 140 30.17 -16.09 -83.40
C ILE F 140 31.57 -16.29 -82.84
N GLU F 141 32.57 -16.19 -83.70
CA GLU F 141 33.95 -16.31 -83.25
C GLU F 141 34.28 -15.24 -82.22
N LYS F 142 33.91 -14.00 -82.49
CA LYS F 142 34.15 -12.94 -81.52
C LYS F 142 33.49 -13.26 -80.19
N MET F 143 32.18 -13.51 -80.23
CA MET F 143 31.47 -13.92 -79.04
C MET F 143 32.13 -15.09 -78.32
N LYS F 144 32.77 -16.00 -79.07
CA LYS F 144 33.57 -17.06 -78.43
C LYS F 144 34.67 -16.45 -77.57
N VAL F 145 35.50 -15.61 -78.16
CA VAL F 145 36.55 -14.90 -77.40
C VAL F 145 35.95 -14.29 -76.16
N ALA F 146 34.82 -13.60 -76.32
CA ALA F 146 34.19 -12.95 -75.17
C ALA F 146 33.80 -13.98 -74.12
N GLY F 147 33.29 -15.14 -74.56
CA GLY F 147 33.01 -16.22 -73.64
C GLY F 147 34.26 -16.84 -73.05
N ASP F 148 35.36 -16.88 -73.84
CA ASP F 148 36.58 -17.41 -73.27
C ASP F 148 37.01 -16.54 -72.11
N PHE F 149 36.75 -15.25 -72.22
CA PHE F 149 37.11 -14.35 -71.13
C PHE F 149 36.25 -14.63 -69.90
N ALA F 150 34.95 -14.81 -70.09
CA ALA F 150 34.11 -15.15 -68.95
C ALA F 150 34.66 -16.38 -68.23
N ASP F 151 35.04 -17.41 -68.98
CA ASP F 151 35.63 -18.62 -68.41
C ASP F 151 36.80 -18.30 -67.50
N LYS F 152 37.77 -17.54 -68.01
CA LYS F 152 38.85 -17.03 -67.17
C LYS F 152 38.29 -16.33 -65.94
N CYS F 153 37.17 -15.62 -66.10
CA CYS F 153 36.56 -14.91 -64.98
C CYS F 153 36.12 -15.87 -63.89
N PHE F 154 35.30 -16.86 -64.25
CA PHE F 154 34.89 -17.89 -63.30
C PHE F 154 36.06 -18.50 -62.55
N GLU F 155 37.20 -18.68 -63.23
CA GLU F 155 38.38 -19.24 -62.55
C GLU F 155 38.89 -18.27 -61.51
N ILE F 156 39.25 -17.07 -61.95
CA ILE F 156 39.68 -16.02 -61.04
C ILE F 156 38.73 -15.91 -59.86
N GLY F 157 37.43 -15.79 -60.15
CA GLY F 157 36.48 -15.63 -59.07
C GLY F 157 36.43 -16.83 -58.14
N PHE F 158 36.55 -18.03 -58.69
CA PHE F 158 36.52 -19.25 -57.87
C PHE F 158 37.66 -19.23 -56.86
N ALA F 159 38.87 -18.94 -57.33
CA ALA F 159 40.04 -18.95 -56.48
C ALA F 159 39.93 -17.89 -55.40
N THR F 160 39.49 -16.70 -55.78
CA THR F 160 39.38 -15.63 -54.81
C THR F 160 38.27 -15.89 -53.80
N ALA F 161 37.42 -16.89 -54.03
CA ALA F 161 36.52 -17.34 -52.97
C ALA F 161 37.26 -18.20 -51.96
N ALA F 162 38.04 -19.18 -52.45
CA ALA F 162 38.63 -20.21 -51.59
C ALA F 162 39.53 -19.61 -50.51
N GLU F 163 40.30 -18.58 -50.87
CA GLU F 163 41.16 -17.92 -49.89
C GLU F 163 40.39 -17.49 -48.64
N ARG F 164 39.06 -17.50 -48.72
CA ARG F 164 38.16 -17.12 -47.63
C ARG F 164 38.65 -15.88 -46.89
N ASN F 165 39.17 -16.06 -45.67
CA ASN F 165 39.85 -15.01 -44.94
C ASN F 165 39.04 -13.71 -44.92
N GLY F 166 37.72 -13.85 -44.83
CA GLY F 166 36.86 -12.70 -44.65
C GLY F 166 36.60 -11.89 -45.89
N VAL F 167 37.04 -12.37 -47.06
CA VAL F 167 36.76 -11.69 -48.30
C VAL F 167 35.27 -11.64 -48.55
N THR F 168 34.80 -10.53 -49.13
CA THR F 168 33.37 -10.33 -49.37
C THR F 168 33.05 -10.51 -50.85
N GLU F 169 31.74 -10.59 -51.14
CA GLU F 169 31.28 -10.61 -52.52
C GLU F 169 31.86 -9.42 -53.29
N SER F 170 31.76 -8.22 -52.72
CA SER F 170 32.30 -7.03 -53.36
C SER F 170 33.77 -7.21 -53.74
N ASP F 171 34.53 -7.96 -52.94
CA ASP F 171 35.97 -8.12 -53.17
C ASP F 171 36.23 -9.07 -54.33
N ILE F 172 35.46 -10.14 -54.44
CA ILE F 172 35.58 -11.06 -55.56
C ILE F 172 35.29 -10.32 -56.86
N VAL F 173 34.21 -9.54 -56.87
CA VAL F 173 33.87 -8.77 -58.05
C VAL F 173 35.04 -7.87 -58.44
N ALA F 174 35.48 -7.01 -57.51
CA ALA F 174 36.57 -6.12 -57.85
C ALA F 174 37.79 -6.87 -58.35
N LYS F 175 38.03 -8.07 -57.82
CA LYS F 175 39.19 -8.82 -58.27
C LYS F 175 39.03 -9.27 -59.71
N ILE F 176 37.81 -9.69 -60.07
CA ILE F 176 37.57 -10.20 -61.42
C ILE F 176 37.71 -9.09 -62.43
N GLU F 177 37.14 -7.93 -62.13
CA GLU F 177 37.18 -6.84 -63.10
C GLU F 177 38.56 -6.21 -63.16
N TYR F 178 39.32 -6.33 -62.06
CA TYR F 178 40.72 -5.93 -62.05
C TYR F 178 41.55 -6.79 -63.00
N GLU F 179 41.39 -8.12 -62.91
CA GLU F 179 42.11 -9.02 -63.81
C GLU F 179 41.64 -8.89 -65.26
N MET F 180 40.35 -8.69 -65.49
CA MET F 180 39.91 -8.39 -66.84
C MET F 180 40.59 -7.13 -67.34
N LYS F 181 40.49 -6.05 -66.54
CA LYS F 181 41.11 -4.78 -66.90
C LYS F 181 42.59 -4.97 -67.25
N ARG F 182 43.28 -5.84 -66.51
CA ARG F 182 44.69 -6.09 -66.77
C ARG F 182 44.92 -6.85 -68.08
N MET F 183 43.91 -7.57 -68.57
CA MET F 183 44.00 -8.36 -69.79
C MET F 183 43.52 -7.60 -71.02
N GLY F 184 43.35 -6.29 -70.92
CA GLY F 184 42.83 -5.49 -72.01
C GLY F 184 41.31 -5.37 -72.07
N VAL F 185 40.60 -6.00 -71.15
CA VAL F 185 39.15 -6.03 -71.24
C VAL F 185 38.60 -4.74 -70.64
N PRO F 186 38.24 -3.76 -71.46
CA PRO F 186 37.85 -2.45 -70.90
C PRO F 186 36.71 -2.54 -69.91
N GLN F 187 35.67 -3.31 -70.21
CA GLN F 187 34.47 -3.32 -69.37
C GLN F 187 33.80 -4.67 -69.44
N MET F 188 33.14 -5.03 -68.35
CA MET F 188 32.19 -6.12 -68.32
C MET F 188 30.93 -5.74 -69.09
N SER F 189 30.21 -6.76 -69.57
CA SER F 189 28.98 -6.52 -70.30
C SER F 189 27.81 -6.15 -69.39
N PHE F 190 28.01 -6.14 -68.07
CA PHE F 190 26.94 -5.95 -67.08
C PHE F 190 27.45 -6.16 -65.67
N ASP F 191 26.87 -5.45 -64.70
CA ASP F 191 27.42 -5.46 -63.36
C ASP F 191 27.57 -6.88 -62.83
N THR F 192 28.80 -7.25 -62.49
CA THR F 192 29.10 -8.59 -62.03
C THR F 192 28.25 -8.97 -60.82
N LEU F 193 28.09 -10.27 -60.62
CA LEU F 193 27.27 -10.80 -59.55
C LEU F 193 27.99 -11.94 -58.85
N VAL F 194 28.50 -11.69 -57.66
CA VAL F 194 28.78 -12.77 -56.72
C VAL F 194 27.80 -12.62 -55.56
N LEU F 195 27.16 -13.72 -55.19
CA LEU F 195 26.19 -13.70 -54.10
C LEU F 195 26.27 -15.05 -53.38
N SER F 196 26.21 -15.02 -52.05
CA SER F 196 26.49 -16.19 -51.24
C SER F 196 25.23 -16.84 -50.67
N GLY F 197 25.17 -18.16 -50.82
CA GLY F 197 24.10 -18.99 -50.30
C GLY F 197 22.70 -18.51 -50.59
N ALA F 198 22.09 -17.84 -49.61
CA ALA F 198 20.70 -17.43 -49.68
C ALA F 198 20.52 -16.00 -50.16
N ARG F 199 21.56 -15.16 -50.12
CA ARG F 199 21.51 -13.97 -50.97
C ARG F 199 21.16 -14.35 -52.40
N ALA F 200 21.61 -15.54 -52.83
CA ALA F 200 21.47 -16.11 -54.17
C ALA F 200 20.05 -16.59 -54.49
N ALA F 201 19.12 -16.44 -53.55
CA ALA F 201 17.72 -16.69 -53.81
C ALA F 201 16.99 -15.43 -54.26
N ASN F 202 17.55 -14.25 -53.97
CA ASN F 202 16.96 -12.99 -54.39
C ASN F 202 17.41 -12.68 -55.81
N PRO F 203 16.51 -12.72 -56.81
CA PRO F 203 16.94 -12.44 -58.18
C PRO F 203 17.44 -11.00 -58.36
N HIS F 204 17.03 -10.07 -57.50
CA HIS F 204 17.45 -8.69 -57.60
C HIS F 204 18.38 -8.29 -56.45
N GLY F 205 19.14 -9.25 -55.93
CA GLY F 205 20.24 -8.92 -55.06
C GLY F 205 21.46 -8.52 -55.87
N ALA F 206 22.30 -7.70 -55.23
CA ALA F 206 23.56 -7.27 -55.83
C ALA F 206 24.71 -7.69 -54.91
N PRO F 207 25.97 -7.53 -55.33
CA PRO F 207 27.09 -7.92 -54.48
C PRO F 207 27.46 -6.80 -53.51
N GLU F 208 27.55 -7.15 -52.22
CA GLU F 208 27.86 -6.17 -51.19
C GLU F 208 28.92 -6.74 -50.24
N ASN F 209 29.60 -5.83 -49.54
CA ASN F 209 30.71 -6.11 -48.63
C ASN F 209 30.37 -7.09 -47.50
N VAL F 210 30.20 -8.38 -47.78
CA VAL F 210 29.81 -9.34 -46.76
C VAL F 210 30.64 -10.62 -46.89
N GLU F 211 31.05 -11.20 -45.75
CA GLU F 211 31.72 -12.50 -45.76
C GLU F 211 31.03 -13.46 -46.69
N ILE F 212 31.69 -14.57 -46.96
CA ILE F 212 31.15 -15.63 -47.78
C ILE F 212 30.73 -16.77 -46.87
N GLN F 213 29.45 -17.13 -46.93
CA GLN F 213 28.92 -18.28 -46.21
C GLN F 213 29.78 -19.52 -46.44
N GLU F 214 30.33 -20.07 -45.37
CA GLU F 214 30.97 -21.36 -45.49
C GLU F 214 29.92 -22.45 -45.50
N ASN F 215 30.21 -23.54 -46.23
CA ASN F 215 29.31 -24.69 -46.39
C ASN F 215 27.97 -24.28 -46.99
N LYS F 216 27.99 -23.22 -47.81
CA LYS F 216 26.83 -22.77 -48.57
C LYS F 216 27.25 -22.56 -50.02
N LEU F 217 26.26 -22.35 -50.88
CA LEU F 217 26.47 -22.25 -52.32
C LEU F 217 26.73 -20.80 -52.71
N LEU F 218 27.68 -20.59 -53.62
CA LEU F 218 28.09 -19.26 -54.08
C LEU F 218 27.83 -19.13 -55.57
N LEU F 219 27.12 -18.06 -55.94
CA LEU F 219 26.60 -17.85 -57.29
C LEU F 219 27.45 -16.81 -58.03
N PHE F 220 27.86 -17.16 -59.24
CA PHE F 220 28.71 -16.31 -60.07
C PHE F 220 27.97 -15.96 -61.36
N ASP F 221 27.79 -14.67 -61.61
CA ASP F 221 27.19 -14.23 -62.86
C ASP F 221 27.97 -13.06 -63.42
N LEU F 222 28.53 -13.25 -64.61
CA LEU F 222 29.50 -12.31 -65.15
C LEU F 222 29.53 -12.43 -66.67
N GLY F 223 30.30 -11.55 -67.28
CA GLY F 223 30.36 -11.48 -68.72
C GLY F 223 31.20 -10.30 -69.11
N VAL F 224 31.65 -10.31 -70.34
CA VAL F 224 32.64 -9.33 -70.77
C VAL F 224 32.23 -8.77 -72.12
N MET F 225 32.74 -7.57 -72.41
CA MET F 225 32.76 -7.01 -73.76
C MET F 225 34.17 -7.19 -74.29
N SER F 226 34.30 -7.75 -75.50
CA SER F 226 35.55 -7.67 -76.25
C SER F 226 35.22 -7.77 -77.73
N GLY F 227 36.00 -7.06 -78.54
CA GLY F 227 35.70 -6.96 -79.95
C GLY F 227 34.34 -6.39 -80.26
N GLY F 228 33.74 -5.68 -79.31
CA GLY F 228 32.43 -5.15 -79.53
C GLY F 228 31.29 -6.12 -79.32
N TYR F 229 31.57 -7.35 -78.87
CA TYR F 229 30.52 -8.33 -78.58
C TYR F 229 30.57 -8.77 -77.12
N ALA F 230 29.47 -9.33 -76.67
CA ALA F 230 29.21 -9.58 -75.26
C ALA F 230 29.26 -11.06 -74.94
N SER F 231 29.52 -11.36 -73.65
CA SER F 231 29.43 -12.70 -73.08
C SER F 231 28.55 -12.67 -71.82
N ASP F 232 27.87 -13.78 -71.56
CA ASP F 232 27.05 -13.88 -70.36
C ASP F 232 27.06 -15.30 -69.84
N ALA F 233 27.49 -15.48 -68.60
CA ALA F 233 27.58 -16.80 -67.98
C ALA F 233 27.23 -16.75 -66.49
N THR F 234 26.72 -17.87 -65.99
CA THR F 234 26.49 -18.03 -64.55
C THR F 234 26.97 -19.40 -64.11
N ARG F 235 27.61 -19.46 -62.95
CA ARG F 235 27.93 -20.70 -62.28
C ARG F 235 27.55 -20.60 -60.80
N THR F 236 27.13 -21.74 -60.24
CA THR F 236 26.83 -21.80 -58.81
C THR F 236 27.65 -22.91 -58.20
N ILE F 237 28.45 -22.58 -57.18
CA ILE F 237 29.40 -23.54 -56.62
C ILE F 237 29.33 -23.53 -55.11
N ALA F 238 30.27 -24.23 -54.49
CA ALA F 238 30.17 -24.63 -53.09
C ALA F 238 31.40 -24.15 -52.31
N ILE F 239 31.17 -23.24 -51.37
CA ILE F 239 32.11 -22.94 -50.29
C ILE F 239 32.20 -24.17 -49.38
N GLY F 240 33.31 -24.91 -49.49
CA GLY F 240 33.32 -26.18 -48.79
C GLY F 240 32.13 -27.02 -49.21
N GLN F 241 31.68 -27.93 -48.28
CA GLN F 241 30.59 -28.80 -48.70
C GLN F 241 29.23 -28.19 -48.34
N PRO F 242 28.18 -28.50 -49.15
CA PRO F 242 26.87 -27.89 -48.95
C PRO F 242 25.83 -28.84 -48.35
N ASN F 243 24.88 -28.29 -47.58
CA ASN F 243 23.78 -29.11 -47.08
C ASN F 243 23.05 -29.76 -48.25
N ASP F 244 22.71 -31.04 -48.09
CA ASP F 244 22.27 -31.85 -49.23
C ASP F 244 20.89 -31.44 -49.75
N PHE F 245 20.28 -30.39 -49.19
CA PHE F 245 19.18 -29.69 -49.84
C PHE F 245 19.68 -28.97 -51.09
N ASP F 246 20.59 -28.01 -50.90
CA ASP F 246 21.13 -27.22 -52.00
C ASP F 246 21.87 -28.08 -53.01
N ALA F 247 22.73 -29.00 -52.56
CA ALA F 247 23.36 -29.95 -53.46
C ALA F 247 22.34 -30.73 -54.30
N GLU F 248 21.06 -30.65 -53.95
CA GLU F 248 19.96 -31.20 -54.75
C GLU F 248 19.46 -30.18 -55.77
N ILE F 249 18.94 -29.05 -55.27
CA ILE F 249 18.46 -27.96 -56.10
C ILE F 249 19.45 -27.62 -57.21
N HIS F 250 20.75 -27.77 -56.93
CA HIS F 250 21.76 -27.46 -57.94
C HIS F 250 21.83 -28.55 -59.01
N LYS F 251 21.74 -29.83 -58.61
CA LYS F 251 21.80 -30.87 -59.64
C LYS F 251 20.55 -30.89 -60.51
N ILE F 252 19.42 -30.40 -59.99
CA ILE F 252 18.22 -30.28 -60.82
C ILE F 252 18.36 -29.15 -61.81
N VAL F 253 18.70 -27.95 -61.32
CA VAL F 253 19.07 -26.87 -62.23
C VAL F 253 20.16 -27.36 -63.19
N LYS F 254 21.27 -27.83 -62.64
CA LYS F 254 22.39 -28.26 -63.48
C LYS F 254 21.94 -28.93 -64.77
N GLU F 255 21.09 -29.97 -64.67
CA GLU F 255 20.71 -30.69 -65.88
C GLU F 255 19.31 -30.36 -66.36
N ALA F 256 18.62 -29.42 -65.71
CA ALA F 256 17.52 -28.75 -66.40
C ALA F 256 18.07 -27.90 -67.54
N GLN F 257 19.12 -27.12 -67.24
CA GLN F 257 19.93 -26.48 -68.25
C GLN F 257 20.44 -27.49 -69.27
N GLN F 258 20.95 -28.64 -68.80
CA GLN F 258 21.45 -29.64 -69.73
C GLN F 258 20.33 -30.17 -70.63
N ALA F 259 19.11 -30.23 -70.11
CA ALA F 259 17.96 -30.67 -70.91
C ALA F 259 17.72 -29.74 -72.08
N ALA F 260 17.63 -28.44 -71.80
CA ALA F 260 17.55 -27.46 -72.86
C ALA F 260 18.77 -27.53 -73.77
N MET F 261 19.97 -27.48 -73.19
CA MET F 261 21.19 -27.51 -74.01
C MET F 261 21.22 -28.69 -74.96
N ASP F 262 20.65 -29.83 -74.55
CA ASP F 262 20.59 -31.01 -75.41
C ASP F 262 19.46 -30.90 -76.43
N PHE F 263 18.41 -30.15 -76.12
CA PHE F 263 17.19 -30.11 -76.92
C PHE F 263 17.26 -29.11 -78.07
N ILE F 264 18.05 -28.04 -77.93
CA ILE F 264 18.00 -26.89 -78.85
C ILE F 264 18.60 -27.25 -80.20
N LYS F 265 17.88 -26.92 -81.25
CA LYS F 265 18.33 -27.04 -82.64
C LYS F 265 17.34 -26.30 -83.53
N PRO F 266 17.71 -26.01 -84.78
CA PRO F 266 16.80 -25.25 -85.65
C PRO F 266 15.46 -25.95 -85.79
N GLY F 267 14.39 -25.18 -85.78
CA GLY F 267 13.06 -25.75 -85.87
C GLY F 267 12.30 -25.58 -84.59
N VAL F 268 12.84 -26.10 -83.49
CA VAL F 268 12.22 -25.98 -82.18
C VAL F 268 11.72 -24.55 -81.95
N THR F 269 10.67 -24.39 -81.17
CA THR F 269 10.16 -23.04 -80.96
C THR F 269 10.75 -22.43 -79.68
N ALA F 270 10.72 -21.10 -79.63
CA ALA F 270 11.18 -20.37 -78.46
C ALA F 270 10.45 -20.85 -77.22
N HIS F 271 9.15 -21.11 -77.33
CA HIS F 271 8.40 -21.63 -76.19
C HIS F 271 8.85 -23.05 -75.85
N GLU F 272 9.09 -23.88 -76.88
CA GLU F 272 9.34 -25.30 -76.66
C GLU F 272 10.73 -25.59 -76.09
N VAL F 273 11.66 -24.64 -76.16
CA VAL F 273 12.94 -24.81 -75.49
C VAL F 273 12.89 -24.26 -74.06
N ASP F 274 12.13 -23.20 -73.82
CA ASP F 274 11.91 -22.73 -72.46
C ASP F 274 11.20 -23.79 -71.62
N ALA F 275 10.23 -24.49 -72.21
CA ALA F 275 9.51 -25.49 -71.45
C ALA F 275 10.37 -26.71 -71.13
N VAL F 276 11.15 -27.19 -72.11
CA VAL F 276 12.07 -28.32 -71.95
C VAL F 276 12.73 -28.31 -70.59
N ALA F 277 13.08 -27.12 -70.11
CA ALA F 277 13.71 -26.95 -68.82
C ALA F 277 12.78 -26.36 -67.76
N ARG F 278 11.73 -25.62 -68.15
CA ARG F 278 10.70 -25.28 -67.19
C ARG F 278 9.93 -26.52 -66.77
N ASP F 279 9.76 -27.46 -67.69
CA ASP F 279 9.13 -28.73 -67.36
C ASP F 279 9.97 -29.50 -66.34
N LEU F 280 11.25 -29.70 -66.64
CA LEU F 280 12.08 -30.58 -65.82
C LEU F 280 12.64 -29.90 -64.57
N ILE F 281 11.89 -28.94 -63.98
CA ILE F 281 12.19 -28.45 -62.64
C ILE F 281 10.90 -28.13 -61.90
N THR F 282 9.76 -28.18 -62.58
CA THR F 282 8.50 -28.41 -61.89
C THR F 282 8.07 -29.86 -62.01
N LYS F 283 8.78 -30.66 -62.79
CA LYS F 283 8.70 -32.12 -62.78
C LYS F 283 9.49 -32.73 -61.64
N ALA F 284 10.23 -31.92 -60.89
CA ALA F 284 10.65 -32.24 -59.54
C ALA F 284 10.09 -31.24 -58.54
N GLY F 285 9.11 -30.44 -58.96
CA GLY F 285 8.31 -29.60 -58.09
C GLY F 285 8.96 -28.38 -57.48
N TYR F 286 9.26 -27.37 -58.30
CA TYR F 286 9.78 -26.11 -57.77
C TYR F 286 9.40 -24.91 -58.63
N GLY F 287 8.52 -25.09 -59.62
CA GLY F 287 8.16 -24.05 -60.57
C GLY F 287 7.99 -22.65 -60.02
N GLU F 288 7.42 -22.50 -58.82
CA GLU F 288 7.10 -21.16 -58.34
C GLU F 288 8.33 -20.36 -57.93
N TYR F 289 9.53 -20.92 -58.06
CA TYR F 289 10.78 -20.21 -57.78
C TYR F 289 11.54 -19.86 -59.06
N PHE F 290 10.89 -19.98 -60.22
CA PHE F 290 11.45 -19.72 -61.55
C PHE F 290 10.70 -18.52 -62.13
N ASN F 291 11.10 -17.31 -61.69
CA ASN F 291 10.28 -16.11 -61.89
C ASN F 291 10.53 -15.39 -63.20
N HIS F 292 11.64 -15.67 -63.89
CA HIS F 292 11.94 -15.00 -65.15
C HIS F 292 12.10 -16.04 -66.26
N SER F 293 12.14 -15.52 -67.49
CA SER F 293 12.28 -16.33 -68.70
C SER F 293 13.51 -17.22 -68.66
N LEU F 294 13.53 -18.27 -69.49
CA LEU F 294 14.73 -19.09 -69.62
C LEU F 294 15.85 -18.37 -70.37
N GLY F 295 15.54 -17.39 -71.20
CA GLY F 295 16.54 -16.92 -72.14
C GLY F 295 16.34 -15.52 -72.66
N HIS F 296 17.44 -15.00 -73.18
CA HIS F 296 17.51 -13.74 -73.91
C HIS F 296 18.59 -13.88 -74.97
N GLY F 297 18.45 -13.12 -76.05
CA GLY F 297 19.48 -13.10 -77.08
C GLY F 297 20.67 -12.24 -76.69
N ILE F 298 21.79 -12.51 -77.36
CA ILE F 298 23.06 -11.87 -77.03
C ILE F 298 23.87 -11.70 -78.31
N GLY F 299 24.64 -10.63 -78.37
CA GLY F 299 25.42 -10.32 -79.53
C GLY F 299 26.26 -9.11 -79.18
N MET F 300 25.98 -7.95 -79.80
CA MET F 300 26.75 -6.77 -79.44
C MET F 300 26.23 -6.12 -78.16
N ASP F 301 25.00 -6.44 -77.76
CA ASP F 301 24.46 -6.16 -76.44
C ASP F 301 24.27 -7.50 -75.75
N VAL F 302 24.30 -7.47 -74.41
CA VAL F 302 24.07 -8.69 -73.67
C VAL F 302 22.58 -9.05 -73.60
N HIS F 303 21.68 -8.11 -73.93
CA HIS F 303 20.25 -8.40 -73.97
C HIS F 303 19.69 -7.96 -75.32
N GLU F 304 19.18 -8.92 -76.07
CA GLU F 304 18.66 -8.72 -77.44
C GLU F 304 17.87 -9.98 -77.83
N TYR F 305 17.42 -10.00 -79.08
CA TYR F 305 16.51 -11.07 -79.46
C TYR F 305 17.29 -12.31 -79.91
N PRO F 306 16.70 -13.50 -79.80
CA PRO F 306 15.30 -13.78 -79.49
C PRO F 306 15.01 -13.98 -78.00
N SER F 307 13.76 -13.77 -77.59
CA SER F 307 13.33 -14.03 -76.22
C SER F 307 13.03 -15.51 -76.07
N ILE F 308 13.50 -16.13 -74.99
CA ILE F 308 13.24 -17.56 -74.83
C ILE F 308 12.21 -17.78 -73.72
N VAL F 309 10.98 -17.29 -73.94
CA VAL F 309 9.92 -17.28 -72.92
C VAL F 309 8.78 -18.16 -73.42
N ALA F 310 7.67 -18.21 -72.68
CA ALA F 310 6.64 -19.20 -72.98
C ALA F 310 5.67 -18.72 -74.05
N GLY F 311 5.29 -17.44 -74.03
CA GLY F 311 4.31 -16.96 -75.00
C GLY F 311 4.79 -16.94 -76.43
N ASN F 312 6.10 -17.10 -76.65
CA ASN F 312 6.69 -16.88 -77.96
C ASN F 312 6.81 -18.19 -78.71
N ASP F 313 6.21 -18.26 -79.89
CA ASP F 313 6.22 -19.46 -80.71
C ASP F 313 7.10 -19.31 -81.95
N LEU F 314 8.06 -18.40 -81.93
CA LEU F 314 8.92 -18.19 -83.09
C LEU F 314 9.88 -19.36 -83.23
N VAL F 315 10.14 -19.75 -84.47
CA VAL F 315 11.00 -20.90 -84.74
C VAL F 315 12.46 -20.48 -84.59
N ILE F 316 13.21 -21.25 -83.80
CA ILE F 316 14.65 -21.03 -83.69
C ILE F 316 15.29 -21.33 -85.03
N GLN F 317 16.24 -20.50 -85.42
CA GLN F 317 16.98 -20.73 -86.65
C GLN F 317 18.48 -20.60 -86.39
N GLU F 318 19.25 -21.28 -87.21
CA GLU F 318 20.69 -21.38 -87.00
C GLU F 318 21.33 -20.00 -86.97
N GLY F 319 22.28 -19.82 -86.03
CA GLY F 319 23.01 -18.58 -85.91
C GLY F 319 22.45 -17.62 -84.90
N MET F 320 21.24 -17.89 -84.40
CA MET F 320 20.73 -17.16 -83.26
C MET F 320 21.57 -17.49 -82.03
N CYS F 321 21.82 -16.49 -81.19
CA CYS F 321 22.58 -16.63 -79.96
C CYS F 321 21.75 -16.14 -78.78
N PHE F 322 21.51 -17.02 -77.80
CA PHE F 322 20.77 -16.62 -76.61
C PHE F 322 21.28 -17.38 -75.38
N SER F 323 20.87 -16.88 -74.21
CA SER F 323 21.24 -17.52 -72.94
C SER F 323 20.32 -18.67 -72.56
N ASN F 324 20.88 -19.66 -71.88
CA ASN F 324 20.16 -20.82 -71.33
C ASN F 324 20.46 -20.84 -69.83
N GLU F 325 19.63 -20.14 -69.06
CA GLU F 325 19.91 -19.85 -67.66
C GLU F 325 18.68 -20.22 -66.82
N PRO F 326 18.49 -21.50 -66.54
CA PRO F 326 17.51 -21.88 -65.52
C PRO F 326 18.11 -21.72 -64.14
N GLY F 327 17.24 -21.47 -63.17
CA GLY F 327 17.70 -21.34 -61.79
C GLY F 327 16.57 -21.67 -60.84
N ILE F 328 16.92 -21.76 -59.57
CA ILE F 328 15.95 -21.99 -58.50
C ILE F 328 16.29 -21.05 -57.36
N TYR F 329 15.32 -20.23 -56.94
CA TYR F 329 15.53 -19.14 -55.97
C TYR F 329 14.51 -19.28 -54.84
N ILE F 330 14.89 -20.08 -53.84
CA ILE F 330 14.11 -20.36 -52.65
C ILE F 330 14.53 -19.40 -51.55
N PRO F 331 13.81 -18.30 -51.32
CA PRO F 331 14.32 -17.25 -50.42
C PRO F 331 14.69 -17.79 -49.04
N GLY F 332 15.77 -17.24 -48.49
CA GLY F 332 16.26 -17.60 -47.18
C GLY F 332 17.11 -18.84 -47.09
N LYS F 333 17.31 -19.58 -48.18
CA LYS F 333 18.01 -20.86 -48.11
C LYS F 333 19.02 -21.10 -49.24
N VAL F 334 18.55 -21.03 -50.50
CA VAL F 334 19.28 -21.54 -51.66
C VAL F 334 19.21 -20.51 -52.78
N GLY F 335 19.84 -20.85 -53.92
CA GLY F 335 19.88 -19.99 -55.10
C GLY F 335 20.85 -20.46 -56.17
N VAL F 336 20.57 -21.61 -56.81
CA VAL F 336 21.35 -22.10 -57.94
C VAL F 336 20.77 -21.57 -59.25
N ARG F 337 21.63 -20.95 -60.05
CA ARG F 337 21.38 -20.68 -61.45
C ARG F 337 22.63 -21.01 -62.25
N ILE F 338 22.46 -21.71 -63.35
CA ILE F 338 23.60 -22.13 -64.16
C ILE F 338 23.29 -21.69 -65.59
N GLU F 339 23.90 -20.58 -66.01
CA GLU F 339 23.62 -19.93 -67.29
C GLU F 339 24.81 -20.06 -68.25
N ASP F 340 24.52 -20.46 -69.47
CA ASP F 340 25.45 -20.34 -70.59
C ASP F 340 24.75 -19.68 -71.78
N CYS F 341 25.54 -19.06 -72.65
CA CYS F 341 25.04 -18.62 -73.94
C CYS F 341 25.55 -19.58 -74.99
N LEU F 342 24.71 -19.81 -76.00
CA LEU F 342 25.05 -20.68 -77.12
C LEU F 342 24.81 -19.94 -78.43
N TYR F 343 25.41 -20.47 -79.49
CA TYR F 343 24.94 -20.18 -80.84
C TYR F 343 24.28 -21.43 -81.42
N VAL F 344 23.20 -21.24 -82.17
CA VAL F 344 22.48 -22.35 -82.81
C VAL F 344 23.19 -22.73 -84.09
N THR F 345 23.37 -24.04 -84.31
CA THR F 345 24.04 -24.58 -85.48
C THR F 345 23.04 -25.40 -86.33
N GLU F 346 23.56 -26.13 -87.31
CA GLU F 346 22.71 -27.02 -88.09
C GLU F 346 22.17 -28.12 -87.19
N ASN F 347 23.06 -28.98 -86.69
CA ASN F 347 22.65 -30.14 -85.89
C ASN F 347 21.92 -29.71 -84.62
N GLY F 348 22.48 -28.74 -83.89
CA GLY F 348 21.92 -28.31 -82.64
C GLY F 348 22.53 -27.00 -82.18
N CYS F 349 23.25 -27.02 -81.07
CA CYS F 349 23.82 -25.78 -80.54
C CYS F 349 25.16 -26.04 -79.89
N GLU F 350 25.95 -24.98 -79.79
CA GLU F 350 27.24 -24.99 -79.13
C GLU F 350 27.29 -23.83 -78.15
N SER F 351 27.99 -24.04 -77.04
CA SER F 351 28.04 -23.09 -75.94
C SER F 351 29.31 -22.24 -76.04
N PHE F 352 29.22 -21.00 -75.54
CA PHE F 352 30.32 -20.04 -75.59
C PHE F 352 31.26 -20.11 -74.39
N THR F 353 30.74 -20.51 -73.26
CA THR F 353 31.44 -20.70 -72.01
C THR F 353 31.34 -22.19 -71.70
N HIS F 354 32.28 -22.67 -70.93
CA HIS F 354 32.63 -24.11 -70.79
C HIS F 354 33.10 -24.52 -69.42
N THR F 355 33.21 -23.60 -68.50
CA THR F 355 33.50 -23.95 -67.10
C THR F 355 32.53 -25.02 -66.60
N ASP F 356 33.09 -26.11 -66.08
CA ASP F 356 32.31 -27.20 -65.50
C ASP F 356 31.04 -26.70 -64.83
N HIS F 357 29.93 -27.39 -65.09
CA HIS F 357 28.65 -27.08 -64.46
C HIS F 357 28.45 -27.83 -63.14
N ASP F 358 29.03 -29.02 -63.00
CA ASP F 358 28.90 -29.82 -61.79
C ASP F 358 29.13 -28.93 -60.56
N LEU F 359 28.46 -29.27 -59.46
CA LEU F 359 28.67 -28.52 -58.22
C LEU F 359 30.10 -28.74 -57.74
N LEU F 360 30.91 -27.69 -57.80
CA LEU F 360 32.33 -27.78 -57.45
C LEU F 360 32.56 -27.28 -56.03
N ILE F 361 33.49 -27.93 -55.33
CA ILE F 361 33.79 -27.58 -53.94
C ILE F 361 35.14 -26.87 -53.87
N PHE F 362 35.29 -26.01 -52.87
CA PHE F 362 36.50 -25.20 -52.73
C PHE F 362 36.91 -24.96 -51.28
N MET G 1 24.14 53.04 -2.35
CA MET G 1 24.98 53.82 -1.45
C MET G 1 24.28 55.02 -0.85
N SER G 2 25.12 55.85 -0.24
CA SER G 2 24.91 57.29 -0.18
C SER G 2 24.20 57.74 -1.45
N LYS G 3 23.06 58.40 -1.28
CA LYS G 3 22.38 59.01 -2.42
C LYS G 3 23.34 59.86 -3.23
N ILE G 4 24.28 60.53 -2.55
CA ILE G 4 25.30 61.31 -3.26
C ILE G 4 26.28 60.38 -3.97
N GLU G 5 26.77 59.34 -3.30
CA GLU G 5 27.62 58.36 -4.01
C GLU G 5 26.91 57.82 -5.24
N ARG G 6 25.59 57.68 -5.18
CA ARG G 6 24.86 57.15 -6.32
C ARG G 6 24.92 58.12 -7.48
N ILE G 7 24.63 59.39 -7.21
CA ILE G 7 24.71 60.42 -8.24
C ILE G 7 26.12 60.50 -8.80
N SER G 8 27.12 60.47 -7.92
CA SER G 8 28.51 60.42 -8.37
C SER G 8 28.74 59.26 -9.33
N ALA G 9 28.22 58.08 -9.00
CA ALA G 9 28.29 56.98 -9.95
C ALA G 9 27.68 57.38 -11.28
N PHE G 10 26.55 58.09 -11.23
CA PHE G 10 25.92 58.55 -12.46
C PHE G 10 26.86 59.45 -13.24
N LEU G 11 27.63 60.30 -12.55
CA LEU G 11 28.52 61.23 -13.21
C LEU G 11 29.63 60.50 -13.94
N ASN G 12 30.20 59.48 -13.30
CA ASN G 12 31.31 58.76 -13.89
C ASN G 12 30.90 57.98 -15.12
N ASP G 13 29.89 57.12 -14.99
CA ASP G 13 29.17 56.71 -16.18
C ASP G 13 28.63 57.99 -16.80
N LYS G 14 28.42 58.00 -18.12
CA LYS G 14 27.99 59.26 -18.72
C LYS G 14 29.08 60.34 -18.74
N GLU G 15 30.15 60.16 -17.96
CA GLU G 15 31.36 61.02 -18.02
C GLU G 15 31.03 62.51 -17.96
N VAL G 16 30.23 62.89 -16.97
CA VAL G 16 29.78 64.25 -16.76
C VAL G 16 30.51 64.84 -15.55
N ASP G 17 30.95 66.09 -15.67
CA ASP G 17 31.73 66.74 -14.61
C ASP G 17 30.75 67.49 -13.72
N MET G 18 30.59 67.05 -12.48
CA MET G 18 29.82 67.84 -11.54
C MET G 18 28.33 68.00 -11.87
N THR G 19 27.50 68.14 -10.84
CA THR G 19 26.08 68.48 -10.96
C THR G 19 25.88 69.94 -10.55
N PHE G 20 24.72 70.48 -10.89
CA PHE G 20 24.23 71.71 -10.25
C PHE G 20 22.73 71.54 -10.06
N ILE G 21 22.37 71.01 -8.90
CA ILE G 21 21.01 70.58 -8.60
C ILE G 21 20.25 71.74 -7.96
N THR G 22 19.15 72.16 -8.60
CA THR G 22 18.46 73.37 -8.19
C THR G 22 17.09 73.17 -7.56
N ASN G 23 16.47 72.03 -7.73
CA ASN G 23 15.09 71.85 -7.23
C ASN G 23 15.08 71.74 -5.70
N PRO G 24 14.43 72.66 -5.00
CA PRO G 24 14.52 72.64 -3.52
C PRO G 24 14.15 71.32 -2.88
N THR G 25 13.04 70.71 -3.26
CA THR G 25 12.77 69.36 -2.75
C THR G 25 13.90 68.41 -3.10
N THR G 26 14.54 68.56 -4.26
CA THR G 26 15.69 67.71 -4.49
C THR G 26 16.81 68.05 -3.53
N LEU G 27 16.90 69.31 -3.13
CA LEU G 27 17.95 69.68 -2.20
C LEU G 27 17.71 69.04 -0.84
N ASN G 28 16.47 69.13 -0.33
CA ASN G 28 16.10 68.35 0.84
C ASN G 28 16.32 66.85 0.62
N TYR G 29 15.91 66.33 -0.54
CA TYR G 29 16.11 64.91 -0.82
C TYR G 29 17.52 64.48 -0.47
N LEU G 30 18.52 65.18 -1.00
CA LEU G 30 19.89 64.68 -1.00
C LEU G 30 20.74 65.19 0.15
N THR G 31 20.30 66.25 0.84
CA THR G 31 21.04 66.79 1.98
C THR G 31 20.25 66.93 3.27
N GLY G 32 18.93 66.85 3.24
CA GLY G 32 18.19 66.97 4.47
C GLY G 32 18.05 68.38 5.01
N LEU G 33 18.49 69.39 4.28
CA LEU G 33 18.26 70.78 4.65
C LEU G 33 17.12 71.34 3.81
N ALA G 34 16.09 71.85 4.48
CA ALA G 34 14.94 72.45 3.80
C ALA G 34 15.32 73.86 3.37
N ILE G 35 16.02 73.94 2.24
CA ILE G 35 16.53 75.21 1.73
C ILE G 35 15.71 75.61 0.52
N ASP G 36 15.14 76.82 0.57
CA ASP G 36 14.51 77.41 -0.61
C ASP G 36 15.08 78.81 -0.73
N PRO G 37 15.80 79.12 -1.80
CA PRO G 37 16.36 80.46 -1.98
C PRO G 37 15.40 81.44 -2.62
N HIS G 38 14.18 81.01 -2.90
CA HIS G 38 13.26 81.80 -3.70
C HIS G 38 13.92 82.24 -4.99
N GLU G 39 13.94 83.54 -5.28
CA GLU G 39 14.56 83.94 -6.53
C GLU G 39 16.08 84.01 -6.44
N ARG G 40 16.63 83.83 -5.23
CA ARG G 40 18.06 83.63 -5.06
C ARG G 40 18.49 82.33 -5.73
N ILE G 41 19.78 82.03 -5.62
CA ILE G 41 20.39 80.88 -6.30
C ILE G 41 20.97 79.95 -5.24
N ALA G 42 20.57 78.70 -5.27
CA ALA G 42 21.27 77.66 -4.54
C ALA G 42 21.50 76.50 -5.49
N GLY G 43 22.52 75.71 -5.18
CA GLY G 43 22.82 74.59 -6.04
C GLY G 43 23.66 73.59 -5.32
N LEU G 44 23.47 72.30 -5.58
CA LEU G 44 24.31 71.25 -5.01
C LEU G 44 25.23 70.74 -6.10
N MET G 45 26.52 70.90 -5.90
CA MET G 45 27.51 70.50 -6.89
C MET G 45 28.15 69.18 -6.42
N ILE G 46 27.74 68.09 -7.04
CA ILE G 46 28.29 66.79 -6.76
C ILE G 46 29.31 66.48 -7.85
N PHE G 47 30.40 65.79 -7.50
CA PHE G 47 31.49 65.71 -8.46
C PHE G 47 31.81 64.27 -8.86
N ARG G 48 32.47 64.18 -10.03
CA ARG G 48 32.92 62.91 -10.53
C ARG G 48 33.85 62.26 -9.54
N ASP G 49 34.71 63.07 -8.90
CA ASP G 49 35.80 62.57 -8.06
C ASP G 49 36.37 63.66 -7.12
N SER G 50 35.51 64.54 -6.62
CA SER G 50 35.92 65.52 -5.62
C SER G 50 34.87 65.54 -4.52
N THR G 51 35.16 66.28 -3.43
CA THR G 51 34.14 66.26 -2.38
C THR G 51 32.98 67.20 -2.74
N PRO G 52 31.76 66.84 -2.36
CA PRO G 52 30.60 67.58 -2.86
C PRO G 52 30.55 69.00 -2.32
N MET G 53 29.85 69.86 -3.06
CA MET G 53 29.72 71.27 -2.76
C MET G 53 28.26 71.69 -2.69
N LEU G 54 27.96 72.70 -1.87
CA LEU G 54 26.61 73.23 -1.77
C LEU G 54 26.67 74.74 -1.77
N PHE G 55 26.17 75.34 -2.85
CA PHE G 55 26.13 76.79 -3.01
C PHE G 55 24.85 77.36 -2.43
N THR G 56 24.99 78.46 -1.70
CA THR G 56 23.89 79.04 -0.95
C THR G 56 23.98 80.56 -0.97
N PRO G 57 22.88 81.25 -0.74
CA PRO G 57 22.99 82.68 -0.43
C PRO G 57 23.67 82.88 0.92
N ALA G 58 24.22 84.08 1.12
CA ALA G 58 25.15 84.27 2.24
C ALA G 58 24.45 84.06 3.57
N LEU G 59 23.31 84.74 3.79
CA LEU G 59 22.63 84.63 5.07
C LEU G 59 22.17 83.20 5.38
N GLU G 60 22.15 82.33 4.38
CA GLU G 60 21.77 80.93 4.58
C GLU G 60 22.95 80.01 4.84
N VAL G 61 24.17 80.49 4.69
CA VAL G 61 25.33 79.62 4.65
C VAL G 61 25.45 78.84 5.95
N GLU G 62 25.87 79.50 7.03
CA GLU G 62 26.15 78.73 8.24
C GLU G 62 24.87 78.15 8.83
N LYS G 63 23.71 78.75 8.58
CA LYS G 63 22.47 78.03 8.85
C LYS G 63 22.47 76.70 8.13
N ALA G 64 23.01 76.68 6.91
CA ALA G 64 22.97 75.48 6.09
C ALA G 64 24.10 74.48 6.42
N LYS G 65 25.16 74.90 7.10
CA LYS G 65 26.13 73.91 7.58
C LYS G 65 25.80 73.43 8.99
N GLU G 66 25.24 74.30 9.83
CA GLU G 66 24.75 73.85 11.12
C GLU G 66 23.47 73.06 10.92
N HIS G 67 23.32 72.48 9.74
CA HIS G 67 22.17 71.61 9.48
C HIS G 67 22.49 70.57 8.42
N THR G 68 23.74 70.40 8.03
CA THR G 68 24.07 69.55 6.90
C THR G 68 25.42 68.85 7.11
N SER G 69 25.87 68.17 6.07
CA SER G 69 26.87 67.11 6.16
C SER G 69 28.25 67.39 5.57
N GLY G 70 28.93 66.31 5.20
CA GLY G 70 30.18 66.29 4.45
C GLY G 70 30.06 67.06 3.15
N LEU G 71 29.78 68.35 3.30
CA LEU G 71 29.49 69.26 2.21
C LEU G 71 30.20 70.58 2.48
N ASP G 72 31.12 70.96 1.58
CA ASP G 72 31.76 72.25 1.69
C ASP G 72 30.77 73.33 1.28
N ILE G 73 30.27 74.07 2.25
CA ILE G 73 29.26 75.09 2.02
C ILE G 73 29.96 76.39 1.66
N PHE G 74 29.39 77.13 0.72
CA PHE G 74 29.80 78.49 0.49
C PHE G 74 28.63 79.26 -0.09
N GLY G 75 28.70 80.59 0.04
CA GLY G 75 27.61 81.46 -0.34
C GLY G 75 28.02 82.63 -1.21
N TYR G 76 27.12 83.61 -1.32
CA TYR G 76 27.35 84.80 -2.12
C TYR G 76 26.43 85.92 -1.64
N GLU G 77 26.92 87.15 -1.69
CA GLU G 77 26.05 88.27 -1.34
C GLU G 77 25.67 88.99 -2.63
N ASP G 78 24.53 89.69 -2.57
CA ASP G 78 23.93 90.19 -3.80
C ASP G 78 24.87 91.09 -4.59
N SER G 79 25.93 91.62 -3.95
CA SER G 79 26.90 92.43 -4.69
C SER G 79 27.70 91.61 -5.69
N GLN G 80 27.81 90.29 -5.49
CA GLN G 80 28.48 89.37 -6.40
C GLN G 80 27.51 88.84 -7.45
N ASN G 81 28.08 88.24 -8.49
CA ASN G 81 27.27 87.47 -9.40
C ASN G 81 27.40 85.99 -9.03
N PRO G 82 26.33 85.34 -8.63
CA PRO G 82 26.46 83.99 -8.05
C PRO G 82 27.22 83.04 -8.95
N TRP G 83 26.99 83.14 -10.27
CA TRP G 83 27.62 82.19 -11.16
C TRP G 83 29.13 82.34 -11.15
N GLU G 84 29.64 83.57 -11.12
CA GLU G 84 31.08 83.74 -10.95
C GLU G 84 31.54 83.04 -9.69
N VAL G 85 30.88 83.33 -8.56
CA VAL G 85 31.26 82.76 -7.28
C VAL G 85 31.32 81.25 -7.37
N VAL G 86 30.48 80.65 -8.21
CA VAL G 86 30.51 79.21 -8.43
C VAL G 86 31.75 78.83 -9.23
N LYS G 87 31.94 79.43 -10.40
CA LYS G 87 33.04 79.01 -11.25
C LYS G 87 34.36 79.10 -10.49
N ASN G 88 34.53 80.13 -9.65
CA ASN G 88 35.73 80.23 -8.83
C ASN G 88 35.98 78.92 -8.07
N HIS G 89 34.96 78.42 -7.36
CA HIS G 89 35.13 77.26 -6.49
C HIS G 89 35.27 75.95 -7.25
N VAL G 90 35.31 75.97 -8.57
CA VAL G 90 35.43 74.78 -9.36
C VAL G 90 36.62 74.98 -10.28
N LYS G 91 37.70 74.25 -10.05
CA LYS G 91 38.64 73.99 -11.12
C LYS G 91 38.39 72.59 -11.66
N SER G 92 38.75 72.42 -12.93
CA SER G 92 38.35 71.32 -13.81
C SER G 92 37.92 71.97 -15.11
N ASP G 93 38.48 71.55 -16.23
CA ASP G 93 37.95 72.06 -17.47
C ASP G 93 36.50 71.59 -17.58
N VAL G 94 35.70 71.95 -16.57
CA VAL G 94 34.31 71.56 -16.44
C VAL G 94 33.61 71.85 -17.76
N LYS G 95 33.15 70.81 -18.45
CA LYS G 95 32.56 70.97 -19.76
C LYS G 95 31.12 70.48 -19.85
N SER G 96 30.65 69.73 -18.86
CA SER G 96 29.27 69.26 -18.84
C SER G 96 28.82 69.30 -17.41
N ILE G 97 27.62 69.84 -17.17
CA ILE G 97 26.99 69.89 -15.87
C ILE G 97 25.68 69.10 -15.93
N ALA G 98 25.41 68.30 -14.91
CA ALA G 98 24.11 67.64 -14.78
C ALA G 98 23.15 68.59 -14.08
N VAL G 99 21.98 68.82 -14.66
CA VAL G 99 20.93 69.59 -14.01
C VAL G 99 19.60 68.85 -14.15
N GLU G 100 18.58 69.36 -13.45
CA GLU G 100 17.24 68.77 -13.45
C GLU G 100 16.41 69.55 -14.44
N PHE G 101 16.16 68.94 -15.61
CA PHE G 101 15.49 69.68 -16.68
C PHE G 101 14.07 70.08 -16.27
N SER G 102 13.46 69.34 -15.34
CA SER G 102 12.13 69.69 -14.88
C SER G 102 12.11 71.02 -14.14
N ASP G 103 13.25 71.47 -13.59
CA ASP G 103 13.24 72.59 -12.67
C ASP G 103 14.12 73.77 -13.06
N ILE G 104 15.31 73.54 -13.62
CA ILE G 104 16.24 74.65 -13.74
C ILE G 104 15.75 75.59 -14.83
N PRO G 105 15.37 76.81 -14.53
CA PRO G 105 14.87 77.71 -15.59
C PRO G 105 16.02 78.14 -16.50
N LEU G 106 15.66 78.84 -17.58
CA LEU G 106 16.64 79.18 -18.59
C LEU G 106 17.66 80.18 -18.06
N ALA G 107 17.21 81.17 -17.28
CA ALA G 107 18.17 82.14 -16.76
C ALA G 107 19.28 81.48 -15.98
N LYS G 108 19.06 80.25 -15.48
CA LYS G 108 20.11 79.57 -14.74
C LYS G 108 21.00 78.72 -15.66
N THR G 109 20.42 77.91 -16.56
CA THR G 109 21.17 77.40 -17.70
C THR G 109 22.14 78.48 -18.23
N GLU G 110 21.61 79.66 -18.59
CA GLU G 110 22.41 80.70 -19.23
C GLU G 110 23.36 81.42 -18.29
N GLY G 111 22.98 81.63 -17.03
CA GLY G 111 23.92 82.13 -16.06
C GLY G 111 25.15 81.24 -15.94
N LEU G 112 24.93 79.94 -15.79
CA LEU G 112 26.07 79.03 -15.75
C LEU G 112 26.90 79.15 -17.01
N LYS G 113 26.26 79.10 -18.19
CA LYS G 113 27.01 79.11 -19.44
C LYS G 113 27.93 80.32 -19.49
N ALA G 114 27.38 81.51 -19.23
CA ALA G 114 28.10 82.77 -19.32
C ALA G 114 29.38 82.81 -18.49
N GLN G 115 29.63 81.77 -17.70
CA GLN G 115 30.83 81.71 -16.88
C GLN G 115 31.65 80.45 -17.07
N PHE G 116 31.07 79.40 -17.66
CA PHE G 116 31.72 78.12 -17.77
C PHE G 116 32.16 77.80 -19.17
N GLY G 117 31.62 78.48 -20.17
CA GLY G 117 31.81 78.12 -21.54
C GLY G 117 30.56 77.50 -22.11
N ASP G 118 30.73 76.76 -23.22
CA ASP G 118 29.57 76.24 -23.93
C ASP G 118 28.81 75.23 -23.08
N ILE G 119 29.51 74.25 -22.53
CA ILE G 119 28.89 73.41 -21.50
C ILE G 119 27.81 72.54 -22.13
N ASN G 120 27.87 71.25 -21.90
CA ASN G 120 26.76 70.36 -22.18
C ASN G 120 25.94 70.22 -20.90
N PHE G 121 24.61 70.22 -21.04
CA PHE G 121 23.71 69.91 -19.93
C PHE G 121 23.13 68.52 -20.12
N VAL G 122 23.28 67.68 -19.10
CA VAL G 122 22.70 66.35 -19.07
C VAL G 122 21.60 66.32 -18.02
N ASN G 123 20.51 65.60 -18.31
CA ASN G 123 19.33 65.62 -17.46
C ASN G 123 19.49 64.66 -16.29
N LEU G 124 19.42 65.22 -15.07
CA LEU G 124 19.49 64.44 -13.84
C LEU G 124 18.14 63.93 -13.37
N THR G 125 17.07 64.61 -13.76
CA THR G 125 15.73 64.29 -13.27
C THR G 125 15.33 62.82 -13.43
N PRO G 126 15.53 62.16 -14.57
CA PRO G 126 15.26 60.71 -14.60
C PRO G 126 15.90 59.95 -13.43
N LEU G 127 17.20 60.14 -13.17
CA LEU G 127 17.84 59.35 -12.11
C LEU G 127 17.22 59.60 -10.74
N ILE G 128 16.88 60.86 -10.44
CA ILE G 128 16.30 61.19 -9.14
C ILE G 128 14.95 60.52 -8.95
N GLU G 129 14.09 60.62 -9.96
CA GLU G 129 12.83 59.87 -9.95
C GLU G 129 13.07 58.42 -9.55
N ARG G 130 13.90 57.72 -10.31
CA ARG G 130 14.22 56.33 -10.01
C ARG G 130 14.74 56.17 -8.58
N MET G 131 15.61 57.08 -8.12
CA MET G 131 16.16 56.93 -6.77
C MET G 131 15.09 57.09 -5.71
N ARG G 132 14.13 57.99 -5.94
CA ARG G 132 13.07 58.19 -4.99
C ARG G 132 12.15 56.98 -4.82
N LEU G 133 12.17 55.99 -5.73
CA LEU G 133 11.27 54.84 -5.58
C LEU G 133 11.60 54.01 -4.35
N ILE G 134 12.87 53.92 -3.98
CA ILE G 134 13.30 53.12 -2.85
C ILE G 134 13.72 54.08 -1.72
N LYS G 135 13.09 53.94 -0.57
CA LYS G 135 13.38 54.80 0.58
C LYS G 135 14.36 54.12 1.53
N SER G 136 15.27 54.91 2.07
CA SER G 136 16.22 54.44 3.07
C SER G 136 15.70 54.76 4.48
N ALA G 137 16.27 54.08 5.48
CA ALA G 137 15.69 54.12 6.82
C ALA G 137 15.47 55.53 7.31
N ASP G 138 16.34 56.45 6.91
CA ASP G 138 16.20 57.85 7.31
C ASP G 138 14.96 58.47 6.68
N GLU G 139 14.72 58.15 5.40
CA GLU G 139 13.48 58.52 4.75
C GLU G 139 12.30 57.94 5.52
N ILE G 140 12.31 56.62 5.68
CA ILE G 140 11.23 55.93 6.37
C ILE G 140 11.00 56.54 7.74
N GLU G 141 12.07 56.79 8.48
CA GLU G 141 11.87 57.41 9.78
C GLU G 141 11.13 58.74 9.66
N LYS G 142 11.40 59.50 8.60
CA LYS G 142 10.71 60.78 8.42
C LYS G 142 9.24 60.57 8.12
N MET G 143 8.94 59.60 7.25
CA MET G 143 7.55 59.31 6.97
C MET G 143 6.84 58.79 8.22
N LYS G 144 7.55 58.05 9.07
CA LYS G 144 7.01 57.63 10.35
C LYS G 144 6.53 58.80 11.17
N VAL G 145 7.29 59.90 11.17
CA VAL G 145 6.89 61.11 11.89
C VAL G 145 5.73 61.85 11.19
N ALA G 146 5.64 61.78 9.87
CA ALA G 146 4.43 62.26 9.19
C ALA G 146 3.25 61.39 9.55
N GLY G 147 3.44 60.06 9.57
CA GLY G 147 2.36 59.16 9.95
C GLY G 147 1.82 59.42 11.34
N ASP G 148 2.70 59.62 12.33
CA ASP G 148 2.22 59.90 13.66
C ASP G 148 1.54 61.26 13.77
N PHE G 149 1.83 62.19 12.87
CA PHE G 149 1.04 63.41 12.89
C PHE G 149 -0.35 63.18 12.32
N ALA G 150 -0.46 62.26 11.37
CA ALA G 150 -1.76 61.97 10.80
C ALA G 150 -2.62 61.26 11.83
N ASP G 151 -2.05 60.27 12.53
CA ASP G 151 -2.77 59.57 13.57
C ASP G 151 -3.32 60.56 14.60
N LYS G 152 -2.51 61.54 15.00
CA LYS G 152 -2.99 62.56 15.91
C LYS G 152 -4.11 63.36 15.29
N CYS G 153 -4.01 63.59 13.98
CA CYS G 153 -5.06 64.28 13.27
C CYS G 153 -6.38 63.54 13.37
N PHE G 154 -6.32 62.21 13.27
CA PHE G 154 -7.51 61.38 13.42
C PHE G 154 -8.10 61.51 14.81
N GLU G 155 -7.26 61.44 15.86
CA GLU G 155 -7.77 61.66 17.22
C GLU G 155 -8.51 62.99 17.28
N ILE G 156 -7.79 64.08 17.00
CA ILE G 156 -8.41 65.39 17.11
C ILE G 156 -9.70 65.47 16.31
N GLY G 157 -9.73 64.82 15.14
CA GLY G 157 -10.88 64.87 14.24
C GLY G 157 -12.08 64.12 14.79
N PHE G 158 -11.88 62.88 15.24
CA PHE G 158 -12.94 62.10 15.86
C PHE G 158 -13.57 62.86 17.05
N ALA G 159 -12.74 63.20 18.02
CA ALA G 159 -13.27 63.91 19.19
C ALA G 159 -14.06 65.13 18.76
N THR G 160 -13.55 65.86 17.77
CA THR G 160 -14.22 67.10 17.40
C THR G 160 -15.59 66.79 16.77
N ALA G 161 -15.62 65.84 15.85
CA ALA G 161 -16.91 65.44 15.30
C ALA G 161 -17.85 65.02 16.42
N ALA G 162 -17.32 64.27 17.39
CA ALA G 162 -18.16 63.63 18.38
C ALA G 162 -18.94 64.64 19.22
N GLU G 163 -18.37 65.83 19.43
CA GLU G 163 -19.00 66.84 20.28
C GLU G 163 -20.33 67.32 19.71
N ARG G 164 -20.60 67.08 18.43
CA ARG G 164 -21.91 67.33 17.83
C ARG G 164 -22.26 68.82 17.96
N ASN G 165 -23.51 69.15 18.24
CA ASN G 165 -23.93 70.55 18.40
C ASN G 165 -23.72 71.31 17.11
N GLY G 166 -24.25 70.76 16.02
CA GLY G 166 -24.18 71.43 14.73
C GLY G 166 -22.77 71.76 14.25
N VAL G 167 -21.78 70.97 14.65
CA VAL G 167 -20.44 71.13 14.10
C VAL G 167 -20.44 70.61 12.67
N THR G 168 -19.79 71.35 11.79
CA THR G 168 -19.79 71.04 10.38
C THR G 168 -18.46 70.45 9.93
N GLU G 169 -18.46 69.92 8.71
CA GLU G 169 -17.23 69.44 8.07
C GLU G 169 -16.13 70.48 8.13
N SER G 170 -16.39 71.67 7.56
CA SER G 170 -15.37 72.72 7.55
C SER G 170 -14.82 72.98 8.95
N ASP G 171 -15.64 72.83 9.99
CA ASP G 171 -15.19 73.12 11.35
C ASP G 171 -14.20 72.07 11.82
N ILE G 172 -14.54 70.80 11.63
CA ILE G 172 -13.57 69.75 11.89
C ILE G 172 -12.26 70.08 11.20
N VAL G 173 -12.30 70.32 9.88
CA VAL G 173 -11.05 70.49 9.13
C VAL G 173 -10.21 71.59 9.75
N ALA G 174 -10.87 72.70 10.13
CA ALA G 174 -10.15 73.83 10.70
C ALA G 174 -9.46 73.47 12.01
N LYS G 175 -10.12 72.68 12.87
CA LYS G 175 -9.53 72.28 14.15
C LYS G 175 -8.37 71.32 13.94
N ILE G 176 -8.59 70.27 13.14
CA ILE G 176 -7.48 69.42 12.74
C ILE G 176 -6.29 70.27 12.34
N GLU G 177 -6.51 71.19 11.39
CA GLU G 177 -5.37 71.92 10.86
C GLU G 177 -4.86 73.01 11.81
N TYR G 178 -5.73 73.58 12.64
CA TYR G 178 -5.25 74.51 13.66
C TYR G 178 -4.32 73.78 14.62
N GLU G 179 -4.74 72.61 15.12
CA GLU G 179 -3.88 71.90 16.05
C GLU G 179 -2.58 71.53 15.39
N MET G 180 -2.60 71.29 14.08
CA MET G 180 -1.35 70.96 13.42
C MET G 180 -0.39 72.15 13.41
N LYS G 181 -0.89 73.37 13.18
CA LYS G 181 0.02 74.52 13.17
C LYS G 181 0.48 74.88 14.57
N ARG G 182 -0.32 74.57 15.58
CA ARG G 182 0.14 74.76 16.95
C ARG G 182 1.41 73.94 17.22
N MET G 183 1.58 72.81 16.55
CA MET G 183 2.78 72.00 16.69
C MET G 183 3.82 72.34 15.66
N GLY G 184 3.69 73.49 14.99
CA GLY G 184 4.67 73.90 14.01
C GLY G 184 4.77 73.02 12.80
N VAL G 185 3.74 72.24 12.51
CA VAL G 185 3.63 71.50 11.27
C VAL G 185 3.27 72.50 10.18
N PRO G 186 4.19 72.84 9.28
CA PRO G 186 3.91 73.93 8.32
C PRO G 186 2.63 73.75 7.51
N GLN G 187 2.37 72.56 6.97
CA GLN G 187 1.24 72.45 6.06
C GLN G 187 0.82 71.01 5.86
N MET G 188 -0.49 70.81 5.62
CA MET G 188 -1.01 69.50 5.27
C MET G 188 -0.45 69.05 3.93
N SER G 189 -0.42 67.75 3.70
CA SER G 189 0.09 67.27 2.42
C SER G 189 -0.94 67.43 1.30
N PHE G 190 -2.11 67.96 1.61
CA PHE G 190 -3.20 68.13 0.65
C PHE G 190 -4.42 68.54 1.43
N ASP G 191 -5.45 68.96 0.69
CA ASP G 191 -6.67 69.47 1.28
C ASP G 191 -7.36 68.40 2.12
N THR G 192 -7.46 68.65 3.44
CA THR G 192 -8.14 67.73 4.34
C THR G 192 -9.59 67.47 3.92
N LEU G 193 -9.98 66.20 3.96
CA LEU G 193 -11.32 65.77 3.55
C LEU G 193 -12.09 65.20 4.74
N VAL G 194 -13.22 65.82 5.06
CA VAL G 194 -14.20 65.28 6.00
C VAL G 194 -15.55 65.20 5.28
N LEU G 195 -16.16 64.00 5.26
CA LEU G 195 -17.42 63.80 4.54
C LEU G 195 -18.41 62.99 5.37
N SER G 196 -19.65 63.49 5.46
CA SER G 196 -20.69 62.90 6.30
C SER G 196 -21.52 61.83 5.58
N GLY G 197 -21.60 60.66 6.20
CA GLY G 197 -22.47 59.60 5.71
C GLY G 197 -22.36 59.28 4.24
N ALA G 198 -23.27 59.83 3.44
CA ALA G 198 -23.36 59.48 2.02
C ALA G 198 -22.67 60.47 1.10
N ARG G 199 -22.31 61.66 1.58
CA ARG G 199 -21.38 62.49 0.82
C ARG G 199 -20.04 61.79 0.61
N ALA G 200 -19.66 60.88 1.51
CA ALA G 200 -18.49 60.03 1.33
C ALA G 200 -18.60 59.10 0.12
N ALA G 201 -19.69 59.17 -0.64
CA ALA G 201 -19.78 58.43 -1.89
C ALA G 201 -19.53 59.29 -3.12
N ASN G 202 -19.46 60.62 -2.96
CA ASN G 202 -19.02 61.47 -4.07
C ASN G 202 -17.50 61.41 -4.17
N PRO G 203 -16.97 60.67 -5.15
CA PRO G 203 -15.51 60.50 -5.22
C PRO G 203 -14.77 61.82 -5.17
N HIS G 204 -15.27 62.84 -5.86
CA HIS G 204 -14.67 64.16 -5.89
C HIS G 204 -15.21 65.09 -4.80
N GLY G 205 -16.08 64.59 -3.94
CA GLY G 205 -16.65 65.44 -2.91
C GLY G 205 -15.58 66.07 -2.05
N ALA G 206 -15.80 67.33 -1.68
CA ALA G 206 -14.95 68.04 -0.76
C ALA G 206 -15.76 68.36 0.49
N PRO G 207 -15.09 68.65 1.61
CA PRO G 207 -15.83 68.92 2.84
C PRO G 207 -16.43 70.31 2.77
N GLU G 208 -17.68 70.43 3.22
CA GLU G 208 -18.38 71.69 3.12
C GLU G 208 -18.90 72.09 4.49
N ASN G 209 -19.42 73.31 4.56
CA ASN G 209 -19.92 73.87 5.81
C ASN G 209 -21.24 73.26 6.29
N VAL G 210 -21.42 71.95 6.12
CA VAL G 210 -22.67 71.27 6.41
C VAL G 210 -22.49 70.39 7.66
N GLU G 211 -23.61 69.89 8.20
CA GLU G 211 -23.63 69.22 9.50
C GLU G 211 -23.52 67.69 9.39
N ILE G 212 -22.86 67.10 10.39
CA ILE G 212 -22.62 65.65 10.43
C ILE G 212 -23.90 64.91 10.87
N GLN G 213 -24.26 63.82 10.18
CA GLN G 213 -25.54 63.13 10.35
C GLN G 213 -25.40 62.02 11.40
N GLU G 214 -26.44 61.69 12.10
CA GLU G 214 -26.15 60.81 13.24
C GLU G 214 -26.30 59.38 12.75
N ASN G 215 -25.73 58.43 13.50
CA ASN G 215 -25.71 56.96 13.15
C ASN G 215 -25.34 56.66 11.68
N LYS G 216 -24.69 57.62 11.03
CA LYS G 216 -24.19 57.52 9.67
C LYS G 216 -22.68 57.78 9.69
N LEU G 217 -21.99 57.13 8.77
CA LEU G 217 -20.53 57.06 8.77
C LEU G 217 -19.93 58.44 8.49
N LEU G 218 -18.64 58.54 8.79
CA LEU G 218 -17.93 59.80 8.65
C LEU G 218 -16.52 59.49 8.14
N LEU G 219 -16.16 60.09 7.01
CA LEU G 219 -14.92 59.77 6.32
C LEU G 219 -13.89 60.86 6.55
N PHE G 220 -12.72 60.45 7.05
CA PHE G 220 -11.59 61.33 7.33
C PHE G 220 -10.44 60.91 6.41
N ASP G 221 -10.06 61.79 5.48
CA ASP G 221 -8.87 61.57 4.68
C ASP G 221 -7.96 62.76 4.87
N LEU G 222 -6.77 62.51 5.43
CA LEU G 222 -5.90 63.60 5.84
C LEU G 222 -4.45 63.13 5.77
N GLY G 223 -3.53 64.08 5.82
CA GLY G 223 -2.11 63.78 5.71
C GLY G 223 -1.32 65.05 5.93
N VAL G 224 -0.06 64.86 6.31
CA VAL G 224 0.73 65.97 6.79
C VAL G 224 2.09 65.96 6.10
N MET G 225 2.63 67.16 5.87
CA MET G 225 4.02 67.27 5.42
C MET G 225 4.90 67.48 6.63
N SER G 226 5.95 66.65 6.78
CA SER G 226 6.92 66.85 7.85
C SER G 226 8.30 66.35 7.46
N GLY G 227 9.31 67.17 7.75
CA GLY G 227 10.68 66.91 7.35
C GLY G 227 10.87 66.83 5.86
N GLY G 228 10.01 67.48 5.08
CA GLY G 228 9.96 67.33 3.64
C GLY G 228 9.30 66.05 3.17
N TYR G 229 8.73 65.27 4.07
CA TYR G 229 8.06 64.04 3.71
C TYR G 229 6.59 64.13 4.10
N ALA G 230 5.81 63.24 3.49
CA ALA G 230 4.36 63.33 3.47
C ALA G 230 3.72 62.13 4.14
N SER G 231 2.44 62.28 4.48
CA SER G 231 1.62 61.15 4.88
C SER G 231 0.24 61.29 4.26
N ASP G 232 -0.40 60.14 4.08
CA ASP G 232 -1.71 60.02 3.49
C ASP G 232 -2.42 58.90 4.22
N ALA G 233 -3.63 59.15 4.72
CA ALA G 233 -4.32 58.14 5.52
C ALA G 233 -5.80 58.46 5.57
N THR G 234 -6.63 57.42 5.47
CA THR G 234 -8.06 57.62 5.63
C THR G 234 -8.64 56.66 6.66
N ARG G 235 -9.58 57.19 7.43
CA ARG G 235 -10.43 56.41 8.32
C ARG G 235 -11.89 56.86 8.15
N THR G 236 -12.79 55.90 8.21
CA THR G 236 -14.22 56.16 8.23
C THR G 236 -14.77 55.55 9.51
N ILE G 237 -15.36 56.41 10.37
CA ILE G 237 -15.91 55.97 11.64
C ILE G 237 -17.39 56.32 11.67
N ALA G 238 -18.09 55.97 12.77
CA ALA G 238 -19.54 56.13 12.90
C ALA G 238 -19.92 57.23 13.92
N ILE G 239 -20.49 58.32 13.45
CA ILE G 239 -21.14 59.28 14.33
C ILE G 239 -22.43 58.65 14.83
N GLY G 240 -22.34 57.84 15.89
CA GLY G 240 -23.47 57.07 16.39
C GLY G 240 -23.65 55.75 15.66
N GLN G 241 -24.22 54.75 16.34
CA GLN G 241 -24.39 53.39 15.82
C GLN G 241 -24.85 53.39 14.38
N PRO G 242 -24.12 52.75 13.48
CA PRO G 242 -24.45 52.78 12.06
C PRO G 242 -25.53 51.76 11.72
N ASN G 243 -26.26 52.05 10.63
CA ASN G 243 -27.31 51.15 10.20
C ASN G 243 -26.72 49.90 9.58
N ASP G 244 -27.41 48.77 9.75
CA ASP G 244 -26.84 47.46 9.51
C ASP G 244 -25.98 47.44 8.24
N PHE G 245 -26.43 48.16 7.20
CA PHE G 245 -25.83 48.08 5.88
C PHE G 245 -24.43 48.71 5.86
N ASP G 246 -24.38 50.02 6.16
CA ASP G 246 -23.12 50.72 6.30
C ASP G 246 -22.14 49.93 7.15
N ALA G 247 -22.64 49.33 8.23
CA ALA G 247 -21.79 48.58 9.14
C ALA G 247 -21.05 47.46 8.43
N GLU G 248 -21.66 46.88 7.39
CA GLU G 248 -21.04 45.78 6.70
C GLU G 248 -20.31 46.20 5.43
N ILE G 249 -20.56 47.42 4.93
CA ILE G 249 -19.67 48.00 3.92
C ILE G 249 -18.26 48.14 4.50
N HIS G 250 -18.14 48.90 5.59
CA HIS G 250 -16.93 48.98 6.39
C HIS G 250 -16.24 47.63 6.48
N LYS G 251 -16.90 46.65 7.08
CA LYS G 251 -16.37 45.29 7.10
C LYS G 251 -15.65 44.94 5.79
N ILE G 252 -16.33 45.13 4.64
CA ILE G 252 -15.78 44.59 3.41
C ILE G 252 -14.52 45.35 2.99
N VAL G 253 -14.58 46.67 3.06
CA VAL G 253 -13.40 47.52 2.81
C VAL G 253 -12.30 47.21 3.81
N LYS G 254 -12.63 47.26 5.10
CA LYS G 254 -11.66 46.98 6.14
C LYS G 254 -10.97 45.65 5.91
N GLU G 255 -11.71 44.64 5.44
CA GLU G 255 -11.08 43.34 5.21
C GLU G 255 -10.25 43.34 3.95
N ALA G 256 -10.71 44.06 2.92
CA ALA G 256 -9.95 44.16 1.69
C ALA G 256 -8.64 44.88 1.93
N GLN G 257 -8.72 46.11 2.45
CA GLN G 257 -7.51 46.87 2.79
C GLN G 257 -6.57 46.04 3.64
N GLN G 258 -7.11 45.36 4.66
CA GLN G 258 -6.27 44.57 5.53
C GLN G 258 -5.76 43.31 4.83
N ALA G 259 -6.60 42.68 4.00
CA ALA G 259 -6.13 41.54 3.25
C ALA G 259 -4.97 41.95 2.34
N ALA G 260 -5.05 43.15 1.74
CA ALA G 260 -3.95 43.62 0.92
C ALA G 260 -2.70 43.86 1.75
N MET G 261 -2.87 44.30 3.00
CA MET G 261 -1.71 44.58 3.84
C MET G 261 -0.96 43.32 4.24
N ASP G 262 -1.67 42.19 4.42
CA ASP G 262 -0.99 40.96 4.82
C ASP G 262 -0.35 40.25 3.62
N PHE G 263 -0.73 40.64 2.40
CA PHE G 263 -0.17 40.09 1.18
C PHE G 263 1.15 40.76 0.83
N ILE G 264 1.24 42.09 1.03
CA ILE G 264 2.37 42.84 0.51
C ILE G 264 3.67 42.34 1.11
N LYS G 265 4.63 42.05 0.24
CA LYS G 265 5.99 41.68 0.58
C LYS G 265 6.84 41.86 -0.67
N PRO G 266 8.16 41.88 -0.54
CA PRO G 266 9.01 41.97 -1.72
C PRO G 266 8.67 40.85 -2.70
N GLY G 267 8.55 41.20 -3.98
CA GLY G 267 8.43 40.24 -5.04
C GLY G 267 7.09 40.24 -5.73
N VAL G 268 6.00 40.51 -4.99
CA VAL G 268 4.68 40.49 -5.59
C VAL G 268 4.60 41.51 -6.74
N THR G 269 3.60 41.32 -7.60
CA THR G 269 3.28 42.34 -8.59
C THR G 269 2.59 43.53 -7.93
N ALA G 270 2.68 44.69 -8.59
CA ALA G 270 1.80 45.79 -8.22
C ALA G 270 0.36 45.49 -8.59
N HIS G 271 0.15 45.02 -9.83
CA HIS G 271 -1.15 44.53 -10.24
C HIS G 271 -1.71 43.52 -9.23
N GLU G 272 -0.87 42.56 -8.81
CA GLU G 272 -1.30 41.55 -7.83
C GLU G 272 -1.80 42.19 -6.55
N VAL G 273 -1.18 43.30 -6.14
CA VAL G 273 -1.57 43.97 -4.90
C VAL G 273 -2.97 44.54 -5.03
N ASP G 274 -3.21 45.30 -6.09
CA ASP G 274 -4.53 45.79 -6.42
C ASP G 274 -5.56 44.65 -6.50
N ALA G 275 -5.14 43.49 -7.02
CA ALA G 275 -6.07 42.36 -7.15
C ALA G 275 -6.46 41.78 -5.80
N VAL G 276 -5.52 41.72 -4.85
CA VAL G 276 -5.81 41.07 -3.57
C VAL G 276 -7.10 41.61 -2.98
N ALA G 277 -7.16 42.93 -2.78
CA ALA G 277 -8.34 43.52 -2.16
C ALA G 277 -9.49 43.58 -3.16
N ARG G 278 -9.20 43.97 -4.40
CA ARG G 278 -10.23 44.08 -5.42
C ARG G 278 -10.96 42.75 -5.65
N ASP G 279 -10.24 41.63 -5.54
CA ASP G 279 -10.90 40.31 -5.53
C ASP G 279 -11.91 40.20 -4.41
N LEU G 280 -11.48 40.51 -3.19
CA LEU G 280 -12.36 40.38 -2.03
C LEU G 280 -13.57 41.30 -2.14
N ILE G 281 -13.40 42.47 -2.74
CA ILE G 281 -14.53 43.39 -2.87
C ILE G 281 -15.51 42.91 -3.92
N THR G 282 -15.07 42.84 -5.18
CA THR G 282 -15.95 42.36 -6.24
C THR G 282 -16.63 41.04 -5.84
N LYS G 283 -15.92 40.19 -5.10
CA LYS G 283 -16.43 38.88 -4.70
C LYS G 283 -17.62 38.97 -3.75
N ALA G 284 -17.80 40.11 -3.06
CA ALA G 284 -19.02 40.39 -2.31
C ALA G 284 -19.90 41.39 -3.04
N GLY G 285 -19.70 41.53 -4.35
CA GLY G 285 -20.67 42.17 -5.21
C GLY G 285 -20.59 43.67 -5.37
N TYR G 286 -19.58 44.33 -4.82
CA TYR G 286 -19.53 45.78 -4.91
C TYR G 286 -18.44 46.28 -5.84
N GLY G 287 -17.82 45.40 -6.63
CA GLY G 287 -16.82 45.86 -7.59
C GLY G 287 -17.28 47.04 -8.42
N GLU G 288 -18.55 47.06 -8.80
CA GLU G 288 -19.01 48.17 -9.62
C GLU G 288 -18.81 49.51 -8.92
N TYR G 289 -18.66 49.48 -7.59
CA TYR G 289 -18.58 50.68 -6.77
C TYR G 289 -17.16 50.98 -6.29
N PHE G 290 -16.16 50.20 -6.75
CA PHE G 290 -14.74 50.35 -6.39
C PHE G 290 -14.00 50.92 -7.60
N ASN G 291 -13.90 52.24 -7.66
CA ASN G 291 -13.56 52.86 -8.94
C ASN G 291 -12.30 53.70 -8.88
N HIS G 292 -11.24 53.15 -8.31
CA HIS G 292 -9.92 53.76 -8.41
C HIS G 292 -8.87 52.67 -8.21
N SER G 293 -7.61 53.05 -8.44
CA SER G 293 -6.47 52.18 -8.13
C SER G 293 -6.41 51.89 -6.63
N LEU G 294 -5.86 50.72 -6.29
CA LEU G 294 -5.67 50.43 -4.86
C LEU G 294 -4.74 51.43 -4.21
N GLY G 295 -3.76 51.95 -4.93
CA GLY G 295 -2.86 52.87 -4.26
C GLY G 295 -1.90 53.59 -5.19
N HIS G 296 -1.00 54.32 -4.55
CA HIS G 296 -0.07 55.21 -5.21
C HIS G 296 1.17 55.31 -4.34
N GLY G 297 2.32 55.43 -4.98
CA GLY G 297 3.52 55.67 -4.22
C GLY G 297 3.43 56.98 -3.46
N ILE G 298 4.23 57.07 -2.39
CA ILE G 298 4.28 58.27 -1.57
C ILE G 298 5.70 58.44 -1.09
N GLY G 299 6.00 59.62 -0.60
CA GLY G 299 7.36 59.89 -0.20
C GLY G 299 7.57 61.34 0.06
N MET G 300 8.28 62.03 -0.82
CA MET G 300 8.33 63.48 -0.68
C MET G 300 7.09 64.12 -1.26
N ASP G 301 6.54 63.54 -2.34
CA ASP G 301 5.22 63.92 -2.82
C ASP G 301 4.16 62.98 -2.26
N VAL G 302 2.93 63.50 -2.11
CA VAL G 302 1.81 62.61 -1.78
C VAL G 302 1.62 61.58 -2.87
N HIS G 303 1.68 62.00 -4.14
CA HIS G 303 1.41 61.14 -5.29
C HIS G 303 2.68 60.96 -6.12
N GLU G 304 3.25 59.76 -6.07
CA GLU G 304 4.46 59.36 -6.77
C GLU G 304 4.38 57.85 -6.96
N TYR G 305 5.51 57.21 -7.28
CA TYR G 305 5.50 55.81 -7.70
C TYR G 305 5.97 54.87 -6.58
N PRO G 306 5.56 53.60 -6.63
CA PRO G 306 4.85 53.08 -7.79
C PRO G 306 3.33 53.25 -7.73
N SER G 307 2.71 53.17 -8.90
CA SER G 307 1.28 52.96 -8.99
C SER G 307 0.94 51.53 -8.57
N ILE G 308 -0.07 51.39 -7.72
CA ILE G 308 -0.61 50.09 -7.39
C ILE G 308 -1.95 49.95 -8.14
N VAL G 309 -1.89 49.45 -9.38
CA VAL G 309 -2.96 49.59 -10.37
C VAL G 309 -3.21 48.23 -11.03
N ALA G 310 -4.19 48.21 -11.95
CA ALA G 310 -4.57 46.98 -12.65
C ALA G 310 -3.41 46.41 -13.44
N GLY G 311 -2.90 47.18 -14.40
CA GLY G 311 -2.04 46.63 -15.42
C GLY G 311 -0.54 46.75 -15.22
N ASN G 312 -0.08 47.08 -14.01
CA ASN G 312 1.32 47.36 -13.75
C ASN G 312 1.99 46.13 -13.13
N ASP G 313 2.99 45.58 -13.86
CA ASP G 313 3.66 44.35 -13.50
C ASP G 313 4.82 44.58 -12.54
N LEU G 314 5.35 45.80 -12.53
CA LEU G 314 6.47 46.19 -11.66
C LEU G 314 6.48 45.36 -10.39
N VAL G 315 7.63 44.85 -10.00
CA VAL G 315 7.72 43.98 -8.83
C VAL G 315 7.92 44.86 -7.60
N ILE G 316 7.16 44.54 -6.55
CA ILE G 316 7.35 45.21 -5.27
C ILE G 316 8.74 44.87 -4.74
N GLN G 317 9.49 45.89 -4.38
CA GLN G 317 10.81 45.71 -3.79
C GLN G 317 10.84 46.46 -2.46
N GLU G 318 11.60 45.91 -1.52
CA GLU G 318 11.77 46.51 -0.22
C GLU G 318 12.19 47.97 -0.36
N GLY G 319 11.80 48.79 0.63
CA GLY G 319 11.98 50.23 0.55
C GLY G 319 10.91 50.99 -0.24
N MET G 320 10.05 50.31 -0.99
CA MET G 320 8.96 50.99 -1.68
C MET G 320 7.94 51.51 -0.69
N CYS G 321 7.36 52.65 -1.00
CA CYS G 321 6.37 53.27 -0.13
C CYS G 321 5.14 53.61 -0.95
N PHE G 322 4.05 52.88 -0.73
CA PHE G 322 2.85 53.24 -1.45
C PHE G 322 1.64 53.22 -0.54
N SER G 323 0.54 53.70 -1.11
CA SER G 323 -0.77 53.78 -0.48
C SER G 323 -1.51 52.47 -0.69
N ASN G 324 -2.12 51.97 0.37
CA ASN G 324 -3.05 50.84 0.31
C ASN G 324 -4.42 51.36 0.77
N GLU G 325 -5.28 51.77 -0.17
CA GLU G 325 -6.52 52.50 0.15
C GLU G 325 -7.67 52.06 -0.75
N PRO G 326 -8.21 50.87 -0.54
CA PRO G 326 -9.45 50.48 -1.21
C PRO G 326 -10.64 51.25 -0.64
N GLY G 327 -11.78 51.09 -1.30
CA GLY G 327 -13.01 51.76 -0.89
C GLY G 327 -14.26 51.35 -1.66
N ILE G 328 -15.44 51.54 -1.05
CA ILE G 328 -16.72 51.29 -1.71
C ILE G 328 -17.52 52.58 -1.68
N TYR G 329 -18.09 52.95 -2.81
CA TYR G 329 -18.80 54.21 -2.96
C TYR G 329 -20.13 53.96 -3.66
N ILE G 330 -21.24 54.21 -2.97
CA ILE G 330 -22.58 54.17 -3.53
C ILE G 330 -23.25 55.52 -3.26
N PRO G 331 -23.63 56.28 -4.30
CA PRO G 331 -24.18 57.63 -4.08
C PRO G 331 -25.53 57.68 -3.35
N GLY G 332 -25.68 58.74 -2.55
CA GLY G 332 -26.88 58.94 -1.74
C GLY G 332 -27.09 57.90 -0.66
N LYS G 333 -26.06 57.09 -0.43
CA LYS G 333 -26.18 55.88 0.36
C LYS G 333 -25.06 55.66 1.38
N VAL G 334 -23.80 55.73 0.94
CA VAL G 334 -22.67 55.55 1.84
C VAL G 334 -21.36 55.34 1.09
N GLY G 335 -20.29 55.93 1.60
CA GLY G 335 -18.94 55.63 1.11
C GLY G 335 -18.00 55.33 2.26
N VAL G 336 -17.16 54.31 2.06
CA VAL G 336 -16.23 53.83 3.08
C VAL G 336 -14.86 53.65 2.45
N ARG G 337 -13.89 54.45 2.85
CA ARG G 337 -12.51 54.22 2.45
C ARG G 337 -11.61 54.05 3.68
N ILE G 338 -10.63 53.17 3.58
CA ILE G 338 -9.67 52.98 4.66
C ILE G 338 -8.28 52.97 4.02
N GLU G 339 -7.46 53.96 4.36
CA GLU G 339 -6.20 54.17 3.67
C GLU G 339 -5.06 54.27 4.67
N ASP G 340 -4.09 53.36 4.54
CA ASP G 340 -2.76 53.49 5.14
C ASP G 340 -1.70 53.53 4.06
N CYS G 341 -0.67 54.34 4.27
CA CYS G 341 0.55 54.15 3.51
C CYS G 341 1.49 53.22 4.25
N LEU G 342 2.23 52.44 3.49
CA LEU G 342 3.13 51.43 4.02
C LEU G 342 4.51 51.59 3.40
N TYR G 343 5.52 51.12 4.11
CA TYR G 343 6.82 50.86 3.51
C TYR G 343 7.05 49.36 3.45
N VAL G 344 7.57 48.91 2.33
CA VAL G 344 7.86 47.49 2.16
C VAL G 344 9.11 47.14 2.95
N THR G 345 9.11 45.97 3.56
CA THR G 345 10.25 45.53 4.34
C THR G 345 10.86 44.28 3.68
N GLU G 346 11.79 43.66 4.41
CA GLU G 346 12.36 42.40 3.94
C GLU G 346 11.27 41.35 3.73
N ASN G 347 10.43 41.14 4.77
CA ASN G 347 9.54 39.99 4.86
C ASN G 347 8.06 40.33 4.72
N GLY G 348 7.63 41.48 5.23
CA GLY G 348 6.26 41.89 5.00
C GLY G 348 6.16 43.34 4.60
N CYS G 349 5.48 44.11 5.45
CA CYS G 349 5.37 45.54 5.28
C CYS G 349 4.81 46.13 6.56
N GLU G 350 5.32 47.30 6.92
CA GLU G 350 4.78 48.05 8.04
C GLU G 350 4.11 49.30 7.50
N SER G 351 3.14 49.78 8.27
CA SER G 351 2.32 50.92 7.89
C SER G 351 2.79 52.13 8.65
N PHE G 352 2.57 53.31 8.06
CA PHE G 352 3.00 54.54 8.69
C PHE G 352 1.99 55.06 9.69
N THR G 353 0.76 54.57 9.63
CA THR G 353 -0.31 55.00 10.47
C THR G 353 -0.90 53.80 11.22
N HIS G 354 -1.36 54.06 12.43
CA HIS G 354 -1.73 52.99 13.36
C HIS G 354 -3.10 53.21 13.98
N THR G 355 -3.69 54.38 13.86
CA THR G 355 -5.08 54.55 14.25
C THR G 355 -5.89 53.31 13.88
N ASP G 356 -6.67 52.80 14.84
CA ASP G 356 -7.50 51.63 14.62
C ASP G 356 -8.21 51.72 13.28
N HIS G 357 -8.40 50.58 12.64
CA HIS G 357 -9.16 50.56 11.40
C HIS G 357 -10.63 50.30 11.63
N ASP G 358 -10.97 49.66 12.76
CA ASP G 358 -12.33 49.25 13.06
C ASP G 358 -13.32 50.41 12.96
N LEU G 359 -14.59 50.07 12.83
CA LEU G 359 -15.66 51.05 12.73
C LEU G 359 -15.93 51.56 14.14
N LEU G 360 -15.17 52.56 14.56
CA LEU G 360 -15.42 53.16 15.86
C LEU G 360 -16.72 53.94 15.82
N ILE G 361 -17.42 53.99 16.95
CA ILE G 361 -18.60 54.82 17.11
C ILE G 361 -18.31 55.89 18.15
N PHE G 362 -18.82 57.11 17.92
CA PHE G 362 -18.36 58.28 18.64
C PHE G 362 -19.49 59.21 19.10
N MET H 1 -8.40 -23.44 59.19
CA MET H 1 -8.24 -22.36 58.22
C MET H 1 -8.21 -21.00 58.91
N SER H 2 -7.08 -20.63 59.52
CA SER H 2 -6.97 -19.25 60.00
C SER H 2 -7.36 -18.35 58.83
N LYS H 3 -8.57 -17.80 58.88
CA LYS H 3 -9.18 -17.24 57.69
C LYS H 3 -8.24 -16.36 56.88
N ILE H 4 -7.21 -15.78 57.48
CA ILE H 4 -6.28 -15.04 56.63
C ILE H 4 -5.24 -15.96 56.02
N GLU H 5 -4.61 -16.84 56.82
CA GLU H 5 -3.82 -17.93 56.26
C GLU H 5 -4.49 -18.51 55.00
N ARG H 6 -5.81 -18.74 55.07
CA ARG H 6 -6.55 -19.25 53.92
C ARG H 6 -6.54 -18.24 52.76
N ILE H 7 -6.67 -16.95 53.08
CA ILE H 7 -6.58 -15.96 52.02
C ILE H 7 -5.16 -15.91 51.47
N SER H 8 -4.15 -16.14 52.32
CA SER H 8 -2.77 -16.18 51.84
C SER H 8 -2.58 -17.33 50.88
N ALA H 9 -2.99 -18.53 51.30
CA ALA H 9 -3.04 -19.66 50.38
C ALA H 9 -3.83 -19.32 49.13
N PHE H 10 -4.88 -18.51 49.26
CA PHE H 10 -5.56 -18.09 48.04
C PHE H 10 -4.61 -17.29 47.18
N LEU H 11 -3.85 -16.39 47.81
CA LEU H 11 -3.05 -15.45 47.04
C LEU H 11 -1.88 -16.15 46.35
N ASN H 12 -1.20 -17.06 47.04
CA ASN H 12 -0.14 -17.86 46.44
C ASN H 12 -0.61 -18.60 45.19
N ASP H 13 -1.52 -19.58 45.33
CA ASP H 13 -2.26 -20.03 44.16
C ASP H 13 -2.85 -18.77 43.55
N LYS H 14 -3.21 -18.77 42.27
CA LYS H 14 -3.74 -17.54 41.69
C LYS H 14 -2.63 -16.53 41.44
N GLU H 15 -1.54 -16.61 42.21
CA GLU H 15 -0.35 -15.76 42.04
C GLU H 15 -0.74 -14.28 42.04
N VAL H 16 -1.30 -13.85 43.16
CA VAL H 16 -1.74 -12.47 43.36
C VAL H 16 -0.92 -11.88 44.49
N ASP H 17 -0.43 -10.65 44.28
CA ASP H 17 0.47 -10.01 45.24
C ASP H 17 -0.11 -9.86 46.64
N MET H 18 -1.03 -8.91 46.80
CA MET H 18 -1.57 -8.58 48.11
C MET H 18 -3.08 -8.42 48.01
N THR H 19 -3.67 -8.12 49.16
CA THR H 19 -5.11 -7.98 49.26
C THR H 19 -5.44 -6.56 49.70
N PHE H 20 -6.57 -6.04 49.20
CA PHE H 20 -7.17 -4.83 49.78
C PHE H 20 -8.66 -5.09 50.04
N ILE H 21 -8.94 -5.57 51.25
CA ILE H 21 -10.28 -5.96 51.68
C ILE H 21 -10.96 -4.74 52.31
N THR H 22 -12.19 -4.43 51.87
CA THR H 22 -12.82 -3.17 52.28
C THR H 22 -14.22 -3.29 52.86
N ASN H 23 -14.97 -4.35 52.57
CA ASN H 23 -16.31 -4.47 53.11
C ASN H 23 -16.24 -4.51 54.63
N PRO H 24 -16.83 -3.54 55.31
CA PRO H 24 -16.88 -3.58 56.78
C PRO H 24 -17.22 -4.95 57.34
N THR H 25 -18.24 -5.61 56.79
CA THR H 25 -18.60 -6.94 57.28
C THR H 25 -17.47 -7.95 57.08
N THR H 26 -16.75 -7.84 55.96
CA THR H 26 -15.57 -8.68 55.78
C THR H 26 -14.48 -8.33 56.78
N LEU H 27 -14.21 -7.03 56.92
CA LEU H 27 -13.23 -6.59 57.90
C LEU H 27 -13.51 -7.20 59.26
N ASN H 28 -14.76 -7.11 59.71
CA ASN H 28 -15.16 -7.76 60.98
C ASN H 28 -14.93 -9.26 60.91
N TYR H 29 -15.42 -9.88 59.83
CA TYR H 29 -15.24 -11.31 59.63
C TYR H 29 -13.80 -11.75 59.93
N LEU H 30 -12.82 -11.06 59.35
CA LEU H 30 -11.42 -11.50 59.40
C LEU H 30 -10.60 -10.91 60.56
N THR H 31 -11.10 -9.91 61.29
CA THR H 31 -10.32 -9.38 62.40
C THR H 31 -11.07 -9.17 63.71
N GLY H 32 -12.33 -9.57 63.81
CA GLY H 32 -13.09 -9.39 65.03
C GLY H 32 -13.36 -7.95 65.42
N LEU H 33 -12.76 -6.97 64.73
CA LEU H 33 -13.01 -5.56 65.01
C LEU H 33 -14.10 -5.03 64.11
N ALA H 34 -15.11 -4.39 64.71
CA ALA H 34 -16.25 -3.86 63.97
C ALA H 34 -15.92 -2.44 63.52
N ILE H 35 -15.31 -2.34 62.34
CA ILE H 35 -14.77 -1.07 61.85
C ILE H 35 -15.61 -0.61 60.67
N ASP H 36 -16.13 0.62 60.76
CA ASP H 36 -16.77 1.27 59.61
C ASP H 36 -16.26 2.70 59.51
N PRO H 37 -15.47 3.01 58.48
CA PRO H 37 -15.04 4.38 58.22
C PRO H 37 -15.99 5.18 57.34
N HIS H 38 -17.18 4.64 57.08
CA HIS H 38 -18.19 5.40 56.38
C HIS H 38 -17.61 5.87 55.05
N GLU H 39 -17.39 7.16 54.88
CA GLU H 39 -16.83 7.60 53.61
C GLU H 39 -15.30 7.63 53.62
N ARG H 40 -14.66 7.44 54.78
CA ARG H 40 -13.21 7.36 54.86
C ARG H 40 -12.72 6.03 54.29
N ILE H 41 -11.45 5.71 54.54
CA ILE H 41 -10.76 4.59 53.90
C ILE H 41 -10.21 3.65 54.95
N ALA H 42 -10.41 2.35 54.74
CA ALA H 42 -9.83 1.32 55.58
C ALA H 42 -9.56 0.12 54.69
N GLY H 43 -8.56 -0.65 55.06
CA GLY H 43 -8.17 -1.79 54.24
C GLY H 43 -7.39 -2.84 54.99
N LEU H 44 -7.64 -4.10 54.65
CA LEU H 44 -6.91 -5.25 55.21
C LEU H 44 -6.00 -5.79 54.11
N MET H 45 -4.69 -5.70 54.33
CA MET H 45 -3.69 -6.11 53.34
C MET H 45 -3.04 -7.39 53.83
N ILE H 46 -3.45 -8.49 53.24
CA ILE H 46 -2.85 -9.80 53.40
C ILE H 46 -1.95 -10.06 52.21
N PHE H 47 -0.89 -10.85 52.42
CA PHE H 47 0.14 -11.01 51.41
C PHE H 47 0.44 -12.50 51.20
N ARG H 48 1.31 -12.77 50.23
CA ARG H 48 1.73 -14.14 50.05
C ARG H 48 2.68 -14.58 51.15
N ASP H 49 3.49 -13.65 51.68
CA ASP H 49 4.64 -14.04 52.47
C ASP H 49 5.12 -12.92 53.40
N SER H 50 4.22 -12.02 53.81
CA SER H 50 4.55 -10.91 54.71
C SER H 50 3.54 -10.83 55.84
N THR H 51 3.86 -10.02 56.86
CA THR H 51 2.92 -9.77 57.94
C THR H 51 1.77 -8.89 57.43
N PRO H 52 0.52 -9.23 57.78
CA PRO H 52 -0.61 -8.52 57.21
C PRO H 52 -0.81 -7.16 57.84
N MET H 53 -1.31 -6.23 57.02
CA MET H 53 -1.43 -4.84 57.38
C MET H 53 -2.89 -4.41 57.33
N LEU H 54 -3.34 -3.68 58.35
CA LEU H 54 -4.72 -3.23 58.45
C LEU H 54 -4.77 -1.72 58.37
N PHE H 55 -5.29 -1.19 57.26
CA PHE H 55 -5.30 0.25 57.04
C PHE H 55 -6.52 0.90 57.70
N THR H 56 -6.26 1.92 58.51
CA THR H 56 -7.28 2.59 59.28
C THR H 56 -7.08 4.09 59.16
N PRO H 57 -8.13 4.88 59.28
CA PRO H 57 -7.92 6.30 59.56
C PRO H 57 -7.35 6.45 60.96
N ALA H 58 -6.57 7.51 61.15
CA ALA H 58 -5.86 7.67 62.43
C ALA H 58 -6.83 7.59 63.61
N LEU H 59 -8.03 8.17 63.46
CA LEU H 59 -9.00 8.13 64.55
C LEU H 59 -9.24 6.71 65.04
N GLU H 60 -9.54 5.80 64.12
CA GLU H 60 -9.89 4.44 64.48
C GLU H 60 -8.69 3.59 64.89
N VAL H 61 -7.47 4.06 64.65
CA VAL H 61 -6.30 3.17 64.68
C VAL H 61 -6.08 2.59 66.07
N GLU H 62 -5.59 3.39 67.02
CA GLU H 62 -5.14 2.78 68.27
C GLU H 62 -6.26 2.00 68.96
N LYS H 63 -7.52 2.41 68.78
CA LYS H 63 -8.60 1.52 69.21
C LYS H 63 -8.50 0.17 68.52
N ALA H 64 -7.96 0.14 67.30
CA ALA H 64 -7.81 -1.09 66.54
C ALA H 64 -6.57 -1.90 66.96
N LYS H 65 -5.48 -1.22 67.35
CA LYS H 65 -4.23 -1.92 67.64
C LYS H 65 -4.40 -2.93 68.77
N GLU H 66 -4.99 -2.49 69.88
CA GLU H 66 -5.63 -3.42 70.81
C GLU H 66 -7.05 -3.60 70.32
N HIS H 67 -7.56 -4.84 70.42
CA HIS H 67 -8.82 -5.28 69.82
C HIS H 67 -8.55 -6.17 68.61
N THR H 68 -7.30 -6.25 68.18
CA THR H 68 -6.87 -7.20 67.15
C THR H 68 -5.46 -7.67 67.46
N SER H 69 -5.15 -8.89 67.01
CA SER H 69 -3.86 -9.52 67.27
C SER H 69 -2.80 -9.12 66.25
N GLY H 70 -2.08 -10.12 65.73
CA GLY H 70 -0.93 -9.93 64.87
C GLY H 70 -1.20 -9.16 63.58
N LEU H 71 -1.51 -7.88 63.71
CA LEU H 71 -1.79 -7.01 62.57
C LEU H 71 -0.99 -5.72 62.76
N ASP H 72 0.04 -5.48 61.94
CA ASP H 72 0.58 -4.13 61.90
C ASP H 72 -0.54 -3.20 61.46
N ILE H 73 -0.82 -2.15 62.25
CA ILE H 73 -2.03 -1.37 62.01
C ILE H 73 -1.78 -0.14 61.13
N PHE H 74 -1.20 0.93 61.69
CA PHE H 74 -0.89 2.12 60.90
C PHE H 74 -2.09 2.74 60.16
N GLY H 75 -2.09 4.05 59.98
CA GLY H 75 -3.24 4.72 59.41
C GLY H 75 -2.87 6.04 58.77
N TYR H 76 -3.91 6.80 58.38
CA TYR H 76 -3.73 8.11 57.77
C TYR H 76 -4.56 9.18 58.47
N GLU H 77 -4.14 10.43 58.23
CA GLU H 77 -4.86 11.62 58.66
C GLU H 77 -5.40 12.32 57.43
N ASP H 78 -6.61 12.89 57.54
CA ASP H 78 -7.28 13.46 56.37
C ASP H 78 -6.38 14.41 55.59
N SER H 79 -5.29 14.89 56.22
CA SER H 79 -4.27 15.65 55.53
C SER H 79 -3.69 14.87 54.35
N GLN H 80 -3.27 13.63 54.60
CA GLN H 80 -2.56 12.79 53.64
C GLN H 80 -3.51 12.24 52.58
N ASN H 81 -2.94 11.86 51.44
CA ASN H 81 -3.65 10.97 50.53
C ASN H 81 -3.56 9.54 51.04
N PRO H 82 -4.69 8.91 51.40
CA PRO H 82 -4.61 7.57 51.99
C PRO H 82 -3.99 6.56 51.05
N TRP H 83 -4.34 6.64 49.77
CA TRP H 83 -3.73 5.74 48.81
C TRP H 83 -2.21 5.85 48.81
N GLU H 84 -1.69 7.07 48.99
CA GLU H 84 -0.24 7.24 49.00
C GLU H 84 0.38 6.46 50.15
N VAL H 85 -0.25 6.53 51.33
CA VAL H 85 0.29 5.89 52.53
C VAL H 85 0.32 4.36 52.38
N VAL H 86 -0.60 3.79 51.60
CA VAL H 86 -0.60 2.35 51.42
C VAL H 86 0.65 1.92 50.66
N LYS H 87 0.91 2.54 49.50
CA LYS H 87 2.11 2.17 48.75
C LYS H 87 3.37 2.45 49.57
N ASN H 88 3.38 3.52 50.35
CA ASN H 88 4.53 3.80 51.20
C ASN H 88 4.84 2.65 52.15
N HIS H 89 3.83 1.87 52.51
CA HIS H 89 4.00 0.77 53.46
C HIS H 89 4.20 -0.59 52.79
N VAL H 90 4.23 -0.63 51.46
CA VAL H 90 4.28 -1.88 50.71
C VAL H 90 5.51 -1.87 49.84
N LYS H 91 6.24 -2.99 49.83
CA LYS H 91 7.34 -3.21 48.92
C LYS H 91 7.03 -4.41 48.04
N SER H 92 7.22 -4.23 46.73
CA SER H 92 6.89 -5.19 45.68
C SER H 92 6.50 -4.38 44.44
N ASP H 93 6.85 -4.86 43.25
CA ASP H 93 6.34 -4.20 42.05
C ASP H 93 4.88 -4.59 41.87
N VAL H 94 4.15 -4.65 43.00
CA VAL H 94 2.77 -5.11 43.12
C VAL H 94 1.96 -4.74 41.89
N LYS H 95 1.58 -5.73 41.09
CA LYS H 95 0.68 -5.45 39.97
C LYS H 95 -0.57 -6.31 40.02
N SER H 96 -0.90 -6.88 41.19
CA SER H 96 -2.16 -7.60 41.36
C SER H 96 -2.63 -7.38 42.79
N ILE H 97 -3.79 -6.75 42.95
CA ILE H 97 -4.41 -6.58 44.26
C ILE H 97 -5.74 -7.29 44.29
N ALA H 98 -5.95 -8.12 45.30
CA ALA H 98 -7.20 -8.84 45.42
C ALA H 98 -8.21 -8.00 46.18
N VAL H 99 -9.45 -7.94 45.67
CA VAL H 99 -10.51 -7.15 46.30
C VAL H 99 -11.85 -7.85 46.15
N GLU H 100 -12.81 -7.43 46.99
CA GLU H 100 -14.18 -7.93 46.92
C GLU H 100 -14.92 -7.11 45.90
N PHE H 101 -15.16 -7.70 44.72
CA PHE H 101 -15.62 -6.94 43.57
C PHE H 101 -16.90 -6.17 43.86
N SER H 102 -17.85 -6.77 44.58
CA SER H 102 -19.12 -6.08 44.75
C SER H 102 -19.19 -5.23 46.00
N ASP H 103 -18.06 -4.94 46.63
CA ASP H 103 -18.01 -3.89 47.65
C ASP H 103 -17.19 -2.67 47.25
N ILE H 104 -16.06 -2.89 46.57
CA ILE H 104 -15.06 -1.84 46.36
C ILE H 104 -15.48 -0.92 45.22
N PRO H 105 -15.89 0.31 45.52
CA PRO H 105 -16.37 1.20 44.45
C PRO H 105 -15.26 1.69 43.53
N LEU H 106 -15.67 2.08 42.32
CA LEU H 106 -14.73 2.57 41.31
C LEU H 106 -13.73 3.54 41.91
N ALA H 107 -14.22 4.57 42.60
CA ALA H 107 -13.36 5.61 43.12
C ALA H 107 -12.21 5.02 43.92
N LYS H 108 -12.45 3.91 44.63
CA LYS H 108 -11.36 3.37 45.43
C LYS H 108 -10.40 2.54 44.58
N THR H 109 -10.88 1.86 43.53
CA THR H 109 -9.97 1.09 42.71
C THR H 109 -9.03 2.00 41.96
N GLU H 110 -9.54 3.15 41.48
CA GLU H 110 -8.68 4.10 40.79
C GLU H 110 -7.72 4.78 41.75
N GLY H 111 -8.17 5.11 42.94
CA GLY H 111 -7.25 5.60 43.96
C GLY H 111 -6.06 4.69 44.15
N LEU H 112 -6.29 3.38 44.28
CA LEU H 112 -5.17 2.44 44.36
C LEU H 112 -4.35 2.47 43.08
N LYS H 113 -5.02 2.44 41.91
CA LYS H 113 -4.30 2.47 40.64
C LYS H 113 -3.31 3.62 40.59
N ALA H 114 -3.76 4.81 41.00
CA ALA H 114 -2.95 6.01 40.93
C ALA H 114 -1.75 6.02 41.87
N GLN H 115 -1.25 4.85 42.27
CA GLN H 115 -0.13 4.83 43.21
C GLN H 115 0.68 3.56 43.01
N PHE H 116 0.00 2.51 42.55
CA PHE H 116 0.62 1.25 42.18
C PHE H 116 0.76 1.08 40.68
N GLY H 117 0.03 1.85 39.90
CA GLY H 117 0.05 1.71 38.47
C GLY H 117 -1.07 0.83 37.98
N ASP H 118 -1.02 0.54 36.67
CA ASP H 118 -2.08 -0.20 36.01
C ASP H 118 -1.98 -1.66 36.44
N ILE H 119 -2.61 -1.97 37.57
CA ILE H 119 -2.46 -3.26 38.19
C ILE H 119 -3.64 -4.16 37.83
N ASN H 120 -3.46 -5.45 38.10
CA ASN H 120 -4.44 -6.48 37.79
C ASN H 120 -5.34 -6.66 39.02
N PHE H 121 -6.66 -6.65 38.79
CA PHE H 121 -7.65 -6.80 39.85
C PHE H 121 -8.30 -8.18 39.79
N VAL H 122 -8.44 -8.81 40.95
CA VAL H 122 -8.97 -10.15 41.05
C VAL H 122 -10.06 -10.19 42.11
N ASN H 123 -11.20 -10.78 41.73
CA ASN H 123 -12.36 -10.87 42.62
C ASN H 123 -12.10 -11.87 43.73
N LEU H 124 -12.11 -11.38 44.97
CA LEU H 124 -11.92 -12.19 46.16
C LEU H 124 -13.24 -12.56 46.83
N THR H 125 -14.37 -11.98 46.38
CA THR H 125 -15.66 -12.26 47.01
C THR H 125 -15.99 -13.75 47.02
N PRO H 126 -15.88 -14.47 45.90
CA PRO H 126 -16.19 -15.90 45.94
C PRO H 126 -15.49 -16.62 47.07
N LEU H 127 -14.18 -16.38 47.22
CA LEU H 127 -13.45 -17.06 48.28
C LEU H 127 -14.10 -16.83 49.64
N ILE H 128 -14.45 -15.57 49.95
CA ILE H 128 -15.01 -15.31 51.26
C ILE H 128 -16.40 -15.93 51.40
N GLU H 129 -17.20 -15.86 50.33
CA GLU H 129 -18.50 -16.51 50.34
C GLU H 129 -18.36 -17.99 50.67
N ARG H 130 -17.57 -18.71 49.88
CA ARG H 130 -17.31 -20.12 50.18
C ARG H 130 -16.71 -20.28 51.58
N MET H 131 -15.99 -19.26 52.05
CA MET H 131 -15.30 -19.35 53.33
C MET H 131 -16.25 -19.17 54.51
N ARG H 132 -17.29 -18.33 54.36
CA ARG H 132 -18.23 -18.09 55.45
C ARG H 132 -19.09 -19.30 55.75
N LEU H 133 -19.20 -20.21 54.79
CA LEU H 133 -20.20 -21.28 54.87
C LEU H 133 -19.90 -22.23 56.02
N ILE H 134 -18.64 -22.41 56.36
CA ILE H 134 -18.25 -23.17 57.55
C ILE H 134 -17.81 -22.17 58.61
N LYS H 135 -18.19 -22.43 59.85
CA LYS H 135 -17.99 -21.54 60.98
C LYS H 135 -16.97 -22.11 61.94
N SER H 136 -16.05 -21.28 62.40
CA SER H 136 -15.11 -21.70 63.42
C SER H 136 -15.74 -21.63 64.80
N ALA H 137 -15.13 -22.33 65.76
CA ALA H 137 -15.64 -22.37 67.12
C ALA H 137 -15.77 -20.99 67.75
N ASP H 138 -15.04 -20.00 67.25
CA ASP H 138 -15.18 -18.64 67.75
C ASP H 138 -16.39 -17.95 67.13
N GLU H 139 -16.59 -18.12 65.81
CA GLU H 139 -17.81 -17.64 65.19
C GLU H 139 -19.02 -18.20 65.95
N ILE H 140 -19.13 -19.53 65.99
CA ILE H 140 -20.22 -20.16 66.72
C ILE H 140 -20.40 -19.53 68.07
N GLU H 141 -19.29 -19.20 68.74
CA GLU H 141 -19.39 -18.56 70.05
C GLU H 141 -20.05 -17.19 69.96
N LYS H 142 -19.70 -16.38 68.97
CA LYS H 142 -20.42 -15.12 68.80
C LYS H 142 -21.89 -15.39 68.51
N MET H 143 -22.18 -16.44 67.74
CA MET H 143 -23.56 -16.76 67.42
C MET H 143 -24.31 -17.26 68.63
N LYS H 144 -23.63 -17.98 69.53
CA LYS H 144 -24.28 -18.39 70.77
C LYS H 144 -24.78 -17.19 71.58
N VAL H 145 -24.27 -16.00 71.32
CA VAL H 145 -24.65 -14.81 72.07
C VAL H 145 -25.85 -14.11 71.46
N ALA H 146 -25.90 -14.04 70.14
CA ALA H 146 -27.15 -13.71 69.47
C ALA H 146 -28.26 -14.62 69.95
N GLY H 147 -27.96 -15.91 70.02
CA GLY H 147 -28.90 -16.86 70.58
C GLY H 147 -29.40 -16.47 71.96
N ASP H 148 -28.50 -16.32 72.93
CA ASP H 148 -29.02 -16.02 74.26
C ASP H 148 -29.64 -14.62 74.33
N PHE H 149 -29.52 -13.81 73.28
CA PHE H 149 -30.29 -12.56 73.20
C PHE H 149 -31.70 -12.80 72.69
N ALA H 150 -31.84 -13.58 71.61
CA ALA H 150 -33.14 -14.02 71.16
C ALA H 150 -33.93 -14.65 72.31
N ASP H 151 -33.29 -15.54 73.06
CA ASP H 151 -33.95 -16.14 74.21
C ASP H 151 -34.41 -15.09 75.21
N LYS H 152 -33.61 -14.04 75.43
CA LYS H 152 -34.06 -13.00 76.33
C LYS H 152 -35.27 -12.26 75.74
N CYS H 153 -35.29 -12.11 74.40
CA CYS H 153 -36.42 -11.50 73.74
C CYS H 153 -37.69 -12.29 73.97
N PHE H 154 -37.61 -13.61 73.87
CA PHE H 154 -38.81 -14.43 74.06
C PHE H 154 -39.37 -14.24 75.46
N GLU H 155 -38.51 -14.21 76.48
CA GLU H 155 -39.00 -13.94 77.83
C GLU H 155 -39.75 -12.62 77.87
N ILE H 156 -39.16 -11.57 77.29
CA ILE H 156 -39.81 -10.27 77.33
C ILE H 156 -41.12 -10.30 76.55
N GLY H 157 -41.11 -10.92 75.37
CA GLY H 157 -42.30 -10.91 74.52
C GLY H 157 -43.48 -11.64 75.12
N PHE H 158 -43.23 -12.73 75.85
CA PHE H 158 -44.32 -13.45 76.49
C PHE H 158 -44.84 -12.67 77.70
N ALA H 159 -43.93 -12.22 78.54
CA ALA H 159 -44.32 -11.45 79.71
C ALA H 159 -45.33 -10.37 79.32
N THR H 160 -44.93 -9.49 78.40
CA THR H 160 -45.73 -8.30 78.15
C THR H 160 -47.00 -8.64 77.37
N ALA H 161 -46.96 -9.65 76.52
CA ALA H 161 -48.20 -10.10 75.90
C ALA H 161 -49.20 -10.56 76.94
N ALA H 162 -48.74 -11.30 77.94
CA ALA H 162 -49.61 -11.92 78.93
C ALA H 162 -50.26 -10.91 79.87
N GLU H 163 -49.77 -9.67 79.90
CA GLU H 163 -50.41 -8.60 80.66
C GLU H 163 -51.54 -7.94 79.90
N ARG H 164 -51.81 -8.38 78.68
CA ARG H 164 -53.07 -8.06 78.00
C ARG H 164 -53.44 -6.60 78.20
N ASN H 165 -54.66 -6.35 78.70
CA ASN H 165 -55.12 -4.99 78.94
C ASN H 165 -54.99 -4.14 77.70
N GLY H 166 -55.29 -4.75 76.54
CA GLY H 166 -55.29 -4.02 75.28
C GLY H 166 -53.92 -3.77 74.67
N VAL H 167 -52.97 -4.68 74.85
CA VAL H 167 -51.65 -4.49 74.25
C VAL H 167 -51.68 -4.97 72.81
N THR H 168 -51.12 -4.18 71.90
CA THR H 168 -51.14 -4.55 70.50
C THR H 168 -49.86 -5.27 70.12
N GLU H 169 -49.96 -6.11 69.09
CA GLU H 169 -48.79 -6.67 68.43
C GLU H 169 -47.66 -5.65 68.35
N SER H 170 -47.94 -4.45 67.82
CA SER H 170 -46.90 -3.43 67.68
C SER H 170 -46.23 -3.16 69.03
N ASP H 171 -47.03 -2.98 70.08
CA ASP H 171 -46.47 -2.66 71.39
C ASP H 171 -45.46 -3.70 71.82
N ILE H 172 -45.80 -4.98 71.66
CA ILE H 172 -44.89 -6.07 72.04
C ILE H 172 -43.55 -5.91 71.33
N VAL H 173 -43.57 -5.75 70.00
CA VAL H 173 -42.33 -5.53 69.27
C VAL H 173 -41.58 -4.36 69.89
N ALA H 174 -42.31 -3.31 70.26
CA ALA H 174 -41.68 -2.11 70.79
C ALA H 174 -40.94 -2.42 72.09
N LYS H 175 -41.54 -3.22 72.97
CA LYS H 175 -40.93 -3.54 74.25
C LYS H 175 -39.73 -4.46 74.10
N ILE H 176 -39.80 -5.38 73.11
CA ILE H 176 -38.63 -6.20 72.79
C ILE H 176 -37.47 -5.32 72.34
N GLU H 177 -37.65 -4.59 71.25
CA GLU H 177 -36.49 -3.86 70.73
C GLU H 177 -36.01 -2.80 71.71
N TYR H 178 -36.90 -2.30 72.56
CA TYR H 178 -36.50 -1.33 73.58
C TYR H 178 -35.54 -1.97 74.58
N GLU H 179 -36.02 -2.97 75.33
CA GLU H 179 -35.14 -3.69 76.24
C GLU H 179 -33.90 -4.17 75.53
N MET H 180 -34.04 -4.57 74.27
CA MET H 180 -32.86 -4.95 73.49
C MET H 180 -31.89 -3.77 73.36
N LYS H 181 -32.39 -2.58 73.01
CA LYS H 181 -31.51 -1.43 72.91
C LYS H 181 -30.91 -1.08 74.28
N ARG H 182 -31.70 -1.23 75.36
CA ARG H 182 -31.17 -0.96 76.70
C ARG H 182 -30.05 -1.90 77.10
N MET H 183 -29.89 -3.02 76.39
CA MET H 183 -28.85 -4.00 76.68
C MET H 183 -27.67 -3.89 75.72
N GLY H 184 -27.49 -2.75 75.05
CA GLY H 184 -26.32 -2.52 74.22
C GLY H 184 -26.37 -3.16 72.86
N VAL H 185 -27.44 -3.85 72.53
CA VAL H 185 -27.60 -4.51 71.24
C VAL H 185 -28.07 -3.46 70.25
N PRO H 186 -27.26 -3.10 69.25
CA PRO H 186 -27.65 -2.03 68.32
C PRO H 186 -28.87 -2.36 67.46
N GLN H 187 -28.86 -3.53 66.81
CA GLN H 187 -29.81 -3.85 65.75
C GLN H 187 -30.48 -5.19 65.99
N MET H 188 -31.73 -5.30 65.57
CA MET H 188 -32.31 -6.61 65.36
C MET H 188 -31.80 -7.21 64.05
N SER H 189 -31.94 -8.53 63.93
CA SER H 189 -31.51 -9.21 62.72
C SER H 189 -32.40 -8.88 61.54
N PHE H 190 -33.65 -8.54 61.80
CA PHE H 190 -34.68 -8.36 60.79
C PHE H 190 -35.88 -7.74 61.52
N ASP H 191 -36.80 -7.19 60.75
CA ASP H 191 -37.97 -6.57 61.39
C ASP H 191 -38.76 -7.60 62.18
N THR H 192 -38.79 -7.44 63.50
CA THR H 192 -39.43 -8.39 64.40
C THR H 192 -40.80 -8.78 63.88
N LEU H 193 -41.34 -9.91 64.34
CA LEU H 193 -42.63 -10.42 63.89
C LEU H 193 -43.42 -10.89 65.10
N VAL H 194 -44.53 -10.22 65.39
CA VAL H 194 -45.52 -10.73 66.32
C VAL H 194 -46.84 -10.89 65.56
N LEU H 195 -47.39 -12.10 65.59
CA LEU H 195 -48.60 -12.47 64.85
C LEU H 195 -49.47 -13.30 65.78
N SER H 196 -50.67 -12.83 66.06
CA SER H 196 -51.54 -13.53 67.00
C SER H 196 -52.81 -13.98 66.27
N GLY H 197 -53.34 -15.12 66.73
CA GLY H 197 -54.55 -15.66 66.14
C GLY H 197 -54.26 -16.28 64.77
N ALA H 198 -55.22 -16.13 63.86
CA ALA H 198 -55.03 -16.57 62.48
C ALA H 198 -54.14 -15.63 61.66
N ARG H 199 -53.78 -14.47 62.22
CA ARG H 199 -52.89 -13.55 61.50
C ARG H 199 -51.54 -14.16 61.17
N ALA H 200 -51.16 -15.24 61.86
CA ALA H 200 -49.89 -15.92 61.60
C ALA H 200 -50.04 -16.93 60.49
N ALA H 201 -50.93 -16.64 59.55
CA ALA H 201 -51.06 -17.45 58.36
C ALA H 201 -50.76 -16.65 57.11
N ASN H 202 -50.49 -15.35 57.24
CA ASN H 202 -50.05 -14.56 56.10
C ASN H 202 -48.60 -14.88 55.78
N PRO H 203 -48.28 -15.41 54.60
CA PRO H 203 -46.88 -15.74 54.26
C PRO H 203 -45.87 -14.73 54.78
N HIS H 204 -46.27 -13.47 54.96
CA HIS H 204 -45.47 -12.55 55.77
C HIS H 204 -46.25 -11.28 56.10
N GLY H 205 -47.44 -11.46 56.67
CA GLY H 205 -48.16 -10.33 57.26
C GLY H 205 -47.44 -9.86 58.50
N ALA H 206 -47.21 -8.55 58.57
CA ALA H 206 -46.39 -7.95 59.62
C ALA H 206 -47.20 -7.79 60.91
N PRO H 207 -46.57 -7.33 61.98
CA PRO H 207 -47.33 -7.03 63.20
C PRO H 207 -47.95 -5.66 63.09
N GLU H 208 -49.13 -5.53 63.70
CA GLU H 208 -49.92 -4.31 63.57
C GLU H 208 -50.46 -3.92 64.95
N ASN H 209 -51.16 -2.80 65.00
CA ASN H 209 -51.80 -2.37 66.25
C ASN H 209 -53.11 -3.10 66.51
N VAL H 210 -53.16 -4.40 66.25
CA VAL H 210 -54.27 -5.26 66.68
C VAL H 210 -53.94 -5.83 68.05
N GLU H 211 -54.77 -6.74 68.56
CA GLU H 211 -54.57 -7.21 69.92
C GLU H 211 -54.59 -8.73 70.01
N ILE H 212 -53.76 -9.24 70.90
CA ILE H 212 -53.71 -10.65 71.27
C ILE H 212 -55.12 -11.22 71.48
N GLN H 213 -55.53 -12.14 70.61
CA GLN H 213 -56.84 -12.77 70.72
C GLN H 213 -56.82 -13.83 71.81
N GLU H 214 -57.56 -13.61 72.89
CA GLU H 214 -57.60 -14.60 73.95
C GLU H 214 -57.95 -15.98 73.40
N ASN H 215 -57.33 -17.00 74.00
CA ASN H 215 -57.52 -18.41 73.68
C ASN H 215 -56.98 -18.80 72.30
N LYS H 216 -56.33 -17.88 71.59
CA LYS H 216 -55.63 -18.17 70.35
C LYS H 216 -54.12 -18.06 70.56
N LEU H 217 -53.36 -18.61 69.61
CA LEU H 217 -51.92 -18.69 69.73
C LEU H 217 -51.23 -17.42 69.28
N LEU H 218 -49.96 -17.29 69.64
CA LEU H 218 -49.19 -16.08 69.45
C LEU H 218 -47.79 -16.44 68.96
N LEU H 219 -47.37 -15.83 67.86
CA LEU H 219 -46.18 -16.25 67.13
C LEU H 219 -45.13 -15.16 67.19
N PHE H 220 -43.94 -15.51 67.70
CA PHE H 220 -42.82 -14.60 67.89
C PHE H 220 -41.65 -15.12 67.05
N ASP H 221 -41.25 -14.34 66.06
CA ASP H 221 -40.12 -14.64 65.19
C ASP H 221 -39.19 -13.44 65.27
N LEU H 222 -38.11 -13.56 66.04
CA LEU H 222 -37.25 -12.43 66.34
C LEU H 222 -35.79 -12.84 66.18
N GLY H 223 -34.93 -11.83 66.08
CA GLY H 223 -33.50 -12.06 65.95
C GLY H 223 -32.73 -10.80 66.29
N VAL H 224 -31.50 -10.99 66.73
CA VAL H 224 -30.66 -9.92 67.25
C VAL H 224 -29.29 -10.03 66.62
N MET H 225 -28.64 -8.88 66.40
CA MET H 225 -27.25 -8.84 65.93
C MET H 225 -26.32 -8.63 67.10
N SER H 226 -25.21 -9.36 67.13
CA SER H 226 -24.22 -9.08 68.16
C SER H 226 -22.87 -9.63 67.74
N GLY H 227 -21.85 -8.79 67.86
CA GLY H 227 -20.52 -9.16 67.46
C GLY H 227 -20.35 -9.31 65.98
N GLY H 228 -21.34 -8.87 65.20
CA GLY H 228 -21.39 -9.12 63.78
C GLY H 228 -22.24 -10.30 63.37
N TYR H 229 -22.77 -11.05 64.34
CA TYR H 229 -23.47 -12.28 64.03
C TYR H 229 -24.93 -12.17 64.42
N ALA H 230 -25.77 -12.93 63.70
CA ALA H 230 -27.21 -12.81 63.77
C ALA H 230 -27.83 -14.06 64.39
N SER H 231 -28.95 -13.87 65.07
CA SER H 231 -29.72 -14.99 65.58
C SER H 231 -31.11 -14.91 64.97
N ASP H 232 -31.75 -16.07 64.84
CA ASP H 232 -33.07 -16.13 64.21
C ASP H 232 -33.83 -17.23 64.90
N ALA H 233 -35.07 -16.93 65.30
CA ALA H 233 -35.80 -17.94 66.06
C ALA H 233 -37.26 -17.54 66.11
N THR H 234 -38.12 -18.55 66.02
CA THR H 234 -39.54 -18.38 66.28
C THR H 234 -39.97 -19.31 67.39
N ARG H 235 -40.83 -18.79 68.27
CA ARG H 235 -41.65 -19.61 69.15
C ARG H 235 -43.11 -19.22 68.96
N THR H 236 -44.01 -20.15 69.27
CA THR H 236 -45.44 -19.85 69.27
C THR H 236 -46.05 -20.34 70.57
N ILE H 237 -46.68 -19.43 71.31
CA ILE H 237 -47.30 -19.76 72.60
C ILE H 237 -48.80 -19.50 72.56
N ALA H 238 -49.48 -19.76 73.67
CA ALA H 238 -50.93 -19.69 73.75
C ALA H 238 -51.33 -18.60 74.74
N ILE H 239 -51.97 -17.55 74.23
CA ILE H 239 -52.62 -16.55 75.08
C ILE H 239 -53.90 -17.15 75.60
N GLY H 240 -53.86 -17.71 76.82
CA GLY H 240 -54.93 -18.53 77.31
C GLY H 240 -54.95 -19.93 76.69
N GLN H 241 -55.81 -20.77 77.26
CA GLN H 241 -55.97 -22.15 76.80
C GLN H 241 -56.29 -22.18 75.32
N PRO H 242 -55.53 -22.90 74.51
CA PRO H 242 -55.80 -22.92 73.07
C PRO H 242 -56.84 -23.99 72.75
N ASN H 243 -57.49 -23.80 71.60
CA ASN H 243 -58.53 -24.74 71.18
C ASN H 243 -57.89 -26.02 70.66
N ASP H 244 -58.70 -27.08 70.62
CA ASP H 244 -58.16 -28.42 70.36
C ASP H 244 -57.45 -28.48 69.01
N PHE H 245 -57.95 -27.73 68.02
CA PHE H 245 -57.36 -27.80 66.68
C PHE H 245 -55.99 -27.13 66.64
N ASP H 246 -55.90 -25.89 67.11
CA ASP H 246 -54.62 -25.19 67.09
C ASP H 246 -53.56 -25.93 67.91
N ALA H 247 -53.98 -26.61 68.98
CA ALA H 247 -53.04 -27.37 69.82
C ALA H 247 -52.59 -28.66 69.16
N GLU H 248 -53.33 -29.13 68.16
CA GLU H 248 -52.83 -30.22 67.32
C GLU H 248 -51.80 -29.69 66.32
N ILE H 249 -52.06 -28.52 65.72
CA ILE H 249 -51.12 -27.92 64.77
C ILE H 249 -49.75 -27.77 65.42
N HIS H 250 -49.68 -26.97 66.50
CA HIS H 250 -48.46 -26.80 67.27
C HIS H 250 -47.74 -28.12 67.47
N LYS H 251 -48.37 -29.05 68.21
CA LYS H 251 -47.85 -30.41 68.36
C LYS H 251 -47.22 -30.96 67.08
N ILE H 252 -47.94 -30.83 65.97
CA ILE H 252 -47.47 -31.41 64.71
C ILE H 252 -46.11 -30.81 64.34
N VAL H 253 -46.03 -29.48 64.24
CA VAL H 253 -44.77 -28.90 63.80
C VAL H 253 -43.72 -28.96 64.89
N LYS H 254 -44.12 -28.89 66.16
CA LYS H 254 -43.17 -28.99 67.26
C LYS H 254 -42.30 -30.24 67.13
N GLU H 255 -42.94 -31.38 66.86
CA GLU H 255 -42.23 -32.63 66.65
C GLU H 255 -41.67 -32.79 65.23
N ALA H 256 -42.20 -32.06 64.25
CA ALA H 256 -41.57 -32.09 62.93
C ALA H 256 -40.28 -31.29 62.93
N GLN H 257 -40.22 -30.25 63.75
CA GLN H 257 -38.98 -29.51 63.92
C GLN H 257 -37.95 -30.32 64.68
N GLN H 258 -38.37 -31.07 65.71
CA GLN H 258 -37.41 -31.86 66.48
C GLN H 258 -37.04 -33.16 65.80
N ALA H 259 -37.95 -33.75 65.02
CA ALA H 259 -37.54 -34.87 64.18
C ALA H 259 -36.38 -34.44 63.27
N ALA H 260 -36.52 -33.26 62.62
CA ALA H 260 -35.41 -32.68 61.87
C ALA H 260 -34.19 -32.40 62.76
N MET H 261 -34.42 -31.96 64.01
CA MET H 261 -33.30 -31.56 64.86
C MET H 261 -32.45 -32.76 65.28
N ASP H 262 -33.08 -33.88 65.62
CA ASP H 262 -32.33 -35.07 65.99
C ASP H 262 -31.74 -35.81 64.79
N PHE H 263 -32.33 -35.62 63.60
CA PHE H 263 -31.81 -36.27 62.41
C PHE H 263 -30.54 -35.60 61.90
N ILE H 264 -30.35 -34.32 62.19
CA ILE H 264 -29.30 -33.54 61.53
C ILE H 264 -27.95 -33.88 62.15
N LYS H 265 -27.03 -34.31 61.30
CA LYS H 265 -25.66 -34.65 61.67
C LYS H 265 -24.80 -34.45 60.44
N PRO H 266 -23.48 -34.49 60.57
CA PRO H 266 -22.64 -34.33 59.38
C PRO H 266 -22.83 -35.53 58.47
N GLY H 267 -23.09 -35.26 57.19
CA GLY H 267 -23.24 -36.30 56.19
C GLY H 267 -24.66 -36.45 55.70
N VAL H 268 -25.65 -36.08 56.52
CA VAL H 268 -27.00 -35.93 56.00
C VAL H 268 -26.96 -34.90 54.87
N THR H 269 -27.97 -34.93 54.01
CA THR H 269 -27.98 -33.99 52.89
C THR H 269 -29.00 -32.88 53.11
N ALA H 270 -28.77 -31.76 52.41
CA ALA H 270 -29.68 -30.62 52.47
C ALA H 270 -31.11 -31.06 52.23
N HIS H 271 -31.32 -31.86 51.18
CA HIS H 271 -32.66 -32.35 50.88
C HIS H 271 -33.17 -33.26 52.00
N GLU H 272 -32.32 -34.17 52.49
CA GLU H 272 -32.77 -35.18 53.47
C GLU H 272 -33.16 -34.57 54.81
N VAL H 273 -32.68 -33.36 55.11
CA VAL H 273 -33.10 -32.67 56.34
C VAL H 273 -34.41 -31.94 56.11
N ASP H 274 -34.50 -31.17 55.01
CA ASP H 274 -35.77 -30.56 54.64
C ASP H 274 -36.91 -31.58 54.66
N ALA H 275 -36.66 -32.78 54.13
CA ALA H 275 -37.71 -33.77 54.01
C ALA H 275 -38.01 -34.47 55.34
N VAL H 276 -37.07 -34.51 56.28
CA VAL H 276 -37.33 -35.27 57.51
C VAL H 276 -38.39 -34.60 58.37
N ALA H 277 -38.46 -33.28 58.34
CA ALA H 277 -39.57 -32.58 58.98
C ALA H 277 -40.79 -32.57 58.07
N ARG H 278 -40.59 -32.21 56.79
CA ARG H 278 -41.65 -32.18 55.80
C ARG H 278 -42.36 -33.53 55.65
N ASP H 279 -41.71 -34.63 56.06
CA ASP H 279 -42.36 -35.94 56.07
C ASP H 279 -43.30 -36.09 57.26
N LEU H 280 -42.99 -35.49 58.40
CA LEU H 280 -43.93 -35.52 59.51
C LEU H 280 -45.15 -34.66 59.22
N ILE H 281 -44.98 -33.61 58.43
CA ILE H 281 -46.07 -32.70 58.09
C ILE H 281 -46.96 -33.30 57.01
N THR H 282 -46.40 -33.50 55.81
CA THR H 282 -47.17 -34.01 54.68
C THR H 282 -48.02 -35.21 55.07
N LYS H 283 -47.42 -36.17 55.77
CA LYS H 283 -48.09 -37.41 56.14
C LYS H 283 -48.86 -37.30 57.46
N ALA H 284 -48.76 -36.18 58.17
CA ALA H 284 -49.76 -35.89 59.20
C ALA H 284 -51.02 -35.30 58.60
N GLY H 285 -51.08 -35.17 57.28
CA GLY H 285 -52.26 -34.70 56.60
C GLY H 285 -52.35 -33.20 56.45
N TYR H 286 -51.24 -32.49 56.51
CA TYR H 286 -51.27 -31.06 56.25
C TYR H 286 -50.20 -30.68 55.24
N GLY H 287 -49.78 -31.63 54.41
CA GLY H 287 -48.82 -31.40 53.36
C GLY H 287 -48.87 -30.00 52.80
N GLU H 288 -49.70 -29.78 51.78
CA GLU H 288 -49.54 -28.57 50.98
C GLU H 288 -50.07 -27.33 51.69
N TYR H 289 -50.15 -27.37 53.00
CA TYR H 289 -50.32 -26.15 53.80
C TYR H 289 -48.99 -25.55 54.26
N PHE H 290 -47.85 -26.04 53.75
CA PHE H 290 -46.51 -25.78 54.30
C PHE H 290 -45.62 -25.20 53.20
N ASN H 291 -45.80 -23.90 52.93
CA ASN H 291 -45.42 -23.29 51.65
C ASN H 291 -44.05 -22.63 51.68
N HIS H 292 -43.08 -23.19 52.37
CA HIS H 292 -41.75 -22.57 52.39
C HIS H 292 -40.70 -23.62 52.72
N SER H 293 -39.45 -23.28 52.41
CA SER H 293 -38.32 -24.13 52.72
C SER H 293 -38.29 -24.45 54.21
N LEU H 294 -37.47 -25.43 54.58
CA LEU H 294 -37.31 -25.67 56.01
C LEU H 294 -36.28 -24.77 56.65
N GLY H 295 -35.24 -24.40 55.89
CA GLY H 295 -34.11 -23.72 56.51
C GLY H 295 -33.42 -22.75 55.59
N HIS H 296 -32.69 -21.85 56.22
CA HIS H 296 -31.78 -20.94 55.54
C HIS H 296 -30.51 -20.87 56.37
N GLY H 297 -29.37 -20.70 55.69
CA GLY H 297 -28.13 -20.49 56.39
C GLY H 297 -28.15 -19.17 57.14
N ILE H 298 -27.47 -19.15 58.29
CA ILE H 298 -27.35 -17.96 59.12
C ILE H 298 -25.90 -17.81 59.52
N GLY H 299 -25.45 -16.56 59.60
CA GLY H 299 -24.12 -16.33 60.06
C GLY H 299 -23.89 -14.86 60.38
N MET H 300 -23.14 -14.16 59.53
CA MET H 300 -23.07 -12.71 59.70
C MET H 300 -24.30 -12.03 59.11
N ASP H 301 -24.92 -12.64 58.12
CA ASP H 301 -26.22 -12.21 57.63
C ASP H 301 -27.30 -13.15 58.16
N VAL H 302 -28.53 -12.65 58.17
CA VAL H 302 -29.61 -13.50 58.64
C VAL H 302 -30.00 -14.52 57.59
N HIS H 303 -29.64 -14.29 56.32
CA HIS H 303 -29.95 -15.18 55.20
C HIS H 303 -28.69 -15.43 54.38
N GLU H 304 -28.22 -16.68 54.40
CA GLU H 304 -27.04 -17.13 53.67
C GLU H 304 -27.15 -18.65 53.50
N TYR H 305 -26.02 -19.29 53.13
CA TYR H 305 -25.94 -20.70 52.81
C TYR H 305 -25.48 -21.52 54.00
N PRO H 306 -25.86 -22.81 54.04
CA PRO H 306 -26.59 -23.47 52.94
C PRO H 306 -28.11 -23.29 52.97
N SER H 307 -28.74 -23.43 51.80
CA SER H 307 -30.19 -23.55 51.74
C SER H 307 -30.60 -24.98 52.11
N ILE H 308 -31.50 -25.10 53.09
CA ILE H 308 -32.06 -26.39 53.50
C ILE H 308 -33.36 -26.62 52.73
N VAL H 309 -33.26 -26.68 51.41
CA VAL H 309 -34.42 -26.82 50.52
C VAL H 309 -34.58 -28.28 50.12
N ALA H 310 -35.33 -28.53 49.06
CA ALA H 310 -35.40 -29.85 48.45
C ALA H 310 -34.54 -29.97 47.21
N GLY H 311 -34.49 -28.93 46.37
CA GLY H 311 -33.70 -28.94 45.15
C GLY H 311 -32.19 -28.95 45.33
N ASN H 312 -31.71 -28.95 46.58
CA ASN H 312 -30.29 -28.93 46.89
C ASN H 312 -29.90 -30.21 47.61
N ASP H 313 -28.85 -30.87 47.09
CA ASP H 313 -28.41 -32.16 47.61
C ASP H 313 -27.20 -32.07 48.53
N LEU H 314 -26.45 -30.95 48.48
CA LEU H 314 -25.20 -30.80 49.23
C LEU H 314 -25.25 -31.54 50.56
N VAL H 315 -24.11 -32.12 50.97
CA VAL H 315 -24.03 -32.84 52.23
C VAL H 315 -23.65 -31.88 53.35
N ILE H 316 -24.24 -32.09 54.52
CA ILE H 316 -24.06 -31.21 55.66
C ILE H 316 -22.70 -31.47 56.28
N GLN H 317 -21.89 -30.42 56.40
CA GLN H 317 -20.60 -30.55 57.08
C GLN H 317 -20.65 -29.92 58.47
N GLU H 318 -19.83 -30.46 59.37
CA GLU H 318 -19.71 -29.93 60.72
C GLU H 318 -19.20 -28.49 60.67
N GLY H 319 -19.90 -27.60 61.38
CA GLY H 319 -19.62 -26.18 61.33
C GLY H 319 -20.50 -25.37 60.40
N MET H 320 -21.39 -26.03 59.65
CA MET H 320 -22.45 -25.30 58.97
C MET H 320 -23.48 -24.80 60.00
N CYS H 321 -24.14 -23.70 59.65
CA CYS H 321 -25.08 -23.00 60.52
C CYS H 321 -26.31 -22.67 59.69
N PHE H 322 -27.48 -23.22 60.06
CA PHE H 322 -28.71 -22.88 59.35
C PHE H 322 -29.91 -22.95 60.30
N SER H 323 -31.07 -22.57 59.79
CA SER H 323 -32.33 -22.61 60.54
C SER H 323 -33.06 -23.93 60.33
N ASN H 324 -33.83 -24.31 61.34
CA ASN H 324 -34.74 -25.44 61.24
C ASN H 324 -36.10 -24.89 61.71
N GLU H 325 -36.89 -24.41 60.73
CA GLU H 325 -38.14 -23.70 60.99
C GLU H 325 -39.26 -24.27 60.11
N PRO H 326 -39.79 -25.42 60.47
CA PRO H 326 -41.01 -25.90 59.82
C PRO H 326 -42.21 -25.06 60.28
N GLY H 327 -43.29 -25.11 59.51
CA GLY H 327 -44.48 -24.37 59.86
C GLY H 327 -45.74 -24.93 59.23
N ILE H 328 -46.87 -24.62 59.84
CA ILE H 328 -48.18 -25.03 59.35
C ILE H 328 -49.08 -23.79 59.32
N TYR H 329 -49.50 -23.40 58.12
CA TYR H 329 -50.19 -22.13 57.90
C TYR H 329 -51.53 -22.36 57.22
N ILE H 330 -52.61 -22.35 58.01
CA ILE H 330 -53.98 -22.42 57.52
C ILE H 330 -54.66 -21.05 57.67
N PRO H 331 -54.67 -20.20 56.64
CA PRO H 331 -55.11 -18.81 56.82
C PRO H 331 -56.50 -18.74 57.45
N GLY H 332 -56.72 -17.67 58.22
CA GLY H 332 -58.01 -17.46 58.86
C GLY H 332 -58.32 -18.36 60.04
N LYS H 333 -57.44 -19.31 60.39
CA LYS H 333 -57.71 -20.21 61.50
C LYS H 333 -56.59 -20.27 62.53
N VAL H 334 -55.36 -20.56 62.08
CA VAL H 334 -54.23 -20.74 62.98
C VAL H 334 -52.93 -20.68 62.19
N GLY H 335 -51.86 -20.22 62.83
CA GLY H 335 -50.52 -20.30 62.25
C GLY H 335 -49.51 -20.78 63.29
N VAL H 336 -48.54 -21.59 62.88
CA VAL H 336 -47.53 -22.10 63.81
C VAL H 336 -46.21 -22.26 63.08
N ARG H 337 -45.20 -21.52 63.50
CA ARG H 337 -43.83 -21.86 63.17
C ARG H 337 -43.03 -21.98 64.45
N ILE H 338 -42.14 -22.97 64.50
CA ILE H 338 -41.16 -23.12 65.57
C ILE H 338 -39.79 -23.13 64.90
N GLU H 339 -39.03 -22.04 65.07
CA GLU H 339 -37.74 -21.89 64.41
C GLU H 339 -36.62 -21.91 65.44
N ASP H 340 -35.60 -22.73 65.20
CA ASP H 340 -34.29 -22.63 65.84
C ASP H 340 -33.22 -22.56 64.76
N CYS H 341 -32.10 -21.92 65.10
CA CYS H 341 -30.90 -21.97 64.29
C CYS H 341 -29.87 -22.86 64.99
N LEU H 342 -29.02 -23.51 64.19
CA LEU H 342 -28.13 -24.54 64.72
C LEU H 342 -26.76 -24.45 64.07
N TYR H 343 -25.76 -25.01 64.77
CA TYR H 343 -24.49 -25.41 64.16
C TYR H 343 -24.36 -26.93 64.17
N VAL H 344 -23.72 -27.47 63.13
CA VAL H 344 -23.48 -28.90 63.02
C VAL H 344 -22.21 -29.26 63.77
N THR H 345 -22.24 -30.38 64.50
CA THR H 345 -21.13 -30.82 65.35
C THR H 345 -20.49 -32.10 64.79
N GLU H 346 -19.59 -32.68 65.58
CA GLU H 346 -19.14 -34.05 65.32
C GLU H 346 -20.30 -35.03 65.51
N ASN H 347 -21.05 -34.89 66.62
CA ASN H 347 -22.30 -35.60 66.82
C ASN H 347 -23.27 -35.38 65.67
N GLY H 348 -24.27 -34.54 65.93
CA GLY H 348 -25.23 -34.13 64.95
C GLY H 348 -25.41 -32.63 64.92
N CYS H 349 -25.80 -32.03 66.04
CA CYS H 349 -26.02 -30.60 66.06
C CYS H 349 -26.62 -30.09 67.38
N GLU H 350 -26.32 -28.84 67.70
CA GLU H 350 -26.93 -28.15 68.83
C GLU H 350 -27.39 -26.79 68.36
N SER H 351 -28.28 -26.19 69.15
CA SER H 351 -29.05 -25.03 68.73
C SER H 351 -28.52 -23.78 69.40
N PHE H 352 -28.77 -22.63 68.76
CA PHE H 352 -28.37 -21.36 69.35
C PHE H 352 -29.37 -20.81 70.34
N THR H 353 -30.62 -21.27 70.29
CA THR H 353 -31.66 -20.81 71.18
C THR H 353 -32.24 -21.98 71.93
N HIS H 354 -32.69 -21.71 73.16
CA HIS H 354 -33.10 -22.76 74.06
C HIS H 354 -34.43 -22.46 74.73
N THR H 355 -35.12 -21.39 74.33
CA THR H 355 -36.42 -21.16 74.92
C THR H 355 -37.32 -22.36 74.61
N ASP H 356 -38.21 -22.67 75.55
CA ASP H 356 -39.00 -23.89 75.46
C ASP H 356 -39.72 -23.98 74.11
N HIS H 357 -39.85 -25.19 73.60
CA HIS H 357 -40.56 -25.35 72.35
C HIS H 357 -42.03 -25.64 72.56
N ASP H 358 -42.38 -26.19 73.72
CA ASP H 358 -43.75 -26.59 73.97
C ASP H 358 -44.65 -25.36 74.03
N LEU H 359 -45.93 -25.60 73.78
CA LEU H 359 -46.95 -24.56 73.85
C LEU H 359 -47.12 -24.07 75.27
N LEU H 360 -46.32 -23.09 75.67
CA LEU H 360 -46.49 -22.49 76.99
C LEU H 360 -47.83 -21.76 77.07
N ILE H 361 -48.49 -21.85 78.22
CA ILE H 361 -49.73 -21.13 78.43
C ILE H 361 -49.45 -19.91 79.31
N PHE H 362 -50.05 -18.78 78.95
CA PHE H 362 -49.79 -17.52 79.62
C PHE H 362 -51.09 -16.81 80.02
N MET I 1 -35.23 24.23 37.43
CA MET I 1 -35.92 23.41 36.46
C MET I 1 -35.46 21.95 36.54
N SER I 2 -36.34 21.02 36.13
CA SER I 2 -36.12 19.57 36.10
C SER I 2 -34.68 19.14 36.37
N LYS I 3 -34.51 18.29 37.37
CA LYS I 3 -33.19 17.80 37.75
C LYS I 3 -32.68 16.73 36.79
N ILE I 4 -33.58 15.96 36.17
CA ILE I 4 -33.15 14.98 35.19
C ILE I 4 -32.57 15.68 33.97
N GLU I 5 -33.08 16.87 33.63
CA GLU I 5 -32.56 17.60 32.48
C GLU I 5 -31.19 18.20 32.79
N ARG I 6 -31.02 18.78 33.99
CA ARG I 6 -29.69 19.21 34.40
C ARG I 6 -28.65 18.14 34.12
N ILE I 7 -28.86 16.92 34.63
CA ILE I 7 -27.96 15.81 34.34
C ILE I 7 -27.80 15.63 32.82
N SER I 8 -28.92 15.54 32.10
CA SER I 8 -28.87 15.19 30.68
C SER I 8 -28.19 16.28 29.87
N ALA I 9 -28.44 17.54 30.21
CA ALA I 9 -27.61 18.63 29.71
C ALA I 9 -26.14 18.26 29.84
N PHE I 10 -25.75 17.84 31.03
CA PHE I 10 -24.38 17.41 31.30
C PHE I 10 -23.88 16.44 30.22
N LEU I 11 -24.69 15.43 29.88
CA LEU I 11 -24.26 14.46 28.89
C LEU I 11 -24.07 15.08 27.51
N ASN I 12 -24.83 16.13 27.21
CA ASN I 12 -24.53 16.99 26.08
C ASN I 12 -23.06 17.40 26.17
N ASP I 13 -22.76 18.30 27.12
CA ASP I 13 -21.44 18.91 27.22
C ASP I 13 -20.32 17.93 26.97
N LYS I 14 -20.38 16.75 27.60
CA LYS I 14 -19.18 15.96 27.88
C LYS I 14 -19.07 14.67 27.06
N GLU I 15 -19.88 14.48 26.03
CA GLU I 15 -19.64 13.38 25.08
C GLU I 15 -20.11 12.03 25.62
N VAL I 16 -20.98 12.01 26.63
CA VAL I 16 -21.25 10.79 27.39
C VAL I 16 -22.55 10.17 26.92
N ASP I 17 -22.52 8.85 26.70
CA ASP I 17 -23.68 8.11 26.19
C ASP I 17 -24.85 8.14 27.16
N MET I 18 -24.61 7.69 28.40
CA MET I 18 -25.68 7.46 29.38
C MET I 18 -25.12 7.51 30.79
N THR I 19 -25.98 7.19 31.75
CA THR I 19 -25.61 6.99 33.14
C THR I 19 -26.05 5.60 33.59
N PHE I 20 -25.42 5.15 34.66
CA PHE I 20 -25.92 4.05 35.49
C PHE I 20 -25.71 4.56 36.92
N ILE I 21 -26.65 5.38 37.36
CA ILE I 21 -26.73 5.85 38.74
C ILE I 21 -27.17 4.67 39.62
N THR I 22 -26.37 4.35 40.63
CA THR I 22 -26.61 3.16 41.45
C THR I 22 -26.68 3.43 42.95
N ASN I 23 -26.31 4.60 43.42
CA ASN I 23 -26.38 4.87 44.85
C ASN I 23 -27.81 5.21 45.27
N PRO I 24 -28.41 4.45 46.19
CA PRO I 24 -29.82 4.70 46.53
C PRO I 24 -30.11 6.09 47.06
N THR I 25 -29.21 6.67 47.86
CA THR I 25 -29.39 8.07 48.23
C THR I 25 -29.63 8.91 46.97
N THR I 26 -28.81 8.71 45.94
CA THR I 26 -28.98 9.44 44.70
C THR I 26 -30.30 9.07 44.03
N LEU I 27 -30.56 7.76 43.87
CA LEU I 27 -31.79 7.30 43.22
C LEU I 27 -33.02 7.99 43.81
N ASN I 28 -33.07 8.13 45.14
CA ASN I 28 -34.17 8.83 45.76
C ASN I 28 -34.18 10.31 45.37
N TYR I 29 -33.03 10.98 45.48
CA TYR I 29 -32.97 12.41 45.17
C TYR I 29 -33.58 12.70 43.82
N LEU I 30 -33.31 11.83 42.84
CA LEU I 30 -33.67 12.07 41.45
C LEU I 30 -35.06 11.57 41.08
N THR I 31 -35.71 10.80 41.94
CA THR I 31 -36.93 10.15 41.49
C THR I 31 -38.07 10.13 42.48
N GLY I 32 -37.86 10.49 43.75
CA GLY I 32 -38.93 10.43 44.72
C GLY I 32 -39.29 9.04 45.19
N LEU I 33 -38.51 8.04 44.81
CA LEU I 33 -38.74 6.65 45.18
C LEU I 33 -37.55 6.12 45.98
N ALA I 34 -37.82 5.71 47.22
CA ALA I 34 -36.82 5.13 48.11
C ALA I 34 -36.62 3.66 47.74
N ILE I 35 -35.72 3.43 46.80
CA ILE I 35 -35.38 2.08 46.36
C ILE I 35 -34.02 1.70 46.92
N ASP I 36 -33.89 0.43 47.27
CA ASP I 36 -32.61 -0.13 47.65
C ASP I 36 -32.61 -1.61 47.27
N PRO I 37 -31.92 -1.95 46.18
CA PRO I 37 -31.86 -3.36 45.75
C PRO I 37 -31.05 -4.25 46.67
N HIS I 38 -30.52 -3.73 47.78
CA HIS I 38 -29.63 -4.47 48.66
C HIS I 38 -28.52 -5.07 47.81
N GLU I 39 -28.44 -6.40 47.75
CA GLU I 39 -27.40 -7.06 46.97
C GLU I 39 -27.71 -7.09 45.48
N ARG I 40 -28.98 -7.02 45.10
CA ARG I 40 -29.39 -7.03 43.70
C ARG I 40 -29.08 -5.69 43.04
N ILE I 41 -29.37 -5.60 41.74
CA ILE I 41 -28.93 -4.50 40.88
C ILE I 41 -30.10 -3.57 40.57
N ALA I 42 -29.86 -2.26 40.68
CA ALA I 42 -30.78 -1.23 40.23
C ALA I 42 -29.96 -0.06 39.72
N GLY I 43 -30.47 0.60 38.67
CA GLY I 43 -29.73 1.68 38.04
C GLY I 43 -30.60 2.64 37.26
N LEU I 44 -30.37 3.95 37.40
CA LEU I 44 -31.11 4.99 36.71
C LEU I 44 -30.34 5.45 35.47
N MET I 45 -30.95 5.31 34.28
CA MET I 45 -30.26 5.51 33.00
C MET I 45 -30.83 6.74 32.28
N ILE I 46 -30.03 7.82 32.23
CA ILE I 46 -30.41 9.07 31.58
C ILE I 46 -29.65 9.21 30.28
N PHE I 47 -30.32 9.73 29.24
CA PHE I 47 -29.72 9.92 27.92
C PHE I 47 -29.98 11.35 27.41
N ARG I 48 -29.25 11.72 26.37
CA ARG I 48 -29.42 13.01 25.70
C ARG I 48 -30.82 13.13 25.10
N ASP I 49 -31.06 12.45 23.98
CA ASP I 49 -32.38 12.49 23.36
C ASP I 49 -33.05 11.12 23.40
N SER I 50 -33.08 10.51 24.58
CA SER I 50 -33.71 9.21 24.77
C SER I 50 -34.35 9.18 26.16
N THR I 51 -35.60 8.71 26.22
CA THR I 51 -36.34 8.74 27.46
C THR I 51 -35.53 8.08 28.58
N PRO I 52 -35.51 8.65 29.78
CA PRO I 52 -34.64 8.11 30.83
C PRO I 52 -35.19 6.78 31.31
N MET I 53 -34.27 5.86 31.63
CA MET I 53 -34.64 4.50 31.99
C MET I 53 -34.27 4.20 33.45
N LEU I 54 -35.06 3.32 34.06
CA LEU I 54 -34.90 2.89 35.44
C LEU I 54 -34.89 1.38 35.45
N PHE I 55 -33.76 0.81 35.76
CA PHE I 55 -33.63 -0.62 35.92
C PHE I 55 -33.83 -0.99 37.38
N THR I 56 -34.62 -2.03 37.60
CA THR I 56 -35.03 -2.52 38.90
C THR I 56 -34.89 -4.03 38.87
N PRO I 57 -34.78 -4.68 40.02
CA PRO I 57 -35.08 -6.12 40.05
C PRO I 57 -36.57 -6.33 39.82
N ALA I 58 -36.90 -7.43 39.15
CA ALA I 58 -38.29 -7.71 38.77
C ALA I 58 -39.34 -7.36 39.84
N LEU I 59 -39.10 -7.71 41.11
CA LEU I 59 -40.14 -7.57 42.13
C LEU I 59 -40.34 -6.14 42.60
N GLU I 60 -39.37 -5.25 42.36
CA GLU I 60 -39.51 -3.84 42.72
C GLU I 60 -40.12 -3.00 41.60
N VAL I 61 -40.39 -3.61 40.43
CA VAL I 61 -40.88 -2.88 39.27
C VAL I 61 -42.27 -2.28 39.53
N GLU I 62 -43.19 -3.09 40.06
CA GLU I 62 -44.52 -2.55 40.32
C GLU I 62 -44.46 -1.41 41.31
N LYS I 63 -43.69 -1.59 42.39
CA LYS I 63 -43.38 -0.50 43.30
C LYS I 63 -42.78 0.69 42.57
N ALA I 64 -41.86 0.43 41.63
CA ALA I 64 -41.24 1.51 40.87
C ALA I 64 -42.24 2.20 39.95
N LYS I 65 -43.04 1.41 39.25
CA LYS I 65 -44.01 1.94 38.33
C LYS I 65 -45.03 2.80 39.02
N GLU I 66 -45.40 2.43 40.23
CA GLU I 66 -46.35 3.21 41.01
C GLU I 66 -45.55 4.43 41.45
N HIS I 67 -46.13 5.61 41.57
CA HIS I 67 -45.37 6.87 41.85
C HIS I 67 -44.32 6.91 40.74
N THR I 68 -44.86 6.89 39.52
CA THR I 68 -44.08 6.71 38.34
C THR I 68 -43.03 7.73 38.15
N SER I 69 -43.54 8.95 37.99
CA SER I 69 -42.93 10.22 37.64
C SER I 69 -42.98 10.00 36.16
N GLY I 70 -41.88 9.66 35.53
CA GLY I 70 -41.92 9.43 34.10
C GLY I 70 -40.74 8.69 33.54
N LEU I 71 -40.50 7.50 34.05
CA LEU I 71 -39.36 6.72 33.60
C LEU I 71 -39.81 5.41 32.94
N ASP I 72 -39.04 4.98 31.94
CA ASP I 72 -39.21 3.65 31.37
C ASP I 72 -38.64 2.64 32.36
N ILE I 73 -39.51 1.89 33.01
CA ILE I 73 -39.12 1.00 34.10
C ILE I 73 -39.17 -0.43 33.60
N PHE I 74 -38.02 -1.10 33.68
CA PHE I 74 -37.95 -2.51 33.34
C PHE I 74 -37.03 -3.17 34.35
N GLY I 75 -37.23 -4.48 34.52
CA GLY I 75 -36.57 -5.22 35.56
C GLY I 75 -35.99 -6.53 35.06
N TYR I 76 -35.31 -7.22 35.97
CA TYR I 76 -34.70 -8.51 35.67
C TYR I 76 -35.05 -9.51 36.76
N GLU I 77 -35.25 -10.75 36.35
CA GLU I 77 -35.48 -11.84 37.28
C GLU I 77 -34.15 -12.41 37.69
N ASP I 78 -34.08 -12.94 38.91
CA ASP I 78 -32.87 -13.60 39.34
C ASP I 78 -32.50 -14.76 38.41
N SER I 79 -33.45 -15.19 37.56
CA SER I 79 -33.12 -16.14 36.50
C SER I 79 -32.18 -15.54 35.47
N GLN I 80 -32.11 -14.22 35.37
CA GLN I 80 -31.42 -13.51 34.31
C GLN I 80 -30.07 -12.96 34.79
N ASN I 81 -29.16 -12.78 33.83
CA ASN I 81 -27.97 -11.97 34.05
C ASN I 81 -28.41 -10.52 34.01
N PRO I 82 -28.19 -9.76 35.09
CA PRO I 82 -28.69 -8.37 35.13
C PRO I 82 -28.19 -7.52 33.96
N TRP I 83 -26.91 -7.64 33.62
CA TRP I 83 -26.33 -6.85 32.54
C TRP I 83 -26.82 -7.27 31.16
N GLU I 84 -27.42 -8.46 31.02
CA GLU I 84 -28.02 -8.80 29.75
C GLU I 84 -29.28 -7.99 29.52
N VAL I 85 -30.24 -8.06 30.46
CA VAL I 85 -31.47 -7.28 30.32
C VAL I 85 -31.15 -5.82 30.11
N VAL I 86 -29.99 -5.37 30.61
CA VAL I 86 -29.57 -3.98 30.43
C VAL I 86 -29.27 -3.70 28.97
N LYS I 87 -28.30 -4.43 28.41
CA LYS I 87 -27.80 -4.09 27.09
C LYS I 87 -28.87 -4.28 26.01
N ASN I 88 -29.73 -5.29 26.18
CA ASN I 88 -30.80 -5.52 25.21
C ASN I 88 -31.82 -4.39 25.22
N HIS I 89 -31.96 -3.70 26.34
CA HIS I 89 -32.94 -2.62 26.48
C HIS I 89 -32.39 -1.26 26.11
N VAL I 90 -31.11 -1.19 25.74
CA VAL I 90 -30.52 0.07 25.32
C VAL I 90 -30.12 -0.01 23.85
N LYS I 91 -31.07 0.27 22.97
CA LYS I 91 -30.77 0.47 21.56
C LYS I 91 -30.15 1.86 21.41
N SER I 92 -29.01 1.92 20.70
CA SER I 92 -28.15 3.10 20.54
C SER I 92 -26.76 2.81 21.08
N ASP I 93 -25.81 2.51 20.19
CA ASP I 93 -24.53 1.85 20.51
C ASP I 93 -24.17 1.92 21.99
N VAL I 94 -23.17 2.74 22.34
CA VAL I 94 -22.73 3.04 23.72
C VAL I 94 -21.21 2.88 23.81
N LYS I 95 -20.53 3.84 24.43
CA LYS I 95 -19.09 3.72 24.62
C LYS I 95 -18.58 4.51 25.83
N SER I 96 -19.39 5.40 26.40
CA SER I 96 -19.04 6.03 27.66
C SER I 96 -20.26 6.06 28.56
N ILE I 97 -20.02 5.93 29.87
CA ILE I 97 -21.08 5.84 30.88
C ILE I 97 -20.72 6.73 32.07
N ALA I 98 -21.67 7.58 32.49
CA ALA I 98 -21.49 8.40 33.68
C ALA I 98 -22.01 7.67 34.92
N VAL I 99 -21.16 7.53 35.93
CA VAL I 99 -21.43 6.72 37.11
C VAL I 99 -20.79 7.41 38.30
N GLU I 100 -21.21 7.01 39.49
CA GLU I 100 -20.74 7.62 40.72
C GLU I 100 -19.51 6.87 41.21
N PHE I 101 -18.34 7.48 41.08
CA PHE I 101 -17.11 6.76 41.40
C PHE I 101 -17.12 6.27 42.83
N SER I 102 -17.72 7.05 43.75
CA SER I 102 -17.72 6.74 45.16
C SER I 102 -18.67 5.61 45.54
N ASP I 103 -19.51 5.16 44.61
CA ASP I 103 -20.54 4.21 45.00
C ASP I 103 -20.49 2.94 44.15
N ILE I 104 -20.39 3.09 42.84
CA ILE I 104 -20.48 1.96 41.93
C ILE I 104 -19.35 0.99 42.25
N PRO I 105 -19.65 -0.26 42.59
CA PRO I 105 -18.60 -1.21 42.94
C PRO I 105 -18.03 -1.94 41.72
N LEU I 106 -16.81 -2.44 41.88
CA LEU I 106 -16.07 -2.99 40.75
C LEU I 106 -16.93 -3.97 39.94
N ALA I 107 -17.73 -4.78 40.63
CA ALA I 107 -18.52 -5.79 39.94
C ALA I 107 -19.48 -5.19 38.93
N LYS I 108 -20.16 -4.09 39.29
CA LYS I 108 -21.14 -3.51 38.39
C LYS I 108 -20.48 -2.87 37.17
N THR I 109 -19.30 -2.24 37.35
CA THR I 109 -18.61 -1.63 36.22
C THR I 109 -18.07 -2.69 35.27
N GLU I 110 -17.55 -3.80 35.81
CA GLU I 110 -17.18 -4.92 34.96
C GLU I 110 -18.39 -5.49 34.25
N GLY I 111 -19.49 -5.70 34.98
CA GLY I 111 -20.69 -6.23 34.36
C GLY I 111 -21.18 -5.39 33.19
N LEU I 112 -20.98 -4.08 33.26
CA LEU I 112 -21.26 -3.23 32.10
C LEU I 112 -20.26 -3.53 30.99
N LYS I 113 -18.97 -3.24 31.26
CA LYS I 113 -17.89 -3.60 30.34
C LYS I 113 -18.01 -5.04 29.88
N ALA I 114 -18.65 -5.89 30.66
CA ALA I 114 -18.89 -7.25 30.19
C ALA I 114 -19.79 -7.28 28.97
N GLN I 115 -20.63 -6.25 28.75
CA GLN I 115 -21.55 -6.25 27.62
C GLN I 115 -21.49 -4.99 26.77
N PHE I 116 -20.57 -4.06 27.05
CA PHE I 116 -20.43 -2.86 26.24
C PHE I 116 -19.01 -2.58 25.76
N GLY I 117 -18.04 -3.44 26.07
CA GLY I 117 -16.65 -3.19 25.76
C GLY I 117 -15.89 -2.62 26.95
N ASP I 118 -14.57 -2.45 26.76
CA ASP I 118 -13.83 -1.67 27.74
C ASP I 118 -14.09 -0.19 27.52
N ILE I 119 -15.36 0.18 27.52
CA ILE I 119 -15.83 1.54 27.34
C ILE I 119 -15.26 2.43 28.42
N ASN I 120 -15.56 3.73 28.37
CA ASN I 120 -14.99 4.70 29.28
C ASN I 120 -16.02 5.14 30.30
N PHE I 121 -15.56 5.42 31.51
CA PHE I 121 -16.43 5.78 32.62
C PHE I 121 -16.12 7.20 33.08
N VAL I 122 -17.17 8.01 33.25
CA VAL I 122 -17.04 9.39 33.69
C VAL I 122 -17.76 9.53 35.02
N ASN I 123 -17.13 10.23 35.95
CA ASN I 123 -17.62 10.31 37.31
C ASN I 123 -18.77 11.31 37.42
N LEU I 124 -19.94 10.84 37.83
CA LEU I 124 -21.09 11.73 37.97
C LEU I 124 -21.23 12.32 39.36
N THR I 125 -20.55 11.77 40.35
CA THR I 125 -20.67 12.31 41.71
C THR I 125 -20.36 13.80 41.75
N PRO I 126 -19.31 14.31 41.09
CA PRO I 126 -19.13 15.76 41.08
C PRO I 126 -20.44 16.47 40.78
N LEU I 127 -21.15 16.00 39.74
CA LEU I 127 -22.37 16.67 39.35
C LEU I 127 -23.47 16.50 40.39
N ILE I 128 -23.54 15.36 41.08
CA ILE I 128 -24.59 15.17 42.07
C ILE I 128 -24.38 16.11 43.24
N GLU I 129 -23.13 16.21 43.73
CA GLU I 129 -22.82 17.16 44.79
C GLU I 129 -23.24 18.57 44.38
N ARG I 130 -22.80 18.99 43.19
CA ARG I 130 -23.16 20.30 42.67
C ARG I 130 -24.66 20.54 42.79
N MET I 131 -25.48 19.54 42.46
CA MET I 131 -26.93 19.76 42.44
C MET I 131 -27.56 19.63 43.81
N ARG I 132 -27.04 18.75 44.66
CA ARG I 132 -27.72 18.47 45.91
C ARG I 132 -27.50 19.59 46.94
N LEU I 133 -26.33 20.20 46.94
CA LEU I 133 -26.13 21.44 47.69
C LEU I 133 -26.97 22.53 47.03
N ILE I 134 -27.86 23.13 47.81
CA ILE I 134 -28.92 24.02 47.32
C ILE I 134 -30.22 23.22 47.24
N LYS I 135 -30.95 23.22 48.34
CA LYS I 135 -32.12 22.39 48.48
C LYS I 135 -33.32 23.07 47.86
N SER I 136 -34.28 22.26 47.41
CA SER I 136 -35.57 22.76 46.97
C SER I 136 -36.16 23.66 48.05
N ALA I 137 -37.32 24.28 47.80
CA ALA I 137 -38.09 24.80 48.92
C ALA I 137 -38.95 23.70 49.55
N ASP I 138 -39.26 22.66 48.78
CA ASP I 138 -39.83 21.45 49.35
C ASP I 138 -38.79 20.70 50.16
N GLU I 139 -37.57 20.57 49.63
CA GLU I 139 -36.52 19.85 50.34
C GLU I 139 -36.33 20.43 51.73
N ILE I 140 -36.28 21.76 51.83
CA ILE I 140 -36.06 22.38 53.12
C ILE I 140 -37.19 22.06 54.08
N GLU I 141 -38.43 22.00 53.59
CA GLU I 141 -39.52 21.80 54.53
C GLU I 141 -39.48 20.40 55.15
N LYS I 142 -38.97 19.40 54.43
CA LYS I 142 -38.78 18.09 55.05
C LYS I 142 -37.69 18.14 56.13
N MET I 143 -36.51 18.67 55.78
CA MET I 143 -35.52 18.98 56.80
C MET I 143 -36.15 19.67 58.02
N LYS I 144 -37.11 20.57 57.77
CA LYS I 144 -37.87 21.19 58.87
C LYS I 144 -38.47 20.12 59.77
N VAL I 145 -39.25 19.22 59.19
CA VAL I 145 -39.94 18.21 59.98
C VAL I 145 -38.95 17.34 60.72
N ALA I 146 -37.85 16.97 60.05
CA ALA I 146 -36.79 16.27 60.76
C ALA I 146 -36.43 17.04 62.02
N GLY I 147 -36.20 18.35 61.86
CA GLY I 147 -35.82 19.17 63.00
C GLY I 147 -36.82 19.10 64.15
N ASP I 148 -38.11 19.11 63.83
CA ASP I 148 -39.12 18.98 64.87
C ASP I 148 -38.89 17.71 65.69
N PHE I 149 -38.55 16.61 65.01
CA PHE I 149 -38.33 15.36 65.72
C PHE I 149 -37.10 15.45 66.62
N ALA I 150 -36.02 16.06 66.12
CA ALA I 150 -34.87 16.32 66.98
C ALA I 150 -35.30 17.09 68.22
N ASP I 151 -36.02 18.19 68.03
CA ASP I 151 -36.51 18.96 69.17
C ASP I 151 -37.39 18.09 70.07
N LYS I 152 -38.17 17.19 69.49
CA LYS I 152 -38.95 16.31 70.38
C LYS I 152 -38.06 15.33 71.11
N CYS I 153 -36.91 14.97 70.51
CA CYS I 153 -35.97 14.05 71.15
C CYS I 153 -35.30 14.69 72.36
N PHE I 154 -35.01 15.99 72.29
CA PHE I 154 -34.39 16.69 73.40
C PHE I 154 -35.27 16.63 74.64
N GLU I 155 -36.51 17.13 74.55
CA GLU I 155 -37.36 17.19 75.73
C GLU I 155 -37.57 15.80 76.32
N ILE I 156 -37.81 14.81 75.47
CA ILE I 156 -37.85 13.43 75.96
C ILE I 156 -36.52 13.08 76.60
N GLY I 157 -35.42 13.40 75.90
CA GLY I 157 -34.08 13.10 76.37
C GLY I 157 -33.85 13.75 77.71
N PHE I 158 -33.88 15.09 77.71
CA PHE I 158 -33.77 15.86 78.95
C PHE I 158 -34.61 15.23 80.06
N ALA I 159 -35.91 15.03 79.78
CA ALA I 159 -36.84 14.58 80.83
C ALA I 159 -36.43 13.21 81.37
N THR I 160 -36.10 12.27 80.48
CA THR I 160 -35.76 10.96 80.99
C THR I 160 -34.53 11.02 81.87
N ALA I 161 -33.61 11.96 81.58
CA ALA I 161 -32.44 12.13 82.42
C ALA I 161 -32.79 12.80 83.74
N ALA I 162 -33.60 13.88 83.70
CA ALA I 162 -33.95 14.59 84.92
C ALA I 162 -34.50 13.64 85.98
N GLU I 163 -35.33 12.67 85.55
CA GLU I 163 -35.87 11.66 86.46
C GLU I 163 -34.79 11.03 87.34
N ARG I 164 -33.54 11.05 86.89
CA ARG I 164 -32.40 10.49 87.62
C ARG I 164 -32.64 9.04 88.06
N ASN I 165 -32.16 8.69 89.25
CA ASN I 165 -32.42 7.38 89.81
C ASN I 165 -31.60 6.30 89.11
N GLY I 166 -30.29 6.49 89.02
CA GLY I 166 -29.45 5.52 88.32
C GLY I 166 -29.77 5.42 86.85
N VAL I 167 -30.19 6.51 86.24
CA VAL I 167 -30.50 6.53 84.81
C VAL I 167 -29.20 6.60 84.02
N THR I 168 -29.08 5.75 83.01
CA THR I 168 -27.84 5.59 82.26
C THR I 168 -27.85 6.40 80.96
N GLU I 169 -26.66 6.78 80.49
CA GLU I 169 -26.55 7.31 79.14
C GLU I 169 -27.22 6.37 78.16
N SER I 170 -27.17 5.07 78.45
CA SER I 170 -27.79 4.06 77.61
C SER I 170 -29.31 4.12 77.74
N ASP I 171 -29.84 4.06 78.97
CA ASP I 171 -31.28 4.11 79.16
C ASP I 171 -31.91 5.30 78.44
N ILE I 172 -31.17 6.41 78.36
CA ILE I 172 -31.72 7.65 77.80
C ILE I 172 -31.77 7.59 76.29
N VAL I 173 -30.69 7.10 75.67
CA VAL I 173 -30.72 6.86 74.24
C VAL I 173 -31.83 5.85 73.91
N ALA I 174 -31.90 4.75 74.66
CA ALA I 174 -32.94 3.79 74.40
C ALA I 174 -34.32 4.43 74.47
N LYS I 175 -34.52 5.36 75.42
CA LYS I 175 -35.83 5.98 75.54
C LYS I 175 -36.04 7.05 74.48
N ILE I 176 -34.99 7.77 74.12
CA ILE I 176 -35.10 8.75 73.03
C ILE I 176 -35.57 8.08 71.75
N GLU I 177 -34.87 7.01 71.35
CA GLU I 177 -35.15 6.31 70.10
C GLU I 177 -36.36 5.39 70.17
N TYR I 178 -36.87 5.11 71.37
CA TYR I 178 -38.09 4.31 71.49
C TYR I 178 -39.31 5.16 71.27
N GLU I 179 -39.29 6.41 71.76
CA GLU I 179 -40.42 7.30 71.52
C GLU I 179 -40.43 7.78 70.08
N MET I 180 -39.28 7.80 69.42
CA MET I 180 -39.26 8.22 68.03
C MET I 180 -39.99 7.21 67.15
N LYS I 181 -39.56 5.95 67.17
CA LYS I 181 -40.22 4.96 66.33
C LYS I 181 -41.72 4.86 66.65
N ARG I 182 -42.07 4.90 67.94
CA ARG I 182 -43.48 4.98 68.30
C ARG I 182 -44.18 6.15 67.62
N MET I 183 -43.41 7.18 67.22
CA MET I 183 -43.91 8.34 66.51
C MET I 183 -43.75 8.21 64.99
N GLY I 184 -43.55 7.00 64.48
CA GLY I 184 -43.41 6.81 63.05
C GLY I 184 -42.07 7.16 62.46
N VAL I 185 -41.05 7.38 63.29
CA VAL I 185 -39.72 7.71 62.77
C VAL I 185 -38.92 6.43 62.58
N PRO I 186 -38.35 6.22 61.40
CA PRO I 186 -37.56 5.00 61.17
C PRO I 186 -36.29 4.94 61.98
N GLN I 187 -35.38 5.88 61.70
CA GLN I 187 -34.02 5.77 62.17
C GLN I 187 -33.51 7.15 62.54
N MET I 188 -32.45 7.17 63.33
CA MET I 188 -31.73 8.40 63.61
C MET I 188 -30.73 8.67 62.50
N SER I 189 -30.63 9.93 62.10
CA SER I 189 -29.64 10.30 61.10
C SER I 189 -28.27 9.78 61.49
N PHE I 190 -28.02 9.58 62.79
CA PHE I 190 -26.73 9.10 63.25
C PHE I 190 -26.86 8.60 64.69
N ASP I 191 -25.80 7.93 65.15
CA ASP I 191 -25.83 7.23 66.42
C ASP I 191 -25.92 8.24 67.57
N THR I 192 -26.97 8.11 68.39
CA THR I 192 -27.25 9.10 69.40
C THR I 192 -26.12 9.20 70.43
N LEU I 193 -25.78 10.42 70.79
CA LEU I 193 -24.71 10.72 71.74
C LEU I 193 -25.33 11.36 72.98
N VAL I 194 -25.15 10.71 74.13
CA VAL I 194 -25.39 11.30 75.44
C VAL I 194 -24.09 11.20 76.20
N LEU I 195 -23.51 12.35 76.53
CA LEU I 195 -22.23 12.40 77.22
C LEU I 195 -22.42 13.15 78.53
N SER I 196 -22.04 12.53 79.64
CA SER I 196 -22.15 13.18 80.94
C SER I 196 -20.83 13.84 81.33
N GLY I 197 -20.95 15.06 81.86
CA GLY I 197 -19.90 15.70 82.62
C GLY I 197 -18.65 15.94 81.81
N ALA I 198 -17.58 15.28 82.23
CA ALA I 198 -16.26 15.48 81.63
C ALA I 198 -16.11 14.71 80.33
N ARG I 199 -16.71 13.52 80.24
CA ARG I 199 -16.68 12.76 78.99
C ARG I 199 -17.18 13.60 77.83
N ALA I 200 -17.91 14.69 78.12
CA ALA I 200 -18.38 15.75 77.23
C ALA I 200 -17.25 16.50 76.60
N ALA I 201 -16.03 16.00 76.77
CA ALA I 201 -14.85 16.54 76.11
C ALA I 201 -14.15 15.54 75.19
N ASN I 202 -14.29 14.24 75.44
CA ASN I 202 -13.83 13.15 74.59
C ASN I 202 -14.56 13.24 73.25
N PRO I 203 -14.00 13.90 72.24
CA PRO I 203 -14.76 14.16 71.00
C PRO I 203 -15.42 12.93 70.40
N HIS I 204 -14.82 11.75 70.56
CA HIS I 204 -15.32 10.50 69.99
C HIS I 204 -15.53 9.44 71.07
N GLY I 205 -16.07 9.88 72.22
CA GLY I 205 -16.71 8.96 73.12
C GLY I 205 -18.08 8.53 72.62
N ALA I 206 -18.50 7.34 73.06
CA ALA I 206 -19.81 6.84 72.70
C ALA I 206 -20.68 6.69 73.94
N PRO I 207 -21.98 6.42 73.78
CA PRO I 207 -22.85 6.29 74.96
C PRO I 207 -22.56 5.04 75.77
N GLU I 208 -22.06 5.22 76.99
CA GLU I 208 -21.74 4.12 77.88
C GLU I 208 -22.78 4.03 78.99
N ASN I 209 -22.79 2.86 79.66
CA ASN I 209 -23.82 2.47 80.62
C ASN I 209 -23.58 3.04 82.02
N VAL I 210 -23.26 4.33 82.09
CA VAL I 210 -22.83 5.00 83.30
C VAL I 210 -24.02 5.74 83.90
N GLU I 211 -24.03 5.89 85.22
CA GLU I 211 -24.98 6.79 85.86
C GLU I 211 -24.55 8.22 85.57
N ILE I 212 -25.42 8.99 84.91
CA ILE I 212 -25.05 10.35 84.55
C ILE I 212 -24.50 11.06 85.77
N GLN I 213 -23.46 11.86 85.57
CA GLN I 213 -22.78 12.49 86.70
C GLN I 213 -23.58 13.69 87.21
N GLU I 214 -23.45 13.93 88.51
CA GLU I 214 -24.28 14.91 89.21
C GLU I 214 -23.62 16.28 89.25
N ASN I 215 -24.42 17.33 89.00
CA ASN I 215 -23.95 18.71 88.91
C ASN I 215 -23.00 18.92 87.72
N LYS I 216 -22.72 17.85 86.97
CA LYS I 216 -21.95 17.94 85.74
C LYS I 216 -22.86 18.37 84.58
N LEU I 217 -22.24 18.66 83.46
CA LEU I 217 -23.01 18.92 82.26
C LEU I 217 -23.42 17.60 81.60
N LEU I 218 -24.58 17.62 80.96
CA LEU I 218 -25.04 16.54 80.10
C LEU I 218 -25.36 17.15 78.74
N LEU I 219 -24.76 16.61 77.68
CA LEU I 219 -24.96 17.14 76.34
C LEU I 219 -25.42 16.04 75.40
N PHE I 220 -26.36 16.41 74.53
CA PHE I 220 -27.03 15.50 73.62
C PHE I 220 -26.73 15.94 72.19
N ASP I 221 -26.50 14.97 71.31
CA ASP I 221 -26.37 15.23 69.88
C ASP I 221 -27.08 14.09 69.15
N LEU I 222 -28.22 14.40 68.53
CA LEU I 222 -29.09 13.37 67.96
C LEU I 222 -29.66 13.86 66.64
N GLY I 223 -30.39 12.98 65.98
CA GLY I 223 -31.03 13.30 64.73
C GLY I 223 -31.94 12.17 64.30
N VAL I 224 -32.82 12.49 63.37
CA VAL I 224 -33.80 11.53 62.88
C VAL I 224 -33.84 11.64 61.36
N MET I 225 -34.02 10.52 60.70
CA MET I 225 -34.35 10.52 59.29
C MET I 225 -35.86 10.59 59.16
N SER I 226 -36.34 11.55 58.38
CA SER I 226 -37.75 11.63 58.05
C SER I 226 -37.87 12.01 56.59
N GLY I 227 -38.97 11.58 55.96
CA GLY I 227 -39.18 11.85 54.56
C GLY I 227 -37.96 11.77 53.66
N GLY I 228 -36.88 11.18 54.13
CA GLY I 228 -35.66 11.08 53.35
C GLY I 228 -34.56 12.07 53.68
N TYR I 229 -34.68 12.84 54.76
CA TYR I 229 -33.70 13.85 55.11
C TYR I 229 -33.35 13.73 56.58
N ALA I 230 -32.35 14.52 56.99
CA ALA I 230 -31.71 14.35 58.29
C ALA I 230 -31.95 15.54 59.21
N SER I 231 -32.09 15.25 60.51
CA SER I 231 -31.91 16.22 61.56
C SER I 231 -30.46 16.19 62.01
N ASP I 232 -30.05 17.27 62.67
CA ASP I 232 -28.78 17.22 63.39
C ASP I 232 -28.70 18.40 64.36
N ALA I 233 -28.88 18.12 65.65
CA ALA I 233 -28.78 19.14 66.69
C ALA I 233 -27.93 18.62 67.83
N THR I 234 -27.30 19.54 68.54
CA THR I 234 -26.54 19.25 69.75
C THR I 234 -26.94 20.25 70.81
N ARG I 235 -27.32 19.77 71.97
CA ARG I 235 -27.74 20.63 73.06
C ARG I 235 -27.02 20.18 74.32
N THR I 236 -26.81 21.14 75.22
CA THR I 236 -26.11 20.89 76.47
C THR I 236 -26.99 21.40 77.60
N ILE I 237 -27.37 20.49 78.51
CA ILE I 237 -28.07 20.84 79.74
C ILE I 237 -27.20 20.48 80.93
N ALA I 238 -27.52 21.08 82.08
CA ALA I 238 -26.84 20.84 83.34
C ALA I 238 -27.73 20.00 84.25
N ILE I 239 -27.19 18.87 84.74
CA ILE I 239 -27.87 17.98 85.69
C ILE I 239 -27.61 18.47 87.11
N GLY I 240 -28.44 19.38 87.59
CA GLY I 240 -28.15 20.10 88.81
C GLY I 240 -27.50 21.44 88.52
N GLN I 241 -27.43 22.27 89.57
CA GLN I 241 -26.81 23.59 89.44
C GLN I 241 -25.34 23.43 89.14
N PRO I 242 -24.83 24.01 88.05
CA PRO I 242 -23.43 23.80 87.67
C PRO I 242 -22.52 24.86 88.25
N ASN I 243 -21.28 24.44 88.53
CA ASN I 243 -20.30 25.37 89.10
C ASN I 243 -20.09 26.53 88.14
N ASP I 244 -19.99 27.74 88.71
CA ASP I 244 -19.93 28.96 87.92
C ASP I 244 -18.99 28.83 86.72
N PHE I 245 -18.14 27.79 86.68
CA PHE I 245 -17.20 27.64 85.56
C PHE I 245 -17.86 27.08 84.31
N ASP I 246 -18.15 25.77 84.32
CA ASP I 246 -18.72 25.14 83.12
C ASP I 246 -19.86 25.99 82.57
N ALA I 247 -20.61 26.65 83.45
CA ALA I 247 -21.70 27.52 83.01
C ALA I 247 -21.21 28.60 82.04
N GLU I 248 -19.98 29.10 82.23
CA GLU I 248 -19.50 30.16 81.35
C GLU I 248 -18.97 29.63 80.02
N ILE I 249 -18.28 28.49 80.04
CA ILE I 249 -17.93 27.76 78.83
C ILE I 249 -19.18 27.74 77.97
N HIS I 250 -20.28 27.23 78.54
CA HIS I 250 -21.59 27.26 77.89
C HIS I 250 -22.00 28.69 77.50
N LYS I 251 -21.64 29.69 78.30
CA LYS I 251 -22.08 31.06 77.99
C LYS I 251 -21.47 31.56 76.69
N ILE I 252 -20.20 31.25 76.44
CA ILE I 252 -19.56 31.70 75.20
C ILE I 252 -19.63 30.67 74.08
N VAL I 253 -19.98 29.42 74.39
CA VAL I 253 -20.41 28.52 73.32
C VAL I 253 -21.82 28.90 72.85
N LYS I 254 -22.67 29.36 73.78
CA LYS I 254 -24.06 29.64 73.42
C LYS I 254 -24.19 30.91 72.58
N GLU I 255 -23.50 31.98 72.99
CA GLU I 255 -23.58 33.23 72.25
C GLU I 255 -22.53 33.35 71.15
N ALA I 256 -21.64 32.36 71.03
CA ALA I 256 -20.84 32.21 69.82
C ALA I 256 -21.67 31.60 68.70
N GLN I 257 -22.26 30.43 68.98
CA GLN I 257 -23.16 29.80 68.02
C GLN I 257 -24.18 30.81 67.51
N GLN I 258 -24.89 31.49 68.42
CA GLN I 258 -26.03 32.31 68.02
C GLN I 258 -25.58 33.57 67.30
N ALA I 259 -24.61 34.27 67.86
CA ALA I 259 -24.01 35.37 67.14
C ALA I 259 -23.59 34.94 65.74
N ALA I 260 -23.08 33.72 65.60
CA ALA I 260 -22.66 33.23 64.28
C ALA I 260 -23.83 33.12 63.31
N MET I 261 -25.06 33.00 63.81
CA MET I 261 -26.20 32.85 62.93
C MET I 261 -26.87 34.17 62.60
N ASP I 262 -26.81 35.14 63.50
CA ASP I 262 -27.31 36.47 63.21
C ASP I 262 -26.53 37.14 62.08
N PHE I 263 -25.43 36.56 61.64
CA PHE I 263 -24.61 37.10 60.56
C PHE I 263 -24.82 36.40 59.23
N ILE I 264 -25.25 35.13 59.25
CA ILE I 264 -25.39 34.37 58.01
C ILE I 264 -26.46 35.00 57.13
N LYS I 265 -26.08 35.28 55.89
CA LYS I 265 -27.04 35.53 54.82
C LYS I 265 -26.32 35.37 53.49
N PRO I 266 -27.04 35.36 52.38
CA PRO I 266 -26.39 35.22 51.08
C PRO I 266 -25.37 36.34 50.88
N GLY I 267 -24.14 35.96 50.50
CA GLY I 267 -23.08 36.91 50.22
C GLY I 267 -21.81 36.73 51.02
N VAL I 268 -21.88 36.02 52.15
CA VAL I 268 -20.72 35.79 53.02
C VAL I 268 -20.04 34.49 52.58
N THR I 269 -18.85 34.23 53.10
CA THR I 269 -18.11 33.02 52.75
C THR I 269 -18.07 32.05 53.91
N ALA I 270 -17.90 30.77 53.57
CA ALA I 270 -17.71 29.75 54.59
C ALA I 270 -16.63 30.17 55.59
N HIS I 271 -15.67 30.99 55.16
CA HIS I 271 -14.69 31.50 56.11
C HIS I 271 -15.30 32.56 57.02
N GLU I 272 -16.08 33.48 56.44
CA GLU I 272 -16.45 34.69 57.17
C GLU I 272 -17.34 34.38 58.37
N VAL I 273 -18.38 33.56 58.19
CA VAL I 273 -19.25 33.28 59.34
C VAL I 273 -18.65 32.22 60.25
N ASP I 274 -17.90 31.25 59.70
CA ASP I 274 -17.13 30.34 60.56
C ASP I 274 -16.24 31.12 61.50
N ALA I 275 -15.54 32.12 60.97
CA ALA I 275 -14.60 32.87 61.79
C ALA I 275 -15.31 33.54 62.97
N VAL I 276 -16.50 34.09 62.75
CA VAL I 276 -17.11 34.95 63.77
C VAL I 276 -17.41 34.19 65.06
N ALA I 277 -17.57 32.86 64.99
CA ALA I 277 -17.60 32.07 66.22
C ALA I 277 -16.18 31.80 66.72
N ARG I 278 -15.25 31.50 65.79
CA ARG I 278 -13.87 31.19 66.16
C ARG I 278 -13.15 32.37 66.78
N ASP I 279 -13.56 33.59 66.41
CA ASP I 279 -12.94 34.78 66.99
C ASP I 279 -13.35 34.95 68.44
N LEU I 280 -14.65 34.97 68.69
CA LEU I 280 -15.19 35.15 70.03
C LEU I 280 -14.88 33.99 70.96
N ILE I 281 -14.10 33.00 70.53
CA ILE I 281 -13.91 31.79 71.32
C ILE I 281 -12.53 31.74 72.00
N THR I 282 -11.52 32.42 71.43
CA THR I 282 -10.30 32.70 72.18
C THR I 282 -10.01 34.18 72.37
N LYS I 283 -10.80 35.09 71.82
CA LYS I 283 -10.87 36.41 72.44
C LYS I 283 -11.35 36.29 73.89
N ALA I 284 -12.06 35.20 74.21
CA ALA I 284 -12.38 34.80 75.57
C ALA I 284 -11.38 33.82 76.16
N GLY I 285 -10.69 33.03 75.33
CA GLY I 285 -9.53 32.28 75.78
C GLY I 285 -9.51 30.77 75.64
N TYR I 286 -10.41 30.18 74.83
CA TYR I 286 -10.59 28.73 74.85
C TYR I 286 -10.52 28.07 73.48
N GLY I 287 -10.59 28.83 72.39
CA GLY I 287 -10.30 28.30 71.07
C GLY I 287 -9.06 27.43 71.04
N GLU I 288 -8.22 27.52 72.07
CA GLU I 288 -7.22 26.51 72.38
C GLU I 288 -7.83 25.13 72.19
N TYR I 289 -9.08 24.99 72.66
CA TYR I 289 -9.78 23.73 72.68
C TYR I 289 -10.90 23.63 71.65
N PHE I 290 -11.29 24.76 71.03
CA PHE I 290 -12.19 24.73 69.87
C PHE I 290 -11.52 23.93 68.77
N ASN I 291 -12.03 22.73 68.51
CA ASN I 291 -11.26 21.75 67.76
C ASN I 291 -11.61 21.70 66.29
N HIS I 292 -12.81 21.21 65.95
CA HIS I 292 -13.11 20.83 64.58
C HIS I 292 -13.98 21.88 63.89
N SER I 293 -14.56 21.50 62.75
CA SER I 293 -15.72 22.10 62.12
C SER I 293 -16.35 23.25 62.89
N LEU I 294 -16.79 24.29 62.17
CA LEU I 294 -17.90 25.09 62.69
C LEU I 294 -19.24 24.46 62.33
N GLY I 295 -19.36 23.97 61.09
CA GLY I 295 -20.56 23.27 60.65
C GLY I 295 -20.32 22.52 59.35
N HIS I 296 -21.34 21.78 58.94
CA HIS I 296 -21.27 20.91 57.77
C HIS I 296 -22.60 20.95 57.03
N GLY I 297 -22.54 20.93 55.70
CA GLY I 297 -23.74 20.77 54.91
C GLY I 297 -24.54 19.58 55.38
N ILE I 298 -25.84 19.59 55.09
CA ILE I 298 -26.75 18.52 55.46
C ILE I 298 -27.85 18.46 54.41
N GLY I 299 -28.30 17.24 54.12
CA GLY I 299 -29.34 17.02 53.14
C GLY I 299 -30.11 15.75 53.44
N MET I 300 -30.13 14.81 52.52
CA MET I 300 -30.62 13.49 52.86
C MET I 300 -29.51 12.57 53.32
N ASP I 301 -28.27 13.04 53.25
CA ASP I 301 -27.18 12.50 54.05
C ASP I 301 -26.90 13.49 55.16
N VAL I 302 -26.40 12.98 56.28
CA VAL I 302 -26.20 13.86 57.43
C VAL I 302 -24.99 14.76 57.23
N HIS I 303 -23.94 14.28 56.56
CA HIS I 303 -22.75 15.08 56.27
C HIS I 303 -22.54 15.14 54.76
N GLU I 304 -22.89 16.27 54.18
CA GLU I 304 -22.61 16.53 52.77
C GLU I 304 -21.95 17.90 52.67
N TYR I 305 -22.24 18.64 51.61
CA TYR I 305 -21.74 19.99 51.49
C TYR I 305 -22.87 20.97 51.69
N PRO I 306 -22.55 22.24 51.95
CA PRO I 306 -21.16 22.74 52.03
C PRO I 306 -20.50 22.51 53.39
N SER I 307 -19.17 22.55 53.41
CA SER I 307 -18.41 22.44 54.65
C SER I 307 -17.99 23.83 55.11
N ILE I 308 -18.07 24.08 56.41
CA ILE I 308 -17.76 25.40 56.97
C ILE I 308 -16.37 25.32 57.61
N VAL I 309 -15.37 25.84 56.90
CA VAL I 309 -13.98 25.89 57.33
C VAL I 309 -13.46 27.31 57.14
N ALA I 310 -12.47 27.67 57.95
CA ALA I 310 -11.88 28.99 57.85
C ALA I 310 -11.02 29.12 56.58
N GLY I 311 -10.39 28.04 56.14
CA GLY I 311 -9.62 28.07 54.91
C GLY I 311 -10.44 28.13 53.63
N ASN I 312 -11.76 28.13 53.75
CA ASN I 312 -12.66 28.02 52.60
C ASN I 312 -13.26 29.38 52.28
N ASP I 313 -13.24 29.74 50.99
CA ASP I 313 -13.76 31.04 50.53
C ASP I 313 -15.08 30.93 49.77
N LEU I 314 -15.66 29.73 49.62
CA LEU I 314 -16.99 29.53 49.05
C LEU I 314 -17.99 30.55 49.59
N VAL I 315 -18.85 31.07 48.71
CA VAL I 315 -19.79 32.13 49.09
C VAL I 315 -21.12 31.52 49.44
N ILE I 316 -21.71 31.99 50.56
CA ILE I 316 -23.02 31.54 50.97
C ILE I 316 -24.05 31.97 49.95
N GLN I 317 -24.88 31.02 49.53
CA GLN I 317 -25.93 31.22 48.56
C GLN I 317 -27.25 30.72 49.14
N GLU I 318 -28.31 31.51 49.00
CA GLU I 318 -29.60 31.10 49.51
C GLU I 318 -29.94 29.70 49.03
N GLY I 319 -30.24 28.79 49.96
CA GLY I 319 -30.64 27.44 49.63
C GLY I 319 -29.65 26.35 50.01
N MET I 320 -28.43 26.70 50.43
CA MET I 320 -27.56 25.69 51.03
C MET I 320 -27.95 25.48 52.49
N CYS I 321 -27.64 24.29 53.00
CA CYS I 321 -27.94 23.92 54.38
C CYS I 321 -26.70 23.33 55.02
N PHE I 322 -26.41 23.77 56.25
CA PHE I 322 -25.26 23.27 57.00
C PHE I 322 -25.54 23.44 58.49
N SER I 323 -24.55 23.11 59.30
CA SER I 323 -24.65 23.16 60.75
C SER I 323 -23.91 24.40 61.30
N ASN I 324 -24.15 24.70 62.59
CA ASN I 324 -23.62 25.87 63.29
C ASN I 324 -23.30 25.41 64.72
N GLU I 325 -22.17 24.75 64.89
CA GLU I 325 -21.85 24.08 66.14
C GLU I 325 -20.48 24.48 66.66
N PRO I 326 -20.36 25.68 67.24
CA PRO I 326 -19.16 25.97 68.04
C PRO I 326 -19.11 25.00 69.23
N GLY I 327 -18.02 25.06 69.98
CA GLY I 327 -17.88 24.20 71.13
C GLY I 327 -16.48 24.18 71.69
N ILE I 328 -16.34 23.93 72.99
CA ILE I 328 -15.06 23.89 73.68
C ILE I 328 -14.99 22.58 74.44
N TYR I 329 -13.88 21.85 74.30
CA TYR I 329 -13.76 20.51 74.88
C TYR I 329 -12.43 20.40 75.63
N ILE I 330 -12.49 20.25 76.96
CA ILE I 330 -11.33 20.11 77.83
C ILE I 330 -11.26 18.69 78.40
N PRO I 331 -10.87 17.64 77.61
CA PRO I 331 -11.14 16.25 78.01
C PRO I 331 -10.96 15.96 79.49
N GLY I 332 -12.02 15.44 80.11
CA GLY I 332 -12.00 15.13 81.53
C GLY I 332 -12.09 16.33 82.45
N LYS I 333 -13.04 17.22 82.22
CA LYS I 333 -13.27 18.33 83.15
C LYS I 333 -14.42 19.24 82.72
N VAL I 334 -14.78 19.25 81.44
CA VAL I 334 -15.84 20.10 80.91
C VAL I 334 -16.18 19.63 79.48
N GLY I 335 -17.18 20.25 78.85
CA GLY I 335 -17.57 19.88 77.48
C GLY I 335 -18.90 20.42 76.97
N VAL I 336 -18.87 21.41 76.08
CA VAL I 336 -20.03 22.15 75.62
C VAL I 336 -20.08 22.12 74.09
N ARG I 337 -21.22 21.70 73.53
CA ARG I 337 -21.45 21.80 72.09
C ARG I 337 -22.90 22.19 71.82
N ILE I 338 -23.11 23.36 71.21
CA ILE I 338 -24.43 23.84 70.82
C ILE I 338 -24.54 23.77 69.30
N GLU I 339 -25.30 22.78 68.82
CA GLU I 339 -25.43 22.50 67.39
C GLU I 339 -26.86 22.70 66.93
N ASP I 340 -27.04 23.54 65.90
CA ASP I 340 -28.24 23.58 65.10
C ASP I 340 -27.85 23.41 63.63
N CYS I 341 -28.85 23.17 62.79
CA CYS I 341 -28.70 23.25 61.35
C CYS I 341 -29.59 24.36 60.83
N LEU I 342 -29.28 24.82 59.62
CA LEU I 342 -29.96 26.01 59.12
C LEU I 342 -30.11 25.96 57.60
N TYR I 343 -31.09 26.70 57.11
CA TYR I 343 -31.22 27.03 55.70
C TYR I 343 -31.08 28.54 55.54
N VAL I 344 -30.38 28.95 54.48
CA VAL I 344 -30.10 30.35 54.24
C VAL I 344 -31.30 31.00 53.56
N THR I 345 -31.66 32.20 54.02
CA THR I 345 -32.77 32.98 53.49
C THR I 345 -32.39 33.59 52.13
N GLU I 346 -33.27 34.45 51.62
CA GLU I 346 -32.86 35.47 50.66
C GLU I 346 -32.16 36.63 51.35
N ASN I 347 -32.18 36.65 52.70
CA ASN I 347 -31.79 37.81 53.49
C ASN I 347 -31.10 37.43 54.80
N GLY I 348 -30.96 36.14 55.10
CA GLY I 348 -30.41 35.70 56.36
C GLY I 348 -30.45 34.20 56.49
N CYS I 349 -31.14 33.71 57.52
CA CYS I 349 -31.20 32.28 57.81
C CYS I 349 -32.24 32.03 58.89
N GLU I 350 -32.70 30.78 58.96
CA GLU I 350 -33.48 30.31 60.10
C GLU I 350 -33.07 28.86 60.37
N SER I 351 -33.30 28.43 61.61
CA SER I 351 -32.82 27.15 62.12
C SER I 351 -33.85 26.03 61.94
N PHE I 352 -33.34 24.82 61.71
CA PHE I 352 -34.18 23.62 61.57
C PHE I 352 -34.60 23.03 62.90
N THR I 353 -33.84 23.31 63.95
CA THR I 353 -34.21 22.99 65.33
C THR I 353 -34.48 24.28 66.07
N HIS I 354 -35.32 24.21 67.11
CA HIS I 354 -35.72 25.38 67.87
C HIS I 354 -35.62 25.17 69.38
N THR I 355 -35.10 24.04 69.84
CA THR I 355 -35.00 23.82 71.29
C THR I 355 -34.05 24.85 71.90
N ASP I 356 -34.34 25.23 73.15
CA ASP I 356 -33.75 26.44 73.73
C ASP I 356 -32.23 26.30 73.85
N HIS I 357 -31.52 27.37 73.51
CA HIS I 357 -30.07 27.30 73.52
C HIS I 357 -29.51 27.47 74.93
N ASP I 358 -30.10 28.39 75.70
CA ASP I 358 -29.70 28.67 77.08
C ASP I 358 -29.38 27.38 77.84
N LEU I 359 -28.61 27.49 78.92
CA LEU I 359 -28.18 26.33 79.68
C LEU I 359 -29.22 26.03 80.75
N LEU I 360 -29.99 24.98 80.53
CA LEU I 360 -31.00 24.58 81.49
C LEU I 360 -30.43 23.58 82.49
N ILE I 361 -31.10 23.48 83.63
CA ILE I 361 -30.74 22.55 84.68
C ILE I 361 -31.95 21.69 84.99
N PHE I 362 -31.70 20.40 85.17
CA PHE I 362 -32.76 19.39 85.27
C PHE I 362 -32.59 18.51 86.51
N MET J 1 -18.60 27.83 17.95
CA MET J 1 -18.28 28.13 19.35
C MET J 1 -17.13 29.14 19.44
N SER J 2 -17.46 30.44 19.46
CA SER J 2 -16.42 31.46 19.56
C SER J 2 -15.65 31.32 20.86
N LYS J 3 -14.35 31.68 20.81
CA LYS J 3 -13.51 31.52 21.99
C LYS J 3 -13.90 32.51 23.07
N ILE J 4 -14.11 33.78 22.72
CA ILE J 4 -14.51 34.72 23.77
C ILE J 4 -15.87 34.35 24.35
N GLU J 5 -16.83 33.95 23.51
CA GLU J 5 -18.17 33.76 24.06
C GLU J 5 -18.31 32.44 24.80
N ARG J 6 -17.58 31.39 24.37
CA ARG J 6 -17.47 30.19 25.20
C ARG J 6 -17.09 30.57 26.62
N ILE J 7 -16.09 31.44 26.76
CA ILE J 7 -15.66 31.94 28.06
C ILE J 7 -16.82 32.60 28.81
N SER J 8 -17.77 33.17 28.08
CA SER J 8 -18.90 33.78 28.77
C SER J 8 -20.05 32.80 28.96
N ALA J 9 -20.28 31.89 27.99
CA ALA J 9 -21.13 30.74 28.27
C ALA J 9 -20.76 30.15 29.61
N PHE J 10 -19.46 29.96 29.84
CA PHE J 10 -18.96 29.58 31.16
C PHE J 10 -19.37 30.58 32.22
N LEU J 11 -19.24 31.87 31.92
CA LEU J 11 -19.51 32.86 32.95
C LEU J 11 -20.97 32.89 33.34
N ASN J 12 -21.86 32.32 32.54
CA ASN J 12 -23.27 32.35 32.89
C ASN J 12 -23.60 31.30 33.95
N ASP J 13 -23.18 30.06 33.75
CA ASP J 13 -23.02 29.19 34.92
C ASP J 13 -22.10 29.88 35.89
N LYS J 14 -22.05 29.36 37.12
CA LYS J 14 -21.08 29.90 38.06
C LYS J 14 -21.45 31.32 38.50
N GLU J 15 -22.34 31.98 37.75
CA GLU J 15 -22.81 33.32 38.07
C GLU J 15 -21.64 34.18 38.54
N VAL J 16 -20.56 34.15 37.75
CA VAL J 16 -19.38 34.97 37.98
C VAL J 16 -19.43 36.17 37.04
N ASP J 17 -19.10 37.35 37.59
CA ASP J 17 -19.35 38.61 36.89
C ASP J 17 -18.37 38.85 35.73
N MET J 18 -17.07 38.62 35.94
CA MET J 18 -16.06 38.99 34.95
C MET J 18 -14.83 38.11 35.11
N THR J 19 -13.98 38.13 34.09
CA THR J 19 -12.64 37.57 34.16
C THR J 19 -11.63 38.69 34.35
N PHE J 20 -10.43 38.28 34.81
CA PHE J 20 -9.16 39.01 34.65
C PHE J 20 -8.13 37.98 34.23
N ILE J 21 -8.15 37.63 32.94
CA ILE J 21 -7.14 36.75 32.36
C ILE J 21 -5.84 37.50 32.23
N THR J 22 -4.75 36.91 32.78
CA THR J 22 -3.45 37.58 32.90
C THR J 22 -2.30 36.88 32.22
N ASN J 23 -2.41 35.58 31.95
CA ASN J 23 -1.32 34.87 31.33
C ASN J 23 -1.07 35.41 29.93
N PRO J 24 0.16 35.83 29.61
CA PRO J 24 0.41 36.35 28.25
C PRO J 24 0.08 35.36 27.16
N THR J 25 0.37 34.07 27.35
CA THR J 25 0.06 33.16 26.25
C THR J 25 -1.44 32.90 26.16
N THR J 26 -2.15 32.84 27.28
CA THR J 26 -3.59 32.77 27.18
C THR J 26 -4.13 33.99 26.46
N LEU J 27 -3.56 35.16 26.75
CA LEU J 27 -3.96 36.39 26.04
C LEU J 27 -3.81 36.23 24.53
N ASN J 28 -2.74 35.58 24.10
CA ASN J 28 -2.52 35.36 22.68
C ASN J 28 -3.62 34.46 22.10
N TYR J 29 -3.80 33.29 22.69
CA TYR J 29 -4.80 32.32 22.24
C TYR J 29 -6.11 33.05 22.02
N LEU J 30 -6.43 33.97 22.92
CA LEU J 30 -7.75 34.56 23.00
C LEU J 30 -7.92 35.81 22.15
N THR J 31 -6.92 36.66 22.07
CA THR J 31 -7.10 37.91 21.34
C THR J 31 -6.35 37.99 20.03
N GLY J 32 -5.32 37.16 19.85
CA GLY J 32 -4.45 37.26 18.68
C GLY J 32 -3.31 38.24 18.84
N LEU J 33 -3.25 38.95 19.98
CA LEU J 33 -2.20 39.89 20.27
C LEU J 33 -1.13 39.26 21.17
N ALA J 34 0.14 39.46 20.79
CA ALA J 34 1.25 38.89 21.55
C ALA J 34 1.76 39.87 22.61
N ILE J 35 0.88 40.17 23.55
CA ILE J 35 1.20 41.12 24.62
C ILE J 35 1.89 40.40 25.76
N ASP J 36 2.89 41.08 26.34
CA ASP J 36 3.47 40.68 27.61
C ASP J 36 3.91 41.92 28.36
N PRO J 37 3.20 42.30 29.43
CA PRO J 37 3.55 43.52 30.18
C PRO J 37 4.76 43.38 31.10
N HIS J 38 5.27 42.17 31.29
CA HIS J 38 6.39 41.95 32.20
C HIS J 38 6.00 42.34 33.62
N GLU J 39 6.54 43.45 34.13
CA GLU J 39 6.20 43.87 35.48
C GLU J 39 4.90 44.67 35.53
N ARG J 40 4.38 45.13 34.39
CA ARG J 40 3.18 45.94 34.38
C ARG J 40 1.91 45.11 34.25
N ILE J 41 0.77 45.72 34.60
CA ILE J 41 -0.49 45.01 34.65
C ILE J 41 -1.12 44.97 33.27
N ALA J 42 -1.70 43.81 32.93
CA ALA J 42 -2.53 43.64 31.76
C ALA J 42 -3.53 42.52 32.03
N GLY J 43 -4.77 42.72 31.56
CA GLY J 43 -5.79 41.69 31.67
C GLY J 43 -6.94 41.79 30.69
N LEU J 44 -7.39 40.64 30.18
CA LEU J 44 -8.62 40.55 29.39
C LEU J 44 -9.81 40.29 30.31
N MET J 45 -10.80 41.20 30.29
CA MET J 45 -12.01 41.13 31.13
C MET J 45 -13.23 40.80 30.28
N ILE J 46 -13.59 39.52 30.22
CA ILE J 46 -14.82 39.11 29.56
C ILE J 46 -15.98 39.23 30.54
N PHE J 47 -17.18 39.47 30.02
CA PHE J 47 -18.35 39.65 30.89
C PHE J 47 -19.50 38.76 30.45
N ARG J 48 -20.52 38.66 31.32
CA ARG J 48 -21.71 37.89 30.97
C ARG J 48 -22.49 38.57 29.86
N ASP J 49 -22.95 39.79 30.12
CA ASP J 49 -23.53 40.64 29.08
C ASP J 49 -22.83 41.99 29.17
N SER J 50 -21.91 42.23 28.23
CA SER J 50 -21.24 43.51 28.03
C SER J 50 -20.02 43.34 27.15
N THR J 51 -19.65 44.39 26.46
CA THR J 51 -18.47 44.35 25.61
C THR J 51 -17.24 43.94 26.44
N PRO J 52 -16.51 42.91 26.04
CA PRO J 52 -15.24 42.59 26.71
C PRO J 52 -14.31 43.80 26.68
N MET J 53 -13.42 43.87 27.66
CA MET J 53 -12.46 44.95 27.76
C MET J 53 -11.06 44.36 27.93
N LEU J 54 -10.08 45.01 27.30
CA LEU J 54 -8.69 44.62 27.40
C LEU J 54 -7.96 45.72 28.13
N PHE J 55 -7.50 45.44 29.33
CA PHE J 55 -6.69 46.38 30.08
C PHE J 55 -5.20 46.21 29.72
N THR J 56 -4.49 47.33 29.62
CA THR J 56 -3.15 47.35 29.05
C THR J 56 -2.38 48.52 29.61
N PRO J 57 -1.06 48.39 29.73
CA PRO J 57 -0.24 49.59 29.96
C PRO J 57 -0.35 50.60 28.81
N ALA J 58 -0.41 51.88 29.17
CA ALA J 58 -0.64 52.97 28.21
C ALA J 58 0.06 52.77 26.87
N LEU J 59 1.38 52.57 26.91
CA LEU J 59 2.13 52.48 25.66
C LEU J 59 1.70 51.32 24.79
N GLU J 60 0.98 50.34 25.34
CA GLU J 60 0.56 49.18 24.57
C GLU J 60 -0.82 49.33 23.99
N VAL J 61 -1.57 50.35 24.44
CA VAL J 61 -2.94 50.60 23.99
C VAL J 61 -3.01 50.67 22.47
N GLU J 62 -2.06 51.36 21.85
CA GLU J 62 -2.17 51.63 20.42
C GLU J 62 -2.02 50.34 19.62
N LYS J 63 -0.95 49.57 19.85
CA LYS J 63 -0.84 48.30 19.15
C LYS J 63 -1.92 47.33 19.64
N ALA J 64 -2.33 47.43 20.89
CA ALA J 64 -3.44 46.61 21.36
C ALA J 64 -4.67 46.81 20.48
N LYS J 65 -5.00 48.05 20.11
CA LYS J 65 -5.94 48.23 19.01
C LYS J 65 -5.23 47.76 17.75
N GLU J 66 -5.26 48.56 16.70
CA GLU J 66 -4.63 48.15 15.45
C GLU J 66 -4.92 46.68 15.18
N HIS J 67 -4.30 45.78 15.96
CA HIS J 67 -4.61 44.35 16.00
C HIS J 67 -5.86 44.14 16.83
N THR J 68 -6.90 44.92 16.51
CA THR J 68 -8.00 45.19 17.41
C THR J 68 -8.59 43.89 17.90
N SER J 69 -9.42 43.29 17.03
CA SER J 69 -10.52 42.40 17.38
C SER J 69 -11.69 43.32 17.67
N GLY J 70 -12.44 43.05 18.73
CA GLY J 70 -13.57 43.88 19.12
C GLY J 70 -13.64 44.02 20.62
N LEU J 71 -12.60 44.63 21.21
CA LEU J 71 -12.46 44.76 22.65
C LEU J 71 -12.26 46.22 23.02
N ASP J 72 -12.89 46.64 24.12
CA ASP J 72 -12.78 48.04 24.56
C ASP J 72 -11.35 48.50 24.41
N ILE J 73 -10.47 48.04 25.31
CA ILE J 73 -9.05 48.43 25.31
C ILE J 73 -8.88 49.82 25.91
N PHE J 74 -8.49 49.85 27.18
CA PHE J 74 -8.14 51.05 27.90
C PHE J 74 -6.86 50.74 28.67
N GLY J 75 -6.18 51.78 29.15
CA GLY J 75 -4.86 51.63 29.71
C GLY J 75 -4.66 52.45 30.97
N TYR J 76 -3.45 52.35 31.52
CA TYR J 76 -3.07 53.08 32.71
C TYR J 76 -1.63 53.53 32.57
N GLU J 77 -1.31 54.68 33.16
CA GLU J 77 0.04 55.20 33.11
C GLU J 77 0.80 54.81 34.38
N ASP J 78 2.12 54.75 34.25
CA ASP J 78 2.95 54.40 35.39
C ASP J 78 2.64 55.29 36.60
N SER J 79 2.25 56.54 36.37
CA SER J 79 1.87 57.41 37.47
C SER J 79 0.54 57.02 38.12
N GLN J 80 -0.26 56.19 37.46
CA GLN J 80 -1.56 55.84 37.99
C GLN J 80 -1.51 54.54 38.79
N ASN J 81 -2.56 54.31 39.57
CA ASN J 81 -2.72 53.03 40.23
C ASN J 81 -3.50 52.13 39.28
N PRO J 82 -2.90 51.07 38.75
CA PRO J 82 -3.59 50.29 37.71
C PRO J 82 -4.93 49.76 38.16
N TRP J 83 -5.01 49.30 39.41
CA TRP J 83 -6.25 48.69 39.86
C TRP J 83 -7.32 49.72 40.03
N GLU J 84 -6.95 51.01 40.07
CA GLU J 84 -7.98 52.03 40.17
C GLU J 84 -8.61 52.25 38.82
N VAL J 85 -7.78 52.33 37.78
CA VAL J 85 -8.27 52.59 36.43
C VAL J 85 -9.29 51.53 36.04
N VAL J 86 -9.06 50.30 36.50
CA VAL J 86 -9.98 49.20 36.22
C VAL J 86 -11.29 49.42 36.94
N LYS J 87 -11.24 49.73 38.24
CA LYS J 87 -12.51 49.90 38.96
C LYS J 87 -13.31 51.06 38.38
N ASN J 88 -12.62 52.08 37.84
CA ASN J 88 -13.30 53.20 37.20
C ASN J 88 -13.92 52.80 35.87
N HIS J 89 -13.18 52.07 35.05
CA HIS J 89 -13.74 51.60 33.80
C HIS J 89 -14.70 50.44 34.02
N VAL J 90 -14.48 49.64 35.06
CA VAL J 90 -15.28 48.45 35.30
C VAL J 90 -16.46 48.82 36.16
N LYS J 91 -17.63 48.64 35.57
CA LYS J 91 -18.69 49.54 35.95
C LYS J 91 -19.88 48.63 36.08
N SER J 92 -19.76 47.69 37.02
CA SER J 92 -20.80 46.79 37.46
C SER J 92 -20.43 46.53 38.90
N ASP J 93 -21.38 46.06 39.73
CA ASP J 93 -21.02 45.88 41.14
C ASP J 93 -19.86 44.89 41.26
N VAL J 94 -20.05 43.66 40.77
CA VAL J 94 -18.96 42.72 40.65
C VAL J 94 -18.48 42.25 42.02
N LYS J 95 -18.67 40.96 42.29
CA LYS J 95 -18.17 40.32 43.50
C LYS J 95 -17.48 38.99 43.18
N SER J 96 -17.56 38.50 41.94
CA SER J 96 -16.92 37.29 41.46
C SER J 96 -15.99 37.64 40.29
N ILE J 97 -14.88 36.89 40.17
CA ILE J 97 -13.89 37.12 39.11
C ILE J 97 -13.20 35.80 38.72
N ALA J 98 -13.42 35.34 37.50
CA ALA J 98 -12.66 34.21 36.96
C ALA J 98 -11.22 34.62 36.64
N VAL J 99 -10.26 33.93 37.26
CA VAL J 99 -8.85 34.14 36.99
C VAL J 99 -8.18 32.78 36.76
N GLU J 100 -6.91 32.84 36.37
CA GLU J 100 -6.11 31.66 36.11
C GLU J 100 -5.24 31.40 37.32
N PHE J 101 -5.67 30.46 38.17
CA PHE J 101 -4.98 30.23 39.43
C PHE J 101 -3.52 29.88 39.20
N SER J 102 -3.24 29.15 38.13
CA SER J 102 -1.88 28.73 37.90
C SER J 102 -0.96 29.88 37.48
N ASP J 103 -1.52 31.05 37.13
CA ASP J 103 -0.71 32.15 36.62
C ASP J 103 -0.74 33.44 37.44
N ILE J 104 -1.84 33.78 38.09
CA ILE J 104 -2.08 35.16 38.50
C ILE J 104 -1.44 35.39 39.86
N PRO J 105 -0.42 36.25 39.95
CA PRO J 105 0.29 36.43 41.22
C PRO J 105 -0.57 37.11 42.26
N LEU J 106 -0.08 37.04 43.50
CA LEU J 106 -0.88 37.47 44.64
C LEU J 106 -0.99 38.99 44.69
N ALA J 107 0.08 39.70 44.32
CA ALA J 107 0.01 41.14 44.16
C ALA J 107 -1.15 41.55 43.27
N LYS J 108 -1.46 40.73 42.27
CA LYS J 108 -2.56 41.03 41.36
C LYS J 108 -3.90 40.67 41.98
N THR J 109 -3.99 39.49 42.61
CA THR J 109 -5.19 39.08 43.32
C THR J 109 -5.56 40.10 44.40
N GLU J 110 -4.58 40.53 45.19
CA GLU J 110 -4.86 41.54 46.19
C GLU J 110 -5.21 42.87 45.54
N GLY J 111 -4.54 43.20 44.44
CA GLY J 111 -4.85 44.44 43.73
C GLY J 111 -6.32 44.59 43.43
N LEU J 112 -6.95 43.51 42.96
CA LEU J 112 -8.37 43.60 42.65
C LEU J 112 -9.20 43.74 43.91
N LYS J 113 -8.87 42.95 44.94
CA LYS J 113 -9.63 43.06 46.19
C LYS J 113 -9.48 44.45 46.78
N ALA J 114 -8.29 45.05 46.64
CA ALA J 114 -8.07 46.37 47.20
C ALA J 114 -9.00 47.41 46.61
N GLN J 115 -9.54 47.17 45.42
CA GLN J 115 -10.44 48.12 44.79
C GLN J 115 -11.86 47.61 44.62
N PHE J 116 -12.10 46.31 44.73
CA PHE J 116 -13.41 45.75 44.41
C PHE J 116 -14.17 45.26 45.63
N GLY J 117 -13.54 45.19 46.80
CA GLY J 117 -14.08 44.50 47.95
C GLY J 117 -13.32 43.22 48.23
N ASP J 118 -13.96 42.34 49.00
CA ASP J 118 -13.40 41.01 49.25
C ASP J 118 -14.13 40.08 48.30
N ILE J 119 -13.58 39.96 47.10
CA ILE J 119 -14.15 39.25 45.95
C ILE J 119 -13.85 37.77 46.06
N ASN J 120 -14.52 36.96 45.23
CA ASN J 120 -14.33 35.51 45.23
C ASN J 120 -13.86 35.04 43.86
N PHE J 121 -12.64 34.47 43.81
CA PHE J 121 -11.99 34.08 42.57
C PHE J 121 -12.38 32.67 42.15
N VAL J 122 -12.82 32.54 40.91
CA VAL J 122 -13.11 31.27 40.26
C VAL J 122 -11.99 30.99 39.27
N ASN J 123 -11.40 29.80 39.36
CA ASN J 123 -10.25 29.47 38.54
C ASN J 123 -10.70 29.13 37.13
N LEU J 124 -10.16 29.85 36.15
CA LEU J 124 -10.52 29.64 34.76
C LEU J 124 -9.59 28.68 34.04
N THR J 125 -8.48 28.28 34.66
CA THR J 125 -7.48 27.51 33.93
C THR J 125 -8.00 26.18 33.42
N PRO J 126 -8.90 25.47 34.11
CA PRO J 126 -9.44 24.24 33.51
C PRO J 126 -10.22 24.50 32.23
N LEU J 127 -10.89 25.66 32.13
CA LEU J 127 -11.58 25.99 30.90
C LEU J 127 -10.56 26.34 29.79
N ILE J 128 -9.61 27.22 30.11
CA ILE J 128 -8.58 27.55 29.11
C ILE J 128 -7.84 26.31 28.66
N GLU J 129 -7.42 25.46 29.61
CA GLU J 129 -6.79 24.19 29.24
C GLU J 129 -7.69 23.44 28.27
N ARG J 130 -8.95 23.24 28.64
CA ARG J 130 -9.88 22.46 27.82
C ARG J 130 -9.96 23.00 26.40
N MET J 131 -10.09 24.33 26.26
CA MET J 131 -10.20 24.90 24.92
C MET J 131 -8.91 24.72 24.13
N ARG J 132 -7.76 24.92 24.79
CA ARG J 132 -6.48 24.67 24.13
C ARG J 132 -6.32 23.22 23.76
N LEU J 133 -6.95 22.31 24.52
CA LEU J 133 -6.64 20.89 24.38
C LEU J 133 -6.86 20.40 22.96
N ILE J 134 -7.79 21.01 22.23
CA ILE J 134 -8.04 20.64 20.84
C ILE J 134 -7.69 21.82 19.95
N LYS J 135 -6.91 21.55 18.92
CA LYS J 135 -6.33 22.61 18.10
C LYS J 135 -7.22 22.87 16.90
N SER J 136 -7.54 24.14 16.68
CA SER J 136 -8.16 24.56 15.43
C SER J 136 -7.29 24.09 14.27
N ALA J 137 -7.94 23.84 13.12
CA ALA J 137 -7.17 23.59 11.91
C ALA J 137 -6.13 24.68 11.69
N ASP J 138 -6.50 25.93 11.95
CA ASP J 138 -5.57 27.04 11.80
C ASP J 138 -4.33 26.84 12.67
N GLU J 139 -4.52 26.49 13.94
CA GLU J 139 -3.38 26.25 14.82
C GLU J 139 -2.49 25.16 14.25
N ILE J 140 -3.10 24.06 13.81
CA ILE J 140 -2.31 22.95 13.28
C ILE J 140 -1.42 23.41 12.16
N GLU J 141 -1.93 24.29 11.29
CA GLU J 141 -1.12 24.72 10.17
C GLU J 141 0.12 25.49 10.63
N LYS J 142 0.01 26.24 11.73
CA LYS J 142 1.19 26.91 12.26
C LYS J 142 2.18 25.88 12.80
N MET J 143 1.69 24.94 13.60
CA MET J 143 2.55 23.90 14.16
C MET J 143 3.29 23.11 13.08
N LYS J 144 2.70 23.03 11.88
CA LYS J 144 3.41 22.43 10.76
C LYS J 144 4.63 23.27 10.39
N VAL J 145 4.48 24.59 10.43
CA VAL J 145 5.60 25.47 10.11
C VAL J 145 6.72 25.28 11.13
N ALA J 146 6.36 25.30 12.40
CA ALA J 146 7.32 24.91 13.43
C ALA J 146 7.96 23.57 13.07
N GLY J 147 7.13 22.58 12.77
CA GLY J 147 7.66 21.27 12.45
C GLY J 147 8.60 21.29 11.26
N ASP J 148 8.22 22.04 10.22
CA ASP J 148 9.11 22.17 9.07
C ASP J 148 10.47 22.70 9.49
N PHE J 149 10.47 23.71 10.37
CA PHE J 149 11.74 24.21 10.87
C PHE J 149 12.47 23.13 11.64
N ALA J 150 11.75 22.40 12.50
CA ALA J 150 12.39 21.31 13.23
C ALA J 150 13.12 20.40 12.26
N ASP J 151 12.44 20.03 11.17
CA ASP J 151 13.07 19.22 10.13
C ASP J 151 14.33 19.89 9.58
N LYS J 152 14.25 21.18 9.24
CA LYS J 152 15.43 21.89 8.76
C LYS J 152 16.58 21.80 9.76
N CYS J 153 16.26 21.94 11.06
CA CYS J 153 17.27 21.90 12.12
C CYS J 153 18.05 20.59 12.12
N PHE J 154 17.37 19.49 11.87
CA PHE J 154 18.03 18.19 11.78
C PHE J 154 19.04 18.17 10.65
N GLU J 155 18.61 18.51 9.44
CA GLU J 155 19.53 18.55 8.31
C GLU J 155 20.79 19.31 8.70
N ILE J 156 20.61 20.56 9.14
CA ILE J 156 21.74 21.40 9.53
C ILE J 156 22.58 20.70 10.59
N GLY J 157 21.92 20.15 11.62
CA GLY J 157 22.58 19.44 12.69
C GLY J 157 23.32 18.19 12.25
N PHE J 158 22.63 17.27 11.57
CA PHE J 158 23.33 16.08 11.05
C PHE J 158 24.49 16.50 10.17
N ALA J 159 24.28 17.52 9.34
CA ALA J 159 25.35 17.98 8.48
C ALA J 159 26.52 18.49 9.31
N THR J 160 26.23 19.36 10.29
CA THR J 160 27.29 19.91 11.10
C THR J 160 28.05 18.84 11.87
N ALA J 161 27.41 17.72 12.15
CA ALA J 161 28.11 16.66 12.84
C ALA J 161 29.10 15.98 11.90
N ALA J 162 28.63 15.62 10.70
CA ALA J 162 29.45 14.85 9.77
C ALA J 162 30.77 15.53 9.46
N GLU J 163 30.78 16.87 9.35
CA GLU J 163 32.04 17.55 9.09
C GLU J 163 33.12 17.20 10.10
N ARG J 164 32.78 16.52 11.18
CA ARG J 164 33.72 16.15 12.23
C ARG J 164 34.76 17.25 12.43
N ASN J 165 36.01 16.84 12.68
CA ASN J 165 37.09 17.80 12.90
C ASN J 165 37.00 18.31 14.32
N GLY J 166 36.67 17.43 15.26
CA GLY J 166 36.54 17.83 16.66
C GLY J 166 35.44 18.83 16.91
N VAL J 167 34.36 18.77 16.14
CA VAL J 167 33.22 19.66 16.37
C VAL J 167 32.60 19.29 17.70
N THR J 168 32.24 20.30 18.50
CA THR J 168 31.63 20.09 19.81
C THR J 168 30.11 20.02 19.69
N GLU J 169 29.48 19.36 20.68
CA GLU J 169 28.03 19.46 20.84
C GLU J 169 27.60 20.91 20.84
N SER J 170 28.21 21.71 21.71
CA SER J 170 28.02 23.14 21.72
C SER J 170 28.16 23.75 20.32
N ASP J 171 29.18 23.31 19.57
CA ASP J 171 29.37 23.82 18.20
C ASP J 171 28.18 23.48 17.31
N ILE J 172 27.56 22.30 17.54
CA ILE J 172 26.43 21.87 16.72
C ILE J 172 25.19 22.65 17.12
N VAL J 173 24.87 22.66 18.41
CA VAL J 173 23.77 23.51 18.89
C VAL J 173 23.89 24.92 18.34
N ALA J 174 25.09 25.48 18.30
CA ALA J 174 25.28 26.85 17.83
C ALA J 174 24.94 26.99 16.35
N LYS J 175 25.41 26.05 15.54
CA LYS J 175 25.13 26.13 14.11
C LYS J 175 23.61 26.06 13.85
N ILE J 176 22.90 25.17 14.55
CA ILE J 176 21.45 25.05 14.37
C ILE J 176 20.76 26.37 14.71
N GLU J 177 20.96 26.85 15.94
CA GLU J 177 20.22 28.03 16.38
C GLU J 177 20.60 29.25 15.58
N TYR J 178 21.82 29.30 15.04
CA TYR J 178 22.22 30.40 14.19
C TYR J 178 21.43 30.40 12.88
N GLU J 179 21.33 29.24 12.22
CA GLU J 179 20.57 29.18 10.98
C GLU J 179 19.07 29.37 11.21
N MET J 180 18.57 29.04 12.41
CA MET J 180 17.17 29.36 12.68
C MET J 180 16.96 30.86 12.81
N LYS J 181 17.86 31.55 13.53
CA LYS J 181 17.84 33.00 13.60
C LYS J 181 17.96 33.63 12.21
N ARG J 182 18.91 33.16 11.40
CA ARG J 182 19.08 33.68 10.04
C ARG J 182 17.78 33.58 9.25
N MET J 183 17.07 32.44 9.39
CA MET J 183 15.82 32.18 8.67
C MET J 183 14.63 32.90 9.28
N GLY J 184 14.88 33.81 10.22
CA GLY J 184 13.80 34.57 10.81
C GLY J 184 13.00 33.79 11.83
N VAL J 185 13.67 32.96 12.61
CA VAL J 185 13.02 32.20 13.67
C VAL J 185 13.56 32.69 15.01
N PRO J 186 12.71 33.12 15.93
CA PRO J 186 13.21 33.80 17.12
C PRO J 186 13.88 32.84 18.09
N GLN J 187 13.06 32.11 18.83
CA GLN J 187 13.50 31.20 19.89
C GLN J 187 13.29 29.77 19.45
N MET J 188 14.06 28.86 20.06
CA MET J 188 13.72 27.46 20.06
C MET J 188 12.59 27.26 21.05
N SER J 189 11.74 26.27 20.79
CA SER J 189 10.68 26.07 21.76
C SER J 189 11.23 25.67 23.11
N PHE J 190 12.54 25.47 23.20
CA PHE J 190 13.22 25.07 24.42
C PHE J 190 14.71 24.87 24.14
N ASP J 191 15.46 24.38 25.14
CA ASP J 191 16.92 24.36 25.06
C ASP J 191 17.40 23.21 24.19
N THR J 192 18.20 23.53 23.16
CA THR J 192 18.59 22.53 22.17
C THR J 192 19.45 21.44 22.81
N LEU J 193 19.23 20.20 22.38
CA LEU J 193 19.88 19.02 22.96
C LEU J 193 20.73 18.31 21.92
N VAL J 194 22.06 18.49 21.99
CA VAL J 194 23.01 17.68 21.23
C VAL J 194 23.87 16.93 22.24
N LEU J 195 23.73 15.60 22.27
CA LEU J 195 24.46 14.79 23.24
C LEU J 195 25.06 13.57 22.55
N SER J 196 26.26 13.18 22.99
CA SER J 196 27.13 12.29 22.23
C SER J 196 27.21 10.91 22.88
N GLY J 197 26.67 9.92 22.16
CA GLY J 197 27.03 8.51 22.41
C GLY J 197 26.21 7.84 23.50
N ALA J 198 26.94 7.30 24.47
CA ALA J 198 26.32 6.84 25.71
C ALA J 198 25.91 8.04 26.55
N ARG J 199 26.74 9.09 26.57
CA ARG J 199 26.41 10.33 27.25
C ARG J 199 24.98 10.81 26.95
N ALA J 200 24.36 10.29 25.88
CA ALA J 200 22.95 10.53 25.61
C ALA J 200 22.12 9.45 26.30
N ALA J 201 22.57 9.05 27.49
CA ALA J 201 21.79 8.20 28.36
C ALA J 201 21.43 8.87 29.66
N ASN J 202 22.17 9.90 30.04
CA ASN J 202 21.88 10.72 31.21
C ASN J 202 20.60 11.49 30.94
N PRO J 203 19.42 10.96 31.29
CA PRO J 203 18.17 11.66 30.93
C PRO J 203 18.19 13.11 31.40
N HIS J 204 18.98 13.36 32.46
CA HIS J 204 19.22 14.70 33.00
C HIS J 204 20.35 15.41 32.28
N GLY J 205 20.44 15.22 30.97
CA GLY J 205 21.60 15.65 30.23
C GLY J 205 21.48 17.04 29.63
N ALA J 206 22.63 17.70 29.49
CA ALA J 206 22.78 19.00 28.85
C ALA J 206 23.92 18.95 27.84
N PRO J 207 23.83 19.73 26.77
CA PRO J 207 24.91 19.75 25.77
C PRO J 207 26.04 20.62 26.27
N GLU J 208 27.26 20.21 25.94
CA GLU J 208 28.43 21.01 26.26
C GLU J 208 29.41 21.00 25.09
N ASN J 209 30.55 21.66 25.32
CA ASN J 209 31.61 21.85 24.34
C ASN J 209 32.55 20.64 24.29
N VAL J 210 32.02 19.45 24.56
CA VAL J 210 32.80 18.23 24.38
C VAL J 210 32.85 17.89 22.89
N GLU J 211 33.90 17.17 22.50
CA GLU J 211 34.01 16.70 21.13
C GLU J 211 33.06 15.53 20.93
N ILE J 212 32.23 15.60 19.89
CA ILE J 212 31.36 14.48 19.60
C ILE J 212 32.25 13.28 19.39
N GLN J 213 31.78 12.12 19.81
CA GLN J 213 32.62 10.93 19.89
C GLN J 213 32.30 9.97 18.75
N GLU J 214 33.38 9.38 18.22
CA GLU J 214 33.30 8.61 17.00
C GLU J 214 32.79 7.19 17.27
N ASN J 215 31.96 6.71 16.35
CA ASN J 215 31.33 5.39 16.39
C ASN J 215 30.25 5.31 17.46
N LYS J 216 30.05 6.36 18.25
CA LYS J 216 28.97 6.45 19.23
C LYS J 216 27.77 7.22 18.62
N LEU J 217 26.60 7.05 19.25
CA LEU J 217 25.37 7.66 18.74
C LEU J 217 25.28 9.14 19.14
N LEU J 218 24.55 9.91 18.35
CA LEU J 218 24.37 11.34 18.60
C LEU J 218 22.89 11.67 18.68
N LEU J 219 22.47 12.29 19.79
CA LEU J 219 21.06 12.60 20.02
C LEU J 219 20.80 14.06 19.71
N PHE J 220 19.81 14.29 18.82
CA PHE J 220 19.29 15.62 18.50
C PHE J 220 17.87 15.71 19.02
N ASP J 221 17.67 16.50 20.07
CA ASP J 221 16.35 16.93 20.51
C ASP J 221 16.27 18.44 20.34
N LEU J 222 15.31 18.90 19.54
CA LEU J 222 15.25 20.32 19.25
C LEU J 222 13.82 20.72 18.92
N GLY J 223 13.61 22.02 18.84
CA GLY J 223 12.28 22.56 18.63
C GLY J 223 12.36 24.05 18.39
N VAL J 224 11.28 24.58 17.82
CA VAL J 224 11.24 25.95 17.34
C VAL J 224 9.93 26.58 17.75
N MET J 225 9.93 27.88 17.95
CA MET J 225 8.69 28.66 18.04
C MET J 225 8.53 29.46 16.76
N SER J 226 7.34 29.39 16.17
CA SER J 226 7.01 30.20 15.00
C SER J 226 5.51 30.44 15.02
N GLY J 227 5.12 31.67 14.70
CA GLY J 227 3.74 32.07 14.83
C GLY J 227 3.08 31.77 16.18
N GLY J 228 3.86 31.77 17.26
CA GLY J 228 3.28 31.61 18.58
C GLY J 228 3.04 30.17 19.01
N TYR J 229 3.29 29.21 18.13
CA TYR J 229 3.22 27.79 18.44
C TYR J 229 4.60 27.16 18.29
N ALA J 230 4.71 25.95 18.82
CA ALA J 230 5.98 25.28 19.02
C ALA J 230 6.03 23.92 18.33
N SER J 231 7.26 23.52 18.03
CA SER J 231 7.54 22.21 17.49
C SER J 231 8.47 21.49 18.43
N ASP J 232 8.42 20.18 18.39
CA ASP J 232 9.26 19.30 19.19
C ASP J 232 9.55 18.06 18.37
N ALA J 233 10.83 17.73 18.26
CA ALA J 233 11.24 16.56 17.52
C ALA J 233 12.54 16.07 18.11
N THR J 234 12.75 14.76 18.03
CA THR J 234 13.99 14.19 18.47
C THR J 234 14.45 13.19 17.44
N ARG J 235 15.77 13.15 17.25
CA ARG J 235 16.43 12.17 16.41
C ARG J 235 17.80 11.84 17.01
N THR J 236 18.20 10.59 16.86
CA THR J 236 19.57 10.17 17.12
C THR J 236 20.10 9.45 15.88
N ILE J 237 21.26 9.90 15.40
CA ILE J 237 21.91 9.31 14.25
C ILE J 237 23.23 8.66 14.69
N ALA J 238 23.85 7.94 13.75
CA ALA J 238 25.09 7.21 13.98
C ALA J 238 26.27 7.95 13.36
N ILE J 239 27.22 8.35 14.20
CA ILE J 239 28.42 9.08 13.83
C ILE J 239 29.54 8.04 13.66
N GLY J 240 29.85 7.70 12.42
CA GLY J 240 30.70 6.55 12.23
C GLY J 240 29.84 5.31 12.31
N GLN J 241 30.50 4.16 12.36
CA GLN J 241 29.69 2.96 12.40
C GLN J 241 29.21 2.71 13.83
N PRO J 242 27.98 2.27 14.01
CA PRO J 242 27.48 2.03 15.36
C PRO J 242 27.77 0.60 15.79
N ASN J 243 28.29 0.39 17.01
CA ASN J 243 28.52 -0.97 17.46
C ASN J 243 27.22 -1.75 17.34
N ASP J 244 27.31 -3.06 17.14
CA ASP J 244 26.09 -3.80 16.83
C ASP J 244 25.10 -3.79 18.01
N PHE J 245 25.57 -3.51 19.22
CA PHE J 245 24.74 -3.21 20.39
C PHE J 245 23.64 -2.20 20.04
N ASP J 246 24.01 -0.91 20.05
CA ASP J 246 23.11 0.17 19.65
C ASP J 246 22.47 -0.07 18.27
N ALA J 247 23.17 -0.76 17.38
CA ALA J 247 22.76 -0.89 15.99
C ALA J 247 21.24 -1.02 15.89
N GLU J 248 20.65 -1.81 16.76
CA GLU J 248 19.22 -2.06 16.60
C GLU J 248 18.42 -1.95 17.89
N ILE J 249 19.03 -1.53 19.01
CA ILE J 249 18.23 -1.02 20.13
C ILE J 249 17.28 -0.01 19.48
N HIS J 250 17.85 1.12 19.06
CA HIS J 250 17.31 1.98 18.01
C HIS J 250 16.37 1.23 17.08
N LYS J 251 16.79 0.09 16.52
CA LYS J 251 16.05 -0.56 15.42
C LYS J 251 14.55 -0.66 15.70
N ILE J 252 14.17 -1.03 16.91
CA ILE J 252 12.76 -1.14 17.24
C ILE J 252 12.28 0.03 18.10
N VAL J 253 13.14 0.64 18.92
CA VAL J 253 12.84 1.93 19.55
C VAL J 253 12.46 2.90 18.44
N LYS J 254 12.85 2.58 17.20
CA LYS J 254 12.32 3.25 16.02
C LYS J 254 10.89 2.83 15.76
N GLU J 255 10.68 1.58 15.33
CA GLU J 255 9.33 1.09 15.04
C GLU J 255 8.52 0.81 16.30
N ALA J 256 9.08 1.04 17.49
CA ALA J 256 8.28 1.21 18.69
C ALA J 256 7.43 2.46 18.50
N GLN J 257 8.07 3.62 18.69
CA GLN J 257 7.46 4.91 18.40
C GLN J 257 6.61 4.84 17.13
N GLN J 258 7.04 4.06 16.12
CA GLN J 258 6.29 4.02 14.86
C GLN J 258 5.02 3.18 14.99
N ALA J 259 5.11 2.01 15.61
CA ALA J 259 3.91 1.23 15.87
C ALA J 259 2.85 2.12 16.53
N ALA J 260 3.28 2.91 17.51
CA ALA J 260 2.37 3.87 18.13
C ALA J 260 1.73 4.80 17.08
N MET J 261 2.53 5.30 16.13
CA MET J 261 2.03 6.33 15.22
C MET J 261 0.90 5.80 14.33
N ASP J 262 1.00 4.55 13.87
CA ASP J 262 -0.10 3.96 13.13
C ASP J 262 -1.26 3.58 14.04
N PHE J 263 -1.04 3.63 15.35
CA PHE J 263 -2.00 3.20 16.35
C PHE J 263 -2.99 4.28 16.76
N ILE J 264 -2.74 5.54 16.40
CA ILE J 264 -3.43 6.69 16.98
C ILE J 264 -4.58 7.14 16.08
N LYS J 265 -5.78 7.13 16.64
CA LYS J 265 -7.00 7.54 15.96
C LYS J 265 -7.90 8.20 16.98
N PRO J 266 -9.02 8.78 16.56
CA PRO J 266 -9.99 9.30 17.53
C PRO J 266 -10.78 8.14 18.14
N GLY J 267 -10.63 7.97 19.46
CA GLY J 267 -11.31 6.90 20.16
C GLY J 267 -10.34 5.94 20.83
N VAL J 268 -9.48 6.48 21.70
CA VAL J 268 -8.38 5.73 22.27
C VAL J 268 -8.10 6.27 23.67
N THR J 269 -7.29 5.55 24.43
CA THR J 269 -6.81 6.01 25.71
C THR J 269 -5.48 6.73 25.54
N ALA J 270 -5.11 7.50 26.57
CA ALA J 270 -3.71 7.89 26.71
C ALA J 270 -2.88 6.71 27.17
N HIS J 271 -3.43 5.93 28.12
CA HIS J 271 -2.85 4.65 28.48
C HIS J 271 -2.75 3.72 27.27
N GLU J 272 -3.77 3.71 26.39
CA GLU J 272 -3.84 2.72 25.33
C GLU J 272 -2.72 2.91 24.31
N VAL J 273 -2.40 4.15 23.93
CA VAL J 273 -1.30 4.37 22.99
C VAL J 273 0.05 4.36 23.71
N ASP J 274 0.13 4.95 24.89
CA ASP J 274 1.35 4.80 25.68
C ASP J 274 1.67 3.34 25.95
N ALA J 275 0.70 2.44 25.74
CA ALA J 275 0.98 1.02 25.89
C ALA J 275 1.78 0.48 24.71
N VAL J 276 1.34 0.78 23.48
CA VAL J 276 1.96 0.21 22.28
C VAL J 276 3.45 0.47 22.25
N ALA J 277 3.92 1.33 23.16
CA ALA J 277 5.35 1.51 23.38
C ALA J 277 5.82 0.59 24.51
N ARG J 278 5.45 0.93 25.75
CA ARG J 278 5.96 0.24 26.94
C ARG J 278 5.75 -1.27 26.89
N ASP J 279 4.89 -1.76 25.98
CA ASP J 279 4.68 -3.20 25.85
C ASP J 279 5.37 -3.81 24.65
N LEU J 280 5.59 -3.05 23.58
CA LEU J 280 6.50 -3.47 22.53
C LEU J 280 7.91 -2.96 22.77
N ILE J 281 8.21 -2.52 23.98
CA ILE J 281 9.57 -2.39 24.49
C ILE J 281 9.97 -3.64 25.29
N THR J 282 9.03 -4.22 26.05
CA THR J 282 9.29 -5.39 26.88
C THR J 282 9.14 -6.71 26.13
N LYS J 283 8.26 -6.77 25.11
CA LYS J 283 8.16 -7.94 24.25
C LYS J 283 9.39 -8.12 23.36
N ALA J 284 10.17 -7.07 23.16
CA ALA J 284 11.52 -7.18 22.62
C ALA J 284 12.57 -7.18 23.73
N GLY J 285 12.15 -7.10 24.99
CA GLY J 285 13.05 -7.30 26.11
C GLY J 285 13.66 -6.06 26.73
N TYR J 286 12.96 -4.91 26.70
CA TYR J 286 13.60 -3.69 27.18
C TYR J 286 12.66 -2.70 27.88
N GLY J 287 11.48 -3.11 28.34
CA GLY J 287 10.64 -2.20 29.09
C GLY J 287 11.35 -1.58 30.27
N GLU J 288 12.29 -2.32 30.87
CA GLU J 288 13.05 -1.84 32.02
C GLU J 288 13.56 -0.41 31.84
N TYR J 289 13.71 0.05 30.61
CA TYR J 289 14.48 1.26 30.30
C TYR J 289 13.62 2.39 29.74
N PHE J 290 12.37 2.50 30.19
CA PHE J 290 11.48 3.58 29.76
C PHE J 290 11.23 4.48 30.97
N ASN J 291 12.10 5.48 31.14
CA ASN J 291 12.24 6.26 32.36
C ASN J 291 11.31 7.48 32.42
N HIS J 292 10.37 7.61 31.48
CA HIS J 292 9.43 8.74 31.49
C HIS J 292 8.30 8.44 30.52
N SER J 293 7.30 9.32 30.54
CA SER J 293 6.06 9.11 29.82
C SER J 293 6.25 9.19 28.32
N LEU J 294 5.54 8.33 27.58
CA LEU J 294 5.61 8.29 26.13
C LEU J 294 5.56 9.68 25.51
N GLY J 295 4.45 10.38 25.73
CA GLY J 295 4.27 11.67 25.09
C GLY J 295 3.85 12.80 26.00
N HIS J 296 3.50 13.93 25.39
CA HIS J 296 3.05 15.11 26.09
C HIS J 296 2.46 16.06 25.06
N GLY J 297 1.51 16.88 25.51
CA GLY J 297 0.85 17.78 24.59
C GLY J 297 1.76 18.87 24.08
N ILE J 298 1.39 19.43 22.93
CA ILE J 298 2.12 20.52 22.31
C ILE J 298 1.10 21.42 21.65
N GLY J 299 1.48 22.66 21.44
CA GLY J 299 0.62 23.66 20.87
C GLY J 299 1.26 25.02 21.02
N MET J 300 0.61 25.91 21.75
CA MET J 300 1.23 27.20 21.96
C MET J 300 2.34 27.12 22.99
N ASP J 301 2.29 26.11 23.87
CA ASP J 301 3.40 25.80 24.77
C ASP J 301 3.93 24.42 24.43
N VAL J 302 5.23 24.22 24.60
CA VAL J 302 5.79 22.91 24.31
C VAL J 302 5.37 21.86 25.32
N HIS J 303 4.85 22.28 26.48
CA HIS J 303 4.31 21.33 27.45
C HIS J 303 2.90 21.73 27.87
N GLU J 304 1.92 20.98 27.38
CA GLU J 304 0.51 21.20 27.64
C GLU J 304 -0.20 19.88 27.42
N TYR J 305 -1.48 19.87 27.59
CA TYR J 305 -2.19 18.61 27.53
C TYR J 305 -2.58 18.29 26.11
N PRO J 306 -2.94 17.02 25.83
CA PRO J 306 -3.07 16.01 26.88
C PRO J 306 -1.71 15.60 27.38
N SER J 307 -1.65 14.77 28.42
CA SER J 307 -0.40 14.25 28.96
C SER J 307 -0.44 12.73 28.81
N ILE J 308 0.27 12.22 27.80
CA ILE J 308 0.19 10.80 27.42
C ILE J 308 0.97 9.97 28.45
N VAL J 309 0.24 9.11 29.16
CA VAL J 309 0.74 8.29 30.25
C VAL J 309 -0.14 7.04 30.34
N ALA J 310 0.47 5.89 30.64
CA ALA J 310 -0.26 4.63 30.68
C ALA J 310 -1.26 4.55 31.84
N GLY J 311 -1.21 5.49 32.78
CA GLY J 311 -2.14 5.61 33.89
C GLY J 311 -3.28 6.57 33.68
N ASN J 312 -3.54 7.01 32.44
CA ASN J 312 -4.62 7.93 32.12
C ASN J 312 -5.69 7.22 31.30
N ASP J 313 -6.95 7.48 31.64
CA ASP J 313 -8.11 6.90 30.96
C ASP J 313 -8.71 7.82 29.91
N LEU J 314 -8.06 8.94 29.62
CA LEU J 314 -8.62 9.95 28.73
C LEU J 314 -8.70 9.45 27.29
N VAL J 315 -9.82 9.80 26.62
CA VAL J 315 -10.07 9.42 25.24
C VAL J 315 -9.40 10.43 24.31
N ILE J 316 -8.78 9.92 23.24
CA ILE J 316 -8.09 10.74 22.26
C ILE J 316 -9.13 11.15 21.21
N GLN J 317 -9.62 12.38 21.32
CA GLN J 317 -10.53 12.91 20.32
C GLN J 317 -9.75 13.57 19.19
N GLU J 318 -10.37 13.59 18.02
CA GLU J 318 -9.84 14.38 16.92
C GLU J 318 -9.43 15.76 17.40
N GLY J 319 -8.21 16.18 17.06
CA GLY J 319 -7.75 17.55 17.26
C GLY J 319 -6.54 17.69 18.15
N MET J 320 -6.44 16.84 19.18
CA MET J 320 -5.38 16.98 20.18
C MET J 320 -3.99 16.79 19.55
N CYS J 321 -2.99 17.47 20.12
CA CYS J 321 -1.61 17.33 19.66
C CYS J 321 -0.72 16.98 20.84
N PHE J 322 0.12 15.97 20.65
CA PHE J 322 1.03 15.54 21.72
C PHE J 322 2.27 14.92 21.10
N SER J 323 3.32 14.82 21.90
CA SER J 323 4.56 14.25 21.41
C SER J 323 4.50 12.74 21.52
N ASN J 324 5.53 12.09 20.95
CA ASN J 324 5.60 10.64 20.93
C ASN J 324 7.09 10.25 20.88
N GLU J 325 7.66 10.02 22.06
CA GLU J 325 9.11 9.95 22.23
C GLU J 325 9.50 8.77 23.12
N PRO J 326 9.32 7.54 22.64
CA PRO J 326 9.91 6.38 23.34
C PRO J 326 11.43 6.33 23.26
N GLY J 327 12.15 6.51 24.38
CA GLY J 327 13.61 6.50 24.34
C GLY J 327 14.36 5.92 25.53
N ILE J 328 15.28 4.99 25.27
CA ILE J 328 16.07 4.32 26.30
C ILE J 328 17.12 5.25 26.90
N TYR J 329 17.72 4.87 28.04
CA TYR J 329 18.80 5.63 28.68
C TYR J 329 19.65 4.74 29.59
N ILE J 330 20.49 3.89 28.99
CA ILE J 330 21.36 2.96 29.72
C ILE J 330 22.64 3.67 30.14
N PRO J 331 22.62 4.46 31.25
CA PRO J 331 23.69 5.44 31.50
C PRO J 331 25.10 4.87 31.45
N GLY J 332 25.87 5.26 30.43
CA GLY J 332 27.21 4.75 30.23
C GLY J 332 27.35 3.81 29.04
N LYS J 333 26.27 3.56 28.31
CA LYS J 333 26.31 2.72 27.13
C LYS J 333 25.58 3.36 25.95
N VAL J 334 24.25 3.43 26.01
CA VAL J 334 23.46 3.87 24.86
C VAL J 334 22.75 5.19 25.16
N GLY J 335 21.75 5.52 24.34
CA GLY J 335 20.89 6.67 24.56
C GLY J 335 20.21 7.12 23.28
N VAL J 336 19.04 6.55 22.98
CA VAL J 336 18.43 6.63 21.65
C VAL J 336 16.95 6.98 21.80
N ARG J 337 16.61 8.27 21.74
CA ARG J 337 15.24 8.74 21.75
C ARG J 337 14.79 9.23 20.38
N ILE J 338 13.59 8.85 19.98
CA ILE J 338 13.04 9.19 18.67
C ILE J 338 11.72 9.91 18.89
N GLU J 339 11.73 11.25 18.88
CA GLU J 339 10.55 12.05 19.18
C GLU J 339 9.91 12.67 17.94
N ASP J 340 8.58 12.64 17.90
CA ASP J 340 7.75 13.27 16.89
C ASP J 340 6.47 13.73 17.56
N CYS J 341 6.09 14.99 17.37
CA CYS J 341 4.75 15.44 17.72
C CYS J 341 3.80 15.27 16.55
N LEU J 342 2.52 15.26 16.85
CA LEU J 342 1.55 14.83 15.87
C LEU J 342 0.19 15.40 16.24
N TYR J 343 -0.72 15.41 15.26
CA TYR J 343 -2.10 15.81 15.48
C TYR J 343 -3.05 14.70 15.03
N VAL J 344 -4.22 14.67 15.68
CA VAL J 344 -5.19 13.61 15.52
C VAL J 344 -6.23 14.04 14.49
N THR J 345 -6.47 13.19 13.49
CA THR J 345 -7.46 13.51 12.47
C THR J 345 -8.73 12.66 12.63
N GLU J 346 -9.77 13.10 11.93
CA GLU J 346 -11.04 12.40 11.87
C GLU J 346 -10.88 10.88 11.83
N ASN J 347 -9.84 10.37 11.14
CA ASN J 347 -9.56 8.94 11.16
C ASN J 347 -8.25 8.61 11.84
N GLY J 348 -7.15 9.24 11.45
CA GLY J 348 -5.85 8.91 12.01
C GLY J 348 -5.12 10.16 12.48
N CYS J 349 -3.80 10.14 12.31
CA CYS J 349 -2.92 11.18 12.82
C CYS J 349 -1.72 11.34 11.89
N GLU J 350 -1.43 12.57 11.50
CA GLU J 350 -0.24 12.87 10.72
C GLU J 350 0.75 13.65 11.58
N SER J 351 2.04 13.38 11.38
CA SER J 351 3.09 13.96 12.19
C SER J 351 3.39 15.39 11.74
N PHE J 352 3.96 16.17 12.66
CA PHE J 352 4.46 17.50 12.31
C PHE J 352 5.84 17.43 11.68
N THR J 353 6.74 16.60 12.23
CA THR J 353 8.10 16.48 11.74
C THR J 353 8.24 15.21 10.90
N HIS J 354 8.99 15.30 9.79
CA HIS J 354 9.10 14.19 8.84
C HIS J 354 10.52 13.70 8.59
N THR J 355 11.54 14.29 9.20
CA THR J 355 12.87 13.74 9.05
C THR J 355 12.86 12.23 9.32
N ASP J 356 13.60 11.48 8.51
CA ASP J 356 13.60 10.03 8.61
C ASP J 356 13.92 9.59 10.04
N HIS J 357 13.44 8.40 10.40
CA HIS J 357 13.71 7.87 11.73
C HIS J 357 14.81 6.79 11.72
N ASP J 358 15.04 6.16 10.56
CA ASP J 358 16.04 5.11 10.38
C ASP J 358 17.41 5.58 10.84
N LEU J 359 18.12 4.71 11.55
CA LEU J 359 19.44 5.05 12.07
C LEU J 359 20.40 5.42 10.93
N LEU J 360 20.79 6.68 10.86
CA LEU J 360 21.63 7.15 9.78
C LEU J 360 23.07 7.29 10.24
N ILE J 361 23.97 7.17 9.27
CA ILE J 361 25.40 7.24 9.52
C ILE J 361 25.95 8.47 8.82
N PHE J 362 26.81 9.19 9.53
CA PHE J 362 27.42 10.40 9.01
C PHE J 362 28.91 10.47 9.38
MN MN K . 10.61 -60.42 -5.41
MN MN L . 8.86 -58.02 -6.06
C1 GOL M . 7.79 -55.42 -10.24
O1 GOL M . 6.84 -54.64 -10.93
C2 GOL M . 9.26 -55.01 -10.61
O2 GOL M . 9.89 -54.32 -9.60
C3 GOL M . 9.96 -56.39 -10.91
O3 GOL M . 11.24 -56.39 -10.32
H11 GOL M . 7.70 -55.32 -9.28
H12 GOL M . 7.68 -56.36 -10.41
HO1 GOL M . 7.28 -54.04 -11.35
H2 GOL M . 9.27 -54.42 -11.38
HO2 GOL M . 10.31 -54.88 -9.12
H31 GOL M . 9.38 -57.09 -10.57
H32 GOL M . 9.98 -56.51 -11.86
HO3 GOL M . 11.80 -56.39 -10.97
MN MN N . 45.77 12.17 -8.09
MN MN O . 43.80 11.55 -10.72
C1 GOL P . 39.79 10.87 -7.17
O1 GOL P . 39.82 11.92 -6.24
C2 GOL P . 39.15 11.41 -8.48
O2 GOL P . 40.00 12.26 -9.17
C3 GOL P . 38.81 10.12 -9.24
O3 GOL P . 38.47 10.46 -10.53
H11 GOL P . 40.68 10.52 -7.37
H12 GOL P . 39.29 10.11 -6.86
HO1 GOL P . 40.17 11.59 -5.52
H2 GOL P . 38.37 11.97 -8.31
HO2 GOL P . 40.79 11.98 -9.09
H31 GOL P . 39.57 9.51 -9.19
H32 GOL P . 38.10 9.67 -8.76
HO3 GOL P . 39.18 10.76 -10.90
MN MN Q . 8.85 3.84 -29.20
MN MN R . 12.05 3.61 -28.54
C1 GOL S . 11.28 6.87 -24.48
O1 GOL S . 10.04 6.71 -23.82
C2 GOL S . 12.53 6.34 -23.63
O2 GOL S . 12.56 4.99 -23.50
C3 GOL S . 13.64 6.95 -24.58
O3 GOL S . 14.92 6.38 -24.29
H11 GOL S . 11.30 6.43 -25.34
H12 GOL S . 11.45 7.82 -24.66
HO1 GOL S . 9.71 7.48 -23.73
H2 GOL S . 12.59 6.60 -22.71
HO2 GOL S . 12.19 4.65 -24.19
H31 GOL S . 13.37 6.79 -25.49
H32 GOL S . 13.62 7.91 -24.46
HO3 GOL S . 15.49 6.84 -24.74
MN MN T . -6.01 -28.17 -23.08
MN MN U . -7.27 -26.46 -25.54
C1 GOL V . -3.56 -32.47 -25.18
O1 GOL V . -4.01 -33.08 -23.96
C2 GOL V . -4.84 -31.88 -25.82
O2 GOL V . -5.75 -32.89 -26.09
C3 GOL V . -4.45 -31.08 -27.09
O3 GOL V . -3.73 -31.92 -27.92
H11 GOL V . -2.91 -31.76 -25.03
H12 GOL V . -3.14 -33.09 -25.79
HO1 GOL V . -3.54 -33.78 -23.86
H2 GOL V . -5.24 -31.25 -25.19
HO2 GOL V . -5.55 -33.56 -25.60
H31 GOL V . -5.27 -30.74 -27.50
H32 GOL V . -3.95 -30.29 -26.81
HO3 GOL V . -3.77 -31.58 -28.69
MN MN W . -31.26 -4.46 1.38
MN MN X . -29.53 -6.57 2.61
MN MN Y . 21.75 -13.73 -68.99
MN MN Z . 24.00 -13.82 -66.60
MN MN AA . -3.97 58.44 -1.17
MN MN BA . -5.79 59.85 1.33
C1 GOL CA . -5.26 56.94 -7.55
O1 GOL CA . -6.02 57.00 -6.38
C2 GOL CA . -4.43 58.25 -7.68
O2 GOL CA . -3.35 58.27 -6.80
C3 GOL CA . -3.94 58.30 -9.15
O3 GOL CA . -3.45 59.59 -9.40
H11 GOL CA . -4.64 56.19 -7.56
H12 GOL CA . -5.81 56.84 -8.35
HO1 GOL CA . -6.59 57.62 -6.49
H2 GOL CA . -4.99 59.02 -7.46
HO2 GOL CA . -3.16 57.46 -6.61
H31 GOL CA . -3.29 57.60 -9.27
H32 GOL CA . -4.68 58.05 -9.72
HO3 GOL CA . -2.91 59.52 -10.06
MN MN DA . -37.25 -16.31 61.82
MN MN EA . -35.46 -17.79 59.49
MN MN FA . -23.16 18.20 63.23
MN MN GA . -24.23 16.64 65.76
MN MN HA . 11.85 16.89 22.57
MN MN IA . 9.05 16.35 24.06
#